data_7ZEZ
#
_entry.id   7ZEZ
#
_cell.length_a   1.000
_cell.length_b   1.000
_cell.length_c   1.000
_cell.angle_alpha   90.00
_cell.angle_beta   90.00
_cell.angle_gamma   90.00
#
_symmetry.space_group_name_H-M   'P 1'
#
loop_
_entity.id
_entity.type
_entity.pdbx_description
1 polymer 'Isoform 3 of Peptidyl-prolyl cis-trans isomerase E'
2 polymer 'MLL cleavage product N320'
3 polymer 'Histone H3'
4 non-polymer 'ZINC ION'
#
loop_
_entity_poly.entity_id
_entity_poly.type
_entity_poly.pdbx_seq_one_letter_code
_entity_poly.pdbx_strand_id
1 'polypeptide(L)'
;AGHMATTKRVLYVGGLAEEVDDKVLHAAFIPFGDITDIQIPLDYETEKHRGFAFVEFELAEDAAAAIDNMNESELFGRTI
RVNLAKPMRIKEG
;
A
2 'polypeptide(L)' AKGNFCPLCDKCYDDDDYESKMMQCGKCDRWVHSKCENLSDEMYEILSNLPESVAYTCVNCTER B
3 'polypeptide(L)' ART(M3L)QTARKSTGG D
#
# COMPACT_ATOMS: atom_id res chain seq x y z
N ALA A 1 -16.65 -1.48 22.65
CA ALA A 1 -16.42 -0.05 22.89
C ALA A 1 -15.04 0.37 22.39
N GLY A 2 -14.82 1.67 22.23
CA GLY A 2 -13.56 2.21 21.77
C GLY A 2 -13.59 3.73 21.67
N HIS A 3 -12.48 4.32 21.21
CA HIS A 3 -12.37 5.76 21.03
C HIS A 3 -13.30 6.26 19.92
N MET A 4 -13.64 7.55 19.98
CA MET A 4 -14.52 8.18 19.00
C MET A 4 -13.75 8.54 17.73
N ALA A 5 -12.41 8.59 17.80
CA ALA A 5 -11.57 8.94 16.67
C ALA A 5 -10.13 8.46 16.92
N THR A 6 -9.34 8.38 15.85
CA THR A 6 -7.94 7.96 15.92
C THR A 6 -7.09 8.55 14.80
N THR A 7 -5.77 8.53 14.99
CA THR A 7 -4.81 9.06 14.01
C THR A 7 -3.58 8.18 13.80
N LYS A 8 -2.98 8.25 12.61
CA LYS A 8 -1.79 7.49 12.27
C LYS A 8 -1.06 8.16 11.11
N ARG A 9 0.24 7.89 10.94
CA ARG A 9 1.04 8.51 9.90
C ARG A 9 0.63 8.06 8.49
N VAL A 10 -0.16 7.00 8.37
CA VAL A 10 -0.64 6.52 7.09
C VAL A 10 -2.14 6.34 7.04
N LEU A 11 -2.73 6.47 5.85
CA LEU A 11 -4.16 6.39 5.67
C LEU A 11 -4.51 5.82 4.29
N TYR A 12 -5.70 5.23 4.22
CA TYR A 12 -6.25 4.59 3.05
C TYR A 12 -7.13 5.45 2.15
N VAL A 13 -7.18 5.12 0.86
CA VAL A 13 -8.03 5.81 -0.10
C VAL A 13 -8.63 4.80 -1.06
N GLY A 14 -9.94 4.88 -1.32
CA GLY A 14 -10.60 3.91 -2.19
C GLY A 14 -11.75 4.55 -2.96
N GLY A 15 -12.22 3.88 -4.01
CA GLY A 15 -13.33 4.38 -4.82
C GLY A 15 -12.86 5.43 -5.81
N LEU A 16 -11.55 5.66 -5.88
CA LEU A 16 -10.95 6.63 -6.79
C LEU A 16 -11.22 6.23 -8.24
N ALA A 17 -11.08 7.20 -9.16
CA ALA A 17 -11.36 6.99 -10.58
C ALA A 17 -10.35 6.02 -11.20
N GLU A 18 -10.71 5.48 -12.37
CA GLU A 18 -9.91 4.47 -13.04
C GLU A 18 -8.64 5.06 -13.65
N GLU A 19 -8.56 6.39 -13.77
CA GLU A 19 -7.44 7.06 -14.39
C GLU A 19 -6.52 7.73 -13.37
N VAL A 20 -6.75 7.48 -12.07
CA VAL A 20 -5.94 8.08 -11.01
C VAL A 20 -4.60 7.36 -10.98
N ASP A 21 -3.53 8.14 -10.83
CA ASP A 21 -2.15 7.67 -10.68
C ASP A 21 -1.58 8.19 -9.37
N ASP A 22 -0.40 7.73 -8.97
CA ASP A 22 0.20 8.12 -7.71
C ASP A 22 0.49 9.61 -7.57
N LYS A 23 0.54 10.32 -8.70
CA LYS A 23 0.76 11.77 -8.72
C LYS A 23 -0.50 12.52 -8.33
N VAL A 24 -1.68 11.89 -8.52
CA VAL A 24 -2.94 12.51 -8.19
C VAL A 24 -3.16 12.48 -6.68
N LEU A 25 -2.84 11.36 -6.04
CA LEU A 25 -2.96 11.23 -4.60
C LEU A 25 -2.10 12.29 -3.91
N HIS A 26 -0.93 12.63 -4.49
CA HIS A 26 -0.08 13.63 -3.86
C HIS A 26 -0.71 15.01 -3.99
N ALA A 27 -1.15 15.38 -5.19
CA ALA A 27 -1.70 16.70 -5.43
C ALA A 27 -3.07 16.88 -4.75
N ALA A 28 -3.76 15.77 -4.46
CA ALA A 28 -5.06 15.82 -3.81
C ALA A 28 -4.92 15.91 -2.30
N PHE A 29 -3.85 15.33 -1.73
CA PHE A 29 -3.69 15.25 -0.29
C PHE A 29 -2.65 16.17 0.35
N ILE A 30 -1.91 16.93 -0.45
CA ILE A 30 -0.85 17.80 0.05
C ILE A 30 -1.34 19.03 0.84
N PRO A 31 -2.54 19.59 0.62
CA PRO A 31 -2.92 20.83 1.29
C PRO A 31 -3.23 20.61 2.77
N PHE A 32 -3.38 19.36 3.22
CA PHE A 32 -3.70 19.06 4.60
C PHE A 32 -2.40 18.88 5.40
N GLY A 33 -1.27 18.73 4.70
CA GLY A 33 0.03 18.56 5.33
C GLY A 33 1.01 17.88 4.38
N ASP A 34 2.31 17.93 4.71
CA ASP A 34 3.33 17.35 3.85
C ASP A 34 3.28 15.83 3.74
N ILE A 35 3.26 15.33 2.50
CA ILE A 35 3.27 13.91 2.22
C ILE A 35 4.70 13.42 2.10
N THR A 36 4.96 12.16 2.51
CA THR A 36 6.28 11.56 2.42
C THR A 36 6.36 10.25 1.63
N ASP A 37 5.22 9.60 1.39
CA ASP A 37 5.18 8.39 0.59
C ASP A 37 3.78 8.10 0.04
N ILE A 38 3.70 7.41 -1.10
CA ILE A 38 2.46 7.01 -1.74
C ILE A 38 2.65 5.63 -2.39
N GLN A 39 1.62 4.80 -2.39
CA GLN A 39 1.71 3.44 -2.90
C GLN A 39 0.39 3.02 -3.55
N ILE A 40 0.49 2.25 -4.63
CA ILE A 40 -0.66 1.72 -5.34
C ILE A 40 -0.33 0.30 -5.82
N PRO A 41 -0.88 -0.74 -5.17
CA PRO A 41 -0.60 -2.13 -5.51
C PRO A 41 -1.32 -2.51 -6.81
N LEU A 42 -0.76 -3.48 -7.54
CA LEU A 42 -1.26 -3.84 -8.86
C LEU A 42 -2.26 -5.01 -8.81
N ASP A 43 -3.41 -4.85 -9.45
CA ASP A 43 -4.43 -5.87 -9.59
C ASP A 43 -4.24 -6.70 -10.86
N TYR A 44 -4.16 -8.02 -10.72
CA TYR A 44 -3.83 -8.90 -11.82
C TYR A 44 -4.98 -9.35 -12.72
N GLU A 45 -6.21 -8.92 -12.42
CA GLU A 45 -7.37 -9.27 -13.22
C GLU A 45 -7.39 -8.48 -14.52
N THR A 46 -6.86 -7.24 -14.51
CA THR A 46 -6.81 -6.40 -15.70
C THR A 46 -5.51 -5.60 -15.85
N GLU A 47 -4.54 -5.86 -14.97
CA GLU A 47 -3.25 -5.18 -14.92
C GLU A 47 -3.42 -3.67 -14.71
N LYS A 48 -4.13 -3.30 -13.64
CA LYS A 48 -4.35 -1.91 -13.26
C LYS A 48 -4.46 -1.84 -11.74
N HIS A 49 -4.73 -0.67 -11.17
CA HIS A 49 -4.90 -0.56 -9.72
C HIS A 49 -6.19 -1.26 -9.28
N ARG A 50 -6.26 -1.68 -8.01
CA ARG A 50 -7.39 -2.44 -7.48
C ARG A 50 -8.60 -1.54 -7.18
N GLY A 51 -8.51 -0.24 -7.48
CA GLY A 51 -9.56 0.72 -7.18
C GLY A 51 -9.33 1.41 -5.84
N PHE A 52 -8.12 1.27 -5.29
CA PHE A 52 -7.70 1.94 -4.08
C PHE A 52 -6.20 2.29 -4.07
N ALA A 53 -5.77 3.12 -3.12
CA ALA A 53 -4.40 3.57 -3.02
C ALA A 53 -4.05 3.91 -1.57
N PHE A 54 -2.76 4.19 -1.34
CA PHE A 54 -2.24 4.52 -0.03
C PHE A 54 -1.38 5.78 -0.02
N VAL A 55 -1.34 6.48 1.12
CA VAL A 55 -0.58 7.70 1.28
C VAL A 55 -0.06 7.79 2.71
N GLU A 56 1.07 8.46 2.90
CA GLU A 56 1.71 8.62 4.19
C GLU A 56 2.12 10.08 4.41
N PHE A 57 1.82 10.57 5.62
CA PHE A 57 2.11 11.93 6.04
C PHE A 57 3.34 12.08 6.95
N GLU A 58 3.86 13.31 7.06
CA GLU A 58 4.97 13.59 7.95
C GLU A 58 4.57 13.44 9.42
N LEU A 59 3.27 13.58 9.72
CA LEU A 59 2.73 13.46 11.06
C LEU A 59 1.34 12.82 11.00
N ALA A 60 0.92 12.21 12.12
CA ALA A 60 -0.36 11.55 12.21
C ALA A 60 -1.52 12.53 12.30
N GLU A 61 -1.26 13.75 12.78
CA GLU A 61 -2.31 14.75 12.94
C GLU A 61 -2.74 15.30 11.59
N ASP A 62 -1.83 15.28 10.60
CA ASP A 62 -2.13 15.75 9.26
C ASP A 62 -3.01 14.78 8.49
N ALA A 63 -2.94 13.49 8.84
CA ALA A 63 -3.77 12.46 8.21
C ALA A 63 -5.22 12.60 8.67
N ALA A 64 -5.43 13.01 9.92
CA ALA A 64 -6.77 13.18 10.45
C ALA A 64 -7.46 14.37 9.78
N ALA A 65 -6.67 15.35 9.32
CA ALA A 65 -7.21 16.52 8.63
C ALA A 65 -7.53 16.20 7.17
N ALA A 66 -6.81 15.24 6.58
CA ALA A 66 -7.09 14.82 5.22
C ALA A 66 -8.37 14.01 5.16
N ILE A 67 -8.65 13.25 6.22
CA ILE A 67 -9.88 12.47 6.35
C ILE A 67 -11.05 13.38 6.64
N ASP A 68 -10.85 14.38 7.50
CA ASP A 68 -11.91 15.30 7.91
C ASP A 68 -12.35 16.23 6.77
N ASN A 69 -11.57 16.27 5.67
CA ASN A 69 -11.86 17.16 4.56
C ASN A 69 -12.09 16.48 3.22
N MET A 70 -11.80 15.18 3.07
CA MET A 70 -12.04 14.51 1.79
C MET A 70 -12.81 13.19 1.95
N ASN A 71 -13.11 12.75 3.18
CA ASN A 71 -13.88 11.52 3.36
C ASN A 71 -15.23 11.62 2.64
N GLU A 72 -15.55 10.58 1.86
CA GLU A 72 -16.81 10.49 1.12
C GLU A 72 -17.05 11.75 0.26
N SER A 73 -16.02 12.22 -0.43
CA SER A 73 -16.12 13.39 -1.30
C SER A 73 -15.69 13.07 -2.72
N GLU A 74 -16.09 13.91 -3.68
CA GLU A 74 -15.77 13.74 -5.10
C GLU A 74 -14.34 14.19 -5.40
N LEU A 75 -13.61 13.40 -6.20
CA LEU A 75 -12.25 13.75 -6.57
C LEU A 75 -12.09 13.88 -8.09
N PHE A 76 -12.36 12.78 -8.80
CA PHE A 76 -12.26 12.70 -10.26
C PHE A 76 -13.59 12.63 -11.00
N GLY A 77 -14.69 12.88 -10.30
CA GLY A 77 -16.02 12.83 -10.88
C GLY A 77 -16.94 11.86 -10.12
N ARG A 78 -16.42 11.22 -9.07
CA ARG A 78 -17.21 10.31 -8.25
C ARG A 78 -16.64 10.28 -6.84
N THR A 79 -17.45 9.80 -5.88
CA THR A 79 -17.06 9.70 -4.50
C THR A 79 -15.89 8.76 -4.20
N ILE A 80 -15.05 9.13 -3.24
CA ILE A 80 -13.94 8.29 -2.79
C ILE A 80 -13.96 8.24 -1.26
N ARG A 81 -13.39 7.16 -0.71
CA ARG A 81 -13.31 6.95 0.72
C ARG A 81 -11.95 7.37 1.25
N VAL A 82 -11.93 7.89 2.48
CA VAL A 82 -10.70 8.28 3.17
C VAL A 82 -10.79 7.96 4.66
N ASN A 83 -9.84 7.17 5.16
CA ASN A 83 -9.81 6.72 6.55
C ASN A 83 -8.44 6.15 6.87
N LEU A 84 -8.15 5.86 8.14
CA LEU A 84 -6.88 5.25 8.50
C LEU A 84 -6.82 3.85 7.89
N ALA A 85 -5.62 3.31 7.68
CA ALA A 85 -5.44 2.03 7.04
C ALA A 85 -5.57 0.85 8.01
N LYS A 86 -6.42 0.98 9.04
CA LYS A 86 -6.59 -0.07 10.04
C LYS A 86 -8.01 -0.65 10.14
N PRO A 87 -9.05 0.17 10.27
CA PRO A 87 -10.40 -0.32 10.55
C PRO A 87 -11.12 -0.86 9.32
N MET A 88 -10.72 -0.47 8.11
CA MET A 88 -11.43 -0.85 6.90
C MET A 88 -10.95 -2.19 6.35
N ARG A 89 -11.65 -2.68 5.32
CA ARG A 89 -11.30 -3.91 4.63
C ARG A 89 -11.84 -3.86 3.20
N ILE A 90 -11.18 -4.52 2.26
CA ILE A 90 -11.59 -4.50 0.87
C ILE A 90 -12.90 -5.22 0.67
N LYS A 91 -13.67 -4.84 -0.36
CA LYS A 91 -14.95 -5.46 -0.69
C LYS A 91 -14.83 -6.91 -1.13
N GLU A 92 -13.60 -7.43 -1.18
CA GLU A 92 -13.29 -8.80 -1.58
C GLU A 92 -12.86 -9.63 -0.38
N GLY A 93 -12.54 -8.98 0.75
CA GLY A 93 -12.12 -9.63 1.98
C GLY A 93 -10.63 -9.97 1.94
N ALA B 1 19.58 -20.06 -0.99
CA ALA B 1 21.03 -20.11 -0.82
C ALA B 1 21.66 -18.77 -1.19
N LYS B 2 22.98 -18.75 -1.40
CA LYS B 2 23.74 -17.55 -1.73
C LYS B 2 23.30 -16.93 -3.05
N GLY B 3 22.45 -17.62 -3.82
CA GLY B 3 21.92 -17.13 -5.09
C GLY B 3 20.82 -16.10 -4.90
N ASN B 4 20.36 -15.89 -3.66
CA ASN B 4 19.31 -14.92 -3.38
C ASN B 4 19.91 -13.51 -3.33
N PHE B 5 19.22 -12.54 -3.91
CA PHE B 5 19.67 -11.15 -3.92
C PHE B 5 18.47 -10.25 -4.19
N CYS B 6 18.40 -9.12 -3.48
CA CYS B 6 17.32 -8.16 -3.60
C CYS B 6 17.52 -7.25 -4.82
N PRO B 7 16.43 -6.90 -5.51
CA PRO B 7 16.45 -6.08 -6.72
C PRO B 7 16.66 -4.60 -6.44
N LEU B 8 16.71 -4.17 -5.17
CA LEU B 8 16.79 -2.76 -4.82
C LEU B 8 17.86 -2.43 -3.78
N CYS B 9 18.48 -3.43 -3.14
CA CYS B 9 19.58 -3.18 -2.23
C CYS B 9 20.53 -4.37 -2.14
N ASP B 10 21.72 -4.13 -1.58
CA ASP B 10 22.78 -5.13 -1.50
C ASP B 10 22.51 -6.29 -0.53
N LYS B 11 21.39 -6.25 0.20
CA LYS B 11 21.05 -7.29 1.15
C LYS B 11 20.46 -8.51 0.44
N CYS B 12 20.29 -9.60 1.20
CA CYS B 12 19.79 -10.86 0.68
C CYS B 12 18.82 -11.50 1.67
N TYR B 13 18.33 -12.70 1.37
CA TYR B 13 17.37 -13.39 2.22
C TYR B 13 17.60 -14.89 2.42
N ASP B 14 17.23 -15.40 3.59
CA ASP B 14 17.35 -16.81 3.90
C ASP B 14 16.22 -17.67 3.33
N ASP B 15 16.49 -18.96 3.13
CA ASP B 15 15.52 -19.91 2.59
C ASP B 15 14.43 -20.34 3.57
N ASP B 16 14.50 -19.85 4.82
CA ASP B 16 13.54 -20.21 5.86
C ASP B 16 13.11 -19.04 6.76
N ASP B 17 13.61 -17.84 6.49
CA ASP B 17 13.23 -16.65 7.22
C ASP B 17 11.82 -16.15 6.90
N TYR B 18 10.97 -16.08 7.92
CA TYR B 18 9.60 -15.56 7.80
C TYR B 18 9.21 -14.48 8.80
N GLU B 19 10.18 -14.02 9.60
CA GLU B 19 9.95 -12.99 10.61
C GLU B 19 10.28 -11.60 10.05
N SER B 20 11.04 -11.54 8.95
CA SER B 20 11.39 -10.28 8.32
C SER B 20 10.23 -9.76 7.46
N LYS B 21 10.05 -8.44 7.44
CA LYS B 21 8.99 -7.81 6.65
C LYS B 21 9.40 -7.77 5.18
N MET B 22 8.77 -8.62 4.36
CA MET B 22 9.08 -8.74 2.95
C MET B 22 7.85 -9.12 2.14
N MET B 23 7.83 -8.76 0.86
CA MET B 23 6.73 -9.06 -0.03
C MET B 23 7.27 -9.74 -1.29
N GLN B 24 6.39 -10.43 -2.03
CA GLN B 24 6.77 -11.09 -3.26
C GLN B 24 6.10 -10.40 -4.44
N CYS B 25 6.86 -10.14 -5.50
CA CYS B 25 6.37 -9.48 -6.70
C CYS B 25 5.32 -10.35 -7.39
N GLY B 26 4.26 -9.73 -7.90
CA GLY B 26 3.19 -10.45 -8.56
C GLY B 26 3.47 -10.69 -10.05
N LYS B 27 4.58 -10.16 -10.57
CA LYS B 27 4.88 -10.22 -12.00
C LYS B 27 6.19 -10.93 -12.31
N CYS B 28 7.13 -10.98 -11.37
CA CYS B 28 8.39 -11.69 -11.60
C CYS B 28 8.77 -12.58 -10.42
N ASP B 29 7.83 -12.76 -9.46
CA ASP B 29 7.98 -13.63 -8.31
C ASP B 29 9.22 -13.40 -7.44
N ARG B 30 9.84 -12.22 -7.53
CA ARG B 30 11.04 -11.91 -6.77
C ARG B 30 10.68 -11.25 -5.44
N TRP B 31 11.45 -11.52 -4.40
CA TRP B 31 11.23 -10.95 -3.08
C TRP B 31 11.84 -9.56 -2.91
N VAL B 32 11.38 -8.81 -1.91
CA VAL B 32 11.84 -7.45 -1.66
C VAL B 32 11.72 -7.08 -0.18
N HIS B 33 12.59 -6.17 0.30
CA HIS B 33 12.51 -5.69 1.68
C HIS B 33 11.66 -4.42 1.74
N SER B 34 11.28 -4.00 2.95
CA SER B 34 10.50 -2.78 3.14
C SER B 34 11.39 -1.54 3.17
N LYS B 35 12.68 -1.69 3.52
CA LYS B 35 13.58 -0.55 3.72
C LYS B 35 14.18 0.01 2.43
N CYS B 36 14.28 -0.82 1.37
CA CYS B 36 14.83 -0.39 0.10
C CYS B 36 13.74 0.20 -0.81
N GLU B 37 12.54 0.37 -0.26
CA GLU B 37 11.43 1.06 -0.91
C GLU B 37 11.00 2.27 -0.09
N ASN B 38 10.18 3.13 -0.69
CA ASN B 38 9.65 4.30 0.00
C ASN B 38 8.62 3.90 1.05
N LEU B 39 8.30 2.59 1.12
CA LEU B 39 7.35 2.03 2.06
C LEU B 39 7.82 2.18 3.50
N SER B 40 6.94 1.82 4.44
CA SER B 40 7.22 1.85 5.87
C SER B 40 6.55 0.66 6.54
N ASP B 41 7.01 0.30 7.72
CA ASP B 41 6.50 -0.86 8.44
C ASP B 41 5.03 -0.79 8.81
N GLU B 42 4.46 0.43 8.81
CA GLU B 42 3.03 0.59 9.09
C GLU B 42 2.21 0.29 7.84
N MET B 43 2.73 0.68 6.67
CA MET B 43 2.05 0.44 5.40
C MET B 43 2.22 -1.01 4.97
N TYR B 44 3.26 -1.69 5.49
CA TYR B 44 3.46 -3.10 5.20
C TYR B 44 2.42 -4.04 5.80
N GLU B 45 1.88 -3.67 6.96
CA GLU B 45 0.89 -4.47 7.65
C GLU B 45 -0.46 -4.44 6.92
N ILE B 46 -0.80 -3.32 6.27
CA ILE B 46 -2.06 -3.28 5.53
C ILE B 46 -1.91 -4.00 4.20
N LEU B 47 -0.73 -3.92 3.56
CA LEU B 47 -0.48 -4.63 2.32
C LEU B 47 -0.60 -6.14 2.54
N SER B 48 -0.33 -6.60 3.77
CA SER B 48 -0.46 -8.01 4.11
C SER B 48 -1.93 -8.41 4.25
N ASN B 49 -2.78 -7.45 4.62
CA ASN B 49 -4.21 -7.68 4.80
C ASN B 49 -5.02 -7.54 3.51
N LEU B 50 -4.40 -7.04 2.43
CA LEU B 50 -5.09 -6.95 1.15
C LEU B 50 -5.30 -8.35 0.58
N PRO B 51 -6.32 -8.54 -0.26
CA PRO B 51 -6.59 -9.81 -0.92
C PRO B 51 -5.44 -10.17 -1.84
N GLU B 52 -5.27 -11.46 -2.12
CA GLU B 52 -4.15 -11.97 -2.91
C GLU B 52 -4.31 -11.61 -4.39
N SER B 53 -5.48 -11.07 -4.78
CA SER B 53 -5.71 -10.61 -6.14
C SER B 53 -4.92 -9.34 -6.43
N VAL B 54 -4.37 -8.70 -5.40
CA VAL B 54 -3.52 -7.54 -5.52
C VAL B 54 -2.16 -7.75 -4.87
N ALA B 55 -1.08 -7.23 -5.48
CA ALA B 55 0.25 -7.45 -4.95
C ALA B 55 1.24 -6.37 -5.37
N TYR B 56 2.38 -6.34 -4.68
CA TYR B 56 3.50 -5.45 -4.98
C TYR B 56 4.18 -5.73 -6.32
N THR B 57 4.90 -4.74 -6.86
CA THR B 57 5.60 -4.87 -8.13
C THR B 57 6.88 -4.06 -8.01
N CYS B 58 7.93 -4.54 -8.68
CA CYS B 58 9.22 -3.88 -8.73
C CYS B 58 9.10 -2.51 -9.41
N VAL B 59 10.18 -1.72 -9.34
CA VAL B 59 10.24 -0.40 -9.93
C VAL B 59 10.09 -0.45 -11.46
N ASN B 60 10.14 -1.64 -12.06
CA ASN B 60 9.92 -1.80 -13.49
C ASN B 60 8.68 -2.65 -13.78
N CYS B 61 8.30 -3.54 -12.85
CA CYS B 61 7.15 -4.42 -13.03
C CYS B 61 5.84 -3.61 -13.03
N THR B 62 5.89 -2.35 -12.59
CA THR B 62 4.73 -1.46 -12.62
C THR B 62 4.54 -0.73 -13.94
N GLU B 63 5.55 -0.76 -14.82
CA GLU B 63 5.50 -0.09 -16.12
C GLU B 63 5.67 -1.08 -17.27
N ARG B 64 6.31 -2.22 -17.00
CA ARG B 64 6.67 -3.20 -18.02
C ARG B 64 6.92 -4.55 -17.35
N ALA C 1 -1.75 -8.79 -0.11
CA ALA C 1 -0.73 -9.19 -1.10
C ALA C 1 0.00 -10.43 -0.62
N ARG C 2 0.89 -10.98 -1.46
CA ARG C 2 1.72 -12.11 -1.06
C ARG C 2 2.90 -11.57 -0.23
N THR C 3 3.05 -12.06 1.01
CA THR C 3 4.08 -11.62 1.94
C THR C 3 4.65 -12.74 2.80
N GLN C 5 4.59 -12.25 6.19
CA GLN C 5 3.71 -12.17 7.34
C GLN C 5 2.46 -13.03 7.11
N THR C 6 2.06 -13.20 5.84
CA THR C 6 0.95 -14.08 5.47
C THR C 6 1.02 -14.64 4.05
N ALA C 7 0.59 -15.89 3.89
CA ALA C 7 0.61 -16.57 2.61
C ALA C 7 -0.51 -17.62 2.52
N ARG C 8 -1.46 -17.58 3.46
CA ARG C 8 -2.58 -18.51 3.49
C ARG C 8 -3.55 -18.24 2.35
N LYS C 9 -4.47 -19.18 2.10
CA LYS C 9 -5.44 -19.07 1.02
C LYS C 9 -6.42 -17.92 1.26
N SER C 10 -6.55 -17.48 2.52
CA SER C 10 -7.41 -16.37 2.89
C SER C 10 -6.93 -15.73 4.18
N THR C 11 -7.20 -14.42 4.34
CA THR C 11 -6.84 -13.67 5.53
C THR C 11 -7.73 -13.92 6.76
N GLY C 12 -8.79 -14.71 6.59
CA GLY C 12 -9.73 -15.02 7.66
C GLY C 12 -9.11 -15.97 8.70
N GLY C 13 -9.83 -16.22 9.78
CA GLY C 13 -9.39 -17.11 10.84
C GLY C 13 -10.44 -17.23 11.93
N ALA A 1 -18.40 11.00 6.43
CA ALA A 1 -17.62 12.16 6.92
C ALA A 1 -16.35 11.69 7.61
N GLY A 2 -15.32 12.55 7.65
CA GLY A 2 -14.06 12.24 8.28
C GLY A 2 -14.16 12.30 9.80
N HIS A 3 -13.06 11.97 10.49
CA HIS A 3 -12.99 11.99 11.94
C HIS A 3 -11.55 12.20 12.40
N MET A 4 -11.37 12.26 13.73
CA MET A 4 -10.07 12.49 14.35
C MET A 4 -9.92 11.64 15.61
N ALA A 5 -10.79 10.64 15.79
CA ALA A 5 -10.79 9.79 16.96
C ALA A 5 -9.54 8.90 17.02
N THR A 6 -8.82 8.79 15.91
CA THR A 6 -7.57 8.04 15.85
C THR A 6 -6.71 8.56 14.70
N THR A 7 -5.38 8.45 14.83
CA THR A 7 -4.44 8.94 13.84
C THR A 7 -3.23 8.04 13.59
N LYS A 8 -2.74 8.06 12.35
CA LYS A 8 -1.55 7.32 11.93
C LYS A 8 -1.04 7.94 10.64
N ARG A 9 0.27 7.87 10.40
CA ARG A 9 0.88 8.48 9.22
C ARG A 9 0.38 7.87 7.92
N VAL A 10 0.09 6.56 7.92
CA VAL A 10 -0.45 5.89 6.75
C VAL A 10 -1.97 5.92 6.72
N LEU A 11 -2.55 6.07 5.53
CA LEU A 11 -3.99 6.09 5.37
C LEU A 11 -4.40 5.53 4.02
N TYR A 12 -5.61 4.96 3.98
CA TYR A 12 -6.22 4.34 2.83
C TYR A 12 -7.05 5.27 1.95
N VAL A 13 -7.09 4.98 0.65
CA VAL A 13 -7.89 5.73 -0.31
C VAL A 13 -8.57 4.77 -1.27
N GLY A 14 -9.88 4.93 -1.52
CA GLY A 14 -10.61 4.03 -2.40
C GLY A 14 -11.65 4.75 -3.22
N GLY A 15 -12.07 4.15 -4.34
CA GLY A 15 -13.11 4.73 -5.19
C GLY A 15 -12.59 5.92 -6.01
N LEU A 16 -11.26 6.06 -6.11
CA LEU A 16 -10.60 7.19 -6.74
C LEU A 16 -11.10 7.43 -8.17
N ALA A 17 -10.55 6.69 -9.13
CA ALA A 17 -11.00 6.64 -10.52
C ALA A 17 -10.16 5.60 -11.26
N GLU A 18 -10.64 5.15 -12.43
CA GLU A 18 -9.96 4.13 -13.22
C GLU A 18 -8.80 4.71 -14.05
N GLU A 19 -8.39 5.95 -13.76
CA GLU A 19 -7.30 6.60 -14.48
C GLU A 19 -6.33 7.28 -13.52
N VAL A 20 -6.49 7.05 -12.21
CA VAL A 20 -5.63 7.65 -11.20
C VAL A 20 -4.31 6.86 -11.18
N ASP A 21 -3.21 7.60 -11.02
CA ASP A 21 -1.86 7.07 -10.89
C ASP A 21 -1.25 7.59 -9.58
N ASP A 22 -0.10 7.05 -9.19
CA ASP A 22 0.55 7.43 -7.94
C ASP A 22 0.92 8.90 -7.81
N LYS A 23 0.99 9.61 -8.95
CA LYS A 23 1.29 11.03 -8.97
C LYS A 23 0.06 11.85 -8.58
N VAL A 24 -1.14 11.31 -8.77
CA VAL A 24 -2.38 12.00 -8.43
C VAL A 24 -2.57 12.01 -6.92
N LEU A 25 -2.28 10.89 -6.26
CA LEU A 25 -2.41 10.80 -4.81
C LEU A 25 -1.50 11.82 -4.14
N HIS A 26 -0.31 12.08 -4.70
CA HIS A 26 0.59 13.03 -4.09
C HIS A 26 0.03 14.45 -4.23
N ALA A 27 -0.39 14.83 -5.43
CA ALA A 27 -0.88 16.17 -5.68
C ALA A 27 -2.23 16.42 -5.01
N ALA A 28 -2.98 15.36 -4.72
CA ALA A 28 -4.28 15.48 -4.07
C ALA A 28 -4.16 15.56 -2.55
N PHE A 29 -3.13 14.93 -1.99
CA PHE A 29 -2.96 14.84 -0.54
C PHE A 29 -1.89 15.71 0.11
N ILE A 30 -1.11 16.43 -0.70
CA ILE A 30 -0.01 17.25 -0.20
C ILE A 30 -0.43 18.51 0.57
N PRO A 31 -1.61 19.13 0.34
CA PRO A 31 -1.94 20.39 1.00
C PRO A 31 -2.26 20.21 2.49
N PHE A 32 -2.47 18.96 2.94
CA PHE A 32 -2.81 18.69 4.33
C PHE A 32 -1.53 18.44 5.11
N GLY A 33 -0.41 18.20 4.42
CA GLY A 33 0.88 17.98 5.06
C GLY A 33 1.83 17.25 4.12
N ASP A 34 3.12 17.22 4.48
CA ASP A 34 4.14 16.58 3.65
C ASP A 34 3.97 15.08 3.51
N ILE A 35 3.97 14.60 2.27
CA ILE A 35 3.91 13.18 1.96
C ILE A 35 5.34 12.63 1.82
N THR A 36 5.55 11.37 2.20
CA THR A 36 6.86 10.73 2.10
C THR A 36 6.90 9.42 1.33
N ASP A 37 5.74 8.77 1.16
CA ASP A 37 5.58 7.56 0.38
C ASP A 37 4.17 7.34 -0.17
N ILE A 38 4.07 6.63 -1.30
CA ILE A 38 2.80 6.29 -1.93
C ILE A 38 2.93 4.91 -2.55
N GLN A 39 1.86 4.12 -2.49
CA GLN A 39 1.83 2.77 -3.03
C GLN A 39 0.47 2.47 -3.64
N ILE A 40 0.48 1.65 -4.70
CA ILE A 40 -0.73 1.22 -5.37
C ILE A 40 -0.52 -0.23 -5.83
N PRO A 41 -1.17 -1.21 -5.19
CA PRO A 41 -1.00 -2.61 -5.53
C PRO A 41 -1.74 -2.92 -6.84
N LEU A 42 -1.15 -3.79 -7.65
CA LEU A 42 -1.68 -4.11 -8.97
C LEU A 42 -2.68 -5.27 -8.88
N ASP A 43 -3.83 -5.11 -9.54
CA ASP A 43 -4.85 -6.14 -9.64
C ASP A 43 -4.55 -6.95 -10.89
N TYR A 44 -4.63 -8.27 -10.79
CA TYR A 44 -4.27 -9.15 -11.89
C TYR A 44 -5.40 -9.58 -12.83
N GLU A 45 -6.60 -9.05 -12.59
CA GLU A 45 -7.78 -9.35 -13.40
C GLU A 45 -7.79 -8.48 -14.67
N THR A 46 -7.36 -7.23 -14.56
CA THR A 46 -7.33 -6.28 -15.68
C THR A 46 -6.08 -5.40 -15.76
N GLU A 47 -5.05 -5.75 -14.98
CA GLU A 47 -3.76 -5.05 -14.98
C GLU A 47 -3.86 -3.57 -14.64
N LYS A 48 -4.63 -3.23 -13.60
CA LYS A 48 -4.70 -1.87 -13.08
C LYS A 48 -4.91 -1.93 -11.57
N HIS A 49 -5.02 -0.79 -10.89
CA HIS A 49 -5.25 -0.80 -9.45
C HIS A 49 -6.63 -1.37 -9.14
N ARG A 50 -6.81 -2.00 -7.97
CA ARG A 50 -8.06 -2.64 -7.61
C ARG A 50 -9.09 -1.64 -7.09
N GLY A 51 -8.99 -0.38 -7.49
CA GLY A 51 -9.92 0.66 -7.10
C GLY A 51 -9.51 1.35 -5.81
N PHE A 52 -8.28 1.13 -5.33
CA PHE A 52 -7.78 1.77 -4.13
C PHE A 52 -6.27 2.02 -4.15
N ALA A 53 -5.78 2.83 -3.21
CA ALA A 53 -4.38 3.23 -3.14
C ALA A 53 -3.99 3.55 -1.69
N PHE A 54 -2.69 3.79 -1.48
CA PHE A 54 -2.14 4.10 -0.17
C PHE A 54 -1.18 5.30 -0.19
N VAL A 55 -1.11 6.03 0.92
CA VAL A 55 -0.25 7.20 1.05
C VAL A 55 0.29 7.27 2.47
N GLU A 56 1.50 7.82 2.61
CA GLU A 56 2.21 7.92 3.89
C GLU A 56 2.63 9.36 4.16
N PHE A 57 2.29 9.85 5.35
CA PHE A 57 2.62 11.19 5.80
C PHE A 57 3.86 11.35 6.67
N GLU A 58 4.40 12.57 6.72
CA GLU A 58 5.54 12.90 7.57
C GLU A 58 5.12 12.99 9.04
N LEU A 59 3.83 13.15 9.31
CA LEU A 59 3.27 13.24 10.66
C LEU A 59 1.92 12.51 10.71
N ALA A 60 1.59 11.94 11.87
CA ALA A 60 0.34 11.21 12.04
C ALA A 60 -0.86 12.15 12.06
N GLU A 61 -0.64 13.41 12.47
CA GLU A 61 -1.71 14.39 12.59
C GLU A 61 -2.13 14.92 11.22
N ASP A 62 -1.22 14.91 10.25
CA ASP A 62 -1.50 15.40 8.91
C ASP A 62 -2.43 14.48 8.12
N ALA A 63 -2.46 13.19 8.50
CA ALA A 63 -3.33 12.22 7.88
C ALA A 63 -4.76 12.41 8.36
N ALA A 64 -4.94 12.81 9.62
CA ALA A 64 -6.26 13.03 10.17
C ALA A 64 -6.91 14.25 9.52
N ALA A 65 -6.09 15.21 9.06
CA ALA A 65 -6.59 16.39 8.39
C ALA A 65 -6.95 16.10 6.95
N ALA A 66 -6.28 15.12 6.33
CA ALA A 66 -6.59 14.73 4.96
C ALA A 66 -7.91 13.97 4.93
N ILE A 67 -8.18 13.19 5.98
CA ILE A 67 -9.43 12.45 6.11
C ILE A 67 -10.58 13.41 6.42
N ASP A 68 -10.34 14.40 7.27
CA ASP A 68 -11.35 15.35 7.69
C ASP A 68 -11.76 16.31 6.56
N ASN A 69 -10.99 16.32 5.46
CA ASN A 69 -11.24 17.25 4.36
C ASN A 69 -11.48 16.60 3.00
N MET A 70 -11.26 15.28 2.85
CA MET A 70 -11.51 14.63 1.57
C MET A 70 -12.36 13.36 1.69
N ASN A 71 -12.66 12.90 2.90
CA ASN A 71 -13.46 11.70 3.05
C ASN A 71 -14.82 11.87 2.36
N GLU A 72 -15.23 10.85 1.60
CA GLU A 72 -16.51 10.84 0.91
C GLU A 72 -16.73 12.09 0.05
N SER A 73 -15.70 12.52 -0.68
CA SER A 73 -15.77 13.67 -1.56
C SER A 73 -15.34 13.29 -2.99
N GLU A 74 -15.71 14.12 -3.97
CA GLU A 74 -15.39 13.90 -5.37
C GLU A 74 -13.93 14.29 -5.67
N LEU A 75 -13.19 13.43 -6.40
CA LEU A 75 -11.80 13.70 -6.73
C LEU A 75 -11.57 13.75 -8.24
N PHE A 76 -11.87 12.64 -8.92
CA PHE A 76 -11.75 12.49 -10.38
C PHE A 76 -13.06 12.45 -11.15
N GLY A 77 -14.18 12.75 -10.48
CA GLY A 77 -15.50 12.76 -11.12
C GLY A 77 -16.50 11.90 -10.37
N ARG A 78 -16.06 11.21 -9.30
CA ARG A 78 -16.94 10.41 -8.46
C ARG A 78 -16.39 10.37 -7.04
N THR A 79 -17.23 9.98 -6.08
CA THR A 79 -16.87 9.92 -4.68
C THR A 79 -15.76 8.94 -4.32
N ILE A 80 -14.84 9.35 -3.43
CA ILE A 80 -13.75 8.50 -2.96
C ILE A 80 -13.79 8.41 -1.43
N ARG A 81 -13.21 7.34 -0.89
CA ARG A 81 -13.12 7.11 0.54
C ARG A 81 -11.74 7.48 1.05
N VAL A 82 -11.67 7.99 2.28
CA VAL A 82 -10.42 8.28 2.96
C VAL A 82 -10.53 7.97 4.45
N ASN A 83 -9.61 7.15 4.96
CA ASN A 83 -9.58 6.72 6.36
C ASN A 83 -8.21 6.11 6.66
N LEU A 84 -7.92 5.82 7.94
CA LEU A 84 -6.68 5.14 8.27
C LEU A 84 -6.73 3.74 7.68
N ALA A 85 -5.57 3.13 7.45
CA ALA A 85 -5.51 1.79 6.88
C ALA A 85 -5.66 0.71 7.94
N LYS A 86 -5.68 1.08 9.23
CA LYS A 86 -5.76 0.13 10.33
C LYS A 86 -7.17 -0.37 10.66
N PRO A 87 -8.20 0.49 10.70
CA PRO A 87 -9.53 0.11 11.16
C PRO A 87 -10.35 -0.68 10.14
N MET A 88 -9.82 -0.96 8.94
CA MET A 88 -10.60 -1.62 7.90
C MET A 88 -9.73 -2.39 6.92
N ARG A 89 -10.40 -3.13 6.02
CA ARG A 89 -9.78 -3.87 4.92
C ARG A 89 -10.80 -4.00 3.80
N ILE A 90 -10.42 -4.63 2.68
CA ILE A 90 -11.33 -4.79 1.55
C ILE A 90 -12.55 -5.62 1.95
N LYS A 91 -13.68 -5.36 1.30
CA LYS A 91 -14.95 -6.02 1.60
C LYS A 91 -15.03 -7.47 1.14
N GLU A 92 -13.91 -8.05 0.70
CA GLU A 92 -13.87 -9.43 0.23
C GLU A 92 -12.49 -10.04 0.46
N GLY A 93 -12.42 -11.37 0.44
CA GLY A 93 -11.19 -12.13 0.64
C GLY A 93 -10.67 -11.98 2.06
N ALA B 1 17.63 -18.03 -9.29
CA ALA B 1 19.09 -18.12 -9.10
C ALA B 1 19.42 -18.74 -7.75
N LYS B 2 20.73 -18.86 -7.45
CA LYS B 2 21.24 -19.42 -6.21
C LYS B 2 20.96 -18.54 -5.00
N GLY B 3 20.37 -17.37 -5.21
CA GLY B 3 20.05 -16.42 -4.14
C GLY B 3 19.14 -15.32 -4.67
N ASN B 4 18.83 -14.34 -3.80
CA ASN B 4 17.95 -13.22 -4.14
C ASN B 4 18.50 -11.92 -3.57
N PHE B 5 18.07 -10.79 -4.16
CA PHE B 5 18.51 -9.47 -3.75
C PHE B 5 17.46 -8.36 -3.92
N CYS B 6 17.45 -7.38 -3.01
CA CYS B 6 16.44 -6.34 -3.00
C CYS B 6 16.64 -5.35 -4.16
N PRO B 7 15.56 -5.00 -4.88
CA PRO B 7 15.60 -4.10 -6.01
C PRO B 7 15.63 -2.62 -5.60
N LEU B 8 15.53 -2.30 -4.30
CA LEU B 8 15.43 -0.91 -3.86
C LEU B 8 16.47 -0.53 -2.80
N CYS B 9 17.18 -1.49 -2.21
CA CYS B 9 18.24 -1.19 -1.27
C CYS B 9 19.31 -2.27 -1.25
N ASP B 10 20.46 -1.96 -0.62
CA ASP B 10 21.63 -2.83 -0.61
C ASP B 10 21.52 -4.09 0.28
N LYS B 11 20.41 -4.26 1.00
CA LYS B 11 20.24 -5.40 1.90
C LYS B 11 19.91 -6.67 1.12
N CYS B 12 20.56 -7.78 1.47
CA CYS B 12 20.33 -9.08 0.86
C CYS B 12 19.50 -9.98 1.79
N TYR B 13 19.02 -11.12 1.29
CA TYR B 13 18.23 -12.05 2.08
C TYR B 13 18.34 -13.52 1.68
N ASP B 14 18.08 -14.41 2.63
CA ASP B 14 18.07 -15.85 2.40
C ASP B 14 16.67 -16.42 2.18
N ASP B 15 16.58 -17.61 1.60
CA ASP B 15 15.31 -18.27 1.37
C ASP B 15 14.59 -18.75 2.63
N ASP B 16 15.33 -18.81 3.75
CA ASP B 16 14.80 -19.20 5.06
C ASP B 16 14.37 -18.03 5.94
N ASP B 17 14.46 -16.80 5.40
CA ASP B 17 14.16 -15.57 6.13
C ASP B 17 12.69 -15.30 6.43
N TYR B 18 11.88 -16.35 6.57
CA TYR B 18 10.46 -16.21 6.87
C TYR B 18 10.10 -15.54 8.20
N GLU B 19 11.09 -15.28 9.05
CA GLU B 19 10.92 -14.56 10.30
C GLU B 19 11.05 -13.05 10.06
N SER B 20 11.58 -12.65 8.90
CA SER B 20 11.75 -11.25 8.54
C SER B 20 10.47 -10.71 7.89
N LYS B 21 10.28 -9.39 7.94
CA LYS B 21 9.12 -8.76 7.36
C LYS B 21 9.45 -8.37 5.91
N MET B 22 8.80 -9.04 4.95
CA MET B 22 9.01 -8.78 3.53
C MET B 22 7.76 -9.09 2.73
N MET B 23 7.68 -8.54 1.52
CA MET B 23 6.56 -8.68 0.61
C MET B 23 7.05 -9.12 -0.76
N GLN B 24 6.16 -9.66 -1.60
CA GLN B 24 6.57 -10.20 -2.89
C GLN B 24 5.84 -9.53 -4.06
N CYS B 25 6.56 -9.39 -5.18
CA CYS B 25 6.02 -8.86 -6.43
C CYS B 25 5.09 -9.89 -7.06
N GLY B 26 4.00 -9.42 -7.66
CA GLY B 26 3.01 -10.29 -8.28
C GLY B 26 3.31 -10.56 -9.75
N LYS B 27 4.37 -9.97 -10.30
CA LYS B 27 4.66 -10.07 -11.73
C LYS B 27 6.05 -10.64 -12.03
N CYS B 28 6.99 -10.56 -11.09
CA CYS B 28 8.31 -11.14 -11.29
C CYS B 28 8.79 -11.91 -10.05
N ASP B 29 7.90 -12.10 -9.08
CA ASP B 29 8.15 -12.85 -7.86
C ASP B 29 9.36 -12.43 -7.02
N ARG B 30 9.84 -11.20 -7.22
CA ARG B 30 10.97 -10.66 -6.45
C ARG B 30 10.48 -10.12 -5.12
N TRP B 31 11.30 -10.21 -4.07
CA TRP B 31 10.92 -9.75 -2.74
C TRP B 31 11.43 -8.34 -2.42
N VAL B 32 10.75 -7.68 -1.48
CA VAL B 32 11.07 -6.32 -1.04
C VAL B 32 10.86 -6.23 0.46
N HIS B 33 11.55 -5.28 1.11
CA HIS B 33 11.48 -5.15 2.56
C HIS B 33 10.23 -4.41 3.01
N SER B 34 9.62 -4.83 4.11
CA SER B 34 8.43 -4.18 4.66
C SER B 34 8.77 -2.81 5.25
N LYS B 35 10.07 -2.52 5.35
CA LYS B 35 10.58 -1.26 5.87
C LYS B 35 11.61 -0.70 4.88
N CYS B 36 11.55 -1.16 3.63
CA CYS B 36 12.47 -0.74 2.59
C CYS B 36 12.37 0.77 2.34
N GLU B 37 13.18 1.28 1.40
CA GLU B 37 13.31 2.71 1.12
C GLU B 37 12.02 3.38 0.64
N ASN B 38 10.93 2.61 0.48
CA ASN B 38 9.65 3.14 0.04
C ASN B 38 8.47 2.44 0.73
N LEU B 39 8.71 1.81 1.89
CA LEU B 39 7.68 1.10 2.62
C LEU B 39 7.82 1.35 4.12
N SER B 40 6.73 1.10 4.87
CA SER B 40 6.68 1.30 6.31
C SER B 40 5.83 0.22 6.95
N ASP B 41 5.99 0.01 8.26
CA ASP B 41 5.34 -1.08 8.96
C ASP B 41 3.81 -1.09 8.87
N GLU B 42 3.17 0.05 9.11
CA GLU B 42 1.72 0.12 9.03
C GLU B 42 1.25 0.02 7.58
N MET B 43 2.09 0.40 6.63
CA MET B 43 1.77 0.30 5.21
C MET B 43 1.89 -1.15 4.74
N TYR B 44 2.74 -1.94 5.40
CA TYR B 44 2.88 -3.36 5.10
C TYR B 44 1.82 -4.27 5.71
N GLU B 45 1.36 -3.94 6.92
CA GLU B 45 0.36 -4.75 7.60
C GLU B 45 -0.97 -4.72 6.86
N ILE B 46 -1.29 -3.62 6.17
CA ILE B 46 -2.54 -3.57 5.41
C ILE B 46 -2.38 -4.35 4.11
N LEU B 47 -1.20 -4.33 3.49
CA LEU B 47 -0.94 -5.10 2.29
C LEU B 47 -0.95 -6.59 2.61
N SER B 48 -0.64 -6.95 3.86
CA SER B 48 -0.69 -8.31 4.34
C SER B 48 -2.11 -8.74 4.68
N ASN B 49 -3.09 -7.86 4.48
CA ASN B 49 -4.49 -8.15 4.73
C ASN B 49 -5.36 -7.88 3.50
N LEU B 50 -4.77 -7.44 2.39
CA LEU B 50 -5.48 -7.33 1.12
C LEU B 50 -5.69 -8.73 0.55
N PRO B 51 -6.70 -8.91 -0.31
CA PRO B 51 -6.93 -10.16 -1.00
C PRO B 51 -5.75 -10.49 -1.91
N GLU B 52 -5.50 -11.77 -2.16
CA GLU B 52 -4.37 -12.21 -2.95
C GLU B 52 -4.53 -11.86 -4.44
N SER B 53 -5.71 -11.40 -4.83
CA SER B 53 -5.98 -10.96 -6.20
C SER B 53 -5.22 -9.68 -6.52
N VAL B 54 -4.79 -8.96 -5.48
CA VAL B 54 -4.00 -7.75 -5.62
C VAL B 54 -2.63 -7.89 -4.94
N ALA B 55 -1.56 -7.35 -5.53
CA ALA B 55 -0.23 -7.50 -4.97
C ALA B 55 0.72 -6.38 -5.40
N TYR B 56 1.82 -6.24 -4.66
CA TYR B 56 2.85 -5.26 -4.96
C TYR B 56 3.58 -5.50 -6.29
N THR B 57 4.22 -4.47 -6.84
CA THR B 57 4.93 -4.59 -8.11
C THR B 57 6.11 -3.63 -8.02
N CYS B 58 7.21 -4.00 -8.68
CA CYS B 58 8.42 -3.20 -8.77
C CYS B 58 8.15 -1.90 -9.53
N VAL B 59 9.15 -1.01 -9.58
CA VAL B 59 9.03 0.26 -10.28
C VAL B 59 8.69 0.09 -11.76
N ASN B 60 9.07 -1.05 -12.36
CA ASN B 60 8.77 -1.31 -13.76
C ASN B 60 7.59 -2.28 -13.91
N CYS B 61 7.37 -3.16 -12.92
CA CYS B 61 6.30 -4.14 -13.00
C CYS B 61 4.91 -3.48 -12.95
N THR B 62 4.85 -2.20 -12.58
CA THR B 62 3.59 -1.47 -12.55
C THR B 62 3.18 -0.83 -13.88
N GLU B 63 4.12 -0.68 -14.81
CA GLU B 63 3.85 -0.10 -16.13
C GLU B 63 4.17 -1.08 -17.26
N ARG B 64 5.01 -2.08 -16.97
CA ARG B 64 5.49 -3.05 -17.95
C ARG B 64 5.98 -4.30 -17.22
N ALA C 1 -2.09 -9.07 -0.27
CA ALA C 1 -0.97 -9.37 -1.18
C ALA C 1 -0.20 -10.59 -0.70
N ARG C 2 0.72 -11.09 -1.53
CA ARG C 2 1.59 -12.20 -1.15
C ARG C 2 2.76 -11.66 -0.33
N THR C 3 2.94 -12.19 0.88
CA THR C 3 3.99 -11.76 1.79
C THR C 3 4.57 -12.88 2.66
N GLN C 5 4.37 -12.88 5.82
CA GLN C 5 3.33 -13.04 6.84
C GLN C 5 2.11 -13.77 6.30
N THR C 6 1.73 -13.51 5.04
CA THR C 6 0.61 -14.20 4.42
C THR C 6 0.93 -15.59 3.87
N ALA C 7 2.21 -15.96 3.82
CA ALA C 7 2.61 -17.30 3.44
C ALA C 7 2.28 -18.30 4.54
N ARG C 8 1.98 -17.81 5.74
CA ARG C 8 1.60 -18.64 6.89
C ARG C 8 0.11 -18.94 6.89
N LYS C 9 -0.65 -18.32 5.96
CA LYS C 9 -2.10 -18.49 5.88
C LYS C 9 -2.45 -19.90 5.43
N SER C 10 -3.59 -20.41 5.92
CA SER C 10 -4.07 -21.74 5.59
C SER C 10 -5.58 -21.83 5.79
N THR C 11 -6.21 -22.85 5.21
CA THR C 11 -7.65 -23.05 5.32
C THR C 11 -8.13 -23.38 6.72
N GLY C 12 -9.41 -23.14 6.99
CA GLY C 12 -10.02 -23.40 8.30
C GLY C 12 -9.66 -22.33 9.33
N GLY C 13 -8.91 -21.29 8.92
CA GLY C 13 -8.49 -20.22 9.80
C GLY C 13 -9.68 -19.36 10.22
N ALA A 1 -18.79 11.79 5.70
CA ALA A 1 -18.45 13.19 6.01
C ALA A 1 -17.02 13.30 6.52
N GLY A 2 -16.70 12.62 7.63
CA GLY A 2 -15.36 12.63 8.21
C GLY A 2 -15.33 11.88 9.53
N HIS A 3 -14.11 11.68 10.07
CA HIS A 3 -13.90 10.97 11.32
C HIS A 3 -12.72 11.56 12.08
N MET A 4 -12.66 11.27 13.39
CA MET A 4 -11.58 11.72 14.25
C MET A 4 -11.40 10.81 15.46
N ALA A 5 -12.04 9.64 15.45
CA ALA A 5 -12.02 8.71 16.58
C ALA A 5 -10.64 8.08 16.78
N THR A 6 -9.77 8.18 15.76
CA THR A 6 -8.41 7.66 15.82
C THR A 6 -7.50 8.35 14.81
N THR A 7 -6.18 8.27 15.04
CA THR A 7 -5.19 8.88 14.15
C THR A 7 -3.96 8.02 13.88
N LYS A 8 -3.44 8.13 12.65
CA LYS A 8 -2.23 7.44 12.22
C LYS A 8 -1.71 8.12 10.96
N ARG A 9 -0.39 8.13 10.74
CA ARG A 9 0.22 8.79 9.60
C ARG A 9 -0.24 8.19 8.27
N VAL A 10 -0.51 6.88 8.26
CA VAL A 10 -0.97 6.19 7.07
C VAL A 10 -2.48 6.14 6.96
N LEU A 11 -3.02 6.34 5.76
CA LEU A 11 -4.46 6.32 5.54
C LEU A 11 -4.81 5.79 4.15
N TYR A 12 -6.00 5.22 4.07
CA TYR A 12 -6.56 4.59 2.88
C TYR A 12 -7.45 5.47 2.01
N VAL A 13 -7.48 5.17 0.70
CA VAL A 13 -8.33 5.87 -0.25
C VAL A 13 -8.97 4.87 -1.22
N GLY A 14 -10.26 5.02 -1.51
CA GLY A 14 -10.96 4.10 -2.40
C GLY A 14 -12.00 4.81 -3.23
N GLY A 15 -12.37 4.23 -4.38
CA GLY A 15 -13.38 4.80 -5.26
C GLY A 15 -12.87 6.01 -6.03
N LEU A 16 -11.54 6.18 -6.10
CA LEU A 16 -10.90 7.35 -6.68
C LEU A 16 -11.39 7.66 -8.09
N ALA A 17 -10.85 6.95 -9.09
CA ALA A 17 -11.30 6.97 -10.48
C ALA A 17 -10.50 5.95 -11.28
N GLU A 18 -10.95 5.65 -12.50
CA GLU A 18 -10.30 4.67 -13.36
C GLU A 18 -9.07 5.23 -14.08
N GLU A 19 -8.65 6.45 -13.73
CA GLU A 19 -7.53 7.10 -14.40
C GLU A 19 -6.58 7.76 -13.39
N VAL A 20 -6.74 7.45 -12.10
CA VAL A 20 -5.89 8.02 -11.05
C VAL A 20 -4.57 7.27 -11.05
N ASP A 21 -3.48 8.02 -10.84
CA ASP A 21 -2.13 7.52 -10.70
C ASP A 21 -1.54 7.98 -9.38
N ASP A 22 -0.37 7.47 -9.00
CA ASP A 22 0.26 7.82 -7.73
C ASP A 22 0.59 9.29 -7.55
N LYS A 23 0.64 10.04 -8.66
CA LYS A 23 0.91 11.48 -8.63
C LYS A 23 -0.34 12.25 -8.22
N VAL A 24 -1.53 11.67 -8.45
CA VAL A 24 -2.78 12.34 -8.11
C VAL A 24 -3.01 12.30 -6.60
N LEU A 25 -2.69 11.17 -5.97
CA LEU A 25 -2.84 11.04 -4.53
C LEU A 25 -1.95 12.05 -3.81
N HIS A 26 -0.83 12.47 -4.42
CA HIS A 26 0.02 13.46 -3.79
C HIS A 26 -0.63 14.84 -3.88
N ALA A 27 -1.07 15.24 -5.08
CA ALA A 27 -1.65 16.55 -5.29
C ALA A 27 -3.02 16.68 -4.63
N ALA A 28 -3.70 15.56 -4.40
CA ALA A 28 -5.02 15.56 -3.78
C ALA A 28 -4.95 15.58 -2.26
N PHE A 29 -3.82 15.14 -1.68
CA PHE A 29 -3.68 15.04 -0.23
C PHE A 29 -2.64 15.96 0.43
N ILE A 30 -1.88 16.70 -0.36
CA ILE A 30 -0.83 17.58 0.15
C ILE A 30 -1.35 18.81 0.92
N PRO A 31 -2.56 19.36 0.66
CA PRO A 31 -2.98 20.59 1.33
C PRO A 31 -3.32 20.38 2.80
N PHE A 32 -3.46 19.12 3.24
CA PHE A 32 -3.81 18.81 4.63
C PHE A 32 -2.51 18.64 5.43
N GLY A 33 -1.37 18.47 4.75
CA GLY A 33 -0.08 18.30 5.41
C GLY A 33 0.91 17.61 4.46
N ASP A 34 2.19 17.65 4.81
CA ASP A 34 3.22 17.06 3.98
C ASP A 34 3.15 15.54 3.87
N ILE A 35 3.25 15.04 2.63
CA ILE A 35 3.23 13.61 2.34
C ILE A 35 4.67 13.08 2.25
N THR A 36 4.88 11.82 2.63
CA THR A 36 6.19 11.19 2.57
C THR A 36 6.29 9.90 1.76
N ASP A 37 5.16 9.26 1.48
CA ASP A 37 5.13 8.08 0.62
C ASP A 37 3.71 7.86 0.09
N ILE A 38 3.59 7.16 -1.04
CA ILE A 38 2.32 6.81 -1.65
C ILE A 38 2.46 5.43 -2.29
N GLN A 39 1.40 4.62 -2.20
CA GLN A 39 1.43 3.25 -2.69
C GLN A 39 0.12 2.89 -3.37
N ILE A 40 0.22 2.09 -4.43
CA ILE A 40 -0.92 1.59 -5.18
C ILE A 40 -0.59 0.18 -5.66
N PRO A 41 -1.15 -0.85 -5.01
CA PRO A 41 -0.90 -2.24 -5.37
C PRO A 41 -1.60 -2.58 -6.68
N LEU A 42 -0.99 -3.44 -7.49
CA LEU A 42 -1.51 -3.79 -8.81
C LEU A 42 -2.47 -4.96 -8.74
N ASP A 43 -3.63 -4.82 -9.39
CA ASP A 43 -4.63 -5.88 -9.47
C ASP A 43 -4.26 -6.74 -10.67
N TYR A 44 -4.49 -8.05 -10.58
CA TYR A 44 -4.11 -8.98 -11.63
C TYR A 44 -5.21 -9.45 -12.58
N GLU A 45 -6.40 -8.88 -12.43
CA GLU A 45 -7.52 -9.21 -13.30
C GLU A 45 -7.41 -8.45 -14.63
N THR A 46 -6.92 -7.21 -14.57
CA THR A 46 -6.76 -6.37 -15.75
C THR A 46 -5.48 -5.52 -15.79
N GLU A 47 -4.57 -5.76 -14.83
CA GLU A 47 -3.31 -5.02 -14.71
C GLU A 47 -3.52 -3.52 -14.51
N LYS A 48 -4.31 -3.16 -13.49
CA LYS A 48 -4.54 -1.77 -13.08
C LYS A 48 -4.75 -1.76 -11.57
N HIS A 49 -4.99 -0.60 -10.97
CA HIS A 49 -5.23 -0.54 -9.53
C HIS A 49 -6.58 -1.19 -9.21
N ARG A 50 -6.73 -1.75 -8.00
CA ARG A 50 -7.95 -2.47 -7.62
C ARG A 50 -9.05 -1.50 -7.14
N GLY A 51 -8.97 -0.23 -7.54
CA GLY A 51 -9.97 0.76 -7.17
C GLY A 51 -9.65 1.46 -5.85
N PHE A 52 -8.44 1.25 -5.32
CA PHE A 52 -8.01 1.90 -4.09
C PHE A 52 -6.51 2.19 -4.05
N ALA A 53 -6.08 3.02 -3.10
CA ALA A 53 -4.69 3.45 -2.97
C ALA A 53 -4.38 3.83 -1.53
N PHE A 54 -3.12 4.17 -1.26
CA PHE A 54 -2.67 4.57 0.06
C PHE A 54 -1.76 5.78 0.01
N VAL A 55 -1.64 6.48 1.14
CA VAL A 55 -0.80 7.66 1.28
C VAL A 55 -0.26 7.72 2.70
N GLU A 56 0.91 8.36 2.88
CA GLU A 56 1.59 8.45 4.16
C GLU A 56 1.94 9.91 4.48
N PHE A 57 1.65 10.32 5.71
CA PHE A 57 1.93 11.67 6.20
C PHE A 57 3.14 11.84 7.10
N GLU A 58 3.65 13.07 7.21
CA GLU A 58 4.76 13.38 8.09
C GLU A 58 4.34 13.35 9.56
N LEU A 59 3.03 13.51 9.82
CA LEU A 59 2.48 13.52 11.17
C LEU A 59 1.15 12.77 11.20
N ALA A 60 0.83 12.16 12.34
CA ALA A 60 -0.39 11.40 12.49
C ALA A 60 -1.62 12.31 12.54
N GLU A 61 -1.42 13.58 12.91
CA GLU A 61 -2.52 14.53 13.05
C GLU A 61 -2.95 15.07 11.69
N ASP A 62 -2.03 15.10 10.71
CA ASP A 62 -2.33 15.60 9.38
C ASP A 62 -3.23 14.68 8.58
N ALA A 63 -3.20 13.38 8.90
CA ALA A 63 -4.04 12.39 8.24
C ALA A 63 -5.48 12.53 8.72
N ALA A 64 -5.67 12.87 10.00
CA ALA A 64 -7.01 13.03 10.55
C ALA A 64 -7.69 14.25 9.94
N ALA A 65 -6.91 15.25 9.52
CA ALA A 65 -7.44 16.44 8.88
C ALA A 65 -7.75 16.18 7.40
N ALA A 66 -7.05 15.25 6.77
CA ALA A 66 -7.32 14.89 5.38
C ALA A 66 -8.62 14.10 5.29
N ILE A 67 -8.88 13.28 6.31
CA ILE A 67 -10.10 12.49 6.39
C ILE A 67 -11.29 13.39 6.71
N ASP A 68 -11.08 14.36 7.61
CA ASP A 68 -12.11 15.28 8.05
C ASP A 68 -12.53 16.27 6.97
N ASN A 69 -11.77 16.35 5.86
CA ASN A 69 -12.05 17.32 4.81
C ASN A 69 -12.28 16.72 3.42
N MET A 70 -11.92 15.46 3.17
CA MET A 70 -12.16 14.88 1.84
C MET A 70 -12.86 13.52 1.88
N ASN A 71 -13.20 13.00 3.06
CA ASN A 71 -13.95 11.75 3.16
C ASN A 71 -15.30 11.87 2.46
N GLU A 72 -15.67 10.83 1.71
CA GLU A 72 -16.96 10.78 1.01
C GLU A 72 -17.21 12.02 0.17
N SER A 73 -16.18 12.49 -0.56
CA SER A 73 -16.30 13.66 -1.43
C SER A 73 -15.81 13.34 -2.84
N GLU A 74 -16.21 14.16 -3.82
CA GLU A 74 -15.84 14.00 -5.21
C GLU A 74 -14.39 14.42 -5.45
N LEU A 75 -13.62 13.60 -6.18
CA LEU A 75 -12.22 13.90 -6.47
C LEU A 75 -11.96 14.02 -7.97
N PHE A 76 -12.23 12.92 -8.70
CA PHE A 76 -12.08 12.82 -10.16
C PHE A 76 -13.39 12.78 -10.96
N GLY A 77 -14.52 13.05 -10.30
CA GLY A 77 -15.81 13.06 -10.96
C GLY A 77 -16.82 12.17 -10.24
N ARG A 78 -16.38 11.46 -9.20
CA ARG A 78 -17.25 10.62 -8.39
C ARG A 78 -16.71 10.53 -6.97
N THR A 79 -17.54 10.09 -6.04
CA THR A 79 -17.19 9.97 -4.64
C THR A 79 -16.06 9.01 -4.31
N ILE A 80 -15.23 9.37 -3.32
CA ILE A 80 -14.13 8.52 -2.87
C ILE A 80 -14.19 8.39 -1.34
N ARG A 81 -13.66 7.28 -0.81
CA ARG A 81 -13.62 7.03 0.61
C ARG A 81 -12.26 7.42 1.17
N VAL A 82 -12.22 7.87 2.42
CA VAL A 82 -10.99 8.19 3.13
C VAL A 82 -11.10 7.83 4.61
N ASN A 83 -10.14 7.06 5.11
CA ASN A 83 -10.07 6.62 6.51
C ASN A 83 -8.67 6.12 6.80
N LEU A 84 -8.35 5.83 8.06
CA LEU A 84 -7.06 5.24 8.37
C LEU A 84 -7.01 3.86 7.72
N ALA A 85 -5.81 3.34 7.45
CA ALA A 85 -5.68 2.06 6.77
C ALA A 85 -5.83 0.88 7.74
N LYS A 86 -5.65 1.09 9.04
CA LYS A 86 -5.61 0.00 10.01
C LYS A 86 -6.97 -0.50 10.51
N PRO A 87 -8.03 0.33 10.60
CA PRO A 87 -9.28 -0.07 11.21
C PRO A 87 -10.18 -0.89 10.27
N MET A 88 -9.73 -1.24 9.07
CA MET A 88 -10.59 -1.90 8.09
C MET A 88 -9.80 -2.80 7.14
N ARG A 89 -10.53 -3.52 6.28
CA ARG A 89 -10.00 -4.38 5.24
C ARG A 89 -10.96 -4.35 4.04
N ILE A 90 -10.49 -4.74 2.85
CA ILE A 90 -11.32 -4.74 1.66
C ILE A 90 -12.57 -5.60 1.86
N LYS A 91 -13.64 -5.28 1.13
CA LYS A 91 -14.94 -5.94 1.21
C LYS A 91 -14.95 -7.40 0.77
N GLU A 92 -13.77 -8.01 0.61
CA GLU A 92 -13.63 -9.37 0.10
C GLU A 92 -12.62 -10.18 0.90
N GLY A 93 -12.36 -9.77 2.15
CA GLY A 93 -11.43 -10.46 3.03
C GLY A 93 -11.74 -10.17 4.50
N ALA B 1 23.16 -19.44 -4.80
CA ALA B 1 23.13 -18.97 -3.39
C ALA B 1 21.97 -19.61 -2.63
N LYS B 2 21.86 -19.29 -1.34
CA LYS B 2 20.82 -19.80 -0.46
C LYS B 2 19.42 -19.29 -0.82
N GLY B 3 19.34 -18.34 -1.76
CA GLY B 3 18.06 -17.78 -2.19
C GLY B 3 18.26 -16.73 -3.28
N ASN B 4 17.19 -16.02 -3.63
CA ASN B 4 17.21 -14.98 -4.65
C ASN B 4 17.79 -13.68 -4.09
N PHE B 5 18.24 -12.80 -4.98
CA PHE B 5 18.85 -11.53 -4.62
C PHE B 5 17.94 -10.30 -4.72
N CYS B 6 18.07 -9.36 -3.78
CA CYS B 6 17.22 -8.17 -3.72
C CYS B 6 17.57 -7.18 -4.83
N PRO B 7 16.55 -6.64 -5.52
CA PRO B 7 16.72 -5.68 -6.61
C PRO B 7 17.01 -4.27 -6.13
N LEU B 8 17.01 -4.00 -4.82
CA LEU B 8 17.16 -2.64 -4.31
C LEU B 8 18.28 -2.47 -3.29
N CYS B 9 18.85 -3.55 -2.75
CA CYS B 9 19.97 -3.43 -1.83
C CYS B 9 20.90 -4.65 -1.89
N ASP B 10 22.10 -4.52 -1.33
CA ASP B 10 23.12 -5.56 -1.37
C ASP B 10 22.85 -6.78 -0.48
N LYS B 11 21.76 -6.76 0.29
CA LYS B 11 21.40 -7.87 1.16
C LYS B 11 20.73 -9.00 0.37
N CYS B 12 20.55 -10.15 1.04
CA CYS B 12 19.96 -11.33 0.45
C CYS B 12 19.11 -12.07 1.48
N TYR B 13 18.45 -13.16 1.07
CA TYR B 13 17.57 -13.92 1.93
C TYR B 13 17.70 -15.44 1.91
N ASP B 14 17.48 -16.08 3.05
CA ASP B 14 17.60 -17.52 3.21
C ASP B 14 16.28 -18.30 3.13
N ASP B 15 15.22 -17.60 2.71
CA ASP B 15 13.85 -18.12 2.64
C ASP B 15 13.21 -18.53 3.97
N ASP B 16 14.02 -18.81 5.00
CA ASP B 16 13.55 -19.09 6.35
C ASP B 16 13.44 -17.86 7.23
N ASP B 17 13.83 -16.70 6.69
CA ASP B 17 13.83 -15.42 7.37
C ASP B 17 12.51 -14.66 7.35
N TYR B 18 11.39 -15.40 7.32
CA TYR B 18 10.06 -14.82 7.26
C TYR B 18 9.62 -13.90 8.41
N GLU B 19 10.49 -13.71 9.39
CA GLU B 19 10.25 -12.77 10.48
C GLU B 19 10.47 -11.33 10.01
N SER B 20 11.15 -11.14 8.87
CA SER B 20 11.42 -9.83 8.32
C SER B 20 10.26 -9.36 7.43
N LYS B 21 10.05 -8.05 7.36
CA LYS B 21 9.01 -7.47 6.51
C LYS B 21 9.48 -7.41 5.06
N MET B 22 8.86 -8.22 4.20
CA MET B 22 9.20 -8.30 2.78
C MET B 22 7.96 -8.66 1.97
N MET B 23 7.95 -8.31 0.69
CA MET B 23 6.84 -8.64 -0.20
C MET B 23 7.38 -9.33 -1.45
N GLN B 24 6.50 -10.04 -2.16
CA GLN B 24 6.88 -10.70 -3.40
C GLN B 24 6.26 -9.97 -4.58
N CYS B 25 7.04 -9.78 -5.65
CA CYS B 25 6.56 -9.16 -6.87
C CYS B 25 5.50 -10.06 -7.50
N GLY B 26 4.40 -9.47 -7.94
CA GLY B 26 3.27 -10.22 -8.49
C GLY B 26 3.47 -10.59 -9.96
N LYS B 27 4.57 -10.17 -10.59
CA LYS B 27 4.76 -10.34 -12.02
C LYS B 27 6.07 -11.04 -12.38
N CYS B 28 7.02 -11.15 -11.46
CA CYS B 28 8.25 -11.88 -11.70
C CYS B 28 8.66 -12.74 -10.49
N ASP B 29 7.78 -12.82 -9.49
CA ASP B 29 7.96 -13.63 -8.29
C ASP B 29 9.21 -13.34 -7.45
N ARG B 30 9.81 -12.16 -7.63
CA ARG B 30 11.02 -11.77 -6.92
C ARG B 30 10.68 -11.11 -5.59
N TRP B 31 11.33 -11.51 -4.51
CA TRP B 31 11.11 -10.90 -3.20
C TRP B 31 11.92 -9.62 -3.01
N VAL B 32 11.39 -8.71 -2.18
CA VAL B 32 12.02 -7.42 -1.89
C VAL B 32 11.80 -7.01 -0.44
N HIS B 33 12.82 -6.41 0.19
CA HIS B 33 12.67 -5.94 1.55
C HIS B 33 11.89 -4.63 1.58
N SER B 34 11.31 -4.30 2.73
CA SER B 34 10.57 -3.06 2.90
C SER B 34 11.50 -1.89 3.28
N LYS B 35 12.75 -2.18 3.67
CA LYS B 35 13.67 -1.13 4.13
C LYS B 35 14.38 -0.43 2.97
N CYS B 36 14.64 -1.16 1.87
CA CYS B 36 15.29 -0.64 0.69
C CYS B 36 14.28 -0.01 -0.28
N GLU B 37 13.01 0.04 0.13
CA GLU B 37 11.93 0.66 -0.62
C GLU B 37 11.32 1.80 0.21
N ASN B 38 10.61 2.73 -0.43
CA ASN B 38 10.01 3.86 0.25
C ASN B 38 8.86 3.42 1.19
N LEU B 39 8.51 2.13 1.18
CA LEU B 39 7.42 1.60 1.98
C LEU B 39 7.72 1.73 3.47
N SER B 40 6.79 2.35 4.23
CA SER B 40 6.96 2.47 5.67
C SER B 40 6.55 1.17 6.35
N ASP B 41 7.02 0.99 7.59
CA ASP B 41 6.69 -0.20 8.36
C ASP B 41 5.23 -0.29 8.78
N GLU B 42 4.49 0.82 8.65
CA GLU B 42 3.07 0.85 8.93
C GLU B 42 2.28 0.60 7.65
N MET B 43 2.81 1.06 6.51
CA MET B 43 2.18 0.86 5.21
C MET B 43 2.31 -0.60 4.78
N TYR B 44 3.41 -1.26 5.14
CA TYR B 44 3.56 -2.68 4.92
C TYR B 44 2.49 -3.56 5.57
N GLU B 45 2.04 -3.16 6.76
CA GLU B 45 1.09 -3.95 7.54
C GLU B 45 -0.31 -3.95 6.95
N ILE B 46 -0.67 -2.99 6.09
CA ILE B 46 -1.99 -3.05 5.46
C ILE B 46 -1.90 -3.88 4.18
N LEU B 47 -0.76 -3.84 3.47
CA LEU B 47 -0.58 -4.61 2.26
C LEU B 47 -0.62 -6.12 2.55
N SER B 48 -0.28 -6.52 3.78
CA SER B 48 -0.34 -7.93 4.16
C SER B 48 -1.78 -8.33 4.51
N ASN B 49 -2.65 -7.35 4.74
CA ASN B 49 -4.06 -7.60 5.02
C ASN B 49 -4.93 -7.53 3.76
N LEU B 50 -4.38 -7.03 2.64
CA LEU B 50 -5.09 -7.01 1.37
C LEU B 50 -5.20 -8.42 0.82
N PRO B 51 -6.21 -8.69 -0.01
CA PRO B 51 -6.38 -9.97 -0.67
C PRO B 51 -5.23 -10.24 -1.63
N GLU B 52 -5.00 -11.51 -1.95
CA GLU B 52 -3.89 -11.92 -2.81
C GLU B 52 -4.14 -11.58 -4.28
N SER B 53 -5.34 -11.12 -4.61
CA SER B 53 -5.68 -10.71 -5.98
C SER B 53 -4.99 -9.40 -6.34
N VAL B 54 -4.55 -8.63 -5.34
CA VAL B 54 -3.80 -7.41 -5.53
C VAL B 54 -2.39 -7.56 -4.95
N ALA B 55 -1.35 -7.05 -5.62
CA ALA B 55 0.00 -7.24 -5.14
C ALA B 55 0.98 -6.18 -5.63
N TYR B 56 2.10 -6.08 -4.90
CA TYR B 56 3.22 -5.22 -5.23
C TYR B 56 3.99 -5.62 -6.50
N THR B 57 4.75 -4.70 -7.09
CA THR B 57 5.53 -4.99 -8.28
C THR B 57 6.90 -4.34 -8.07
N CYS B 58 7.95 -5.06 -8.43
CA CYS B 58 9.31 -4.56 -8.31
C CYS B 58 9.54 -3.43 -9.31
N VAL B 59 10.63 -2.67 -9.12
CA VAL B 59 10.95 -1.55 -9.98
C VAL B 59 11.35 -1.95 -11.40
N ASN B 60 11.52 -3.25 -11.66
CA ASN B 60 11.91 -3.71 -12.98
C ASN B 60 10.66 -3.98 -13.83
N CYS B 61 9.61 -4.52 -13.22
CA CYS B 61 8.40 -4.90 -13.93
C CYS B 61 7.70 -3.71 -14.58
N THR B 62 8.12 -2.48 -14.27
CA THR B 62 7.58 -1.31 -14.94
C THR B 62 8.07 -1.15 -16.39
N GLU B 63 9.21 -1.78 -16.71
CA GLU B 63 9.75 -1.81 -18.06
C GLU B 63 9.88 -3.24 -18.60
N ARG B 64 10.24 -4.19 -17.72
CA ARG B 64 10.51 -5.58 -18.09
C ARG B 64 10.16 -6.49 -16.91
N ALA C 1 -1.80 -8.41 -0.48
CA ALA C 1 -0.68 -8.77 -1.37
C ALA C 1 0.10 -9.94 -0.80
N ARG C 2 1.03 -10.50 -1.58
CA ARG C 2 1.88 -11.58 -1.09
C ARG C 2 3.02 -11.01 -0.25
N THR C 3 3.05 -11.39 1.03
CA THR C 3 4.06 -10.95 1.98
C THR C 3 4.49 -12.04 2.95
N GLN C 5 4.51 -11.88 6.20
CA GLN C 5 3.55 -11.92 7.29
C GLN C 5 2.27 -12.68 6.91
N THR C 6 1.89 -12.64 5.62
CA THR C 6 0.68 -13.29 5.15
C THR C 6 0.90 -14.61 4.39
N ALA C 7 2.16 -15.01 4.23
CA ALA C 7 2.50 -16.29 3.62
C ALA C 7 2.09 -17.45 4.54
N ARG C 8 1.77 -17.14 5.80
CA ARG C 8 1.32 -18.11 6.79
C ARG C 8 0.09 -17.57 7.53
N LYS C 9 0.00 -16.24 7.67
CA LYS C 9 -1.13 -15.50 8.24
C LYS C 9 -1.62 -16.09 9.57
N SER C 10 -2.79 -15.64 10.02
CA SER C 10 -3.39 -16.05 11.29
C SER C 10 -4.10 -17.40 11.19
N THR C 11 -4.15 -18.01 10.00
CA THR C 11 -4.83 -19.29 9.82
C THR C 11 -4.18 -20.47 10.54
N GLY C 12 -4.98 -21.50 10.83
CA GLY C 12 -4.52 -22.68 11.55
C GLY C 12 -3.65 -23.59 10.69
N GLY C 13 -3.07 -24.62 11.32
CA GLY C 13 -2.21 -25.58 10.64
C GLY C 13 -1.69 -26.63 11.62
N ALA A 1 -8.36 21.62 12.60
CA ALA A 1 -8.58 20.55 11.62
C ALA A 1 -8.10 19.21 12.18
N GLY A 2 -8.57 18.11 11.58
CA GLY A 2 -8.22 16.76 12.01
C GLY A 2 -8.96 16.36 13.29
N HIS A 3 -8.59 15.21 13.85
CA HIS A 3 -9.21 14.69 15.06
C HIS A 3 -8.23 13.78 15.79
N MET A 4 -8.62 13.37 17.01
CA MET A 4 -7.80 12.55 17.89
C MET A 4 -8.42 11.16 18.09
N ALA A 5 -9.50 10.84 17.37
CA ALA A 5 -10.21 9.58 17.54
C ALA A 5 -9.34 8.41 17.10
N THR A 6 -8.51 8.60 16.07
CA THR A 6 -7.57 7.58 15.62
C THR A 6 -6.63 8.27 14.63
N THR A 7 -5.33 8.01 14.76
CA THR A 7 -4.30 8.57 13.88
C THR A 7 -3.14 7.64 13.60
N LYS A 8 -2.61 7.68 12.38
CA LYS A 8 -1.46 6.89 11.94
C LYS A 8 -0.72 7.63 10.83
N ARG A 9 0.57 7.30 10.62
CA ARG A 9 1.38 7.94 9.59
C ARG A 9 0.97 7.52 8.19
N VAL A 10 0.06 6.54 8.07
CA VAL A 10 -0.41 6.04 6.80
C VAL A 10 -1.94 5.98 6.76
N LEU A 11 -2.52 6.17 5.58
CA LEU A 11 -3.97 6.16 5.41
C LEU A 11 -4.38 5.61 4.06
N TYR A 12 -5.60 5.07 4.02
CA TYR A 12 -6.22 4.44 2.86
C TYR A 12 -7.08 5.35 2.01
N VAL A 13 -7.15 5.05 0.71
CA VAL A 13 -8.00 5.77 -0.23
C VAL A 13 -8.66 4.78 -1.18
N GLY A 14 -9.97 4.92 -1.40
CA GLY A 14 -10.69 3.97 -2.24
C GLY A 14 -11.82 4.65 -3.01
N GLY A 15 -12.28 4.00 -4.08
CA GLY A 15 -13.35 4.53 -4.91
C GLY A 15 -12.84 5.55 -5.92
N LEU A 16 -11.52 5.75 -5.97
CA LEU A 16 -10.88 6.67 -6.89
C LEU A 16 -11.10 6.22 -8.34
N ALA A 17 -10.89 7.13 -9.29
CA ALA A 17 -11.12 6.85 -10.70
C ALA A 17 -10.09 5.85 -11.24
N GLU A 18 -10.42 5.23 -12.39
CA GLU A 18 -9.58 4.21 -13.00
C GLU A 18 -8.33 4.79 -13.65
N GLU A 19 -8.31 6.11 -13.90
CA GLU A 19 -7.19 6.76 -14.57
C GLU A 19 -6.22 7.40 -13.57
N VAL A 20 -6.43 7.17 -12.28
CA VAL A 20 -5.58 7.73 -11.24
C VAL A 20 -4.26 6.96 -11.22
N ASP A 21 -3.17 7.71 -11.06
CA ASP A 21 -1.81 7.18 -10.91
C ASP A 21 -1.23 7.68 -9.59
N ASP A 22 -0.07 7.16 -9.19
CA ASP A 22 0.53 7.52 -7.91
C ASP A 22 0.91 9.00 -7.78
N LYS A 23 0.96 9.72 -8.90
CA LYS A 23 1.26 11.15 -8.91
C LYS A 23 0.03 11.96 -8.55
N VAL A 24 -1.17 11.42 -8.76
CA VAL A 24 -2.41 12.11 -8.46
C VAL A 24 -2.66 12.10 -6.95
N LEU A 25 -2.38 10.98 -6.29
CA LEU A 25 -2.53 10.89 -4.85
C LEU A 25 -1.64 11.91 -4.15
N HIS A 26 -0.49 12.27 -4.75
CA HIS A 26 0.38 13.27 -4.13
C HIS A 26 -0.25 14.65 -4.25
N ALA A 27 -0.69 15.03 -5.45
CA ALA A 27 -1.25 16.35 -5.68
C ALA A 27 -2.62 16.51 -5.02
N ALA A 28 -3.31 15.40 -4.73
CA ALA A 28 -4.63 15.45 -4.12
C ALA A 28 -4.54 15.47 -2.59
N PHE A 29 -3.42 15.01 -2.02
CA PHE A 29 -3.25 14.93 -0.57
C PHE A 29 -2.22 15.85 0.07
N ILE A 30 -1.48 16.62 -0.73
CA ILE A 30 -0.41 17.48 -0.23
C ILE A 30 -0.89 18.71 0.57
N PRO A 31 -2.10 19.28 0.36
CA PRO A 31 -2.48 20.50 1.05
C PRO A 31 -2.79 20.27 2.53
N PHE A 32 -2.93 19.01 2.95
CA PHE A 32 -3.26 18.68 4.34
C PHE A 32 -1.96 18.50 5.13
N GLY A 33 -0.82 18.34 4.44
CA GLY A 33 0.47 18.18 5.06
C GLY A 33 1.46 17.52 4.11
N ASP A 34 2.74 17.57 4.43
CA ASP A 34 3.76 17.00 3.57
C ASP A 34 3.72 15.48 3.47
N ILE A 35 3.65 14.98 2.23
CA ILE A 35 3.66 13.55 1.95
C ILE A 35 5.10 13.07 1.82
N THR A 36 5.36 11.82 2.21
CA THR A 36 6.69 11.23 2.10
C THR A 36 6.76 9.94 1.30
N ASP A 37 5.62 9.26 1.13
CA ASP A 37 5.49 8.03 0.36
C ASP A 37 4.08 7.76 -0.17
N ILE A 38 3.99 7.03 -1.28
CA ILE A 38 2.74 6.62 -1.90
C ILE A 38 2.92 5.23 -2.51
N GLN A 39 1.85 4.43 -2.53
CA GLN A 39 1.91 3.07 -3.04
C GLN A 39 0.55 2.65 -3.57
N ILE A 40 0.56 1.86 -4.66
CA ILE A 40 -0.67 1.36 -5.27
C ILE A 40 -0.42 -0.08 -5.74
N PRO A 41 -1.09 -1.07 -5.15
CA PRO A 41 -0.93 -2.47 -5.50
C PRO A 41 -1.63 -2.76 -6.82
N LEU A 42 -1.12 -3.74 -7.59
CA LEU A 42 -1.62 -4.06 -8.91
C LEU A 42 -2.60 -5.23 -8.86
N ASP A 43 -3.74 -5.08 -9.54
CA ASP A 43 -4.75 -6.13 -9.67
C ASP A 43 -4.38 -6.97 -10.89
N TYR A 44 -4.72 -8.26 -10.87
CA TYR A 44 -4.35 -9.16 -11.96
C TYR A 44 -5.48 -9.58 -12.90
N GLU A 45 -6.68 -9.01 -12.71
CA GLU A 45 -7.82 -9.29 -13.55
C GLU A 45 -7.77 -8.45 -14.84
N THR A 46 -7.28 -7.21 -14.73
CA THR A 46 -7.20 -6.28 -15.86
C THR A 46 -5.91 -5.45 -15.89
N GLU A 47 -4.97 -5.80 -15.01
CA GLU A 47 -3.66 -5.17 -14.90
C GLU A 47 -3.74 -3.66 -14.63
N LYS A 48 -4.47 -3.28 -13.57
CA LYS A 48 -4.53 -1.90 -13.09
C LYS A 48 -4.79 -1.95 -11.58
N HIS A 49 -4.94 -0.79 -10.92
CA HIS A 49 -5.21 -0.79 -9.48
C HIS A 49 -6.60 -1.34 -9.20
N ARG A 50 -6.82 -1.91 -8.01
CA ARG A 50 -8.09 -2.53 -7.63
C ARG A 50 -9.13 -1.50 -7.19
N GLY A 51 -8.93 -0.22 -7.51
CA GLY A 51 -9.86 0.84 -7.16
C GLY A 51 -9.51 1.51 -5.83
N PHE A 52 -8.31 1.24 -5.32
CA PHE A 52 -7.82 1.88 -4.10
C PHE A 52 -6.31 2.15 -4.13
N ALA A 53 -5.84 2.97 -3.20
CA ALA A 53 -4.44 3.38 -3.15
C ALA A 53 -4.03 3.72 -1.71
N PHE A 54 -2.72 3.93 -1.51
CA PHE A 54 -2.16 4.24 -0.21
C PHE A 54 -1.23 5.45 -0.23
N VAL A 55 -1.20 6.21 0.88
CA VAL A 55 -0.39 7.40 1.01
C VAL A 55 0.14 7.49 2.43
N GLU A 56 1.32 8.09 2.59
CA GLU A 56 2.00 8.19 3.87
C GLU A 56 2.47 9.62 4.13
N PHE A 57 2.19 10.11 5.34
CA PHE A 57 2.50 11.46 5.79
C PHE A 57 3.72 11.60 6.69
N GLU A 58 4.23 12.83 6.81
CA GLU A 58 5.34 13.13 7.70
C GLU A 58 4.94 13.01 9.17
N LEU A 59 3.63 13.04 9.46
CA LEU A 59 3.12 12.89 10.82
C LEU A 59 1.76 12.23 10.82
N ALA A 60 1.42 11.55 11.92
CA ALA A 60 0.13 10.90 12.07
C ALA A 60 -0.99 11.94 12.15
N GLU A 61 -0.66 13.17 12.58
CA GLU A 61 -1.64 14.23 12.72
C GLU A 61 -2.06 14.77 11.36
N ASP A 62 -1.15 14.77 10.39
CA ASP A 62 -1.46 15.26 9.05
C ASP A 62 -2.39 14.32 8.28
N ALA A 63 -2.39 13.04 8.64
CA ALA A 63 -3.28 12.06 8.02
C ALA A 63 -4.71 12.26 8.51
N ALA A 64 -4.89 12.63 9.78
CA ALA A 64 -6.21 12.85 10.33
C ALA A 64 -6.84 14.11 9.73
N ALA A 65 -6.00 15.05 9.28
CA ALA A 65 -6.49 16.28 8.66
C ALA A 65 -6.87 16.03 7.20
N ALA A 66 -6.24 15.05 6.55
CA ALA A 66 -6.59 14.69 5.19
C ALA A 66 -7.93 13.95 5.16
N ILE A 67 -8.19 13.16 6.21
CA ILE A 67 -9.45 12.44 6.36
C ILE A 67 -10.57 13.42 6.71
N ASP A 68 -10.26 14.39 7.57
CA ASP A 68 -11.21 15.40 8.01
C ASP A 68 -11.65 16.37 6.90
N ASN A 69 -10.93 16.40 5.77
CA ASN A 69 -11.20 17.35 4.72
C ASN A 69 -11.51 16.75 3.35
N MET A 70 -11.21 15.48 3.08
CA MET A 70 -11.52 14.89 1.78
C MET A 70 -12.27 13.56 1.86
N ASN A 71 -12.60 13.08 3.06
CA ASN A 71 -13.40 11.88 3.20
C ASN A 71 -14.75 12.04 2.50
N GLU A 72 -15.15 11.01 1.74
CA GLU A 72 -16.42 10.98 1.02
C GLU A 72 -16.63 12.22 0.15
N SER A 73 -15.57 12.63 -0.57
CA SER A 73 -15.64 13.77 -1.48
C SER A 73 -15.24 13.38 -2.90
N GLU A 74 -15.63 14.19 -3.89
CA GLU A 74 -15.32 13.95 -5.30
C GLU A 74 -13.86 14.29 -5.61
N LEU A 75 -13.16 13.43 -6.35
CA LEU A 75 -11.77 13.66 -6.70
C LEU A 75 -11.57 13.74 -8.22
N PHE A 76 -11.89 12.65 -8.92
CA PHE A 76 -11.81 12.52 -10.37
C PHE A 76 -13.13 12.47 -11.12
N GLY A 77 -14.24 12.77 -10.43
CA GLY A 77 -15.56 12.76 -11.04
C GLY A 77 -16.54 11.88 -10.26
N ARG A 78 -16.05 11.22 -9.21
CA ARG A 78 -16.89 10.40 -8.35
C ARG A 78 -16.34 10.42 -6.93
N THR A 79 -17.17 10.03 -5.96
CA THR A 79 -16.79 9.99 -4.56
C THR A 79 -15.69 8.99 -4.21
N ILE A 80 -14.84 9.35 -3.24
CA ILE A 80 -13.76 8.47 -2.77
C ILE A 80 -13.77 8.42 -1.25
N ARG A 81 -13.30 7.32 -0.69
CA ARG A 81 -13.22 7.11 0.75
C ARG A 81 -11.84 7.50 1.25
N VAL A 82 -11.76 8.00 2.48
CA VAL A 82 -10.50 8.32 3.14
C VAL A 82 -10.58 7.99 4.62
N ASN A 83 -9.64 7.16 5.10
CA ASN A 83 -9.58 6.70 6.49
C ASN A 83 -8.22 6.09 6.74
N LEU A 84 -7.90 5.76 8.00
CA LEU A 84 -6.65 5.07 8.28
C LEU A 84 -6.71 3.67 7.67
N ALA A 85 -5.56 3.05 7.45
CA ALA A 85 -5.51 1.73 6.82
C ALA A 85 -5.70 0.59 7.84
N LYS A 86 -5.78 0.91 9.13
CA LYS A 86 -5.90 -0.10 10.18
C LYS A 86 -7.33 -0.59 10.44
N PRO A 87 -8.35 0.29 10.53
CA PRO A 87 -9.69 -0.08 10.95
C PRO A 87 -10.53 -0.74 9.84
N MET A 88 -9.93 -1.13 8.71
CA MET A 88 -10.71 -1.66 7.59
C MET A 88 -9.94 -2.71 6.78
N ARG A 89 -10.66 -3.37 5.88
CA ARG A 89 -10.14 -4.37 4.96
C ARG A 89 -11.05 -4.41 3.72
N ILE A 90 -10.53 -4.87 2.57
CA ILE A 90 -11.34 -4.97 1.36
C ILE A 90 -12.45 -5.99 1.57
N LYS A 91 -13.57 -5.82 0.86
CA LYS A 91 -14.71 -6.73 0.94
C LYS A 91 -14.39 -8.10 0.32
N GLU A 92 -13.30 -8.20 -0.43
CA GLU A 92 -12.93 -9.42 -1.13
C GLU A 92 -12.22 -10.45 -0.26
N GLY A 93 -12.04 -11.63 -0.84
CA GLY A 93 -11.41 -12.76 -0.19
C GLY A 93 -9.89 -12.61 -0.20
N ALA B 1 23.19 -18.90 -6.23
CA ALA B 1 24.34 -18.01 -5.99
C ALA B 1 24.15 -17.17 -4.73
N LYS B 2 23.18 -16.24 -4.74
CA LYS B 2 22.91 -15.35 -3.62
C LYS B 2 21.44 -15.33 -3.23
N GLY B 3 20.62 -16.19 -3.86
CA GLY B 3 19.19 -16.22 -3.59
C GLY B 3 18.50 -14.97 -4.15
N ASN B 4 17.32 -14.64 -3.60
CA ASN B 4 16.56 -13.48 -4.05
C ASN B 4 17.15 -12.23 -3.39
N PHE B 5 16.99 -11.07 -4.05
CA PHE B 5 17.61 -9.82 -3.60
C PHE B 5 16.82 -8.55 -3.87
N CYS B 6 16.80 -7.63 -2.90
CA CYS B 6 16.00 -6.41 -2.98
C CYS B 6 16.63 -5.42 -3.96
N PRO B 7 15.82 -4.83 -4.87
CA PRO B 7 16.27 -3.87 -5.85
C PRO B 7 16.47 -2.48 -5.24
N LEU B 8 16.22 -2.29 -3.95
CA LEU B 8 16.30 -0.98 -3.31
C LEU B 8 17.26 -0.94 -2.12
N CYS B 9 17.82 -2.09 -1.71
CA CYS B 9 18.73 -2.15 -0.56
C CYS B 9 20.02 -2.87 -0.90
N ASP B 10 21.09 -2.57 -0.17
CA ASP B 10 22.39 -3.19 -0.39
C ASP B 10 22.47 -4.55 0.31
N LYS B 11 21.64 -4.76 1.34
CA LYS B 11 21.61 -6.01 2.10
C LYS B 11 20.92 -7.12 1.31
N CYS B 12 21.15 -8.37 1.73
CA CYS B 12 20.63 -9.54 1.04
C CYS B 12 20.03 -10.50 2.07
N TYR B 13 19.20 -11.44 1.61
CA TYR B 13 18.48 -12.36 2.47
C TYR B 13 18.42 -13.83 2.05
N ASP B 14 18.21 -14.72 3.01
CA ASP B 14 18.06 -16.15 2.76
C ASP B 14 16.61 -16.57 2.58
N ASP B 15 16.37 -17.73 1.96
CA ASP B 15 15.02 -18.25 1.78
C ASP B 15 14.34 -18.63 3.09
N ASP B 16 15.13 -18.83 4.15
CA ASP B 16 14.61 -19.17 5.47
C ASP B 16 14.30 -17.95 6.36
N ASP B 17 14.51 -16.74 5.82
CA ASP B 17 14.31 -15.50 6.55
C ASP B 17 12.84 -15.11 6.74
N TYR B 18 11.94 -16.10 6.79
CA TYR B 18 10.50 -15.87 6.91
C TYR B 18 10.01 -15.19 8.20
N GLU B 19 10.91 -14.96 9.15
CA GLU B 19 10.62 -14.23 10.36
C GLU B 19 10.68 -12.71 10.10
N SER B 20 11.24 -12.31 8.96
CA SER B 20 11.37 -10.92 8.57
C SER B 20 10.19 -10.47 7.72
N LYS B 21 9.90 -9.17 7.76
CA LYS B 21 8.80 -8.57 7.00
C LYS B 21 9.24 -8.30 5.56
N MET B 22 8.64 -8.98 4.58
CA MET B 22 8.90 -8.76 3.17
C MET B 22 7.65 -9.09 2.36
N MET B 23 7.53 -8.49 1.16
CA MET B 23 6.43 -8.73 0.25
C MET B 23 6.96 -9.29 -1.06
N GLN B 24 6.12 -9.99 -1.83
CA GLN B 24 6.54 -10.61 -3.06
C GLN B 24 5.82 -10.00 -4.26
N CYS B 25 6.55 -9.85 -5.37
CA CYS B 25 6.04 -9.30 -6.61
C CYS B 25 5.01 -10.23 -7.22
N GLY B 26 3.92 -9.68 -7.75
CA GLY B 26 2.85 -10.46 -8.35
C GLY B 26 3.13 -10.80 -9.81
N LYS B 27 4.25 -10.31 -10.37
CA LYS B 27 4.53 -10.47 -11.80
C LYS B 27 5.90 -11.12 -12.07
N CYS B 28 6.84 -11.05 -11.12
CA CYS B 28 8.13 -11.70 -11.31
C CYS B 28 8.64 -12.41 -10.05
N ASP B 29 7.78 -12.52 -9.03
CA ASP B 29 8.08 -13.21 -7.79
C ASP B 29 9.31 -12.74 -7.00
N ARG B 30 9.79 -11.52 -7.27
CA ARG B 30 10.91 -10.94 -6.54
C ARG B 30 10.45 -10.42 -5.18
N TRP B 31 11.31 -10.52 -4.16
CA TRP B 31 11.00 -10.04 -2.83
C TRP B 31 11.47 -8.61 -2.59
N VAL B 32 10.80 -7.91 -1.67
CA VAL B 32 11.13 -6.55 -1.25
C VAL B 32 10.81 -6.38 0.23
N HIS B 33 11.59 -5.58 0.95
CA HIS B 33 11.40 -5.42 2.39
C HIS B 33 10.17 -4.56 2.69
N SER B 34 9.78 -4.51 3.96
CA SER B 34 8.62 -3.75 4.42
C SER B 34 8.91 -2.26 4.55
N LYS B 35 10.17 -1.83 4.34
CA LYS B 35 10.52 -0.42 4.48
C LYS B 35 11.31 0.10 3.27
N CYS B 36 12.46 -0.50 2.97
CA CYS B 36 13.31 -0.05 1.88
C CYS B 36 13.45 1.48 1.94
N GLU B 37 13.23 2.16 0.80
CA GLU B 37 13.28 3.61 0.77
C GLU B 37 11.95 4.23 0.32
N ASN B 38 10.86 3.43 0.27
CA ASN B 38 9.56 3.91 -0.16
C ASN B 38 8.38 3.25 0.54
N LEU B 39 8.62 2.56 1.66
CA LEU B 39 7.57 1.87 2.41
C LEU B 39 7.76 2.06 3.91
N SER B 40 6.79 1.57 4.68
CA SER B 40 6.81 1.62 6.14
C SER B 40 6.06 0.42 6.71
N ASP B 41 6.33 0.10 7.98
CA ASP B 41 5.71 -1.04 8.63
C ASP B 41 4.19 -0.95 8.75
N GLU B 42 3.65 0.27 8.84
CA GLU B 42 2.21 0.46 8.90
C GLU B 42 1.58 0.24 7.52
N MET B 43 2.33 0.51 6.45
CA MET B 43 1.86 0.32 5.09
C MET B 43 2.00 -1.16 4.68
N TYR B 44 2.92 -1.87 5.32
CA TYR B 44 3.10 -3.29 5.05
C TYR B 44 2.00 -4.21 5.58
N GLU B 45 1.49 -3.91 6.78
CA GLU B 45 0.50 -4.77 7.42
C GLU B 45 -0.84 -4.72 6.69
N ILE B 46 -1.17 -3.60 6.05
CA ILE B 46 -2.42 -3.54 5.30
C ILE B 46 -2.27 -4.30 4.00
N LEU B 47 -1.10 -4.22 3.35
CA LEU B 47 -0.85 -4.94 2.11
C LEU B 47 -0.87 -6.45 2.37
N SER B 48 -0.51 -6.87 3.58
CA SER B 48 -0.55 -8.28 3.96
C SER B 48 -1.98 -8.74 4.22
N ASN B 49 -2.89 -7.80 4.48
CA ASN B 49 -4.30 -8.10 4.71
C ASN B 49 -5.17 -7.91 3.46
N LEU B 50 -4.62 -7.34 2.37
CA LEU B 50 -5.35 -7.25 1.13
C LEU B 50 -5.58 -8.65 0.55
N PRO B 51 -6.61 -8.82 -0.28
CA PRO B 51 -6.86 -10.09 -0.95
C PRO B 51 -5.69 -10.42 -1.88
N GLU B 52 -5.49 -11.72 -2.18
CA GLU B 52 -4.38 -12.15 -3.01
C GLU B 52 -4.58 -11.80 -4.49
N SER B 53 -5.78 -11.32 -4.84
CA SER B 53 -6.08 -10.88 -6.20
C SER B 53 -5.32 -9.60 -6.54
N VAL B 54 -4.85 -8.88 -5.52
CA VAL B 54 -4.04 -7.69 -5.67
C VAL B 54 -2.68 -7.86 -5.00
N ALA B 55 -1.60 -7.36 -5.61
CA ALA B 55 -0.28 -7.53 -5.03
C ALA B 55 0.71 -6.47 -5.49
N TYR B 56 1.81 -6.34 -4.73
CA TYR B 56 2.89 -5.42 -5.05
C TYR B 56 3.66 -5.74 -6.33
N THR B 57 4.36 -4.76 -6.90
CA THR B 57 5.10 -4.96 -8.14
C THR B 57 6.34 -4.07 -8.06
N CYS B 58 7.40 -4.49 -8.75
CA CYS B 58 8.66 -3.76 -8.84
C CYS B 58 8.45 -2.42 -9.55
N VAL B 59 9.52 -1.61 -9.60
CA VAL B 59 9.47 -0.30 -10.24
C VAL B 59 9.09 -0.39 -11.73
N ASN B 60 9.37 -1.53 -12.38
CA ASN B 60 9.03 -1.71 -13.78
C ASN B 60 7.83 -2.66 -13.97
N CYS B 61 7.59 -3.56 -13.01
CA CYS B 61 6.50 -4.52 -13.12
C CYS B 61 5.14 -3.83 -13.08
N THR B 62 5.09 -2.56 -12.65
CA THR B 62 3.85 -1.81 -12.61
C THR B 62 3.45 -1.16 -13.94
N GLU B 63 4.40 -1.05 -14.88
CA GLU B 63 4.18 -0.48 -16.19
C GLU B 63 4.44 -1.46 -17.32
N ARG B 64 5.25 -2.49 -17.05
CA ARG B 64 5.74 -3.43 -18.06
C ARG B 64 6.23 -4.71 -17.37
N ALA C 1 -2.19 -8.97 -0.42
CA ALA C 1 -1.07 -9.33 -1.32
C ALA C 1 -0.30 -10.52 -0.76
N ARG C 2 0.57 -11.12 -1.58
CA ARG C 2 1.43 -12.19 -1.12
C ARG C 2 2.62 -11.62 -0.37
N THR C 3 2.83 -12.09 0.87
CA THR C 3 3.92 -11.64 1.74
C THR C 3 4.49 -12.76 2.61
N GLN C 5 4.30 -12.91 5.75
CA GLN C 5 3.24 -13.12 6.73
C GLN C 5 2.07 -13.92 6.13
N THR C 6 2.03 -14.06 4.80
CA THR C 6 1.00 -14.81 4.09
C THR C 6 1.51 -16.01 3.29
N ALA C 7 2.80 -16.34 3.45
CA ALA C 7 3.44 -17.45 2.76
C ALA C 7 4.43 -18.15 3.69
N ARG C 8 4.22 -18.00 5.00
CA ARG C 8 5.04 -18.60 6.04
C ARG C 8 5.05 -20.12 5.93
N LYS C 9 6.15 -20.74 6.36
CA LYS C 9 6.35 -22.19 6.35
C LYS C 9 5.33 -22.87 7.26
N SER C 10 5.18 -24.19 7.13
CA SER C 10 4.25 -24.97 7.92
C SER C 10 4.55 -24.91 9.42
N THR C 11 5.68 -24.31 9.80
CA THR C 11 6.05 -24.11 11.20
C THR C 11 5.17 -23.14 11.99
N GLY C 12 4.25 -22.46 11.30
CA GLY C 12 3.33 -21.52 11.92
C GLY C 12 3.96 -20.16 12.16
N GLY C 13 3.21 -19.29 12.84
CA GLY C 13 3.65 -17.93 13.17
C GLY C 13 4.74 -17.93 14.22
N ALA A 1 -19.33 11.26 6.67
CA ALA A 1 -18.37 12.34 6.97
C ALA A 1 -17.10 11.78 7.62
N GLY A 2 -16.01 12.55 7.53
CA GLY A 2 -14.73 12.15 8.10
C GLY A 2 -14.72 12.28 9.62
N HIS A 3 -13.65 11.78 10.25
CA HIS A 3 -13.47 11.82 11.69
C HIS A 3 -12.00 12.06 12.04
N MET A 4 -11.73 12.25 13.33
CA MET A 4 -10.39 12.55 13.84
C MET A 4 -10.15 11.89 15.20
N ALA A 5 -11.05 10.99 15.62
CA ALA A 5 -10.97 10.34 16.92
C ALA A 5 -9.80 9.35 16.99
N THR A 6 -9.12 9.11 15.87
CA THR A 6 -7.97 8.23 15.79
C THR A 6 -6.98 8.67 14.71
N THR A 7 -5.70 8.34 14.87
CA THR A 7 -4.63 8.78 13.97
C THR A 7 -3.55 7.73 13.70
N LYS A 8 -2.85 7.90 12.57
CA LYS A 8 -1.71 7.08 12.17
C LYS A 8 -0.94 7.77 11.06
N ARG A 9 0.32 7.38 10.85
CA ARG A 9 1.17 7.94 9.79
C ARG A 9 0.67 7.57 8.39
N VAL A 10 -0.23 6.60 8.29
CA VAL A 10 -0.71 6.10 7.01
C VAL A 10 -2.23 6.03 6.96
N LEU A 11 -2.82 6.22 5.77
CA LEU A 11 -4.26 6.21 5.61
C LEU A 11 -4.64 5.65 4.23
N TYR A 12 -5.85 5.09 4.18
CA TYR A 12 -6.43 4.45 3.02
C TYR A 12 -7.31 5.33 2.13
N VAL A 13 -7.38 5.00 0.84
CA VAL A 13 -8.23 5.71 -0.11
C VAL A 13 -8.92 4.71 -1.02
N GLY A 14 -10.20 4.92 -1.35
CA GLY A 14 -10.95 3.99 -2.18
C GLY A 14 -12.04 4.71 -2.97
N GLY A 15 -12.52 4.07 -4.04
CA GLY A 15 -13.58 4.62 -4.86
C GLY A 15 -13.05 5.65 -5.86
N LEU A 16 -11.72 5.82 -5.92
CA LEU A 16 -11.08 6.76 -6.83
C LEU A 16 -11.35 6.38 -8.29
N ALA A 17 -11.15 7.34 -9.19
CA ALA A 17 -11.46 7.14 -10.61
C ALA A 17 -10.52 6.13 -11.27
N GLU A 18 -10.95 5.62 -12.42
CA GLU A 18 -10.24 4.57 -13.14
C GLU A 18 -8.97 5.09 -13.81
N GLU A 19 -8.79 6.41 -13.85
CA GLU A 19 -7.63 7.03 -14.51
C GLU A 19 -6.66 7.65 -13.49
N VAL A 20 -6.88 7.39 -12.20
CA VAL A 20 -6.02 7.92 -11.15
C VAL A 20 -4.72 7.12 -11.14
N ASP A 21 -3.61 7.84 -10.96
CA ASP A 21 -2.27 7.30 -10.82
C ASP A 21 -1.66 7.78 -9.51
N ASP A 22 -0.49 7.24 -9.13
CA ASP A 22 0.13 7.60 -7.86
C ASP A 22 0.52 9.08 -7.73
N LYS A 23 0.60 9.78 -8.86
CA LYS A 23 0.91 11.21 -8.89
C LYS A 23 -0.31 12.03 -8.50
N VAL A 24 -1.52 11.48 -8.72
CA VAL A 24 -2.75 12.18 -8.40
C VAL A 24 -2.99 12.16 -6.90
N LEU A 25 -2.72 11.02 -6.25
CA LEU A 25 -2.87 10.92 -4.80
C LEU A 25 -1.97 11.95 -4.11
N HIS A 26 -0.81 12.25 -4.68
CA HIS A 26 0.08 13.23 -4.05
C HIS A 26 -0.52 14.63 -4.15
N ALA A 27 -0.95 15.01 -5.35
CA ALA A 27 -1.49 16.35 -5.59
C ALA A 27 -2.84 16.53 -4.90
N ALA A 28 -3.55 15.44 -4.63
CA ALA A 28 -4.86 15.50 -3.99
C ALA A 28 -4.74 15.53 -2.47
N PHE A 29 -3.65 15.00 -1.92
CA PHE A 29 -3.46 14.91 -0.47
C PHE A 29 -2.41 15.82 0.16
N ILE A 30 -1.64 16.55 -0.66
CA ILE A 30 -0.57 17.41 -0.17
C ILE A 30 -1.04 18.66 0.59
N PRO A 31 -2.24 19.25 0.36
CA PRO A 31 -2.59 20.50 1.01
C PRO A 31 -2.90 20.31 2.50
N PHE A 32 -3.08 19.07 2.96
CA PHE A 32 -3.41 18.80 4.35
C PHE A 32 -2.11 18.60 5.14
N GLY A 33 -0.98 18.40 4.44
CA GLY A 33 0.32 18.21 5.07
C GLY A 33 1.27 17.48 4.13
N ASP A 34 2.56 17.51 4.45
CA ASP A 34 3.57 16.88 3.61
C ASP A 34 3.47 15.36 3.54
N ILE A 35 3.47 14.83 2.31
CA ILE A 35 3.43 13.40 2.04
C ILE A 35 4.85 12.86 1.94
N THR A 36 5.06 11.60 2.36
CA THR A 36 6.36 10.95 2.28
C THR A 36 6.40 9.65 1.46
N ASP A 37 5.24 9.03 1.22
CA ASP A 37 5.17 7.85 0.37
C ASP A 37 3.74 7.65 -0.12
N ILE A 38 3.58 6.92 -1.23
CA ILE A 38 2.30 6.58 -1.84
C ILE A 38 2.44 5.20 -2.47
N GLN A 39 1.40 4.37 -2.34
CA GLN A 39 1.42 3.01 -2.85
C GLN A 39 0.09 2.65 -3.48
N ILE A 40 0.14 1.83 -4.53
CA ILE A 40 -1.04 1.35 -5.24
C ILE A 40 -0.76 -0.09 -5.70
N PRO A 41 -1.41 -1.08 -5.09
CA PRO A 41 -1.23 -2.48 -5.43
C PRO A 41 -1.93 -2.77 -6.76
N LEU A 42 -1.34 -3.67 -7.56
CA LEU A 42 -1.83 -3.95 -8.90
C LEU A 42 -2.81 -5.12 -8.90
N ASP A 43 -3.96 -4.95 -9.57
CA ASP A 43 -4.95 -5.99 -9.76
C ASP A 43 -4.63 -6.87 -10.98
N TYR A 44 -4.52 -8.18 -10.78
CA TYR A 44 -4.10 -9.08 -11.84
C TYR A 44 -5.17 -9.56 -12.83
N GLU A 45 -6.41 -9.08 -12.67
CA GLU A 45 -7.49 -9.42 -13.59
C GLU A 45 -7.41 -8.56 -14.86
N THR A 46 -6.96 -7.30 -14.74
CA THR A 46 -6.82 -6.39 -15.87
C THR A 46 -5.57 -5.51 -15.86
N GLU A 47 -4.64 -5.79 -14.93
CA GLU A 47 -3.37 -5.08 -14.80
C GLU A 47 -3.52 -3.57 -14.59
N LYS A 48 -4.34 -3.17 -13.60
CA LYS A 48 -4.51 -1.77 -13.21
C LYS A 48 -4.76 -1.71 -11.71
N HIS A 49 -4.97 -0.52 -11.15
CA HIS A 49 -5.25 -0.41 -9.72
C HIS A 49 -6.60 -1.06 -9.40
N ARG A 50 -6.79 -1.52 -8.15
CA ARG A 50 -7.99 -2.26 -7.78
C ARG A 50 -9.11 -1.37 -7.25
N GLY A 51 -9.08 -0.08 -7.60
CA GLY A 51 -10.11 0.86 -7.16
C GLY A 51 -9.80 1.47 -5.80
N PHE A 52 -8.58 1.24 -5.29
CA PHE A 52 -8.12 1.82 -4.05
C PHE A 52 -6.62 2.10 -4.03
N ALA A 53 -6.15 2.91 -3.09
CA ALA A 53 -4.76 3.32 -3.00
C ALA A 53 -4.38 3.68 -1.56
N PHE A 54 -3.09 3.95 -1.35
CA PHE A 54 -2.54 4.32 -0.05
C PHE A 54 -1.65 5.55 -0.09
N VAL A 55 -1.54 6.25 1.03
CA VAL A 55 -0.72 7.45 1.14
C VAL A 55 -0.18 7.53 2.57
N GLU A 56 1.00 8.12 2.72
CA GLU A 56 1.67 8.22 4.01
C GLU A 56 2.15 9.65 4.27
N PHE A 57 1.91 10.13 5.48
CA PHE A 57 2.22 11.49 5.91
C PHE A 57 3.45 11.65 6.82
N GLU A 58 3.96 12.88 6.91
CA GLU A 58 5.07 13.19 7.79
C GLU A 58 4.65 13.14 9.26
N LEU A 59 3.35 13.21 9.53
CA LEU A 59 2.81 13.15 10.88
C LEU A 59 1.44 12.48 10.89
N ALA A 60 1.07 11.86 12.02
CA ALA A 60 -0.24 11.24 12.14
C ALA A 60 -1.34 12.29 12.20
N GLU A 61 -1.01 13.51 12.59
CA GLU A 61 -1.99 14.59 12.70
C GLU A 61 -2.41 15.08 11.32
N ASP A 62 -1.49 15.03 10.35
CA ASP A 62 -1.80 15.46 9.00
C ASP A 62 -2.73 14.49 8.28
N ALA A 63 -2.72 13.22 8.68
CA ALA A 63 -3.60 12.21 8.12
C ALA A 63 -5.04 12.42 8.59
N ALA A 64 -5.21 12.82 9.85
CA ALA A 64 -6.54 13.06 10.40
C ALA A 64 -7.17 14.30 9.77
N ALA A 65 -6.35 15.24 9.31
CA ALA A 65 -6.83 16.45 8.66
C ALA A 65 -7.19 16.17 7.20
N ALA A 66 -6.54 15.19 6.58
CA ALA A 66 -6.86 14.82 5.21
C ALA A 66 -8.20 14.07 5.18
N ILE A 67 -8.48 13.29 6.22
CA ILE A 67 -9.72 12.56 6.34
C ILE A 67 -10.85 13.52 6.68
N ASP A 68 -10.59 14.48 7.56
CA ASP A 68 -11.60 15.44 7.99
C ASP A 68 -12.01 16.41 6.88
N ASN A 69 -11.25 16.47 5.77
CA ASN A 69 -11.52 17.42 4.70
C ASN A 69 -11.80 16.82 3.33
N MET A 70 -11.48 15.55 3.07
CA MET A 70 -11.78 14.95 1.78
C MET A 70 -12.51 13.61 1.86
N ASN A 71 -12.84 13.13 3.06
CA ASN A 71 -13.62 11.91 3.20
C ASN A 71 -14.97 12.05 2.51
N GLU A 72 -15.39 11.02 1.78
CA GLU A 72 -16.69 10.97 1.12
C GLU A 72 -16.94 12.21 0.25
N SER A 73 -15.91 12.65 -0.48
CA SER A 73 -16.00 13.81 -1.36
C SER A 73 -15.56 13.45 -2.79
N GLU A 74 -15.97 14.25 -3.77
CA GLU A 74 -15.63 14.04 -5.17
C GLU A 74 -14.17 14.41 -5.45
N LEU A 75 -13.47 13.58 -6.22
CA LEU A 75 -12.06 13.84 -6.55
C LEU A 75 -11.86 13.98 -8.06
N PHE A 76 -12.19 12.92 -8.80
CA PHE A 76 -12.10 12.83 -10.26
C PHE A 76 -13.43 12.79 -11.01
N GLY A 77 -14.53 12.99 -10.30
CA GLY A 77 -15.86 12.95 -10.91
C GLY A 77 -16.84 12.09 -10.13
N ARG A 78 -16.36 11.41 -9.09
CA ARG A 78 -17.20 10.59 -8.22
C ARG A 78 -16.63 10.55 -6.81
N THR A 79 -17.45 10.15 -5.85
CA THR A 79 -17.05 10.06 -4.46
C THR A 79 -15.94 9.07 -4.15
N ILE A 80 -15.08 9.40 -3.19
CA ILE A 80 -14.01 8.53 -2.73
C ILE A 80 -14.02 8.45 -1.21
N ARG A 81 -13.54 7.32 -0.67
CA ARG A 81 -13.48 7.10 0.77
C ARG A 81 -12.10 7.47 1.28
N VAL A 82 -12.04 7.98 2.52
CA VAL A 82 -10.78 8.30 3.18
C VAL A 82 -10.86 7.98 4.68
N ASN A 83 -9.93 7.16 5.16
CA ASN A 83 -9.87 6.73 6.56
C ASN A 83 -8.47 6.18 6.85
N LEU A 84 -8.16 5.88 8.12
CA LEU A 84 -6.89 5.26 8.44
C LEU A 84 -6.88 3.87 7.82
N ALA A 85 -5.70 3.28 7.63
CA ALA A 85 -5.58 1.96 7.03
C ALA A 85 -5.70 0.84 8.08
N LYS A 86 -5.79 1.17 9.37
CA LYS A 86 -5.84 0.18 10.43
C LYS A 86 -7.24 -0.33 10.81
N PRO A 87 -8.34 0.42 10.62
CA PRO A 87 -9.64 0.00 11.11
C PRO A 87 -10.37 -0.97 10.17
N MET A 88 -9.84 -1.24 8.97
CA MET A 88 -10.55 -2.07 8.01
C MET A 88 -9.61 -2.72 6.99
N ARG A 89 -10.20 -3.49 6.07
CA ARG A 89 -9.53 -4.10 4.92
C ARG A 89 -10.58 -4.28 3.83
N ILE A 90 -10.19 -4.79 2.66
CA ILE A 90 -11.13 -4.98 1.55
C ILE A 90 -12.27 -5.90 1.99
N LYS A 91 -13.47 -5.68 1.45
CA LYS A 91 -14.65 -6.45 1.80
C LYS A 91 -14.55 -7.91 1.36
N GLU A 92 -13.61 -8.20 0.47
CA GLU A 92 -13.42 -9.56 -0.04
C GLU A 92 -12.58 -10.42 0.90
N GLY A 93 -12.73 -11.74 0.76
CA GLY A 93 -11.99 -12.70 1.56
C GLY A 93 -12.49 -12.72 3.01
N ALA B 1 20.91 -17.01 -9.44
CA ALA B 1 22.27 -17.06 -8.86
C ALA B 1 22.34 -18.12 -7.76
N LYS B 2 23.54 -18.32 -7.20
CA LYS B 2 23.80 -19.29 -6.16
C LYS B 2 23.10 -18.92 -4.84
N GLY B 3 22.67 -17.66 -4.71
CA GLY B 3 21.98 -17.19 -3.52
C GLY B 3 21.00 -16.07 -3.86
N ASN B 4 20.14 -15.71 -2.91
CA ASN B 4 19.12 -14.69 -3.09
C ASN B 4 19.72 -13.29 -2.96
N PHE B 5 19.13 -12.30 -3.65
CA PHE B 5 19.56 -10.91 -3.58
C PHE B 5 18.47 -9.89 -3.87
N CYS B 6 18.40 -8.81 -3.08
CA CYS B 6 17.37 -7.79 -3.23
C CYS B 6 17.74 -6.81 -4.36
N PRO B 7 16.76 -6.43 -5.18
CA PRO B 7 16.96 -5.56 -6.33
C PRO B 7 17.06 -4.07 -5.96
N LEU B 8 16.87 -3.73 -4.68
CA LEU B 8 16.81 -2.32 -4.28
C LEU B 8 17.71 -2.00 -3.08
N CYS B 9 18.26 -3.01 -2.40
CA CYS B 9 19.22 -2.76 -1.34
C CYS B 9 20.19 -3.94 -1.19
N ASP B 10 21.27 -3.73 -0.43
CA ASP B 10 22.34 -4.72 -0.29
C ASP B 10 22.03 -5.94 0.56
N LYS B 11 20.82 -6.01 1.15
CA LYS B 11 20.43 -7.13 1.98
C LYS B 11 20.02 -8.36 1.15
N CYS B 12 19.87 -9.50 1.82
CA CYS B 12 19.54 -10.77 1.19
C CYS B 12 18.68 -11.62 2.12
N TYR B 13 18.24 -12.79 1.64
CA TYR B 13 17.33 -13.65 2.40
C TYR B 13 17.54 -15.16 2.22
N ASP B 14 16.84 -15.96 3.03
CA ASP B 14 16.89 -17.41 2.96
C ASP B 14 15.50 -17.92 3.32
N ASP B 15 15.23 -19.21 3.12
CA ASP B 15 13.91 -19.77 3.33
C ASP B 15 13.45 -19.82 4.80
N ASP B 16 14.37 -19.61 5.75
CA ASP B 16 14.04 -19.55 7.17
C ASP B 16 13.70 -18.15 7.67
N ASP B 17 13.79 -17.15 6.79
CA ASP B 17 13.56 -15.75 7.12
C ASP B 17 12.10 -15.34 7.29
N TYR B 18 11.25 -16.25 7.77
CA TYR B 18 9.84 -15.97 7.97
C TYR B 18 9.49 -14.84 8.94
N GLU B 19 10.48 -14.34 9.67
CA GLU B 19 10.31 -13.23 10.59
C GLU B 19 10.62 -11.90 9.91
N SER B 20 11.15 -11.93 8.68
CA SER B 20 11.52 -10.74 7.94
C SER B 20 10.30 -10.03 7.36
N LYS B 21 10.44 -8.73 7.07
CA LYS B 21 9.38 -7.93 6.49
C LYS B 21 9.71 -7.62 5.03
N MET B 22 9.01 -8.29 4.11
CA MET B 22 9.23 -8.09 2.69
C MET B 22 8.00 -8.57 1.89
N MET B 23 7.87 -8.07 0.66
CA MET B 23 6.77 -8.42 -0.22
C MET B 23 7.32 -8.96 -1.53
N GLN B 24 6.53 -9.81 -2.20
CA GLN B 24 6.95 -10.40 -3.46
C GLN B 24 6.29 -9.68 -4.63
N CYS B 25 7.06 -9.43 -5.70
CA CYS B 25 6.55 -8.79 -6.89
C CYS B 25 5.54 -9.73 -7.56
N GLY B 26 4.37 -9.20 -7.94
CA GLY B 26 3.30 -10.01 -8.49
C GLY B 26 3.49 -10.34 -9.96
N LYS B 27 4.57 -9.82 -10.59
CA LYS B 27 4.75 -9.96 -12.03
C LYS B 27 6.12 -10.55 -12.41
N CYS B 28 7.08 -10.57 -11.48
CA CYS B 28 8.38 -11.21 -11.74
C CYS B 28 8.89 -12.00 -10.53
N ASP B 29 8.04 -12.17 -9.52
CA ASP B 29 8.33 -12.97 -8.33
C ASP B 29 9.56 -12.57 -7.52
N ARG B 30 10.05 -11.34 -7.69
CA ARG B 30 11.22 -10.85 -6.98
C ARG B 30 10.82 -10.25 -5.63
N TRP B 31 11.58 -10.53 -4.57
CA TRP B 31 11.29 -10.00 -3.24
C TRP B 31 11.90 -8.62 -3.01
N VAL B 32 11.27 -7.82 -2.15
CA VAL B 32 11.74 -6.48 -1.79
C VAL B 32 11.39 -6.23 -0.33
N HIS B 33 12.33 -5.70 0.45
CA HIS B 33 12.13 -5.44 1.88
C HIS B 33 11.28 -4.19 2.09
N SER B 34 10.81 -3.99 3.33
CA SER B 34 10.00 -2.83 3.68
C SER B 34 10.83 -1.56 3.87
N LYS B 35 12.12 -1.58 3.52
CA LYS B 35 13.01 -0.44 3.75
C LYS B 35 13.81 0.00 2.52
N CYS B 36 13.77 -0.76 1.42
CA CYS B 36 14.50 -0.40 0.21
C CYS B 36 13.82 0.77 -0.49
N GLU B 37 12.54 0.98 -0.14
CA GLU B 37 11.70 2.05 -0.66
C GLU B 37 11.24 2.93 0.51
N ASN B 38 10.50 4.01 0.23
CA ASN B 38 9.96 4.90 1.25
C ASN B 38 8.88 4.21 2.12
N LEU B 39 8.75 2.89 1.99
CA LEU B 39 7.81 2.09 2.74
C LEU B 39 8.04 2.19 4.24
N SER B 40 7.05 1.73 5.01
CA SER B 40 7.08 1.78 6.46
C SER B 40 6.27 0.61 7.03
N ASP B 41 6.52 0.26 8.29
CA ASP B 41 5.84 -0.84 8.94
C ASP B 41 4.31 -0.72 8.94
N GLU B 42 3.80 0.52 8.90
CA GLU B 42 2.35 0.72 8.89
C GLU B 42 1.77 0.46 7.51
N MET B 43 2.58 0.70 6.46
CA MET B 43 2.17 0.46 5.09
C MET B 43 2.28 -1.03 4.75
N TYR B 44 3.21 -1.72 5.39
CA TYR B 44 3.42 -3.15 5.16
C TYR B 44 2.38 -4.08 5.77
N GLU B 45 1.84 -3.70 6.93
CA GLU B 45 0.86 -4.51 7.64
C GLU B 45 -0.54 -4.40 7.04
N ILE B 46 -0.80 -3.42 6.17
CA ILE B 46 -2.11 -3.38 5.50
C ILE B 46 -2.04 -4.13 4.18
N LEU B 47 -0.90 -4.08 3.49
CA LEU B 47 -0.71 -4.80 2.25
C LEU B 47 -0.75 -6.30 2.48
N SER B 48 -0.45 -6.76 3.70
CA SER B 48 -0.50 -8.18 4.04
C SER B 48 -1.93 -8.64 4.31
N ASN B 49 -2.87 -7.69 4.50
CA ASN B 49 -4.27 -8.01 4.76
C ASN B 49 -5.14 -7.84 3.52
N LEU B 50 -4.57 -7.36 2.41
CA LEU B 50 -5.27 -7.29 1.14
C LEU B 50 -5.40 -8.69 0.55
N PRO B 51 -6.41 -8.93 -0.29
CA PRO B 51 -6.62 -10.21 -0.96
C PRO B 51 -5.44 -10.48 -1.91
N GLU B 52 -5.18 -11.76 -2.20
CA GLU B 52 -4.05 -12.16 -3.01
C GLU B 52 -4.26 -11.83 -4.49
N SER B 53 -5.47 -11.42 -4.86
CA SER B 53 -5.78 -10.99 -6.22
C SER B 53 -5.12 -9.65 -6.53
N VAL B 54 -4.66 -8.94 -5.49
CA VAL B 54 -3.91 -7.71 -5.64
C VAL B 54 -2.51 -7.84 -5.05
N ALA B 55 -1.49 -7.28 -5.71
CA ALA B 55 -0.14 -7.42 -5.22
C ALA B 55 0.79 -6.29 -5.66
N TYR B 56 1.86 -6.11 -4.89
CA TYR B 56 2.92 -5.16 -5.17
C TYR B 56 3.76 -5.45 -6.41
N THR B 57 4.35 -4.43 -7.03
CA THR B 57 5.27 -4.60 -8.14
C THR B 57 6.55 -3.78 -8.04
N CYS B 58 7.66 -4.38 -8.48
CA CYS B 58 8.95 -3.70 -8.50
C CYS B 58 8.98 -2.61 -9.57
N VAL B 59 10.04 -1.82 -9.60
CA VAL B 59 10.15 -0.63 -10.44
C VAL B 59 9.99 -0.87 -11.93
N ASN B 60 10.34 -2.06 -12.42
CA ASN B 60 10.29 -2.35 -13.85
C ASN B 60 8.92 -2.89 -14.27
N CYS B 61 8.22 -3.58 -13.37
CA CYS B 61 6.97 -4.25 -13.70
C CYS B 61 5.82 -3.28 -13.96
N THR B 62 6.04 -1.97 -13.78
CA THR B 62 5.02 -0.97 -14.10
C THR B 62 5.03 -0.48 -15.55
N GLU B 63 6.17 -0.65 -16.24
CA GLU B 63 6.29 -0.28 -17.65
C GLU B 63 6.66 -1.48 -18.53
N ARG B 64 7.22 -2.53 -17.93
CA ARG B 64 7.72 -3.70 -18.66
C ARG B 64 7.78 -4.90 -17.71
N ALA C 1 -1.94 -8.81 -0.36
CA ALA C 1 -0.89 -9.14 -1.33
C ALA C 1 0.00 -10.25 -0.79
N ARG C 2 0.89 -10.79 -1.63
CA ARG C 2 1.83 -11.81 -1.19
C ARG C 2 2.97 -11.17 -0.39
N THR C 3 3.18 -11.63 0.84
CA THR C 3 4.24 -11.15 1.71
C THR C 3 4.92 -12.26 2.52
N GLN C 5 5.08 -12.45 5.66
CA GLN C 5 4.16 -12.74 6.75
C GLN C 5 3.01 -13.65 6.30
N THR C 6 2.61 -13.56 5.02
CA THR C 6 1.55 -14.40 4.46
C THR C 6 2.03 -15.66 3.75
N ALA C 7 3.33 -15.77 3.49
CA ALA C 7 3.92 -16.93 2.84
C ALA C 7 4.16 -18.07 3.82
N ARG C 8 3.86 -17.86 5.11
CA ARG C 8 4.06 -18.86 6.15
C ARG C 8 3.14 -20.06 5.94
N LYS C 9 3.53 -21.21 6.51
CA LYS C 9 2.78 -22.45 6.40
C LYS C 9 1.43 -22.30 7.12
N SER C 10 0.38 -22.93 6.58
CA SER C 10 -0.96 -22.87 7.14
C SER C 10 -1.02 -23.62 8.48
N THR C 11 -1.96 -23.23 9.34
CA THR C 11 -2.15 -23.83 10.65
C THR C 11 -2.53 -25.31 10.65
N GLY C 12 -2.12 -26.05 11.69
CA GLY C 12 -2.44 -27.45 11.83
C GLY C 12 -3.90 -27.67 12.22
N GLY C 13 -4.34 -28.93 12.20
CA GLY C 13 -5.71 -29.30 12.53
C GLY C 13 -6.68 -28.83 11.46
N ALA A 1 -11.22 18.50 24.40
CA ALA A 1 -11.41 17.03 24.26
C ALA A 1 -10.55 16.49 23.12
N GLY A 2 -10.37 15.16 23.10
CA GLY A 2 -9.60 14.50 22.06
C GLY A 2 -10.36 14.42 20.74
N HIS A 3 -9.72 13.86 19.71
CA HIS A 3 -10.33 13.72 18.40
C HIS A 3 -11.49 12.72 18.43
N MET A 4 -12.43 12.85 17.50
CA MET A 4 -13.58 11.97 17.40
C MET A 4 -13.22 10.60 16.85
N ALA A 5 -11.97 10.43 16.39
CA ALA A 5 -11.47 9.17 15.88
C ALA A 5 -9.95 9.11 16.00
N THR A 6 -9.38 7.91 15.85
CA THR A 6 -7.94 7.70 15.91
C THR A 6 -7.17 8.35 14.77
N THR A 7 -5.85 8.50 14.95
CA THR A 7 -4.96 9.09 13.95
C THR A 7 -3.66 8.34 13.75
N LYS A 8 -3.16 8.33 12.51
CA LYS A 8 -1.91 7.65 12.16
C LYS A 8 -1.41 8.21 10.83
N ARG A 9 -0.09 8.17 10.61
CA ARG A 9 0.53 8.75 9.42
C ARG A 9 0.08 8.07 8.13
N VAL A 10 -0.20 6.78 8.16
CA VAL A 10 -0.65 6.05 6.98
C VAL A 10 -2.17 6.02 6.94
N LEU A 11 -2.75 6.24 5.75
CA LEU A 11 -4.18 6.23 5.57
C LEU A 11 -4.55 5.68 4.20
N TYR A 12 -5.76 5.13 4.12
CA TYR A 12 -6.33 4.50 2.95
C TYR A 12 -7.22 5.38 2.07
N VAL A 13 -7.27 5.06 0.78
CA VAL A 13 -8.13 5.75 -0.18
C VAL A 13 -8.77 4.73 -1.10
N GLY A 14 -10.07 4.87 -1.38
CA GLY A 14 -10.77 3.91 -2.22
C GLY A 14 -11.89 4.57 -3.03
N GLY A 15 -12.33 3.91 -4.09
CA GLY A 15 -13.40 4.41 -4.94
C GLY A 15 -12.89 5.45 -5.95
N LEU A 16 -11.57 5.67 -5.97
CA LEU A 16 -10.94 6.61 -6.87
C LEU A 16 -11.12 6.15 -8.33
N ALA A 17 -10.93 7.09 -9.27
CA ALA A 17 -11.14 6.82 -10.68
C ALA A 17 -10.10 5.86 -11.25
N GLU A 18 -10.42 5.26 -12.40
CA GLU A 18 -9.58 4.26 -13.02
C GLU A 18 -8.32 4.85 -13.64
N GLU A 19 -8.30 6.17 -13.89
CA GLU A 19 -7.17 6.84 -14.53
C GLU A 19 -6.22 7.45 -13.50
N VAL A 20 -6.46 7.22 -12.21
CA VAL A 20 -5.63 7.77 -11.15
C VAL A 20 -4.30 7.03 -11.12
N ASP A 21 -3.23 7.79 -10.91
CA ASP A 21 -1.86 7.31 -10.72
C ASP A 21 -1.33 7.85 -9.40
N ASP A 22 -0.16 7.37 -8.96
CA ASP A 22 0.41 7.79 -7.68
C ASP A 22 0.71 9.28 -7.57
N LYS A 23 0.77 9.98 -8.71
CA LYS A 23 1.01 11.41 -8.74
C LYS A 23 -0.26 12.19 -8.37
N VAL A 24 -1.43 11.58 -8.55
CA VAL A 24 -2.70 12.22 -8.23
C VAL A 24 -2.90 12.21 -6.73
N LEU A 25 -2.59 11.09 -6.08
CA LEU A 25 -2.73 10.98 -4.63
C LEU A 25 -1.84 12.03 -3.94
N HIS A 26 -0.66 12.32 -4.50
CA HIS A 26 0.21 13.31 -3.89
C HIS A 26 -0.38 14.71 -4.04
N ALA A 27 -0.81 15.07 -5.25
CA ALA A 27 -1.32 16.41 -5.51
C ALA A 27 -2.68 16.62 -4.85
N ALA A 28 -3.42 15.55 -4.58
CA ALA A 28 -4.72 15.63 -3.96
C ALA A 28 -4.61 15.74 -2.43
N PHE A 29 -3.56 15.14 -1.85
CA PHE A 29 -3.42 15.06 -0.40
C PHE A 29 -2.36 15.96 0.25
N ILE A 30 -1.58 16.68 -0.54
CA ILE A 30 -0.50 17.52 -0.03
C ILE A 30 -0.96 18.79 0.73
N PRO A 31 -2.15 19.39 0.47
CA PRO A 31 -2.50 20.64 1.10
C PRO A 31 -2.84 20.48 2.59
N PHE A 32 -3.02 19.24 3.06
CA PHE A 32 -3.39 18.97 4.44
C PHE A 32 -2.12 18.77 5.27
N GLY A 33 -0.98 18.57 4.60
CA GLY A 33 0.30 18.37 5.27
C GLY A 33 1.28 17.63 4.34
N ASP A 34 2.57 17.66 4.69
CA ASP A 34 3.59 17.03 3.86
C ASP A 34 3.44 15.51 3.75
N ILE A 35 3.50 15.01 2.52
CA ILE A 35 3.44 13.58 2.23
C ILE A 35 4.87 13.03 2.19
N THR A 36 5.04 11.76 2.57
CA THR A 36 6.35 11.11 2.57
C THR A 36 6.45 9.81 1.81
N ASP A 37 5.32 9.16 1.51
CA ASP A 37 5.32 7.96 0.68
C ASP A 37 3.91 7.73 0.14
N ILE A 38 3.81 7.01 -0.97
CA ILE A 38 2.55 6.65 -1.61
C ILE A 38 2.70 5.26 -2.24
N GLN A 39 1.66 4.44 -2.17
CA GLN A 39 1.68 3.09 -2.71
C GLN A 39 0.35 2.72 -3.35
N ILE A 40 0.41 1.90 -4.39
CA ILE A 40 -0.77 1.43 -5.11
C ILE A 40 -0.52 0.00 -5.58
N PRO A 41 -1.21 -0.99 -5.00
CA PRO A 41 -1.03 -2.39 -5.36
C PRO A 41 -1.72 -2.67 -6.71
N LEU A 42 -1.21 -3.67 -7.44
CA LEU A 42 -1.69 -3.96 -8.79
C LEU A 42 -2.69 -5.10 -8.81
N ASP A 43 -3.81 -4.90 -9.50
CA ASP A 43 -4.83 -5.93 -9.72
C ASP A 43 -4.53 -6.77 -10.95
N TYR A 44 -4.44 -8.10 -10.79
CA TYR A 44 -4.05 -8.98 -11.87
C TYR A 44 -5.13 -9.38 -12.86
N GLU A 45 -6.36 -8.89 -12.68
CA GLU A 45 -7.45 -9.17 -13.60
C GLU A 45 -7.38 -8.29 -14.84
N THR A 46 -6.93 -7.03 -14.69
CA THR A 46 -6.81 -6.09 -15.79
C THR A 46 -5.54 -5.23 -15.80
N GLU A 47 -4.60 -5.57 -14.91
CA GLU A 47 -3.30 -4.91 -14.80
C GLU A 47 -3.38 -3.41 -14.54
N LYS A 48 -4.18 -3.01 -13.54
CA LYS A 48 -4.26 -1.63 -13.08
C LYS A 48 -4.51 -1.64 -11.57
N HIS A 49 -4.65 -0.47 -10.93
CA HIS A 49 -4.93 -0.43 -9.50
C HIS A 49 -6.31 -1.03 -9.21
N ARG A 50 -6.49 -1.61 -8.02
CA ARG A 50 -7.73 -2.32 -7.70
C ARG A 50 -8.84 -1.39 -7.23
N GLY A 51 -8.78 -0.11 -7.59
CA GLY A 51 -9.79 0.86 -7.20
C GLY A 51 -9.49 1.50 -5.85
N PHE A 52 -8.29 1.25 -5.32
CA PHE A 52 -7.85 1.85 -4.06
C PHE A 52 -6.34 2.14 -4.03
N ALA A 53 -5.91 2.93 -3.06
CA ALA A 53 -4.53 3.36 -2.94
C ALA A 53 -4.17 3.69 -1.49
N PHE A 54 -2.89 3.94 -1.24
CA PHE A 54 -2.37 4.28 0.08
C PHE A 54 -1.45 5.49 0.05
N VAL A 55 -1.39 6.24 1.15
CA VAL A 55 -0.56 7.43 1.27
C VAL A 55 -0.05 7.52 2.70
N GLU A 56 1.08 8.23 2.88
CA GLU A 56 1.70 8.41 4.18
C GLU A 56 2.08 9.87 4.41
N PHE A 57 1.81 10.37 5.62
CA PHE A 57 2.10 11.72 6.05
C PHE A 57 3.31 11.90 6.96
N GLU A 58 3.83 13.13 7.04
CA GLU A 58 4.97 13.45 7.89
C GLU A 58 4.56 13.51 9.36
N LEU A 59 3.25 13.62 9.64
CA LEU A 59 2.69 13.64 10.99
C LEU A 59 1.39 12.86 11.02
N ALA A 60 1.08 12.25 12.17
CA ALA A 60 -0.14 11.47 12.32
C ALA A 60 -1.37 12.37 12.34
N GLU A 61 -1.20 13.64 12.73
CA GLU A 61 -2.31 14.60 12.81
C GLU A 61 -2.70 15.12 11.44
N ASP A 62 -1.75 15.13 10.49
CA ASP A 62 -2.02 15.62 9.15
C ASP A 62 -2.89 14.67 8.34
N ALA A 63 -2.88 13.39 8.70
CA ALA A 63 -3.72 12.38 8.06
C ALA A 63 -5.17 12.54 8.51
N ALA A 64 -5.38 12.94 9.77
CA ALA A 64 -6.72 13.15 10.28
C ALA A 64 -7.38 14.33 9.57
N ALA A 65 -6.59 15.31 9.14
CA ALA A 65 -7.11 16.46 8.41
C ALA A 65 -7.39 16.10 6.95
N ALA A 66 -6.63 15.15 6.39
CA ALA A 66 -6.86 14.72 5.03
C ALA A 66 -8.16 13.90 4.94
N ILE A 67 -8.47 13.18 6.01
CA ILE A 67 -9.71 12.42 6.12
C ILE A 67 -10.89 13.37 6.31
N ASP A 68 -10.75 14.31 7.26
CA ASP A 68 -11.81 15.24 7.61
C ASP A 68 -12.13 16.30 6.55
N ASN A 69 -11.41 16.29 5.43
CA ASN A 69 -11.65 17.22 4.33
C ASN A 69 -11.89 16.56 2.98
N MET A 70 -11.63 15.25 2.84
CA MET A 70 -11.88 14.57 1.56
C MET A 70 -12.69 13.28 1.71
N ASN A 71 -12.99 12.84 2.94
CA ASN A 71 -13.78 11.63 3.13
C ASN A 71 -15.13 11.77 2.43
N GLU A 72 -15.52 10.75 1.67
CA GLU A 72 -16.78 10.72 0.95
C GLU A 72 -16.98 11.96 0.07
N SER A 73 -15.93 12.37 -0.65
CA SER A 73 -15.98 13.54 -1.53
C SER A 73 -15.54 13.15 -2.95
N GLU A 74 -15.92 13.97 -3.93
CA GLU A 74 -15.58 13.76 -5.33
C GLU A 74 -14.14 14.17 -5.63
N LEU A 75 -13.39 13.35 -6.38
CA LEU A 75 -12.01 13.68 -6.75
C LEU A 75 -11.83 13.75 -8.27
N PHE A 76 -12.10 12.63 -8.96
CA PHE A 76 -11.97 12.50 -10.40
C PHE A 76 -13.29 12.43 -11.17
N GLY A 77 -14.40 12.70 -10.49
CA GLY A 77 -15.72 12.64 -11.10
C GLY A 77 -16.66 11.71 -10.34
N ARG A 78 -16.19 11.11 -9.25
CA ARG A 78 -17.00 10.23 -8.43
C ARG A 78 -16.49 10.24 -7.00
N THR A 79 -17.34 9.84 -6.06
CA THR A 79 -16.99 9.79 -4.65
C THR A 79 -15.89 8.81 -4.27
N ILE A 80 -14.99 9.22 -3.38
CA ILE A 80 -13.92 8.36 -2.89
C ILE A 80 -13.95 8.33 -1.37
N ARG A 81 -13.44 7.24 -0.79
CA ARG A 81 -13.36 7.05 0.65
C ARG A 81 -11.99 7.45 1.15
N VAL A 82 -11.93 7.98 2.37
CA VAL A 82 -10.69 8.31 3.05
C VAL A 82 -10.79 7.99 4.53
N ASN A 83 -9.86 7.18 5.05
CA ASN A 83 -9.83 6.73 6.43
C ASN A 83 -8.45 6.14 6.73
N LEU A 84 -8.17 5.80 8.00
CA LEU A 84 -6.91 5.16 8.33
C LEU A 84 -6.93 3.76 7.70
N ALA A 85 -5.76 3.16 7.50
CA ALA A 85 -5.67 1.86 6.84
C ALA A 85 -5.91 0.69 7.80
N LYS A 86 -5.88 0.92 9.11
CA LYS A 86 -6.00 -0.16 10.09
C LYS A 86 -7.42 -0.51 10.57
N PRO A 87 -8.38 0.42 10.64
CA PRO A 87 -9.71 0.14 11.18
C PRO A 87 -10.60 -0.59 10.17
N MET A 88 -10.12 -0.88 8.96
CA MET A 88 -10.93 -1.51 7.93
C MET A 88 -10.07 -2.27 6.93
N ARG A 89 -10.71 -3.01 6.03
CA ARG A 89 -10.07 -3.74 4.94
C ARG A 89 -11.07 -3.85 3.79
N ILE A 90 -10.66 -4.49 2.69
CA ILE A 90 -11.51 -4.58 1.49
C ILE A 90 -12.86 -5.25 1.84
N LYS A 91 -13.91 -4.84 1.11
CA LYS A 91 -15.29 -5.26 1.36
C LYS A 91 -15.55 -6.75 1.12
N GLU A 92 -14.50 -7.55 0.91
CA GLU A 92 -14.63 -8.97 0.67
C GLU A 92 -13.53 -9.76 1.40
N GLY A 93 -12.70 -9.06 2.18
CA GLY A 93 -11.62 -9.67 2.94
C GLY A 93 -10.64 -10.40 2.05
N ALA B 1 19.50 -17.38 0.06
CA ALA B 1 18.33 -17.84 -0.71
C ALA B 1 18.74 -18.89 -1.75
N LYS B 2 17.76 -19.53 -2.38
CA LYS B 2 17.98 -20.54 -3.41
C LYS B 2 18.63 -19.94 -4.66
N GLY B 3 18.47 -18.62 -4.87
CA GLY B 3 19.06 -17.94 -6.02
C GLY B 3 18.39 -16.59 -6.29
N ASN B 4 17.26 -16.32 -5.63
CA ASN B 4 16.53 -15.07 -5.78
C ASN B 4 17.22 -13.99 -4.95
N PHE B 5 17.10 -12.73 -5.36
CA PHE B 5 17.75 -11.60 -4.70
C PHE B 5 17.03 -10.25 -4.85
N CYS B 6 17.17 -9.35 -3.88
CA CYS B 6 16.49 -8.07 -3.89
C CYS B 6 17.05 -7.17 -5.00
N PRO B 7 16.17 -6.67 -5.89
CA PRO B 7 16.54 -5.81 -7.00
C PRO B 7 16.67 -4.34 -6.58
N LEU B 8 16.48 -4.01 -5.30
CA LEU B 8 16.45 -2.61 -4.87
C LEU B 8 17.49 -2.30 -3.79
N CYS B 9 18.10 -3.30 -3.15
CA CYS B 9 19.17 -3.04 -2.20
C CYS B 9 20.12 -4.24 -2.08
N ASP B 10 21.27 -4.02 -1.43
CA ASP B 10 22.32 -5.02 -1.29
C ASP B 10 22.02 -6.11 -0.26
N LYS B 11 20.91 -5.97 0.49
CA LYS B 11 20.57 -6.93 1.54
C LYS B 11 20.20 -8.29 0.95
N CYS B 12 20.58 -9.36 1.66
CA CYS B 12 20.32 -10.73 1.24
C CYS B 12 19.42 -11.41 2.27
N TYR B 13 18.84 -12.55 1.92
CA TYR B 13 17.92 -13.27 2.79
C TYR B 13 18.08 -14.78 2.81
N ASP B 14 17.74 -15.40 3.95
CA ASP B 14 17.78 -16.85 4.12
C ASP B 14 16.41 -17.51 3.96
N ASP B 15 16.38 -18.73 3.42
CA ASP B 15 15.14 -19.46 3.24
C ASP B 15 14.56 -20.02 4.54
N ASP B 16 15.36 -20.02 5.61
CA ASP B 16 14.97 -20.53 6.91
C ASP B 16 14.23 -19.52 7.79
N ASP B 17 13.93 -18.34 7.26
CA ASP B 17 13.30 -17.27 8.01
C ASP B 17 12.21 -16.49 7.26
N TYR B 18 11.06 -16.30 7.94
CA TYR B 18 9.91 -15.60 7.39
C TYR B 18 9.42 -14.39 8.20
N GLU B 19 10.15 -14.07 9.28
CA GLU B 19 9.80 -13.03 10.21
C GLU B 19 10.16 -11.64 9.67
N SER B 20 11.03 -11.59 8.65
CA SER B 20 11.48 -10.34 8.08
C SER B 20 10.37 -9.64 7.30
N LYS B 21 10.37 -8.30 7.33
CA LYS B 21 9.38 -7.48 6.64
C LYS B 21 9.72 -7.43 5.16
N MET B 22 9.05 -8.25 4.35
CA MET B 22 9.31 -8.34 2.92
C MET B 22 8.05 -8.65 2.13
N MET B 23 8.06 -8.32 0.84
CA MET B 23 6.97 -8.60 -0.09
C MET B 23 7.53 -9.20 -1.37
N GLN B 24 6.67 -9.82 -2.17
CA GLN B 24 7.10 -10.45 -3.41
C GLN B 24 6.34 -9.88 -4.60
N CYS B 25 7.05 -9.68 -5.71
CA CYS B 25 6.47 -9.16 -6.94
C CYS B 25 5.51 -10.17 -7.54
N GLY B 26 4.35 -9.71 -8.01
CA GLY B 26 3.34 -10.58 -8.60
C GLY B 26 3.58 -10.77 -10.10
N LYS B 27 4.63 -10.15 -10.66
CA LYS B 27 4.87 -10.17 -12.09
C LYS B 27 6.25 -10.72 -12.46
N CYS B 28 7.22 -10.70 -11.53
CA CYS B 28 8.53 -11.28 -11.81
C CYS B 28 9.11 -12.03 -10.61
N ASP B 29 8.29 -12.25 -9.58
CA ASP B 29 8.63 -13.03 -8.39
C ASP B 29 9.87 -12.62 -7.60
N ARG B 30 10.35 -11.38 -7.77
CA ARG B 30 11.47 -10.87 -6.98
C ARG B 30 10.98 -10.40 -5.62
N TRP B 31 11.81 -10.59 -4.59
CA TRP B 31 11.50 -10.11 -3.25
C TRP B 31 12.01 -8.69 -3.00
N VAL B 32 11.38 -7.98 -2.07
CA VAL B 32 11.76 -6.63 -1.71
C VAL B 32 11.57 -6.46 -0.22
N HIS B 33 12.48 -5.70 0.42
CA HIS B 33 12.45 -5.48 1.86
C HIS B 33 11.71 -4.18 2.17
N SER B 34 11.37 -3.97 3.44
CA SER B 34 10.74 -2.72 3.86
C SER B 34 11.74 -1.56 3.91
N LYS B 35 13.03 -1.85 3.70
CA LYS B 35 14.08 -0.85 3.81
C LYS B 35 14.49 -0.27 2.45
N CYS B 36 14.30 -1.01 1.36
CA CYS B 36 14.69 -0.55 0.03
C CYS B 36 13.74 0.54 -0.48
N GLU B 37 12.56 0.65 0.15
CA GLU B 37 11.56 1.65 -0.15
C GLU B 37 11.25 2.52 1.07
N ASN B 38 10.48 3.59 0.87
CA ASN B 38 10.09 4.52 1.93
C ASN B 38 8.98 3.94 2.81
N LEU B 39 8.76 2.62 2.71
CA LEU B 39 7.70 1.92 3.42
C LEU B 39 7.83 2.05 4.94
N SER B 40 6.73 1.74 5.64
CA SER B 40 6.64 1.81 7.09
C SER B 40 5.72 0.72 7.60
N ASP B 41 5.83 0.37 8.88
CA ASP B 41 5.05 -0.72 9.46
C ASP B 41 3.54 -0.55 9.29
N GLU B 42 3.07 0.69 9.33
CA GLU B 42 1.65 0.97 9.21
C GLU B 42 1.15 0.78 7.77
N MET B 43 2.07 0.82 6.81
CA MET B 43 1.76 0.64 5.40
C MET B 43 2.06 -0.78 4.93
N TYR B 44 2.95 -1.49 5.63
CA TYR B 44 3.26 -2.88 5.32
C TYR B 44 2.28 -3.89 5.89
N GLU B 45 1.76 -3.61 7.08
CA GLU B 45 0.81 -4.48 7.78
C GLU B 45 -0.58 -4.46 7.14
N ILE B 46 -0.87 -3.50 6.26
CA ILE B 46 -2.15 -3.51 5.56
C ILE B 46 -2.02 -4.30 4.26
N LEU B 47 -0.87 -4.21 3.60
CA LEU B 47 -0.63 -4.94 2.35
C LEU B 47 -0.63 -6.45 2.61
N SER B 48 -0.31 -6.87 3.84
CA SER B 48 -0.32 -8.29 4.20
C SER B 48 -1.73 -8.78 4.53
N ASN B 49 -2.73 -7.89 4.46
CA ASN B 49 -4.12 -8.24 4.75
C ASN B 49 -5.04 -7.98 3.56
N LEU B 50 -4.51 -7.46 2.45
CA LEU B 50 -5.26 -7.33 1.21
C LEU B 50 -5.41 -8.72 0.59
N PRO B 51 -6.43 -8.93 -0.26
CA PRO B 51 -6.63 -10.18 -0.97
C PRO B 51 -5.45 -10.44 -1.91
N GLU B 52 -5.18 -11.71 -2.21
CA GLU B 52 -4.05 -12.09 -3.05
C GLU B 52 -4.29 -11.76 -4.52
N SER B 53 -5.51 -11.33 -4.87
CA SER B 53 -5.83 -10.86 -6.21
C SER B 53 -5.13 -9.54 -6.50
N VAL B 54 -4.59 -8.90 -5.46
CA VAL B 54 -3.80 -7.69 -5.57
C VAL B 54 -2.40 -7.88 -5.00
N ALA B 55 -1.37 -7.31 -5.62
CA ALA B 55 -0.01 -7.46 -5.11
C ALA B 55 0.90 -6.33 -5.52
N TYR B 56 1.99 -6.17 -4.77
CA TYR B 56 3.03 -5.19 -5.03
C TYR B 56 3.93 -5.52 -6.21
N THR B 57 4.50 -4.50 -6.86
CA THR B 57 5.39 -4.69 -8.00
C THR B 57 6.63 -3.78 -8.02
N CYS B 58 7.62 -4.17 -8.82
CA CYS B 58 8.85 -3.41 -8.98
C CYS B 58 8.59 -2.05 -9.64
N VAL B 59 9.64 -1.23 -9.71
CA VAL B 59 9.58 0.11 -10.28
C VAL B 59 9.13 0.11 -11.75
N ASN B 60 9.34 -0.99 -12.47
CA ASN B 60 8.95 -1.08 -13.86
C ASN B 60 7.83 -2.09 -14.08
N CYS B 61 7.65 -3.04 -13.16
CA CYS B 61 6.58 -4.03 -13.26
C CYS B 61 5.21 -3.36 -13.16
N THR B 62 5.16 -2.10 -12.68
CA THR B 62 3.93 -1.36 -12.58
C THR B 62 3.46 -0.71 -13.88
N GLU B 63 4.35 -0.62 -14.88
CA GLU B 63 4.02 -0.04 -16.18
C GLU B 63 4.21 -1.04 -17.32
N ARG B 64 5.11 -2.03 -17.13
CA ARG B 64 5.43 -3.04 -18.12
C ARG B 64 5.79 -4.34 -17.40
N ALA C 1 -1.95 -8.85 -0.23
CA ALA C 1 -0.92 -9.17 -1.25
C ALA C 1 -0.06 -10.31 -0.75
N ARG C 2 0.80 -10.85 -1.63
CA ARG C 2 1.75 -11.88 -1.23
C ARG C 2 2.89 -11.23 -0.44
N THR C 3 3.10 -11.68 0.79
CA THR C 3 4.15 -11.20 1.68
C THR C 3 4.85 -12.28 2.47
N GLN C 5 5.49 -12.25 5.83
CA GLN C 5 4.77 -12.43 7.08
C GLN C 5 3.44 -13.18 6.88
N THR C 6 2.85 -13.06 5.68
CA THR C 6 1.58 -13.71 5.36
C THR C 6 1.70 -15.01 4.57
N ALA C 7 2.93 -15.49 4.36
CA ALA C 7 3.18 -16.72 3.63
C ALA C 7 2.61 -17.93 4.36
N ARG C 8 2.40 -19.03 3.63
CA ARG C 8 1.83 -20.26 4.18
C ARG C 8 2.49 -21.49 3.56
N LYS C 9 2.49 -22.59 4.32
CA LYS C 9 3.09 -23.88 3.97
C LYS C 9 4.59 -23.81 3.70
N SER C 10 5.32 -24.82 4.18
CA SER C 10 6.76 -24.96 4.02
C SER C 10 7.57 -23.77 4.51
N THR C 11 6.96 -22.89 5.33
CA THR C 11 7.66 -21.73 5.88
C THR C 11 8.67 -22.05 6.98
N GLY C 12 9.66 -21.16 7.16
CA GLY C 12 10.69 -21.32 8.16
C GLY C 12 11.65 -22.46 7.85
N GLY C 13 12.58 -22.72 8.77
CA GLY C 13 13.56 -23.79 8.63
C GLY C 13 12.92 -25.16 8.82
N ALA A 1 -14.58 -1.55 22.31
CA ALA A 1 -14.66 -0.11 22.58
C ALA A 1 -13.38 0.61 22.16
N GLY A 2 -13.44 1.93 22.04
CA GLY A 2 -12.29 2.75 21.67
C GLY A 2 -12.66 4.22 21.55
N HIS A 3 -11.69 5.06 21.19
CA HIS A 3 -11.91 6.49 21.03
C HIS A 3 -12.78 6.78 19.81
N MET A 4 -13.38 7.97 19.78
CA MET A 4 -14.26 8.39 18.69
C MET A 4 -13.47 8.70 17.41
N ALA A 5 -12.13 8.72 17.50
CA ALA A 5 -11.26 9.04 16.38
C ALA A 5 -9.90 8.38 16.55
N THR A 6 -9.13 8.30 15.46
CA THR A 6 -7.80 7.70 15.47
C THR A 6 -6.89 8.29 14.39
N THR A 7 -5.58 8.16 14.59
CA THR A 7 -4.56 8.69 13.68
C THR A 7 -3.35 7.79 13.48
N LYS A 8 -2.76 7.81 12.28
CA LYS A 8 -1.55 7.06 11.97
C LYS A 8 -0.85 7.65 10.74
N ARG A 9 0.39 7.20 10.49
CA ARG A 9 1.21 7.71 9.40
C ARG A 9 0.67 7.36 8.02
N VAL A 10 -0.01 6.20 7.90
CA VAL A 10 -0.49 5.72 6.61
C VAL A 10 -2.01 5.79 6.51
N LEU A 11 -2.50 6.15 5.31
CA LEU A 11 -3.92 6.26 5.06
C LEU A 11 -4.33 5.43 3.85
N TYR A 12 -5.59 5.02 3.82
CA TYR A 12 -6.23 4.37 2.71
C TYR A 12 -7.10 5.28 1.85
N VAL A 13 -7.16 5.02 0.54
CA VAL A 13 -7.97 5.80 -0.36
C VAL A 13 -8.66 4.86 -1.35
N GLY A 14 -9.97 5.01 -1.55
CA GLY A 14 -10.71 4.11 -2.40
C GLY A 14 -11.82 4.81 -3.16
N GLY A 15 -12.31 4.18 -4.22
CA GLY A 15 -13.37 4.75 -5.05
C GLY A 15 -12.84 5.79 -6.04
N LEU A 16 -11.51 5.94 -6.06
CA LEU A 16 -10.84 6.87 -6.97
C LEU A 16 -11.10 6.47 -8.43
N ALA A 17 -10.89 7.41 -9.35
CA ALA A 17 -11.15 7.18 -10.76
C ALA A 17 -10.16 6.17 -11.36
N GLU A 18 -10.52 5.61 -12.51
CA GLU A 18 -9.73 4.57 -13.15
C GLU A 18 -8.44 5.11 -13.76
N GLU A 19 -8.36 6.43 -13.96
CA GLU A 19 -7.21 7.07 -14.60
C GLU A 19 -6.24 7.66 -13.57
N VAL A 20 -6.48 7.43 -12.28
CA VAL A 20 -5.63 7.95 -11.22
C VAL A 20 -4.33 7.15 -11.20
N ASP A 21 -3.22 7.88 -11.03
CA ASP A 21 -1.88 7.33 -10.89
C ASP A 21 -1.28 7.81 -9.57
N ASP A 22 -0.13 7.28 -9.17
CA ASP A 22 0.49 7.63 -7.91
C ASP A 22 0.87 9.11 -7.77
N LYS A 23 0.95 9.82 -8.89
CA LYS A 23 1.25 11.25 -8.90
C LYS A 23 0.01 12.07 -8.53
N VAL A 24 -1.19 11.53 -8.75
CA VAL A 24 -2.42 12.22 -8.43
C VAL A 24 -2.66 12.19 -6.93
N LEU A 25 -2.39 11.07 -6.28
CA LEU A 25 -2.54 10.95 -4.84
C LEU A 25 -1.67 11.99 -4.14
N HIS A 26 -0.49 12.30 -4.69
CA HIS A 26 0.38 13.29 -4.06
C HIS A 26 -0.22 14.68 -4.19
N ALA A 27 -0.67 15.06 -5.40
CA ALA A 27 -1.20 16.39 -5.64
C ALA A 27 -2.57 16.57 -4.97
N ALA A 28 -3.28 15.48 -4.69
CA ALA A 28 -4.59 15.54 -4.07
C ALA A 28 -4.51 15.59 -2.55
N PHE A 29 -3.42 15.08 -1.96
CA PHE A 29 -3.26 15.00 -0.52
C PHE A 29 -2.22 15.92 0.13
N ILE A 30 -1.47 16.67 -0.68
CA ILE A 30 -0.41 17.53 -0.19
C ILE A 30 -0.89 18.79 0.56
N PRO A 31 -2.08 19.36 0.32
CA PRO A 31 -2.46 20.61 0.96
C PRO A 31 -2.80 20.43 2.44
N PHE A 32 -2.95 19.18 2.91
CA PHE A 32 -3.30 18.92 4.30
C PHE A 32 -2.02 18.73 5.12
N GLY A 33 -0.89 18.52 4.44
CA GLY A 33 0.40 18.34 5.08
C GLY A 33 1.36 17.62 4.15
N ASP A 34 2.66 17.66 4.46
CA ASP A 34 3.67 17.04 3.62
C ASP A 34 3.57 15.51 3.53
N ILE A 35 3.62 15.00 2.30
CA ILE A 35 3.60 13.57 2.03
C ILE A 35 5.03 13.05 1.92
N THR A 36 5.26 11.79 2.29
CA THR A 36 6.57 11.17 2.20
C THR A 36 6.62 9.86 1.41
N ASP A 37 5.47 9.19 1.26
CA ASP A 37 5.35 7.95 0.51
C ASP A 37 3.96 7.68 -0.07
N ILE A 38 3.90 6.96 -1.20
CA ILE A 38 2.68 6.58 -1.87
C ILE A 38 2.87 5.21 -2.53
N GLN A 39 1.81 4.39 -2.51
CA GLN A 39 1.84 3.07 -3.12
C GLN A 39 0.48 2.71 -3.70
N ILE A 40 0.47 1.84 -4.71
CA ILE A 40 -0.74 1.35 -5.34
C ILE A 40 -0.52 -0.12 -5.74
N PRO A 41 -1.24 -1.07 -5.13
CA PRO A 41 -1.10 -2.48 -5.43
C PRO A 41 -1.75 -2.80 -6.78
N LEU A 42 -1.26 -3.83 -7.47
CA LEU A 42 -1.69 -4.15 -8.82
C LEU A 42 -2.67 -5.33 -8.84
N ASP A 43 -3.77 -5.16 -9.59
CA ASP A 43 -4.77 -6.21 -9.81
C ASP A 43 -4.38 -7.09 -11.01
N TYR A 44 -4.51 -8.41 -10.86
CA TYR A 44 -4.12 -9.33 -11.92
C TYR A 44 -5.18 -9.69 -12.96
N GLU A 45 -6.37 -9.10 -12.85
CA GLU A 45 -7.42 -9.30 -13.82
C GLU A 45 -7.15 -8.51 -15.09
N THR A 46 -6.60 -7.29 -14.95
CA THR A 46 -6.33 -6.39 -16.08
C THR A 46 -5.07 -5.53 -15.95
N GLU A 47 -4.25 -5.83 -14.94
CA GLU A 47 -3.00 -5.12 -14.65
C GLU A 47 -3.21 -3.62 -14.46
N LYS A 48 -4.08 -3.26 -13.50
CA LYS A 48 -4.27 -1.88 -13.06
C LYS A 48 -4.61 -1.88 -11.57
N HIS A 49 -4.86 -0.72 -10.97
CA HIS A 49 -5.21 -0.68 -9.56
C HIS A 49 -6.61 -1.28 -9.33
N ARG A 50 -6.85 -1.79 -8.12
CA ARG A 50 -8.13 -2.43 -7.78
C ARG A 50 -9.19 -1.41 -7.35
N GLY A 51 -9.00 -0.13 -7.68
CA GLY A 51 -9.94 0.93 -7.33
C GLY A 51 -9.59 1.59 -6.01
N PHE A 52 -8.37 1.33 -5.50
CA PHE A 52 -7.86 1.96 -4.29
C PHE A 52 -6.36 2.21 -4.31
N ALA A 53 -5.87 3.01 -3.36
CA ALA A 53 -4.47 3.40 -3.28
C ALA A 53 -4.08 3.71 -1.84
N PHE A 54 -2.79 3.96 -1.63
CA PHE A 54 -2.23 4.27 -0.32
C PHE A 54 -1.34 5.51 -0.29
N VAL A 55 -1.30 6.22 0.83
CA VAL A 55 -0.51 7.43 0.99
C VAL A 55 0.00 7.49 2.42
N GLU A 56 1.15 8.14 2.62
CA GLU A 56 1.79 8.25 3.92
C GLU A 56 2.29 9.66 4.18
N PHE A 57 1.89 10.22 5.31
CA PHE A 57 2.25 11.57 5.75
C PHE A 57 3.50 11.68 6.61
N GLU A 58 4.04 12.89 6.75
CA GLU A 58 5.18 13.13 7.62
C GLU A 58 4.77 13.01 9.10
N LEU A 59 3.51 13.32 9.41
CA LEU A 59 2.95 13.28 10.75
C LEU A 59 1.64 12.51 10.72
N ALA A 60 1.31 11.82 11.81
CA ALA A 60 0.05 11.11 11.93
C ALA A 60 -1.10 12.10 12.13
N GLU A 61 -0.80 13.30 12.62
CA GLU A 61 -1.82 14.31 12.86
C GLU A 61 -2.25 14.97 11.55
N ASP A 62 -1.34 15.01 10.56
CA ASP A 62 -1.65 15.56 9.25
C ASP A 62 -2.55 14.64 8.45
N ALA A 63 -2.54 13.34 8.78
CA ALA A 63 -3.39 12.36 8.13
C ALA A 63 -4.84 12.56 8.55
N ALA A 64 -5.04 12.92 9.81
CA ALA A 64 -6.39 13.14 10.34
C ALA A 64 -7.02 14.38 9.72
N ALA A 65 -6.20 15.35 9.28
CA ALA A 65 -6.69 16.55 8.65
C ALA A 65 -7.05 16.29 7.18
N ALA A 66 -6.38 15.33 6.53
CA ALA A 66 -6.70 14.98 5.15
C ALA A 66 -8.02 14.22 5.10
N ILE A 67 -8.30 13.44 6.15
CA ILE A 67 -9.54 12.68 6.26
C ILE A 67 -10.69 13.62 6.62
N ASP A 68 -10.44 14.59 7.50
CA ASP A 68 -11.44 15.54 7.94
C ASP A 68 -11.87 16.51 6.83
N ASN A 69 -11.11 16.57 5.73
CA ASN A 69 -11.39 17.52 4.67
C ASN A 69 -11.68 16.92 3.30
N MET A 70 -11.34 15.65 3.03
CA MET A 70 -11.63 15.06 1.73
C MET A 70 -12.34 13.70 1.80
N ASN A 71 -12.68 13.22 3.01
CA ASN A 71 -13.42 11.99 3.14
C ASN A 71 -14.78 12.11 2.43
N GLU A 72 -15.16 11.07 1.69
CA GLU A 72 -16.42 11.03 0.97
C GLU A 72 -16.66 12.28 0.12
N SER A 73 -15.63 12.70 -0.62
CA SER A 73 -15.69 13.86 -1.50
C SER A 73 -15.27 13.51 -2.92
N GLU A 74 -15.65 14.35 -3.89
CA GLU A 74 -15.32 14.15 -5.30
C GLU A 74 -13.86 14.52 -5.59
N LEU A 75 -13.14 13.69 -6.34
CA LEU A 75 -11.74 13.94 -6.68
C LEU A 75 -11.53 14.03 -8.19
N PHE A 76 -11.85 12.96 -8.90
CA PHE A 76 -11.76 12.84 -10.36
C PHE A 76 -13.08 12.80 -11.13
N GLY A 77 -14.19 13.08 -10.43
CA GLY A 77 -15.51 13.08 -11.04
C GLY A 77 -16.49 12.19 -10.29
N ARG A 78 -16.03 11.51 -9.24
CA ARG A 78 -16.87 10.69 -8.39
C ARG A 78 -16.32 10.66 -6.98
N THR A 79 -17.17 10.26 -6.02
CA THR A 79 -16.81 10.18 -4.61
C THR A 79 -15.72 9.17 -4.26
N ILE A 80 -14.80 9.54 -3.36
CA ILE A 80 -13.74 8.66 -2.90
C ILE A 80 -13.74 8.59 -1.38
N ARG A 81 -13.23 7.49 -0.83
CA ARG A 81 -13.12 7.27 0.61
C ARG A 81 -11.74 7.67 1.09
N VAL A 82 -11.67 8.16 2.33
CA VAL A 82 -10.42 8.51 2.99
C VAL A 82 -10.48 8.15 4.47
N ASN A 83 -9.52 7.33 4.93
CA ASN A 83 -9.44 6.88 6.31
C ASN A 83 -8.06 6.27 6.57
N LEU A 84 -7.78 5.88 7.81
CA LEU A 84 -6.54 5.16 8.10
C LEU A 84 -6.68 3.76 7.51
N ALA A 85 -5.56 3.07 7.30
CA ALA A 85 -5.58 1.76 6.68
C ALA A 85 -5.78 0.61 7.68
N LYS A 86 -5.66 0.88 8.99
CA LYS A 86 -5.76 -0.17 10.00
C LYS A 86 -7.19 -0.51 10.46
N PRO A 87 -8.18 0.39 10.42
CA PRO A 87 -9.52 0.11 10.92
C PRO A 87 -10.41 -0.56 9.86
N MET A 88 -9.83 -1.07 8.78
CA MET A 88 -10.60 -1.54 7.63
C MET A 88 -9.98 -2.73 6.91
N ARG A 89 -10.75 -3.27 5.95
CA ARG A 89 -10.36 -4.36 5.06
C ARG A 89 -11.21 -4.28 3.80
N ILE A 90 -10.71 -4.78 2.67
CA ILE A 90 -11.46 -4.74 1.42
C ILE A 90 -12.72 -5.61 1.53
N LYS A 91 -13.76 -5.26 0.77
CA LYS A 91 -15.02 -5.99 0.75
C LYS A 91 -14.88 -7.39 0.13
N GLU A 92 -13.76 -7.63 -0.55
CA GLU A 92 -13.48 -8.89 -1.22
C GLU A 92 -12.83 -9.90 -0.29
N GLY A 93 -12.33 -10.98 -0.88
CA GLY A 93 -11.62 -12.02 -0.19
C GLY A 93 -12.57 -13.00 0.49
N ALA B 1 23.45 -15.51 -8.16
CA ALA B 1 24.28 -16.73 -8.10
C ALA B 1 24.39 -17.27 -6.68
N LYS B 2 25.13 -16.57 -5.80
CA LYS B 2 25.33 -16.99 -4.42
C LYS B 2 24.05 -16.84 -3.59
N GLY B 3 23.15 -15.94 -4.01
CA GLY B 3 21.89 -15.71 -3.33
C GLY B 3 21.09 -14.60 -4.02
N ASN B 4 19.84 -14.43 -3.58
CA ASN B 4 18.96 -13.40 -4.10
C ASN B 4 19.23 -12.05 -3.44
N PHE B 5 18.81 -10.97 -4.09
CA PHE B 5 19.03 -9.62 -3.58
C PHE B 5 17.87 -8.63 -3.77
N CYS B 6 17.69 -7.73 -2.81
CA CYS B 6 16.58 -6.78 -2.79
C CYS B 6 16.76 -5.67 -3.83
N PRO B 7 15.71 -5.34 -4.58
CA PRO B 7 15.72 -4.34 -5.63
C PRO B 7 15.57 -2.92 -5.10
N LEU B 8 15.35 -2.72 -3.80
CA LEU B 8 15.05 -1.39 -3.26
C LEU B 8 15.86 -1.01 -2.03
N CYS B 9 16.65 -1.93 -1.46
CA CYS B 9 17.55 -1.58 -0.37
C CYS B 9 18.76 -2.52 -0.33
N ASP B 10 19.82 -2.12 0.36
CA ASP B 10 21.07 -2.86 0.40
C ASP B 10 21.07 -4.14 1.24
N LYS B 11 19.96 -4.47 1.91
CA LYS B 11 19.87 -5.66 2.74
C LYS B 11 19.77 -6.91 1.87
N CYS B 12 20.39 -8.01 2.33
CA CYS B 12 20.33 -9.29 1.63
C CYS B 12 19.27 -10.20 2.27
N TYR B 13 18.89 -11.28 1.57
CA TYR B 13 17.92 -12.22 2.09
C TYR B 13 18.10 -13.49 1.25
N ASP B 14 17.30 -14.51 1.56
CA ASP B 14 17.29 -15.77 0.82
C ASP B 14 15.88 -16.35 0.95
N ASP B 15 15.55 -17.31 0.08
CA ASP B 15 14.22 -17.91 0.02
C ASP B 15 13.83 -18.76 1.24
N ASP B 16 14.62 -18.71 2.32
CA ASP B 16 14.37 -19.47 3.53
C ASP B 16 14.71 -18.62 4.76
N ASP B 17 15.02 -17.34 4.55
CA ASP B 17 15.33 -16.42 5.64
C ASP B 17 14.12 -15.93 6.43
N TYR B 18 14.36 -15.54 7.68
CA TYR B 18 13.32 -15.04 8.58
C TYR B 18 13.73 -13.88 9.48
N GLU B 19 14.88 -13.26 9.19
CA GLU B 19 15.40 -12.16 9.98
C GLU B 19 14.54 -10.90 9.82
N SER B 20 13.64 -10.88 8.83
CA SER B 20 12.75 -9.76 8.58
C SER B 20 11.56 -10.21 7.76
N LYS B 21 10.41 -9.55 7.94
CA LYS B 21 9.19 -9.83 7.20
C LYS B 21 9.29 -9.18 5.82
N MET B 22 8.64 -9.79 4.82
CA MET B 22 8.81 -9.40 3.42
C MET B 22 7.52 -9.59 2.62
N MET B 23 7.49 -9.05 1.41
CA MET B 23 6.39 -9.21 0.46
C MET B 23 6.92 -9.79 -0.85
N GLN B 24 6.02 -10.33 -1.67
CA GLN B 24 6.42 -10.94 -2.93
C GLN B 24 5.72 -10.26 -4.11
N CYS B 25 6.48 -10.04 -5.19
CA CYS B 25 5.97 -9.46 -6.42
C CYS B 25 5.00 -10.42 -7.09
N GLY B 26 3.94 -9.91 -7.72
CA GLY B 26 2.95 -10.74 -8.37
C GLY B 26 3.25 -10.97 -9.85
N LYS B 27 4.34 -10.39 -10.37
CA LYS B 27 4.65 -10.47 -11.80
C LYS B 27 6.01 -11.10 -12.08
N CYS B 28 6.93 -11.09 -11.11
CA CYS B 28 8.23 -11.73 -11.29
C CYS B 28 8.65 -12.56 -10.08
N ASP B 29 7.72 -12.76 -9.14
CA ASP B 29 7.91 -13.58 -7.94
C ASP B 29 9.12 -13.21 -7.06
N ARG B 30 9.63 -12.00 -7.21
CA ARG B 30 10.78 -11.52 -6.45
C ARG B 30 10.35 -11.05 -5.07
N TRP B 31 11.16 -11.30 -4.04
CA TRP B 31 10.87 -10.87 -2.68
C TRP B 31 11.49 -9.51 -2.34
N VAL B 32 10.82 -8.75 -1.48
CA VAL B 32 11.26 -7.43 -1.05
C VAL B 32 10.93 -7.22 0.43
N HIS B 33 11.81 -6.57 1.18
CA HIS B 33 11.57 -6.36 2.60
C HIS B 33 10.45 -5.36 2.83
N SER B 34 9.96 -5.29 4.07
CA SER B 34 8.89 -4.40 4.46
C SER B 34 9.40 -3.01 4.88
N LYS B 35 10.71 -2.78 4.77
CA LYS B 35 11.34 -1.54 5.26
C LYS B 35 12.22 -0.88 4.22
N CYS B 36 12.15 -1.33 2.96
CA CYS B 36 12.89 -0.75 1.85
C CYS B 36 12.31 0.63 1.51
N GLU B 37 12.80 1.24 0.44
CA GLU B 37 12.27 2.53 -0.01
C GLU B 37 10.79 2.40 -0.38
N ASN B 38 10.05 3.50 -0.19
CA ASN B 38 8.63 3.59 -0.49
C ASN B 38 7.77 2.59 0.27
N LEU B 39 8.22 2.16 1.46
CA LEU B 39 7.48 1.23 2.31
C LEU B 39 7.68 1.60 3.78
N SER B 40 6.82 1.04 4.64
CA SER B 40 6.87 1.27 6.08
C SER B 40 6.17 0.14 6.82
N ASP B 41 6.49 -0.01 8.10
CA ASP B 41 5.89 -1.04 8.96
C ASP B 41 4.39 -0.88 9.16
N GLU B 42 3.85 0.33 8.92
CA GLU B 42 2.43 0.57 9.02
C GLU B 42 1.75 0.20 7.70
N MET B 43 2.46 0.38 6.58
CA MET B 43 1.92 0.10 5.27
C MET B 43 2.00 -1.38 4.91
N TYR B 44 3.01 -2.10 5.45
CA TYR B 44 3.10 -3.53 5.25
C TYR B 44 1.95 -4.35 5.82
N GLU B 45 1.39 -3.88 6.94
CA GLU B 45 0.33 -4.59 7.64
C GLU B 45 -0.97 -4.61 6.83
N ILE B 46 -1.28 -3.54 6.10
CA ILE B 46 -2.50 -3.54 5.30
C ILE B 46 -2.30 -4.35 4.04
N LEU B 47 -1.11 -4.31 3.43
CA LEU B 47 -0.82 -5.10 2.25
C LEU B 47 -0.85 -6.59 2.60
N SER B 48 -0.55 -6.92 3.87
CA SER B 48 -0.64 -8.30 4.35
C SER B 48 -2.07 -8.69 4.69
N ASN B 49 -3.05 -7.81 4.41
CA ASN B 49 -4.46 -8.07 4.67
C ASN B 49 -5.35 -7.79 3.46
N LEU B 50 -4.79 -7.28 2.36
CA LEU B 50 -5.52 -7.15 1.11
C LEU B 50 -5.79 -8.54 0.53
N PRO B 51 -6.82 -8.68 -0.31
CA PRO B 51 -7.12 -9.93 -0.99
C PRO B 51 -5.97 -10.32 -1.90
N GLU B 52 -5.78 -11.62 -2.14
CA GLU B 52 -4.67 -12.11 -2.94
C GLU B 52 -4.85 -11.78 -4.43
N SER B 53 -6.02 -11.28 -4.83
CA SER B 53 -6.26 -10.84 -6.19
C SER B 53 -5.52 -9.55 -6.50
N VAL B 54 -4.99 -8.88 -5.46
CA VAL B 54 -4.16 -7.71 -5.58
C VAL B 54 -2.82 -7.91 -4.88
N ALA B 55 -1.72 -7.40 -5.43
CA ALA B 55 -0.43 -7.62 -4.81
C ALA B 55 0.60 -6.57 -5.19
N TYR B 56 1.71 -6.54 -4.45
CA TYR B 56 2.85 -5.69 -4.72
C TYR B 56 3.57 -5.99 -6.03
N THR B 57 4.30 -5.01 -6.58
CA THR B 57 5.03 -5.18 -7.82
C THR B 57 6.25 -4.28 -7.72
N CYS B 58 7.32 -4.66 -8.40
CA CYS B 58 8.54 -3.87 -8.46
C CYS B 58 8.26 -2.52 -9.13
N VAL B 59 9.21 -1.60 -9.03
CA VAL B 59 9.07 -0.27 -9.61
C VAL B 59 9.02 -0.33 -11.13
N ASN B 60 9.27 -1.50 -11.74
CA ASN B 60 9.13 -1.69 -13.18
C ASN B 60 7.97 -2.63 -13.52
N CYS B 61 7.66 -3.60 -12.64
CA CYS B 61 6.61 -4.56 -12.88
C CYS B 61 5.24 -3.89 -12.92
N THR B 62 5.13 -2.69 -12.35
CA THR B 62 3.88 -1.93 -12.37
C THR B 62 3.58 -1.26 -13.71
N GLU B 63 4.57 -1.15 -14.59
CA GLU B 63 4.39 -0.55 -15.91
C GLU B 63 4.71 -1.54 -17.04
N ARG B 64 5.56 -2.53 -16.75
CA ARG B 64 6.04 -3.51 -17.72
C ARG B 64 6.23 -4.86 -17.04
N ALA C 1 -2.33 -9.12 -0.03
CA ALA C 1 -1.35 -9.50 -1.05
C ALA C 1 -0.58 -10.74 -0.60
N ARG C 2 0.30 -11.28 -1.45
CA ARG C 2 1.16 -12.38 -1.04
C ARG C 2 2.34 -11.82 -0.24
N THR C 3 2.46 -12.22 1.03
CA THR C 3 3.53 -11.79 1.91
C THR C 3 4.08 -12.89 2.81
N GLN C 5 3.97 -13.01 5.92
CA GLN C 5 2.95 -13.23 6.94
C GLN C 5 1.77 -14.03 6.38
N THR C 6 1.41 -13.82 5.11
CA THR C 6 0.31 -14.55 4.47
C THR C 6 0.68 -15.89 3.86
N ALA C 7 1.98 -16.15 3.68
CA ALA C 7 2.47 -17.42 3.14
C ALA C 7 2.32 -18.55 4.17
N ARG C 8 1.94 -18.20 5.40
CA ARG C 8 1.76 -19.16 6.50
C ARG C 8 0.49 -19.98 6.34
N LYS C 9 -0.29 -19.73 5.27
CA LYS C 9 -1.53 -20.47 5.00
C LYS C 9 -1.23 -21.95 4.83
N SER C 10 -2.12 -22.80 5.34
CA SER C 10 -1.93 -24.25 5.36
C SER C 10 -2.43 -24.91 4.07
N THR C 11 -3.15 -24.17 3.22
CA THR C 11 -3.67 -24.70 1.97
C THR C 11 -3.89 -23.61 0.92
N GLY C 12 -3.98 -24.01 -0.35
CA GLY C 12 -4.18 -23.09 -1.46
C GLY C 12 -5.58 -22.49 -1.47
N GLY C 13 -5.78 -21.43 -2.25
CA GLY C 13 -7.06 -20.75 -2.36
C GLY C 13 -7.41 -20.00 -1.07
N ALA A 1 -10.66 21.96 12.50
CA ALA A 1 -10.59 20.88 11.51
C ALA A 1 -9.87 19.66 12.08
N GLY A 2 -10.06 18.49 11.44
CA GLY A 2 -9.45 17.24 11.89
C GLY A 2 -10.17 16.67 13.11
N HIS A 3 -9.65 15.57 13.63
CA HIS A 3 -10.21 14.90 14.80
C HIS A 3 -9.10 14.14 15.54
N MET A 4 -9.49 13.49 16.64
CA MET A 4 -8.56 12.77 17.52
C MET A 4 -9.10 11.39 17.87
N ALA A 5 -10.17 10.94 17.20
CA ALA A 5 -10.78 9.66 17.50
C ALA A 5 -9.84 8.50 17.13
N THR A 6 -9.01 8.70 16.09
CA THR A 6 -7.99 7.74 15.70
C THR A 6 -7.08 8.48 14.71
N THR A 7 -5.76 8.32 14.87
CA THR A 7 -4.77 8.94 14.00
C THR A 7 -3.54 8.09 13.76
N LYS A 8 -3.00 8.15 12.54
CA LYS A 8 -1.79 7.44 12.13
C LYS A 8 -1.09 8.19 11.01
N ARG A 9 0.21 7.94 10.81
CA ARG A 9 0.97 8.64 9.77
C ARG A 9 0.54 8.22 8.37
N VAL A 10 -0.21 7.11 8.24
CA VAL A 10 -0.69 6.64 6.94
C VAL A 10 -2.19 6.41 6.93
N LEU A 11 -2.80 6.56 5.74
CA LEU A 11 -4.24 6.45 5.59
C LEU A 11 -4.59 5.89 4.21
N TYR A 12 -5.75 5.25 4.15
CA TYR A 12 -6.30 4.60 2.98
C TYR A 12 -7.21 5.46 2.11
N VAL A 13 -7.27 5.15 0.81
CA VAL A 13 -8.16 5.82 -0.12
C VAL A 13 -8.76 4.80 -1.08
N GLY A 14 -10.07 4.88 -1.34
CA GLY A 14 -10.73 3.89 -2.19
C GLY A 14 -11.88 4.50 -2.97
N GLY A 15 -12.28 3.84 -4.06
CA GLY A 15 -13.37 4.31 -4.90
C GLY A 15 -12.91 5.37 -5.90
N LEU A 16 -11.61 5.67 -5.90
CA LEU A 16 -11.02 6.66 -6.80
C LEU A 16 -11.15 6.22 -8.27
N ALA A 17 -10.99 7.16 -9.19
CA ALA A 17 -11.17 6.91 -10.61
C ALA A 17 -10.07 6.02 -11.17
N GLU A 18 -10.33 5.42 -12.34
CA GLU A 18 -9.42 4.48 -12.96
C GLU A 18 -8.19 5.17 -13.56
N GLU A 19 -8.26 6.48 -13.80
CA GLU A 19 -7.17 7.23 -14.42
C GLU A 19 -6.26 7.88 -13.39
N VAL A 20 -6.49 7.59 -12.10
CA VAL A 20 -5.69 8.16 -11.02
C VAL A 20 -4.34 7.44 -10.98
N ASP A 21 -3.29 8.23 -10.76
CA ASP A 21 -1.92 7.77 -10.59
C ASP A 21 -1.38 8.29 -9.26
N ASP A 22 -0.19 7.83 -8.85
CA ASP A 22 0.39 8.23 -7.58
C ASP A 22 0.65 9.72 -7.42
N LYS A 23 0.67 10.46 -8.54
CA LYS A 23 0.89 11.90 -8.54
C LYS A 23 -0.40 12.63 -8.20
N VAL A 24 -1.56 12.01 -8.45
CA VAL A 24 -2.85 12.63 -8.17
C VAL A 24 -3.11 12.58 -6.66
N LEU A 25 -2.79 11.47 -6.01
CA LEU A 25 -2.97 11.34 -4.57
C LEU A 25 -2.12 12.40 -3.87
N HIS A 26 -0.96 12.77 -4.42
CA HIS A 26 -0.14 13.79 -3.80
C HIS A 26 -0.79 15.16 -3.93
N ALA A 27 -1.22 15.53 -5.14
CA ALA A 27 -1.79 16.84 -5.39
C ALA A 27 -3.16 16.99 -4.73
N ALA A 28 -3.85 15.87 -4.46
CA ALA A 28 -5.17 15.90 -3.83
C ALA A 28 -5.07 15.98 -2.31
N PHE A 29 -4.01 15.42 -1.72
CA PHE A 29 -3.86 15.33 -0.28
C PHE A 29 -2.86 16.28 0.39
N ILE A 30 -2.11 17.05 -0.41
CA ILE A 30 -1.07 17.94 0.10
C ILE A 30 -1.58 19.17 0.90
N PRO A 31 -2.80 19.70 0.68
CA PRO A 31 -3.20 20.93 1.35
C PRO A 31 -3.52 20.71 2.83
N PHE A 32 -3.64 19.46 3.27
CA PHE A 32 -3.98 19.16 4.65
C PHE A 32 -2.69 19.00 5.46
N GLY A 33 -1.55 18.86 4.78
CA GLY A 33 -0.25 18.70 5.42
C GLY A 33 0.75 18.04 4.47
N ASP A 34 2.03 18.10 4.81
CA ASP A 34 3.09 17.55 3.98
C ASP A 34 3.04 16.03 3.83
N ILE A 35 3.07 15.56 2.58
CA ILE A 35 3.10 14.13 2.27
C ILE A 35 4.54 13.65 2.18
N THR A 36 4.80 12.41 2.57
CA THR A 36 6.13 11.82 2.54
C THR A 36 6.27 10.51 1.77
N ASP A 37 5.16 9.83 1.48
CA ASP A 37 5.18 8.63 0.65
C ASP A 37 3.78 8.34 0.14
N ILE A 38 3.68 7.60 -0.98
CA ILE A 38 2.43 7.19 -1.60
C ILE A 38 2.63 5.81 -2.20
N GLN A 39 1.63 4.94 -2.08
CA GLN A 39 1.71 3.56 -2.51
C GLN A 39 0.45 3.15 -3.23
N ILE A 40 0.60 2.29 -4.24
CA ILE A 40 -0.51 1.78 -5.02
C ILE A 40 -0.20 0.35 -5.46
N PRO A 41 -0.90 -0.66 -4.91
CA PRO A 41 -0.71 -2.05 -5.27
C PRO A 41 -1.34 -2.34 -6.63
N LEU A 42 -0.85 -3.37 -7.32
CA LEU A 42 -1.29 -3.68 -8.67
C LEU A 42 -2.27 -4.86 -8.72
N ASP A 43 -3.38 -4.69 -9.44
CA ASP A 43 -4.34 -5.76 -9.68
C ASP A 43 -3.98 -6.66 -10.87
N TYR A 44 -4.32 -7.94 -10.78
CA TYR A 44 -3.94 -8.90 -11.81
C TYR A 44 -5.02 -9.30 -12.82
N GLU A 45 -6.18 -8.64 -12.78
CA GLU A 45 -7.26 -8.89 -13.72
C GLU A 45 -7.16 -7.96 -14.92
N THR A 46 -6.70 -6.72 -14.70
CA THR A 46 -6.57 -5.73 -15.77
C THR A 46 -5.29 -4.89 -15.76
N GLU A 47 -4.30 -5.30 -14.97
CA GLU A 47 -2.99 -4.64 -14.91
C GLU A 47 -3.07 -3.15 -14.55
N LYS A 48 -3.86 -2.80 -13.53
CA LYS A 48 -3.94 -1.43 -13.03
C LYS A 48 -4.21 -1.46 -11.53
N HIS A 49 -4.34 -0.28 -10.90
CA HIS A 49 -4.65 -0.23 -9.47
C HIS A 49 -6.03 -0.83 -9.20
N ARG A 50 -6.24 -1.43 -8.03
CA ARG A 50 -7.47 -2.14 -7.76
C ARG A 50 -8.61 -1.24 -7.27
N GLY A 51 -8.58 0.05 -7.65
CA GLY A 51 -9.61 1.00 -7.27
C GLY A 51 -9.33 1.62 -5.90
N PHE A 52 -8.13 1.41 -5.36
CA PHE A 52 -7.70 2.02 -4.11
C PHE A 52 -6.22 2.36 -4.07
N ALA A 53 -5.81 3.16 -3.08
CA ALA A 53 -4.44 3.63 -2.95
C ALA A 53 -4.12 3.98 -1.50
N PHE A 54 -2.86 4.28 -1.23
CA PHE A 54 -2.38 4.67 0.09
C PHE A 54 -1.52 5.93 0.05
N VAL A 55 -1.50 6.68 1.16
CA VAL A 55 -0.71 7.91 1.26
C VAL A 55 -0.18 8.03 2.69
N GLU A 56 0.95 8.72 2.84
CA GLU A 56 1.58 8.93 4.13
C GLU A 56 1.88 10.41 4.37
N PHE A 57 1.60 10.85 5.60
CA PHE A 57 1.85 12.20 6.07
C PHE A 57 3.07 12.36 6.98
N GLU A 58 3.58 13.58 7.07
CA GLU A 58 4.71 13.89 7.93
C GLU A 58 4.35 13.73 9.40
N LEU A 59 3.05 13.77 9.73
CA LEU A 59 2.53 13.57 11.08
C LEU A 59 1.16 12.91 11.03
N ALA A 60 0.78 12.25 12.13
CA ALA A 60 -0.49 11.54 12.22
C ALA A 60 -1.67 12.51 12.32
N GLU A 61 -1.44 13.73 12.82
CA GLU A 61 -2.50 14.71 13.00
C GLU A 61 -2.95 15.27 11.65
N ASP A 62 -2.06 15.29 10.66
CA ASP A 62 -2.40 15.78 9.33
C ASP A 62 -3.27 14.80 8.55
N ALA A 63 -3.18 13.51 8.87
CA ALA A 63 -3.99 12.48 8.23
C ALA A 63 -5.43 12.59 8.70
N ALA A 64 -5.65 12.98 9.95
CA ALA A 64 -6.98 13.13 10.50
C ALA A 64 -7.69 14.33 9.88
N ALA A 65 -6.93 15.32 9.40
CA ALA A 65 -7.48 16.48 8.73
C ALA A 65 -7.78 16.17 7.26
N ALA A 66 -7.02 15.24 6.66
CA ALA A 66 -7.26 14.84 5.29
C ALA A 66 -8.54 14.00 5.21
N ILE A 67 -8.82 13.24 6.27
CA ILE A 67 -10.03 12.44 6.36
C ILE A 67 -11.23 13.36 6.62
N ASP A 68 -11.06 14.35 7.49
CA ASP A 68 -12.13 15.27 7.86
C ASP A 68 -12.59 16.17 6.70
N ASN A 69 -11.79 16.23 5.63
CA ASN A 69 -12.08 17.14 4.52
C ASN A 69 -12.29 16.44 3.16
N MET A 70 -11.99 15.14 3.03
CA MET A 70 -12.21 14.46 1.76
C MET A 70 -12.99 13.15 1.91
N ASN A 71 -13.27 12.71 3.14
CA ASN A 71 -14.02 11.48 3.33
C ASN A 71 -15.38 11.55 2.63
N GLU A 72 -15.72 10.50 1.88
CA GLU A 72 -16.99 10.41 1.16
C GLU A 72 -17.27 11.64 0.30
N SER A 73 -16.26 12.11 -0.44
CA SER A 73 -16.39 13.26 -1.33
C SER A 73 -15.91 12.91 -2.75
N GLU A 74 -16.32 13.72 -3.72
CA GLU A 74 -15.96 13.53 -5.12
C GLU A 74 -14.51 13.99 -5.39
N LEU A 75 -13.74 13.21 -6.15
CA LEU A 75 -12.36 13.56 -6.47
C LEU A 75 -12.15 13.69 -7.99
N PHE A 76 -12.40 12.59 -8.71
CA PHE A 76 -12.26 12.49 -10.16
C PHE A 76 -13.56 12.35 -10.95
N GLY A 77 -14.70 12.53 -10.28
CA GLY A 77 -16.01 12.42 -10.93
C GLY A 77 -16.94 11.47 -10.18
N ARG A 78 -16.45 10.85 -9.10
CA ARG A 78 -17.24 9.96 -8.27
C ARG A 78 -16.72 9.99 -6.84
N THR A 79 -17.55 9.55 -5.89
CA THR A 79 -17.19 9.50 -4.49
C THR A 79 -16.02 8.58 -4.14
N ILE A 80 -15.19 8.97 -3.17
CA ILE A 80 -14.07 8.16 -2.71
C ILE A 80 -14.10 8.10 -1.18
N ARG A 81 -13.55 7.02 -0.62
CA ARG A 81 -13.46 6.81 0.81
C ARG A 81 -12.10 7.28 1.31
N VAL A 82 -12.07 7.81 2.53
CA VAL A 82 -10.84 8.23 3.19
C VAL A 82 -10.89 7.93 4.68
N ASN A 83 -9.93 7.14 5.17
CA ASN A 83 -9.84 6.72 6.56
C ASN A 83 -8.45 6.15 6.82
N LEU A 84 -8.11 5.87 8.09
CA LEU A 84 -6.83 5.25 8.39
C LEU A 84 -6.81 3.85 7.78
N ALA A 85 -5.61 3.28 7.59
CA ALA A 85 -5.47 1.95 7.01
C ALA A 85 -5.55 0.84 8.05
N LYS A 86 -5.75 1.18 9.33
CA LYS A 86 -5.81 0.20 10.40
C LYS A 86 -7.20 -0.39 10.66
N PRO A 87 -8.29 0.39 10.64
CA PRO A 87 -9.62 -0.08 10.99
C PRO A 87 -10.34 -0.69 9.80
N MET A 88 -9.81 -0.47 8.59
CA MET A 88 -10.45 -0.86 7.35
C MET A 88 -9.95 -2.19 6.82
N ARG A 89 -10.64 -2.70 5.80
CA ARG A 89 -10.27 -3.92 5.09
C ARG A 89 -10.99 -3.92 3.72
N ILE A 90 -10.44 -4.64 2.74
CA ILE A 90 -11.07 -4.75 1.43
C ILE A 90 -12.38 -5.54 1.55
N LYS A 91 -13.28 -5.36 0.58
CA LYS A 91 -14.59 -6.01 0.56
C LYS A 91 -14.49 -7.53 0.42
N GLU A 92 -13.28 -8.06 0.27
CA GLU A 92 -13.04 -9.49 0.08
C GLU A 92 -11.62 -9.85 0.51
N GLY A 93 -11.38 -11.14 0.75
CA GLY A 93 -10.09 -11.65 1.19
C GLY A 93 -10.05 -13.17 1.10
N ALA B 1 21.77 -16.76 -8.41
CA ALA B 1 22.38 -18.03 -8.87
C ALA B 1 22.75 -18.91 -7.69
N LYS B 2 23.75 -18.50 -6.89
CA LYS B 2 24.22 -19.28 -5.75
C LYS B 2 23.16 -19.28 -4.62
N GLY B 3 22.25 -18.31 -4.63
CA GLY B 3 21.19 -18.20 -3.64
C GLY B 3 20.28 -17.03 -3.96
N ASN B 4 19.29 -16.79 -3.09
CA ASN B 4 18.35 -15.70 -3.26
C ASN B 4 18.98 -14.37 -2.81
N PHE B 5 18.54 -13.27 -3.41
CA PHE B 5 19.09 -11.95 -3.10
C PHE B 5 18.06 -10.93 -3.58
N CYS B 6 18.14 -9.71 -3.04
CA CYS B 6 17.21 -8.63 -3.33
C CYS B 6 17.64 -7.89 -4.61
N PRO B 7 16.67 -7.55 -5.48
CA PRO B 7 16.92 -6.89 -6.75
C PRO B 7 17.06 -5.37 -6.63
N LEU B 8 16.82 -4.78 -5.45
CA LEU B 8 16.79 -3.32 -5.32
C LEU B 8 17.62 -2.79 -4.16
N CYS B 9 18.17 -3.65 -3.30
CA CYS B 9 19.10 -3.23 -2.26
C CYS B 9 20.08 -4.34 -1.91
N ASP B 10 21.18 -3.99 -1.23
CA ASP B 10 22.25 -4.93 -0.92
C ASP B 10 21.97 -5.92 0.22
N LYS B 11 20.79 -5.85 0.84
CA LYS B 11 20.42 -6.75 1.91
C LYS B 11 20.11 -8.14 1.36
N CYS B 12 20.38 -9.18 2.16
CA CYS B 12 20.16 -10.57 1.79
C CYS B 12 19.18 -11.23 2.77
N TYR B 13 18.73 -12.44 2.44
CA TYR B 13 17.79 -13.18 3.26
C TYR B 13 17.99 -14.69 3.33
N ASP B 14 17.62 -15.29 4.47
CA ASP B 14 17.70 -16.73 4.66
C ASP B 14 16.46 -17.48 4.21
N ASP B 15 16.64 -18.71 3.73
CA ASP B 15 15.54 -19.56 3.31
C ASP B 15 14.77 -20.21 4.46
N ASP B 16 13.57 -20.71 4.17
CA ASP B 16 12.70 -21.40 5.12
C ASP B 16 12.19 -20.57 6.32
N ASP B 17 12.74 -19.38 6.53
CA ASP B 17 12.30 -18.46 7.58
C ASP B 17 11.00 -17.74 7.25
N TYR B 18 10.39 -17.11 8.27
CA TYR B 18 9.16 -16.35 8.10
C TYR B 18 9.04 -15.06 8.91
N GLU B 19 10.08 -14.72 9.68
CA GLU B 19 10.08 -13.53 10.52
C GLU B 19 10.55 -12.29 9.74
N SER B 20 10.98 -12.47 8.50
CA SER B 20 11.49 -11.38 7.67
C SER B 20 10.36 -10.44 7.24
N LYS B 21 10.73 -9.22 6.84
CA LYS B 21 9.79 -8.20 6.42
C LYS B 21 10.01 -7.88 4.94
N MET B 22 9.22 -8.52 4.07
CA MET B 22 9.34 -8.36 2.63
C MET B 22 8.08 -8.86 1.92
N MET B 23 7.95 -8.52 0.64
CA MET B 23 6.81 -8.91 -0.18
C MET B 23 7.30 -9.56 -1.46
N GLN B 24 6.50 -10.49 -2.02
CA GLN B 24 6.85 -11.11 -3.29
C GLN B 24 6.16 -10.38 -4.43
N CYS B 25 6.91 -10.15 -5.52
CA CYS B 25 6.38 -9.51 -6.71
C CYS B 25 5.33 -10.40 -7.36
N GLY B 26 4.23 -9.80 -7.81
CA GLY B 26 3.14 -10.55 -8.42
C GLY B 26 3.37 -10.77 -9.91
N LYS B 27 4.49 -10.28 -10.46
CA LYS B 27 4.72 -10.32 -11.89
C LYS B 27 6.05 -10.99 -12.28
N CYS B 28 7.01 -11.09 -11.35
CA CYS B 28 8.25 -11.80 -11.64
C CYS B 28 8.71 -12.68 -10.46
N ASP B 29 7.81 -12.89 -9.50
CA ASP B 29 8.02 -13.73 -8.32
C ASP B 29 9.28 -13.45 -7.50
N ARG B 30 9.84 -12.25 -7.64
CA ARG B 30 11.05 -11.85 -6.92
C ARG B 30 10.68 -11.21 -5.59
N TRP B 31 11.45 -11.49 -4.53
CA TRP B 31 11.22 -10.90 -3.23
C TRP B 31 11.88 -9.53 -3.07
N VAL B 32 11.23 -8.62 -2.34
CA VAL B 32 11.73 -7.28 -2.11
C VAL B 32 11.40 -6.80 -0.70
N HIS B 33 12.33 -6.13 -0.04
CA HIS B 33 12.12 -5.65 1.31
C HIS B 33 11.26 -4.39 1.31
N SER B 34 10.89 -3.92 2.51
CA SER B 34 10.06 -2.73 2.67
C SER B 34 10.91 -1.44 2.71
N LYS B 35 12.23 -1.54 2.48
CA LYS B 35 13.11 -0.38 2.57
C LYS B 35 14.02 -0.19 1.35
N CYS B 36 13.86 -1.00 0.30
CA CYS B 36 14.79 -1.00 -0.82
C CYS B 36 14.76 0.32 -1.60
N GLU B 37 13.55 0.82 -1.90
CA GLU B 37 13.41 2.07 -2.63
C GLU B 37 12.64 3.11 -1.82
N ASN B 38 11.39 2.80 -1.46
CA ASN B 38 10.57 3.68 -0.64
C ASN B 38 9.31 2.93 -0.18
N LEU B 39 9.19 2.72 1.13
CA LEU B 39 8.04 2.12 1.79
C LEU B 39 8.17 2.39 3.29
N SER B 40 7.13 2.08 4.06
CA SER B 40 7.09 2.32 5.50
C SER B 40 6.49 1.13 6.22
N ASP B 41 6.76 1.03 7.53
CA ASP B 41 6.27 -0.09 8.32
C ASP B 41 4.75 -0.14 8.45
N GLU B 42 4.10 1.02 8.40
CA GLU B 42 2.65 1.10 8.46
C GLU B 42 2.04 0.66 7.13
N MET B 43 2.77 0.83 6.02
CA MET B 43 2.31 0.40 4.71
C MET B 43 2.48 -1.10 4.57
N TYR B 44 3.54 -1.66 5.15
CA TYR B 44 3.79 -3.09 5.05
C TYR B 44 2.74 -3.96 5.73
N GLU B 45 2.19 -3.47 6.85
CA GLU B 45 1.20 -4.21 7.61
C GLU B 45 -0.14 -4.27 6.88
N ILE B 46 -0.53 -3.21 6.16
CA ILE B 46 -1.79 -3.26 5.43
C ILE B 46 -1.61 -4.06 4.14
N LEU B 47 -0.45 -3.95 3.50
CA LEU B 47 -0.16 -4.75 2.31
C LEU B 47 -0.13 -6.23 2.66
N SER B 48 0.16 -6.58 3.92
CA SER B 48 0.18 -7.95 4.38
C SER B 48 -1.22 -8.49 4.67
N ASN B 49 -2.26 -7.69 4.40
CA ASN B 49 -3.65 -8.07 4.65
C ASN B 49 -4.55 -7.85 3.45
N LEU B 50 -4.05 -7.23 2.37
CA LEU B 50 -4.82 -7.09 1.14
C LEU B 50 -5.04 -8.47 0.53
N PRO B 51 -6.13 -8.64 -0.25
CA PRO B 51 -6.44 -9.88 -0.92
C PRO B 51 -5.34 -10.25 -1.92
N GLU B 52 -5.19 -11.55 -2.20
CA GLU B 52 -4.12 -12.04 -3.07
C GLU B 52 -4.36 -11.64 -4.53
N SER B 53 -5.52 -11.08 -4.84
CA SER B 53 -5.83 -10.56 -6.16
C SER B 53 -5.06 -9.26 -6.43
N VAL B 54 -4.40 -8.72 -5.40
CA VAL B 54 -3.56 -7.55 -5.50
C VAL B 54 -2.20 -7.76 -4.83
N ALA B 55 -1.13 -7.22 -5.40
CA ALA B 55 0.20 -7.44 -4.85
C ALA B 55 1.20 -6.36 -5.25
N TYR B 56 2.35 -6.36 -4.58
CA TYR B 56 3.45 -5.47 -4.90
C TYR B 56 4.15 -5.80 -6.22
N THR B 57 4.88 -4.83 -6.79
CA THR B 57 5.58 -5.03 -8.06
C THR B 57 6.85 -4.19 -7.97
N CYS B 58 7.87 -4.66 -8.69
CA CYS B 58 9.15 -3.97 -8.79
C CYS B 58 8.98 -2.60 -9.43
N VAL B 59 10.03 -1.79 -9.38
CA VAL B 59 10.04 -0.44 -9.94
C VAL B 59 9.83 -0.46 -11.46
N ASN B 60 9.86 -1.64 -12.10
CA ASN B 60 9.58 -1.77 -13.51
C ASN B 60 8.34 -2.63 -13.76
N CYS B 61 8.08 -3.62 -12.90
CA CYS B 61 6.91 -4.49 -13.03
C CYS B 61 5.62 -3.70 -12.88
N THR B 62 5.69 -2.51 -12.28
CA THR B 62 4.52 -1.66 -12.10
C THR B 62 4.08 -0.90 -13.35
N GLU B 63 4.95 -0.82 -14.36
CA GLU B 63 4.64 -0.16 -15.63
C GLU B 63 4.74 -1.13 -16.81
N ARG B 64 5.54 -2.20 -16.66
CA ARG B 64 5.77 -3.20 -17.69
C ARG B 64 5.99 -4.55 -17.02
N ALA C 1 -1.50 -8.83 0.10
CA ALA C 1 -0.54 -9.27 -0.94
C ALA C 1 0.14 -10.55 -0.50
N ARG C 2 0.99 -11.13 -1.36
CA ARG C 2 1.71 -12.37 -1.07
C ARG C 2 2.93 -12.13 -0.17
N THR C 3 2.78 -11.29 0.85
CA THR C 3 3.88 -10.95 1.75
C THR C 3 4.39 -12.09 2.63
N GLN C 5 4.82 -12.23 5.81
CA GLN C 5 4.01 -12.35 7.01
C GLN C 5 2.70 -13.11 6.76
N THR C 6 2.32 -13.32 5.50
CA THR C 6 1.08 -14.02 5.16
C THR C 6 1.25 -15.19 4.17
N ALA C 7 2.48 -15.43 3.73
CA ALA C 7 2.80 -16.55 2.85
C ALA C 7 2.76 -17.88 3.60
N ARG C 8 2.88 -18.98 2.87
CA ARG C 8 2.86 -20.33 3.43
C ARG C 8 3.82 -21.22 2.66
N LYS C 9 4.62 -21.99 3.38
CA LYS C 9 5.63 -22.87 2.80
C LYS C 9 5.03 -24.19 2.33
N SER C 10 5.73 -24.88 1.42
CA SER C 10 5.32 -26.18 0.93
C SER C 10 5.49 -27.25 2.02
N THR C 11 6.23 -26.93 3.08
CA THR C 11 6.44 -27.80 4.22
C THR C 11 5.25 -27.93 5.16
N GLY C 12 4.16 -27.21 4.87
CA GLY C 12 2.96 -27.22 5.70
C GLY C 12 3.09 -26.34 6.93
N GLY C 13 2.06 -26.38 7.79
CA GLY C 13 2.01 -25.58 9.00
C GLY C 13 0.64 -25.67 9.66
N ALA A 1 -6.74 21.35 13.52
CA ALA A 1 -6.17 19.99 13.52
C ALA A 1 -7.25 18.95 13.21
N GLY A 2 -6.83 17.73 12.88
CA GLY A 2 -7.74 16.64 12.57
C GLY A 2 -8.43 16.10 13.84
N HIS A 3 -9.32 15.14 13.67
CA HIS A 3 -10.04 14.53 14.78
C HIS A 3 -9.09 13.70 15.64
N MET A 4 -9.56 13.33 16.84
CA MET A 4 -8.78 12.58 17.81
C MET A 4 -9.34 11.17 18.03
N ALA A 5 -10.34 10.76 17.23
CA ALA A 5 -10.98 9.47 17.41
C ALA A 5 -10.03 8.31 17.10
N THR A 6 -9.16 8.49 16.11
CA THR A 6 -8.14 7.51 15.76
C THR A 6 -7.17 8.21 14.80
N THR A 7 -5.88 7.93 14.96
CA THR A 7 -4.83 8.51 14.13
C THR A 7 -3.68 7.57 13.80
N LYS A 8 -3.09 7.74 12.61
CA LYS A 8 -1.95 6.98 12.12
C LYS A 8 -1.21 7.78 11.06
N ARG A 9 0.08 7.50 10.87
CA ARG A 9 0.89 8.20 9.87
C ARG A 9 0.44 7.89 8.44
N VAL A 10 -0.33 6.81 8.26
CA VAL A 10 -0.83 6.41 6.95
C VAL A 10 -2.34 6.21 6.93
N LEU A 11 -2.93 6.38 5.75
CA LEU A 11 -4.37 6.28 5.58
C LEU A 11 -4.72 5.73 4.20
N TYR A 12 -5.89 5.08 4.13
CA TYR A 12 -6.43 4.46 2.95
C TYR A 12 -7.31 5.35 2.08
N VAL A 13 -7.35 5.07 0.77
CA VAL A 13 -8.20 5.78 -0.17
C VAL A 13 -8.82 4.79 -1.15
N GLY A 14 -10.11 4.92 -1.45
CA GLY A 14 -10.79 3.99 -2.32
C GLY A 14 -11.90 4.66 -3.10
N GLY A 15 -12.34 4.02 -4.19
CA GLY A 15 -13.42 4.56 -5.02
C GLY A 15 -12.89 5.60 -6.01
N LEU A 16 -11.58 5.80 -6.05
CA LEU A 16 -10.94 6.75 -6.95
C LEU A 16 -11.13 6.32 -8.41
N ALA A 17 -10.95 7.25 -9.34
CA ALA A 17 -11.16 7.00 -10.76
C ALA A 17 -10.10 6.06 -11.33
N GLU A 18 -10.40 5.45 -12.48
CA GLU A 18 -9.53 4.47 -13.10
C GLU A 18 -8.27 5.11 -13.70
N GLU A 19 -8.29 6.42 -13.92
CA GLU A 19 -7.18 7.13 -14.54
C GLU A 19 -6.27 7.79 -13.50
N VAL A 20 -6.53 7.54 -12.21
CA VAL A 20 -5.73 8.11 -11.13
C VAL A 20 -4.39 7.40 -11.08
N ASP A 21 -3.33 8.18 -10.86
CA ASP A 21 -1.96 7.73 -10.66
C ASP A 21 -1.43 8.24 -9.33
N ASP A 22 -0.26 7.78 -8.90
CA ASP A 22 0.31 8.17 -7.61
C ASP A 22 0.58 9.67 -7.47
N LYS A 23 0.63 10.39 -8.59
CA LYS A 23 0.84 11.83 -8.58
C LYS A 23 -0.44 12.56 -8.21
N VAL A 24 -1.60 11.95 -8.44
CA VAL A 24 -2.88 12.57 -8.12
C VAL A 24 -3.13 12.50 -6.62
N LEU A 25 -2.79 11.36 -5.99
CA LEU A 25 -2.95 11.23 -4.56
C LEU A 25 -2.08 12.27 -3.83
N HIS A 26 -0.94 12.65 -4.40
CA HIS A 26 -0.11 13.66 -3.76
C HIS A 26 -0.77 15.02 -3.85
N ALA A 27 -1.22 15.41 -5.05
CA ALA A 27 -1.81 16.72 -5.27
C ALA A 27 -3.18 16.84 -4.58
N ALA A 28 -3.85 15.71 -4.33
CA ALA A 28 -5.16 15.71 -3.69
C ALA A 28 -5.04 15.72 -2.16
N PHE A 29 -3.92 15.24 -1.61
CA PHE A 29 -3.73 15.13 -0.18
C PHE A 29 -2.71 16.07 0.47
N ILE A 30 -1.99 16.86 -0.33
CA ILE A 30 -0.95 17.74 0.20
C ILE A 30 -1.47 18.96 0.99
N PRO A 31 -2.70 19.49 0.76
CA PRO A 31 -3.11 20.70 1.45
C PRO A 31 -3.45 20.46 2.92
N PHE A 32 -3.56 19.19 3.35
CA PHE A 32 -3.90 18.87 4.73
C PHE A 32 -2.61 18.72 5.53
N GLY A 33 -1.47 18.59 4.85
CA GLY A 33 -0.17 18.43 5.50
C GLY A 33 0.83 17.77 4.57
N ASP A 34 2.12 17.80 4.94
CA ASP A 34 3.16 17.23 4.11
C ASP A 34 3.08 15.71 3.95
N ILE A 35 3.13 15.25 2.70
CA ILE A 35 3.14 13.83 2.37
C ILE A 35 4.58 13.33 2.31
N THR A 36 4.79 12.06 2.67
CA THR A 36 6.12 11.44 2.62
C THR A 36 6.23 10.15 1.82
N ASP A 37 5.09 9.50 1.52
CA ASP A 37 5.08 8.32 0.65
C ASP A 37 3.67 8.09 0.10
N ILE A 38 3.58 7.38 -1.02
CA ILE A 38 2.33 7.01 -1.66
C ILE A 38 2.51 5.63 -2.30
N GLN A 39 1.48 4.79 -2.21
CA GLN A 39 1.56 3.41 -2.68
C GLN A 39 0.28 3.00 -3.39
N ILE A 40 0.42 2.17 -4.42
CA ILE A 40 -0.70 1.68 -5.21
C ILE A 40 -0.39 0.25 -5.66
N PRO A 41 -1.06 -0.76 -5.08
CA PRO A 41 -0.86 -2.15 -5.44
C PRO A 41 -1.52 -2.45 -6.78
N LEU A 42 -1.02 -3.46 -7.50
CA LEU A 42 -1.47 -3.77 -8.84
C LEU A 42 -2.45 -4.95 -8.88
N ASP A 43 -3.60 -4.76 -9.53
CA ASP A 43 -4.60 -5.80 -9.75
C ASP A 43 -4.29 -6.66 -10.97
N TYR A 44 -4.25 -7.98 -10.81
CA TYR A 44 -3.86 -8.88 -11.89
C TYR A 44 -4.91 -9.25 -12.91
N GLU A 45 -6.14 -8.74 -12.76
CA GLU A 45 -7.21 -8.99 -13.71
C GLU A 45 -7.06 -8.12 -14.95
N THR A 46 -6.53 -6.90 -14.79
CA THR A 46 -6.33 -5.96 -15.90
C THR A 46 -5.05 -5.13 -15.84
N GLU A 47 -4.19 -5.41 -14.85
CA GLU A 47 -2.92 -4.73 -14.62
C GLU A 47 -3.07 -3.23 -14.42
N LYS A 48 -3.92 -2.83 -13.46
CA LYS A 48 -4.05 -1.45 -13.02
C LYS A 48 -4.36 -1.45 -11.52
N HIS A 49 -4.55 -0.29 -10.90
CA HIS A 49 -4.88 -0.25 -9.48
C HIS A 49 -6.24 -0.89 -9.24
N ARG A 50 -6.45 -1.49 -8.05
CA ARG A 50 -7.68 -2.22 -7.76
C ARG A 50 -8.82 -1.30 -7.31
N GLY A 51 -8.77 -0.03 -7.71
CA GLY A 51 -9.79 0.95 -7.33
C GLY A 51 -9.50 1.60 -5.98
N PHE A 52 -8.28 1.38 -5.45
CA PHE A 52 -7.85 1.98 -4.21
C PHE A 52 -6.37 2.31 -4.17
N ALA A 53 -5.95 3.10 -3.19
CA ALA A 53 -4.57 3.54 -3.04
C ALA A 53 -4.25 3.88 -1.59
N PHE A 54 -2.98 4.20 -1.32
CA PHE A 54 -2.50 4.56 0.00
C PHE A 54 -1.63 5.81 -0.02
N VAL A 55 -1.58 6.52 1.11
CA VAL A 55 -0.78 7.74 1.24
C VAL A 55 -0.26 7.81 2.68
N GLU A 56 0.89 8.48 2.86
CA GLU A 56 1.51 8.64 4.17
C GLU A 56 1.86 10.09 4.43
N PHE A 57 1.57 10.53 5.66
CA PHE A 57 1.85 11.86 6.15
C PHE A 57 3.06 11.98 7.06
N GLU A 58 3.60 13.20 7.20
CA GLU A 58 4.74 13.45 8.06
C GLU A 58 4.37 13.27 9.54
N LEU A 59 3.06 13.33 9.85
CA LEU A 59 2.54 13.12 11.20
C LEU A 59 1.15 12.49 11.13
N ALA A 60 0.75 11.83 12.22
CA ALA A 60 -0.53 11.16 12.30
C ALA A 60 -1.69 12.14 12.42
N GLU A 61 -1.42 13.36 12.92
CA GLU A 61 -2.45 14.37 13.11
C GLU A 61 -2.88 14.96 11.77
N ASP A 62 -2.00 14.95 10.78
CA ASP A 62 -2.31 15.45 9.46
C ASP A 62 -3.19 14.49 8.66
N ALA A 63 -3.11 13.20 8.97
CA ALA A 63 -3.94 12.18 8.32
C ALA A 63 -5.38 12.32 8.79
N ALA A 64 -5.58 12.65 10.07
CA ALA A 64 -6.91 12.81 10.62
C ALA A 64 -7.58 14.08 10.07
N ALA A 65 -6.77 15.03 9.59
CA ALA A 65 -7.29 16.25 8.98
C ALA A 65 -7.65 16.01 7.52
N ALA A 66 -6.97 15.08 6.85
CA ALA A 66 -7.27 14.74 5.47
C ALA A 66 -8.58 13.96 5.40
N ILE A 67 -8.85 13.15 6.42
CA ILE A 67 -10.07 12.39 6.52
C ILE A 67 -11.23 13.31 6.88
N ASP A 68 -10.99 14.27 7.78
CA ASP A 68 -12.00 15.20 8.23
C ASP A 68 -12.42 16.20 7.13
N ASN A 69 -11.67 16.26 6.02
CA ASN A 69 -11.95 17.24 4.99
C ASN A 69 -12.18 16.66 3.58
N MET A 70 -11.82 15.41 3.30
CA MET A 70 -12.06 14.84 1.97
C MET A 70 -12.76 13.47 2.00
N ASN A 71 -13.13 12.97 3.18
CA ASN A 71 -13.87 11.72 3.26
C ASN A 71 -15.19 11.83 2.51
N GLU A 72 -15.52 10.81 1.71
CA GLU A 72 -16.76 10.76 0.94
C GLU A 72 -16.96 12.02 0.08
N SER A 73 -15.90 12.47 -0.58
CA SER A 73 -15.96 13.64 -1.46
C SER A 73 -15.55 13.26 -2.90
N GLU A 74 -15.95 14.07 -3.87
CA GLU A 74 -15.65 13.86 -5.29
C GLU A 74 -14.22 14.29 -5.62
N LEU A 75 -13.50 13.48 -6.40
CA LEU A 75 -12.13 13.81 -6.78
C LEU A 75 -11.96 13.91 -8.30
N PHE A 76 -12.24 12.79 -8.99
CA PHE A 76 -12.12 12.67 -10.44
C PHE A 76 -13.44 12.58 -11.20
N GLY A 77 -14.56 12.83 -10.51
CA GLY A 77 -15.88 12.73 -11.10
C GLY A 77 -16.78 11.77 -10.31
N ARG A 78 -16.26 11.18 -9.23
CA ARG A 78 -17.04 10.28 -8.39
C ARG A 78 -16.49 10.32 -6.97
N THR A 79 -17.32 9.90 -6.01
CA THR A 79 -16.97 9.88 -4.60
C THR A 79 -15.87 8.90 -4.21
N ILE A 80 -14.95 9.34 -3.35
CA ILE A 80 -13.87 8.48 -2.86
C ILE A 80 -13.94 8.39 -1.34
N ARG A 81 -13.49 7.27 -0.79
CA ARG A 81 -13.44 7.02 0.64
C ARG A 81 -12.09 7.43 1.20
N VAL A 82 -12.08 7.89 2.45
CA VAL A 82 -10.86 8.25 3.17
C VAL A 82 -10.96 7.88 4.64
N ASN A 83 -10.02 7.07 5.12
CA ASN A 83 -9.96 6.61 6.51
C ASN A 83 -8.57 6.03 6.79
N LEU A 84 -8.27 5.71 8.05
CA LEU A 84 -6.99 5.09 8.37
C LEU A 84 -6.96 3.70 7.72
N ALA A 85 -5.77 3.12 7.54
CA ALA A 85 -5.63 1.81 6.94
C ALA A 85 -5.71 0.69 7.98
N LYS A 86 -5.84 1.03 9.27
CA LYS A 86 -5.90 0.05 10.34
C LYS A 86 -7.29 -0.54 10.60
N PRO A 87 -8.38 0.26 10.59
CA PRO A 87 -9.71 -0.20 10.95
C PRO A 87 -10.44 -0.86 9.79
N MET A 88 -9.74 -1.26 8.72
CA MET A 88 -10.40 -1.71 7.51
C MET A 88 -9.63 -2.76 6.71
N ARG A 89 -10.30 -3.27 5.67
CA ARG A 89 -9.76 -4.18 4.67
C ARG A 89 -10.65 -4.06 3.43
N ILE A 90 -10.30 -4.71 2.33
CA ILE A 90 -11.08 -4.61 1.11
C ILE A 90 -12.43 -5.29 1.27
N LYS A 91 -13.44 -4.76 0.57
CA LYS A 91 -14.81 -5.25 0.63
C LYS A 91 -14.97 -6.63 -0.02
N GLU A 92 -13.97 -7.10 -0.77
CA GLU A 92 -14.03 -8.38 -1.43
C GLU A 92 -12.62 -8.88 -1.77
N GLY A 93 -12.48 -10.20 -1.89
CA GLY A 93 -11.22 -10.85 -2.25
C GLY A 93 -10.95 -10.76 -3.74
N ALA B 1 24.40 -16.89 -5.08
CA ALA B 1 24.53 -17.02 -6.55
C ALA B 1 23.31 -17.72 -7.15
N LYS B 2 23.10 -19.00 -6.85
CA LYS B 2 21.98 -19.76 -7.37
C LYS B 2 20.65 -19.35 -6.75
N GLY B 3 20.69 -18.78 -5.53
CA GLY B 3 19.50 -18.33 -4.82
C GLY B 3 18.96 -17.01 -5.39
N ASN B 4 17.81 -16.57 -4.87
CA ASN B 4 17.18 -15.34 -5.31
C ASN B 4 17.85 -14.13 -4.64
N PHE B 5 17.68 -12.94 -5.22
CA PHE B 5 18.31 -11.72 -4.73
C PHE B 5 17.49 -10.45 -4.87
N CYS B 6 17.64 -9.52 -3.91
CA CYS B 6 16.83 -8.31 -3.86
C CYS B 6 17.14 -7.36 -5.03
N PRO B 7 16.10 -6.83 -5.68
CA PRO B 7 16.23 -5.91 -6.80
C PRO B 7 16.56 -4.47 -6.38
N LEU B 8 16.60 -4.16 -5.08
CA LEU B 8 16.77 -2.78 -4.62
C LEU B 8 17.93 -2.59 -3.65
N CYS B 9 18.52 -3.65 -3.10
CA CYS B 9 19.67 -3.51 -2.22
C CYS B 9 20.57 -4.75 -2.23
N ASP B 10 21.76 -4.61 -1.66
CA ASP B 10 22.77 -5.67 -1.64
C ASP B 10 22.56 -6.76 -0.60
N LYS B 11 21.48 -6.66 0.20
CA LYS B 11 21.21 -7.63 1.25
C LYS B 11 20.66 -8.94 0.67
N CYS B 12 20.56 -9.95 1.51
CA CYS B 12 20.09 -11.28 1.13
C CYS B 12 19.06 -11.80 2.13
N TYR B 13 18.46 -12.95 1.82
CA TYR B 13 17.42 -13.55 2.65
C TYR B 13 17.50 -15.06 2.83
N ASP B 14 16.80 -15.57 3.85
CA ASP B 14 16.79 -16.99 4.16
C ASP B 14 15.43 -17.53 4.63
N ASP B 15 15.28 -18.86 4.61
CA ASP B 15 14.06 -19.54 5.01
C ASP B 15 13.74 -19.46 6.51
N ASP B 16 12.52 -19.88 6.87
CA ASP B 16 12.00 -19.90 8.24
C ASP B 16 11.79 -18.54 8.91
N ASP B 17 12.74 -17.61 8.75
CA ASP B 17 12.63 -16.27 9.31
C ASP B 17 11.59 -15.39 8.61
N TYR B 18 11.07 -14.40 9.34
CA TYR B 18 10.08 -13.47 8.80
C TYR B 18 10.22 -12.00 9.18
N GLU B 19 11.27 -11.66 9.94
CA GLU B 19 11.51 -10.30 10.38
C GLU B 19 12.02 -9.40 9.25
N SER B 20 12.23 -9.99 8.06
CA SER B 20 12.73 -9.27 6.91
C SER B 20 11.67 -8.38 6.26
N LYS B 21 10.39 -8.58 6.64
CA LYS B 21 9.26 -7.77 6.18
C LYS B 21 9.20 -7.67 4.65
N MET B 22 9.58 -8.75 3.96
CA MET B 22 9.62 -8.77 2.51
C MET B 22 8.24 -8.98 1.88
N MET B 23 8.15 -8.69 0.59
CA MET B 23 6.96 -8.97 -0.22
C MET B 23 7.41 -9.65 -1.51
N GLN B 24 6.47 -10.26 -2.24
CA GLN B 24 6.79 -10.95 -3.48
C GLN B 24 6.08 -10.29 -4.65
N CYS B 25 6.82 -10.10 -5.76
CA CYS B 25 6.28 -9.51 -6.97
C CYS B 25 5.24 -10.44 -7.58
N GLY B 26 4.13 -9.86 -8.03
CA GLY B 26 3.05 -10.64 -8.63
C GLY B 26 3.27 -10.88 -10.12
N LYS B 27 4.35 -10.32 -10.69
CA LYS B 27 4.58 -10.40 -12.13
C LYS B 27 5.87 -11.14 -12.49
N CYS B 28 6.84 -11.21 -11.58
CA CYS B 28 8.07 -11.96 -11.84
C CYS B 28 8.49 -12.81 -10.64
N ASP B 29 7.60 -12.92 -9.64
CA ASP B 29 7.79 -13.73 -8.44
C ASP B 29 9.06 -13.46 -7.64
N ARG B 30 9.67 -12.28 -7.82
CA ARG B 30 10.91 -11.92 -7.13
C ARG B 30 10.60 -11.29 -5.78
N TRP B 31 11.41 -11.61 -4.76
CA TRP B 31 11.24 -11.07 -3.42
C TRP B 31 11.97 -9.74 -3.23
N VAL B 32 11.47 -8.91 -2.31
CA VAL B 32 12.03 -7.59 -2.05
C VAL B 32 11.75 -7.16 -0.61
N HIS B 33 12.69 -6.45 0.03
CA HIS B 33 12.51 -5.97 1.40
C HIS B 33 11.70 -4.68 1.40
N SER B 34 11.16 -4.29 2.56
CA SER B 34 10.44 -3.03 2.70
C SER B 34 11.38 -1.87 2.99
N LYS B 35 12.59 -2.15 3.52
CA LYS B 35 13.53 -1.12 3.92
C LYS B 35 14.22 -0.45 2.74
N CYS B 36 14.46 -1.18 1.65
CA CYS B 36 15.11 -0.66 0.46
C CYS B 36 14.13 0.05 -0.47
N GLU B 37 12.87 0.19 -0.02
CA GLU B 37 11.84 0.91 -0.74
C GLU B 37 11.35 2.07 0.13
N ASN B 38 10.65 3.05 -0.45
CA ASN B 38 10.13 4.19 0.29
C ASN B 38 9.01 3.78 1.24
N LEU B 39 8.69 2.49 1.31
CA LEU B 39 7.66 1.93 2.18
C LEU B 39 8.00 2.16 3.66
N SER B 40 7.04 1.85 4.52
CA SER B 40 7.13 2.02 5.96
C SER B 40 6.41 0.89 6.67
N ASP B 41 6.74 0.68 7.93
CA ASP B 41 6.11 -0.38 8.74
C ASP B 41 4.60 -0.22 8.86
N GLU B 42 4.07 0.98 8.58
CA GLU B 42 2.65 1.23 8.64
C GLU B 42 1.96 0.74 7.36
N MET B 43 2.66 0.81 6.23
CA MET B 43 2.13 0.34 4.94
C MET B 43 2.23 -1.18 4.84
N TYR B 44 3.22 -1.79 5.48
CA TYR B 44 3.41 -3.22 5.41
C TYR B 44 2.35 -4.03 6.12
N GLU B 45 1.77 -3.46 7.19
CA GLU B 45 0.73 -4.11 7.96
C GLU B 45 -0.61 -4.14 7.22
N ILE B 46 -0.82 -3.28 6.22
CA ILE B 46 -2.06 -3.33 5.46
C ILE B 46 -1.86 -4.11 4.17
N LEU B 47 -0.68 -3.99 3.53
CA LEU B 47 -0.38 -4.72 2.32
C LEU B 47 -0.37 -6.23 2.58
N SER B 48 -0.16 -6.66 3.83
CA SER B 48 -0.19 -8.07 4.19
C SER B 48 -1.61 -8.55 4.45
N ASN B 49 -2.58 -7.62 4.52
CA ASN B 49 -3.97 -7.94 4.75
C ASN B 49 -4.84 -7.75 3.50
N LEU B 50 -4.26 -7.18 2.43
CA LEU B 50 -4.94 -7.11 1.14
C LEU B 50 -5.03 -8.52 0.55
N PRO B 51 -6.03 -8.78 -0.30
CA PRO B 51 -6.18 -10.06 -0.96
C PRO B 51 -5.01 -10.32 -1.90
N GLU B 52 -4.74 -11.58 -2.22
CA GLU B 52 -3.63 -11.95 -3.07
C GLU B 52 -3.90 -11.62 -4.54
N SER B 53 -5.13 -11.19 -4.86
CA SER B 53 -5.49 -10.73 -6.19
C SER B 53 -4.83 -9.39 -6.50
N VAL B 54 -4.27 -8.74 -5.48
CA VAL B 54 -3.51 -7.51 -5.61
C VAL B 54 -2.12 -7.63 -5.00
N ALA B 55 -1.08 -7.10 -5.65
CA ALA B 55 0.27 -7.23 -5.12
C ALA B 55 1.20 -6.14 -5.64
N TYR B 56 2.32 -5.94 -4.93
CA TYR B 56 3.35 -4.98 -5.30
C TYR B 56 4.21 -5.44 -6.47
N THR B 57 4.86 -4.50 -7.17
CA THR B 57 5.72 -4.82 -8.31
C THR B 57 7.04 -4.07 -8.36
N CYS B 58 8.00 -4.63 -9.11
CA CYS B 58 9.31 -4.04 -9.32
C CYS B 58 9.18 -2.70 -10.06
N VAL B 59 10.30 -1.98 -10.15
CA VAL B 59 10.36 -0.68 -10.81
C VAL B 59 9.95 -0.74 -12.28
N ASN B 60 10.11 -1.91 -12.92
CA ASN B 60 9.75 -2.08 -14.31
C ASN B 60 8.52 -2.98 -14.49
N CYS B 61 8.20 -3.80 -13.50
CA CYS B 61 7.03 -4.68 -13.58
C CYS B 61 5.74 -3.85 -13.59
N THR B 62 5.82 -2.56 -13.24
CA THR B 62 4.67 -1.67 -13.28
C THR B 62 4.38 -1.07 -14.66
N GLU B 63 5.33 -1.18 -15.59
CA GLU B 63 5.17 -0.67 -16.94
C GLU B 63 5.30 -1.78 -17.99
N ARG B 64 6.01 -2.85 -17.65
CA ARG B 64 6.36 -3.94 -18.57
C ARG B 64 6.74 -5.18 -17.77
N ALA C 1 -1.58 -8.57 -0.36
CA ALA C 1 -0.51 -8.97 -1.30
C ALA C 1 0.29 -10.14 -0.73
N ARG C 2 1.17 -10.72 -1.55
CA ARG C 2 2.09 -11.75 -1.09
C ARG C 2 3.18 -11.13 -0.22
N THR C 3 3.30 -11.60 1.03
CA THR C 3 4.31 -11.12 1.98
C THR C 3 4.97 -12.21 2.79
N GLN C 5 5.51 -12.43 6.11
CA GLN C 5 4.74 -12.79 7.30
C GLN C 5 3.40 -13.43 6.95
N THR C 6 2.77 -13.01 5.85
CA THR C 6 1.47 -13.54 5.46
C THR C 6 1.49 -14.85 4.66
N ALA C 7 2.68 -15.25 4.19
CA ALA C 7 2.84 -16.51 3.48
C ALA C 7 2.62 -17.69 4.42
N ARG C 8 2.36 -18.87 3.87
CA ARG C 8 2.14 -20.06 4.66
C ARG C 8 3.41 -20.43 5.41
N LYS C 9 3.27 -20.89 6.66
CA LYS C 9 4.40 -21.23 7.52
C LYS C 9 3.95 -22.19 8.62
N SER C 10 4.90 -22.93 9.19
CA SER C 10 4.61 -23.92 10.21
C SER C 10 4.19 -23.26 11.53
N THR C 11 4.49 -21.97 11.71
CA THR C 11 4.09 -21.22 12.89
C THR C 11 2.61 -20.82 12.93
N GLY C 12 1.87 -21.11 11.86
CA GLY C 12 0.45 -20.80 11.76
C GLY C 12 -0.41 -21.80 12.53
N GLY C 13 0.21 -22.84 13.10
CA GLY C 13 -0.50 -23.85 13.88
C GLY C 13 0.46 -24.91 14.39
N ALA A 1 -2.19 19.92 11.89
CA ALA A 1 -3.09 19.53 12.98
C ALA A 1 -4.43 19.04 12.44
N GLY A 2 -5.22 18.38 13.28
CA GLY A 2 -6.52 17.84 12.88
C GLY A 2 -7.23 17.21 14.08
N HIS A 3 -8.25 16.39 13.80
CA HIS A 3 -9.01 15.70 14.85
C HIS A 3 -8.15 14.64 15.55
N MET A 4 -8.71 14.05 16.61
CA MET A 4 -7.98 13.12 17.47
C MET A 4 -8.79 11.87 17.80
N ALA A 5 -9.98 11.71 17.19
CA ALA A 5 -10.83 10.55 17.47
C ALA A 5 -10.16 9.26 17.00
N THR A 6 -9.32 9.36 15.96
CA THR A 6 -8.51 8.25 15.49
C THR A 6 -7.47 8.86 14.56
N THR A 7 -6.21 8.45 14.73
CA THR A 7 -5.09 8.98 13.95
C THR A 7 -3.97 7.97 13.68
N LYS A 8 -3.28 8.14 12.54
CA LYS A 8 -2.12 7.32 12.18
C LYS A 8 -1.33 8.03 11.08
N ARG A 9 -0.03 7.73 10.95
CA ARG A 9 0.82 8.33 9.92
C ARG A 9 0.38 7.94 8.50
N VAL A 10 -0.45 6.89 8.37
CA VAL A 10 -0.87 6.39 7.08
C VAL A 10 -2.38 6.29 7.01
N LEU A 11 -2.95 6.54 5.83
CA LEU A 11 -4.39 6.50 5.62
C LEU A 11 -4.71 5.95 4.23
N TYR A 12 -5.91 5.40 4.12
CA TYR A 12 -6.43 4.74 2.93
C TYR A 12 -7.35 5.55 2.05
N VAL A 13 -7.38 5.23 0.74
CA VAL A 13 -8.25 5.88 -0.21
C VAL A 13 -8.83 4.85 -1.16
N GLY A 14 -10.14 4.92 -1.45
CA GLY A 14 -10.79 3.92 -2.29
C GLY A 14 -11.93 4.54 -3.10
N GLY A 15 -12.33 3.88 -4.19
CA GLY A 15 -13.40 4.34 -5.05
C GLY A 15 -12.92 5.40 -6.04
N LEU A 16 -11.61 5.68 -6.04
CA LEU A 16 -11.00 6.65 -6.94
C LEU A 16 -11.13 6.19 -8.39
N ALA A 17 -10.96 7.13 -9.33
CA ALA A 17 -11.13 6.85 -10.75
C ALA A 17 -10.03 5.92 -11.29
N GLU A 18 -10.29 5.30 -12.43
CA GLU A 18 -9.39 4.33 -13.03
C GLU A 18 -8.15 4.98 -13.63
N GLU A 19 -8.20 6.30 -13.89
CA GLU A 19 -7.10 7.02 -14.53
C GLU A 19 -6.20 7.69 -13.49
N VAL A 20 -6.44 7.46 -12.20
CA VAL A 20 -5.65 8.07 -11.14
C VAL A 20 -4.29 7.40 -11.09
N ASP A 21 -3.26 8.21 -10.85
CA ASP A 21 -1.88 7.79 -10.65
C ASP A 21 -1.39 8.32 -9.30
N ASP A 22 -0.21 7.88 -8.86
CA ASP A 22 0.33 8.28 -7.56
C ASP A 22 0.57 9.79 -7.40
N LYS A 23 0.62 10.51 -8.51
CA LYS A 23 0.81 11.96 -8.51
C LYS A 23 -0.49 12.68 -8.17
N VAL A 24 -1.64 12.03 -8.41
CA VAL A 24 -2.94 12.62 -8.12
C VAL A 24 -3.18 12.57 -6.62
N LEU A 25 -2.86 11.44 -5.98
CA LEU A 25 -3.01 11.32 -4.54
C LEU A 25 -2.16 12.37 -3.83
N HIS A 26 -1.00 12.73 -4.38
CA HIS A 26 -0.16 13.73 -3.74
C HIS A 26 -0.81 15.10 -3.85
N ALA A 27 -1.23 15.50 -5.06
CA ALA A 27 -1.79 16.81 -5.28
C ALA A 27 -3.17 16.97 -4.64
N ALA A 28 -3.87 15.86 -4.41
CA ALA A 28 -5.18 15.89 -3.80
C ALA A 28 -5.10 15.95 -2.28
N PHE A 29 -4.03 15.40 -1.69
CA PHE A 29 -3.90 15.30 -0.24
C PHE A 29 -2.88 16.23 0.43
N ILE A 30 -2.10 16.98 -0.35
CA ILE A 30 -1.06 17.84 0.18
C ILE A 30 -1.55 19.08 0.95
N PRO A 31 -2.74 19.66 0.70
CA PRO A 31 -3.12 20.90 1.36
C PRO A 31 -3.48 20.70 2.83
N PHE A 32 -3.61 19.45 3.29
CA PHE A 32 -3.98 19.15 4.67
C PHE A 32 -2.70 18.96 5.50
N GLY A 33 -1.55 18.78 4.84
CA GLY A 33 -0.28 18.59 5.52
C GLY A 33 0.73 17.92 4.59
N ASP A 34 2.01 17.96 4.96
CA ASP A 34 3.06 17.38 4.15
C ASP A 34 2.98 15.86 3.99
N ILE A 35 3.00 15.39 2.74
CA ILE A 35 3.01 13.98 2.42
C ILE A 35 4.45 13.47 2.34
N THR A 36 4.68 12.22 2.75
CA THR A 36 6.01 11.62 2.73
C THR A 36 6.14 10.32 1.93
N ASP A 37 5.03 9.67 1.59
CA ASP A 37 5.06 8.49 0.73
C ASP A 37 3.65 8.25 0.17
N ILE A 38 3.58 7.53 -0.95
CA ILE A 38 2.33 7.13 -1.60
C ILE A 38 2.54 5.76 -2.23
N GLN A 39 1.53 4.90 -2.16
CA GLN A 39 1.63 3.54 -2.65
C GLN A 39 0.35 3.11 -3.36
N ILE A 40 0.50 2.28 -4.40
CA ILE A 40 -0.61 1.76 -5.19
C ILE A 40 -0.27 0.34 -5.65
N PRO A 41 -0.95 -0.68 -5.10
CA PRO A 41 -0.73 -2.07 -5.46
C PRO A 41 -1.38 -2.39 -6.81
N LEU A 42 -0.94 -3.47 -7.46
CA LEU A 42 -1.38 -3.81 -8.81
C LEU A 42 -2.36 -4.99 -8.82
N ASP A 43 -3.48 -4.84 -9.52
CA ASP A 43 -4.46 -5.90 -9.74
C ASP A 43 -4.14 -6.74 -10.97
N TYR A 44 -4.19 -8.06 -10.84
CA TYR A 44 -3.82 -8.96 -11.92
C TYR A 44 -4.92 -9.38 -12.89
N GLU A 45 -6.15 -8.91 -12.67
CA GLU A 45 -7.28 -9.22 -13.54
C GLU A 45 -7.26 -8.33 -14.79
N THR A 46 -6.77 -7.09 -14.67
CA THR A 46 -6.71 -6.15 -15.79
C THR A 46 -5.44 -5.29 -15.83
N GLU A 47 -4.50 -5.58 -14.94
CA GLU A 47 -3.20 -4.92 -14.86
C GLU A 47 -3.32 -3.41 -14.62
N LYS A 48 -4.05 -3.03 -13.57
CA LYS A 48 -4.14 -1.64 -13.11
C LYS A 48 -4.40 -1.66 -11.60
N HIS A 49 -4.57 -0.50 -10.95
CA HIS A 49 -4.84 -0.48 -9.52
C HIS A 49 -6.23 -1.07 -9.24
N ARG A 50 -6.42 -1.64 -8.05
CA ARG A 50 -7.68 -2.31 -7.69
C ARG A 50 -8.79 -1.31 -7.30
N GLY A 51 -8.63 -0.03 -7.64
CA GLY A 51 -9.61 0.99 -7.33
C GLY A 51 -9.34 1.64 -5.97
N PHE A 52 -8.17 1.40 -5.40
CA PHE A 52 -7.75 2.04 -4.16
C PHE A 52 -6.27 2.36 -4.13
N ALA A 53 -5.87 3.20 -3.16
CA ALA A 53 -4.49 3.66 -3.03
C ALA A 53 -4.17 4.02 -1.58
N PHE A 54 -2.90 4.31 -1.30
CA PHE A 54 -2.43 4.67 0.02
C PHE A 54 -1.58 5.94 0.02
N VAL A 55 -1.54 6.65 1.15
CA VAL A 55 -0.78 7.87 1.29
C VAL A 55 -0.27 7.96 2.73
N GLU A 56 0.88 8.60 2.92
CA GLU A 56 1.52 8.74 4.21
C GLU A 56 1.83 10.20 4.52
N PHE A 57 1.56 10.61 5.76
CA PHE A 57 1.80 11.96 6.25
C PHE A 57 2.99 12.12 7.18
N GLU A 58 3.51 13.33 7.29
CA GLU A 58 4.61 13.64 8.19
C GLU A 58 4.17 13.52 9.65
N LEU A 59 2.86 13.62 9.91
CA LEU A 59 2.27 13.48 11.24
C LEU A 59 0.89 12.85 11.14
N ALA A 60 0.44 12.22 12.22
CA ALA A 60 -0.85 11.54 12.26
C ALA A 60 -2.01 12.54 12.35
N GLU A 61 -1.77 13.74 12.87
CA GLU A 61 -2.82 14.73 13.03
C GLU A 61 -3.22 15.30 11.66
N ASP A 62 -2.29 15.33 10.71
CA ASP A 62 -2.57 15.82 9.38
C ASP A 62 -3.40 14.84 8.55
N ALA A 63 -3.36 13.55 8.91
CA ALA A 63 -4.16 12.54 8.25
C ALA A 63 -5.61 12.65 8.68
N ALA A 64 -5.85 13.04 9.93
CA ALA A 64 -7.20 13.20 10.44
C ALA A 64 -7.90 14.39 9.79
N ALA A 65 -7.11 15.39 9.35
CA ALA A 65 -7.64 16.55 8.66
C ALA A 65 -7.88 16.24 7.19
N ALA A 66 -7.11 15.31 6.61
CA ALA A 66 -7.29 14.91 5.23
C ALA A 66 -8.57 14.09 5.09
N ILE A 67 -8.91 13.33 6.13
CA ILE A 67 -10.14 12.54 6.17
C ILE A 67 -11.35 13.46 6.39
N ASP A 68 -11.20 14.44 7.30
CA ASP A 68 -12.28 15.35 7.64
C ASP A 68 -12.70 16.27 6.49
N ASN A 69 -11.88 16.33 5.43
CA ASN A 69 -12.13 17.23 4.31
C ASN A 69 -12.34 16.53 2.96
N MET A 70 -12.05 15.22 2.84
CA MET A 70 -12.27 14.53 1.57
C MET A 70 -13.05 13.22 1.72
N ASN A 71 -13.37 12.80 2.94
CA ASN A 71 -14.14 11.58 3.13
C ASN A 71 -15.47 11.66 2.39
N GLU A 72 -15.79 10.61 1.63
CA GLU A 72 -17.03 10.51 0.87
C GLU A 72 -17.28 11.75 -0.01
N SER A 73 -16.24 12.21 -0.71
CA SER A 73 -16.32 13.36 -1.60
C SER A 73 -15.84 12.98 -3.01
N GLU A 74 -16.23 13.79 -4.00
CA GLU A 74 -15.88 13.58 -5.40
C GLU A 74 -14.46 14.06 -5.70
N LEU A 75 -13.68 13.25 -6.44
CA LEU A 75 -12.32 13.63 -6.81
C LEU A 75 -12.12 13.72 -8.31
N PHE A 76 -12.33 12.59 -9.00
CA PHE A 76 -12.18 12.46 -10.45
C PHE A 76 -13.48 12.35 -11.23
N GLY A 77 -14.62 12.58 -10.56
CA GLY A 77 -15.93 12.47 -11.19
C GLY A 77 -16.84 11.51 -10.44
N ARG A 78 -16.35 10.93 -9.34
CA ARG A 78 -17.15 10.02 -8.52
C ARG A 78 -16.65 10.06 -7.09
N THR A 79 -17.49 9.61 -6.16
CA THR A 79 -17.16 9.56 -4.75
C THR A 79 -16.00 8.64 -4.38
N ILE A 80 -15.18 9.04 -3.41
CA ILE A 80 -14.08 8.22 -2.92
C ILE A 80 -14.14 8.18 -1.38
N ARG A 81 -13.63 7.08 -0.81
CA ARG A 81 -13.58 6.87 0.63
C ARG A 81 -12.23 7.32 1.15
N VAL A 82 -12.21 7.85 2.38
CA VAL A 82 -10.99 8.24 3.07
C VAL A 82 -11.08 7.92 4.55
N ASN A 83 -10.11 7.16 5.07
CA ASN A 83 -10.07 6.73 6.47
C ASN A 83 -8.65 6.25 6.80
N LEU A 84 -8.36 5.99 8.07
CA LEU A 84 -7.05 5.47 8.45
C LEU A 84 -6.87 4.09 7.84
N ALA A 85 -5.62 3.67 7.65
CA ALA A 85 -5.30 2.37 7.09
C ALA A 85 -5.21 1.30 8.21
N LYS A 86 -6.00 1.46 9.28
CA LYS A 86 -5.98 0.55 10.42
C LYS A 86 -7.33 -0.14 10.70
N PRO A 87 -8.47 0.57 10.71
CA PRO A 87 -9.76 -0.02 11.06
C PRO A 87 -10.35 -0.88 9.94
N MET A 88 -9.67 -0.99 8.79
CA MET A 88 -10.17 -1.75 7.66
C MET A 88 -9.00 -2.24 6.79
N ARG A 89 -9.32 -2.95 5.71
CA ARG A 89 -8.33 -3.43 4.76
C ARG A 89 -8.82 -3.25 3.32
N ILE A 90 -10.13 -3.31 3.12
CA ILE A 90 -10.80 -3.12 1.84
C ILE A 90 -12.19 -2.55 2.14
N LYS A 91 -12.78 -1.81 1.19
CA LYS A 91 -14.11 -1.21 1.38
C LYS A 91 -15.23 -2.25 1.48
N GLU A 92 -14.88 -3.54 1.45
CA GLU A 92 -15.81 -4.65 1.58
C GLU A 92 -15.08 -5.88 2.13
N GLY A 93 -13.97 -5.65 2.85
CA GLY A 93 -13.10 -6.69 3.38
C GLY A 93 -13.83 -7.63 4.33
N ALA B 1 17.40 -22.43 -6.16
CA ALA B 1 16.24 -22.97 -5.42
C ALA B 1 15.87 -22.09 -4.24
N LYS B 2 16.36 -22.40 -3.04
CA LYS B 2 16.02 -21.66 -1.83
C LYS B 2 16.83 -20.37 -1.71
N GLY B 3 17.96 -20.27 -2.41
CA GLY B 3 18.77 -19.07 -2.40
C GLY B 3 18.15 -18.01 -3.31
N ASN B 4 18.10 -16.77 -2.82
CA ASN B 4 17.48 -15.66 -3.53
C ASN B 4 18.12 -14.33 -3.15
N PHE B 5 17.95 -13.31 -4.01
CA PHE B 5 18.53 -11.99 -3.82
C PHE B 5 17.61 -10.81 -4.12
N CYS B 6 17.67 -9.76 -3.30
CA CYS B 6 16.79 -8.61 -3.42
C CYS B 6 17.17 -7.76 -4.64
N PRO B 7 16.20 -7.42 -5.50
CA PRO B 7 16.39 -6.66 -6.71
C PRO B 7 16.57 -5.16 -6.44
N LEU B 8 16.50 -4.70 -5.19
CA LEU B 8 16.52 -3.28 -4.90
C LEU B 8 17.48 -2.90 -3.77
N CYS B 9 18.09 -3.86 -3.06
CA CYS B 9 19.14 -3.56 -2.11
C CYS B 9 20.10 -4.75 -1.96
N ASP B 10 21.25 -4.51 -1.33
CA ASP B 10 22.34 -5.48 -1.26
C ASP B 10 22.11 -6.71 -0.37
N LYS B 11 20.98 -6.78 0.34
CA LYS B 11 20.67 -7.90 1.21
C LYS B 11 20.30 -9.15 0.42
N CYS B 12 20.41 -10.32 1.07
CA CYS B 12 20.14 -11.61 0.46
C CYS B 12 19.47 -12.57 1.45
N TYR B 13 18.92 -13.67 0.94
CA TYR B 13 18.16 -14.63 1.73
C TYR B 13 18.22 -16.08 1.28
N ASP B 14 17.85 -17.00 2.17
CA ASP B 14 17.85 -18.43 1.90
C ASP B 14 16.48 -19.09 2.07
N ASP B 15 15.43 -18.26 1.99
CA ASP B 15 14.03 -18.67 2.17
C ASP B 15 13.65 -19.24 3.53
N ASP B 16 14.63 -19.52 4.40
CA ASP B 16 14.40 -20.04 5.74
C ASP B 16 14.23 -18.94 6.79
N ASP B 17 14.52 -17.69 6.40
CA ASP B 17 14.44 -16.54 7.27
C ASP B 17 13.08 -15.85 7.34
N TYR B 18 12.00 -16.64 7.33
CA TYR B 18 10.64 -16.12 7.43
C TYR B 18 10.31 -15.35 8.72
N GLU B 19 11.31 -15.23 9.61
CA GLU B 19 11.21 -14.43 10.82
C GLU B 19 11.22 -12.94 10.45
N SER B 20 11.81 -12.62 9.29
CA SER B 20 11.87 -11.28 8.75
C SER B 20 10.56 -10.94 8.05
N LYS B 21 10.48 -9.75 7.45
CA LYS B 21 9.27 -9.31 6.76
C LYS B 21 9.62 -8.74 5.39
N MET B 22 8.92 -9.22 4.36
CA MET B 22 9.13 -8.86 2.97
C MET B 22 7.85 -9.08 2.18
N MET B 23 7.74 -8.43 1.02
CA MET B 23 6.62 -8.63 0.11
C MET B 23 7.14 -9.32 -1.15
N GLN B 24 6.27 -10.05 -1.85
CA GLN B 24 6.65 -10.73 -3.09
C GLN B 24 5.98 -10.06 -4.28
N CYS B 25 6.76 -9.88 -5.35
CA CYS B 25 6.29 -9.30 -6.60
C CYS B 25 5.28 -10.24 -7.25
N GLY B 26 4.23 -9.69 -7.85
CA GLY B 26 3.18 -10.48 -8.49
C GLY B 26 3.50 -10.75 -9.96
N LYS B 27 4.62 -10.25 -10.47
CA LYS B 27 4.94 -10.34 -11.89
C LYS B 27 6.28 -11.02 -12.17
N CYS B 28 7.19 -11.06 -11.20
CA CYS B 28 8.46 -11.77 -11.39
C CYS B 28 8.85 -12.60 -10.17
N ASP B 29 7.95 -12.73 -9.20
CA ASP B 29 8.12 -13.52 -7.99
C ASP B 29 9.34 -13.21 -7.11
N ARG B 30 9.92 -12.02 -7.26
CA ARG B 30 11.04 -11.60 -6.43
C ARG B 30 10.55 -11.02 -5.10
N TRP B 31 11.28 -11.28 -4.03
CA TRP B 31 10.96 -10.70 -2.72
C TRP B 31 11.67 -9.38 -2.54
N VAL B 32 11.07 -8.48 -1.74
CA VAL B 32 11.63 -7.16 -1.48
C VAL B 32 11.41 -6.79 -0.02
N HIS B 33 12.42 -6.21 0.63
CA HIS B 33 12.33 -5.83 2.02
C HIS B 33 11.47 -4.57 2.17
N SER B 34 11.06 -4.26 3.41
CA SER B 34 10.19 -3.11 3.64
C SER B 34 10.96 -1.78 3.62
N LYS B 35 12.27 -1.79 3.33
CA LYS B 35 13.09 -0.58 3.40
C LYS B 35 13.96 -0.32 2.17
N CYS B 36 13.87 -1.14 1.12
CA CYS B 36 14.67 -0.94 -0.09
C CYS B 36 14.16 0.29 -0.86
N GLU B 37 12.89 0.63 -0.63
CA GLU B 37 12.21 1.76 -1.24
C GLU B 37 11.72 2.73 -0.17
N ASN B 38 11.07 3.82 -0.60
CA ASN B 38 10.51 4.83 0.28
C ASN B 38 9.40 4.28 1.18
N LEU B 39 9.15 2.97 1.12
CA LEU B 39 8.19 2.27 1.97
C LEU B 39 8.53 2.48 3.44
N SER B 40 7.56 2.14 4.30
CA SER B 40 7.69 2.22 5.75
C SER B 40 6.98 1.04 6.39
N ASP B 41 7.33 0.72 7.64
CA ASP B 41 6.76 -0.42 8.32
C ASP B 41 5.25 -0.33 8.58
N GLU B 42 4.67 0.86 8.44
CA GLU B 42 3.23 1.02 8.57
C GLU B 42 2.53 0.71 7.24
N MET B 43 3.19 1.01 6.12
CA MET B 43 2.68 0.69 4.79
C MET B 43 2.71 -0.81 4.54
N TYR B 44 3.67 -1.51 5.16
CA TYR B 44 3.77 -2.95 5.01
C TYR B 44 2.67 -3.74 5.72
N GLU B 45 2.21 -3.22 6.87
CA GLU B 45 1.23 -3.89 7.70
C GLU B 45 -0.19 -3.78 7.13
N ILE B 46 -0.42 -2.94 6.11
CA ILE B 46 -1.72 -2.90 5.46
C ILE B 46 -1.68 -3.66 4.14
N LEU B 47 -0.53 -3.65 3.46
CA LEU B 47 -0.35 -4.42 2.24
C LEU B 47 -0.40 -5.92 2.54
N SER B 48 -0.11 -6.32 3.78
CA SER B 48 -0.15 -7.72 4.18
C SER B 48 -1.58 -8.19 4.45
N ASN B 49 -2.54 -7.26 4.54
CA ASN B 49 -3.94 -7.59 4.79
C ASN B 49 -4.81 -7.50 3.54
N LEU B 50 -4.27 -6.99 2.43
CA LEU B 50 -4.99 -6.93 1.18
C LEU B 50 -5.16 -8.36 0.61
N PRO B 51 -6.21 -8.58 -0.18
CA PRO B 51 -6.46 -9.86 -0.83
C PRO B 51 -5.32 -10.18 -1.79
N GLU B 52 -5.10 -11.46 -2.08
CA GLU B 52 -4.00 -11.90 -2.92
C GLU B 52 -4.21 -11.53 -4.39
N SER B 53 -5.41 -11.04 -4.74
CA SER B 53 -5.72 -10.60 -6.09
C SER B 53 -5.02 -9.28 -6.41
N VAL B 54 -4.41 -8.65 -5.39
CA VAL B 54 -3.62 -7.45 -5.54
C VAL B 54 -2.25 -7.59 -4.87
N ALA B 55 -1.18 -7.11 -5.51
CA ALA B 55 0.16 -7.28 -4.95
C ALA B 55 1.15 -6.22 -5.45
N TYR B 56 2.29 -6.16 -4.75
CA TYR B 56 3.39 -5.28 -5.09
C TYR B 56 4.11 -5.62 -6.40
N THR B 57 4.85 -4.66 -6.96
CA THR B 57 5.57 -4.86 -8.21
C THR B 57 6.84 -4.03 -8.09
N CYS B 58 7.91 -4.52 -8.74
CA CYS B 58 9.20 -3.86 -8.78
C CYS B 58 9.10 -2.52 -9.50
N VAL B 59 10.21 -1.77 -9.50
CA VAL B 59 10.30 -0.47 -10.14
C VAL B 59 10.15 -0.56 -11.66
N ASN B 60 10.11 -1.76 -12.22
CA ASN B 60 9.87 -1.97 -13.65
C ASN B 60 8.62 -2.81 -13.90
N CYS B 61 8.28 -3.71 -12.96
CA CYS B 61 7.12 -4.58 -13.09
C CYS B 61 5.82 -3.77 -13.06
N THR B 62 5.88 -2.50 -12.65
CA THR B 62 4.71 -1.63 -12.63
C THR B 62 4.41 -0.93 -13.96
N GLU B 63 5.39 -0.89 -14.87
CA GLU B 63 5.22 -0.26 -16.19
C GLU B 63 5.45 -1.25 -17.33
N ARG B 64 6.15 -2.36 -17.04
CA ARG B 64 6.53 -3.35 -18.03
C ARG B 64 6.82 -4.69 -17.34
N ALA C 1 -1.70 -8.50 -0.17
CA ALA C 1 -0.67 -8.94 -1.13
C ALA C 1 0.09 -10.15 -0.56
N ARG C 2 0.95 -10.77 -1.37
CA ARG C 2 1.77 -11.88 -0.89
C ARG C 2 2.92 -11.34 -0.05
N THR C 3 3.00 -11.76 1.21
CA THR C 3 4.04 -11.34 2.14
C THR C 3 4.51 -12.43 3.09
N GLN C 5 4.83 -12.38 6.35
CA GLN C 5 3.98 -12.43 7.54
C GLN C 5 2.51 -12.70 7.22
N THR C 6 2.17 -13.06 5.97
CA THR C 6 0.80 -13.36 5.59
C THR C 6 0.61 -14.60 4.71
N ALA C 7 1.71 -15.17 4.22
CA ALA C 7 1.67 -16.38 3.41
C ALA C 7 1.33 -17.60 4.26
N ARG C 8 0.81 -18.64 3.64
CA ARG C 8 0.46 -19.88 4.33
C ARG C 8 1.69 -20.71 4.68
N LYS C 9 2.86 -20.35 4.11
CA LYS C 9 4.13 -21.04 4.34
C LYS C 9 4.03 -22.53 4.05
N SER C 10 3.15 -22.91 3.12
CA SER C 10 2.88 -24.29 2.74
C SER C 10 2.34 -25.13 3.90
N THR C 11 1.79 -26.31 3.59
CA THR C 11 1.22 -27.22 4.58
C THR C 11 2.23 -27.85 5.53
N GLY C 12 1.73 -28.36 6.67
CA GLY C 12 2.56 -29.01 7.67
C GLY C 12 2.98 -30.42 7.25
N GLY C 13 2.52 -30.88 6.08
CA GLY C 13 2.83 -32.21 5.57
C GLY C 13 2.13 -33.29 6.37
N ALA A 1 -22.22 14.15 14.29
CA ALA A 1 -21.87 12.89 13.60
C ALA A 1 -20.65 12.24 14.24
N GLY A 2 -20.46 10.95 14.01
CA GLY A 2 -19.33 10.21 14.56
C GLY A 2 -18.03 10.53 13.81
N HIS A 3 -16.91 10.05 14.35
CA HIS A 3 -15.58 10.28 13.79
C HIS A 3 -14.69 9.05 14.01
N MET A 4 -13.57 9.01 13.30
CA MET A 4 -12.61 7.91 13.41
C MET A 4 -11.93 7.92 14.78
N ALA A 5 -11.92 9.07 15.45
CA ALA A 5 -11.38 9.28 16.78
C ALA A 5 -9.95 8.75 16.96
N THR A 6 -9.22 8.58 15.86
CA THR A 6 -7.85 8.09 15.87
C THR A 6 -6.98 8.71 14.78
N THR A 7 -5.66 8.65 14.95
CA THR A 7 -4.72 9.21 13.99
C THR A 7 -3.49 8.34 13.70
N LYS A 8 -3.00 8.43 12.46
CA LYS A 8 -1.80 7.75 12.01
C LYS A 8 -1.33 8.42 10.72
N ARG A 9 -0.02 8.38 10.44
CA ARG A 9 0.53 8.99 9.25
C ARG A 9 0.08 8.29 7.97
N VAL A 10 -0.11 6.97 8.04
CA VAL A 10 -0.60 6.21 6.90
C VAL A 10 -2.13 6.26 6.87
N LEU A 11 -2.70 6.40 5.67
CA LEU A 11 -4.13 6.39 5.49
C LEU A 11 -4.49 5.83 4.11
N TYR A 12 -5.67 5.20 4.05
CA TYR A 12 -6.23 4.55 2.87
C TYR A 12 -7.13 5.42 2.02
N VAL A 13 -7.19 5.13 0.71
CA VAL A 13 -8.07 5.81 -0.22
C VAL A 13 -8.69 4.79 -1.16
N GLY A 14 -10.01 4.86 -1.37
CA GLY A 14 -10.70 3.88 -2.20
C GLY A 14 -11.88 4.48 -2.93
N GLY A 15 -12.31 3.84 -4.02
CA GLY A 15 -13.43 4.33 -4.83
C GLY A 15 -12.97 5.37 -5.83
N LEU A 16 -11.66 5.62 -5.89
CA LEU A 16 -11.06 6.59 -6.81
C LEU A 16 -11.24 6.15 -8.26
N ALA A 17 -11.09 7.08 -9.20
CA ALA A 17 -11.30 6.81 -10.62
C ALA A 17 -10.20 5.90 -11.19
N GLU A 18 -10.49 5.28 -12.33
CA GLU A 18 -9.59 4.32 -12.95
C GLU A 18 -8.37 5.01 -13.58
N GLU A 19 -8.45 6.31 -13.83
CA GLU A 19 -7.39 7.06 -14.48
C GLU A 19 -6.44 7.70 -13.45
N VAL A 20 -6.65 7.42 -12.17
CA VAL A 20 -5.83 7.99 -11.10
C VAL A 20 -4.48 7.27 -11.10
N ASP A 21 -3.41 8.06 -10.92
CA ASP A 21 -2.05 7.61 -10.78
C ASP A 21 -1.47 8.12 -9.45
N ASP A 22 -0.29 7.65 -9.06
CA ASP A 22 0.31 8.04 -7.79
C ASP A 22 0.59 9.53 -7.66
N LYS A 23 0.64 10.25 -8.78
CA LYS A 23 0.86 11.69 -8.79
C LYS A 23 -0.43 12.44 -8.42
N VAL A 24 -1.58 11.82 -8.63
CA VAL A 24 -2.87 12.43 -8.32
C VAL A 24 -3.10 12.40 -6.81
N LEU A 25 -2.77 11.27 -6.16
CA LEU A 25 -2.92 11.16 -4.73
C LEU A 25 -2.07 12.22 -4.03
N HIS A 26 -0.92 12.61 -4.60
CA HIS A 26 -0.10 13.64 -3.99
C HIS A 26 -0.80 15.00 -4.09
N ALA A 27 -1.26 15.36 -5.29
CA ALA A 27 -1.87 16.65 -5.52
C ALA A 27 -3.24 16.76 -4.84
N ALA A 28 -3.89 15.63 -4.57
CA ALA A 28 -5.19 15.60 -3.94
C ALA A 28 -5.10 15.63 -2.42
N PHE A 29 -3.96 15.21 -1.86
CA PHE A 29 -3.78 15.14 -0.41
C PHE A 29 -2.77 16.11 0.22
N ILE A 30 -2.03 16.86 -0.60
CA ILE A 30 -1.01 17.78 -0.10
C ILE A 30 -1.57 19.01 0.65
N PRO A 31 -2.79 19.51 0.40
CA PRO A 31 -3.24 20.73 1.05
C PRO A 31 -3.55 20.52 2.53
N PHE A 32 -3.64 19.26 2.98
CA PHE A 32 -3.95 18.96 4.38
C PHE A 32 -2.65 18.85 5.17
N GLY A 33 -1.51 18.73 4.48
CA GLY A 33 -0.21 18.62 5.12
C GLY A 33 0.80 17.94 4.20
N ASP A 34 2.08 18.00 4.55
CA ASP A 34 3.15 17.44 3.74
C ASP A 34 3.09 15.92 3.60
N ILE A 35 3.16 15.44 2.36
CA ILE A 35 3.22 14.02 2.05
C ILE A 35 4.68 13.59 1.90
N THR A 36 4.98 12.34 2.26
CA THR A 36 6.34 11.80 2.14
C THR A 36 6.46 10.49 1.39
N ASP A 37 5.35 9.78 1.18
CA ASP A 37 5.32 8.56 0.40
C ASP A 37 3.91 8.23 -0.12
N ILE A 38 3.83 7.50 -1.24
CA ILE A 38 2.56 7.08 -1.84
C ILE A 38 2.74 5.68 -2.41
N GLN A 39 1.68 4.86 -2.35
CA GLN A 39 1.75 3.47 -2.78
C GLN A 39 0.44 3.06 -3.44
N ILE A 40 0.55 2.24 -4.49
CA ILE A 40 -0.60 1.72 -5.21
C ILE A 40 -0.30 0.29 -5.65
N PRO A 41 -0.93 -0.72 -5.04
CA PRO A 41 -0.71 -2.12 -5.36
C PRO A 41 -1.37 -2.45 -6.70
N LEU A 42 -0.78 -3.38 -7.45
CA LEU A 42 -1.24 -3.71 -8.80
C LEU A 42 -2.19 -4.91 -8.79
N ASP A 43 -3.34 -4.77 -9.44
CA ASP A 43 -4.33 -5.85 -9.55
C ASP A 43 -3.95 -6.66 -10.79
N TYR A 44 -4.39 -7.91 -10.86
CA TYR A 44 -4.04 -8.79 -11.96
C TYR A 44 -5.14 -9.17 -12.95
N GLU A 45 -6.32 -8.56 -12.81
CA GLU A 45 -7.41 -8.75 -13.74
C GLU A 45 -7.16 -7.93 -15.02
N THR A 46 -6.58 -6.74 -14.87
CA THR A 46 -6.29 -5.85 -16.00
C THR A 46 -4.97 -5.08 -15.89
N GLU A 47 -4.13 -5.44 -14.91
CA GLU A 47 -2.86 -4.78 -14.63
C GLU A 47 -3.01 -3.29 -14.37
N LYS A 48 -3.88 -2.93 -13.41
CA LYS A 48 -4.02 -1.56 -12.93
C LYS A 48 -4.38 -1.61 -11.44
N HIS A 49 -4.58 -0.47 -10.80
CA HIS A 49 -4.92 -0.46 -9.38
C HIS A 49 -6.30 -1.08 -9.16
N ARG A 50 -6.52 -1.67 -7.98
CA ARG A 50 -7.75 -2.37 -7.66
C ARG A 50 -8.86 -1.42 -7.19
N GLY A 51 -8.78 -0.14 -7.59
CA GLY A 51 -9.77 0.86 -7.21
C GLY A 51 -9.43 1.52 -5.87
N PHE A 52 -8.21 1.32 -5.37
CA PHE A 52 -7.75 1.96 -4.15
C PHE A 52 -6.26 2.29 -4.16
N ALA A 53 -5.82 3.09 -3.19
CA ALA A 53 -4.45 3.55 -3.08
C ALA A 53 -4.09 3.88 -1.63
N PHE A 54 -2.82 4.18 -1.38
CA PHE A 54 -2.29 4.51 -0.07
C PHE A 54 -1.40 5.75 -0.08
N VAL A 55 -1.32 6.46 1.04
CA VAL A 55 -0.54 7.68 1.16
C VAL A 55 0.03 7.77 2.57
N GLU A 56 1.15 8.49 2.71
CA GLU A 56 1.88 8.65 3.96
C GLU A 56 2.20 10.12 4.22
N PHE A 57 1.86 10.59 5.42
CA PHE A 57 2.11 11.96 5.87
C PHE A 57 3.35 12.20 6.71
N GLU A 58 3.79 13.45 6.77
CA GLU A 58 4.93 13.85 7.61
C GLU A 58 4.53 13.89 9.09
N LEU A 59 3.23 13.95 9.39
CA LEU A 59 2.70 13.95 10.74
C LEU A 59 1.40 13.16 10.80
N ALA A 60 1.12 12.54 11.94
CA ALA A 60 -0.08 11.73 12.12
C ALA A 60 -1.32 12.61 12.18
N GLU A 61 -1.16 13.86 12.61
CA GLU A 61 -2.28 14.80 12.75
C GLU A 61 -2.74 15.34 11.40
N ASP A 62 -1.83 15.38 10.41
CA ASP A 62 -2.16 15.87 9.08
C ASP A 62 -3.06 14.91 8.31
N ALA A 63 -3.01 13.63 8.64
CA ALA A 63 -3.84 12.62 8.02
C ALA A 63 -5.28 12.71 8.54
N ALA A 64 -5.44 13.07 9.81
CA ALA A 64 -6.77 13.21 10.40
C ALA A 64 -7.49 14.41 9.78
N ALA A 65 -6.73 15.41 9.31
CA ALA A 65 -7.31 16.58 8.68
C ALA A 65 -7.68 16.28 7.23
N ALA A 66 -6.98 15.33 6.59
CA ALA A 66 -7.30 14.92 5.23
C ALA A 66 -8.59 14.10 5.23
N ILE A 67 -8.77 13.28 6.28
CA ILE A 67 -9.97 12.47 6.44
C ILE A 67 -11.15 13.36 6.78
N ASP A 68 -10.94 14.35 7.67
CA ASP A 68 -11.99 15.25 8.11
C ASP A 68 -12.49 16.18 7.00
N ASN A 69 -11.77 16.28 5.88
CA ASN A 69 -12.12 17.20 4.81
C ASN A 69 -12.39 16.57 3.45
N MET A 70 -11.97 15.32 3.20
CA MET A 70 -12.21 14.69 1.90
C MET A 70 -12.83 13.29 2.00
N ASN A 71 -13.10 12.80 3.21
CA ASN A 71 -13.78 11.52 3.37
C ASN A 71 -15.16 11.58 2.71
N GLU A 72 -15.51 10.53 1.96
CA GLU A 72 -16.79 10.42 1.29
C GLU A 72 -17.12 11.66 0.45
N SER A 73 -16.13 12.14 -0.31
CA SER A 73 -16.29 13.29 -1.20
C SER A 73 -15.84 12.94 -2.61
N GLU A 74 -16.28 13.71 -3.61
CA GLU A 74 -15.94 13.51 -5.01
C GLU A 74 -14.52 13.96 -5.30
N LEU A 75 -13.75 13.16 -6.05
CA LEU A 75 -12.37 13.49 -6.39
C LEU A 75 -12.16 13.60 -7.91
N PHE A 76 -12.42 12.50 -8.62
CA PHE A 76 -12.32 12.37 -10.08
C PHE A 76 -13.64 12.24 -10.83
N GLY A 77 -14.77 12.45 -10.14
CA GLY A 77 -16.09 12.34 -10.74
C GLY A 77 -17.01 11.41 -9.97
N ARG A 78 -16.48 10.78 -8.91
CA ARG A 78 -17.26 9.89 -8.05
C ARG A 78 -16.72 9.95 -6.64
N THR A 79 -17.52 9.51 -5.67
CA THR A 79 -17.13 9.49 -4.26
C THR A 79 -15.98 8.56 -3.92
N ILE A 80 -15.13 8.96 -2.97
CA ILE A 80 -14.00 8.16 -2.53
C ILE A 80 -13.98 8.09 -1.00
N ARG A 81 -13.39 7.02 -0.46
CA ARG A 81 -13.27 6.80 0.98
C ARG A 81 -11.90 7.25 1.45
N VAL A 82 -11.81 7.66 2.72
CA VAL A 82 -10.56 8.04 3.38
C VAL A 82 -10.57 7.66 4.86
N ASN A 83 -9.57 6.90 5.32
CA ASN A 83 -9.48 6.45 6.70
C ASN A 83 -8.06 5.96 7.01
N LEU A 84 -7.74 5.70 8.28
CA LEU A 84 -6.38 5.38 8.73
C LEU A 84 -5.87 4.01 8.28
N ALA A 85 -6.57 3.35 7.34
CA ALA A 85 -6.25 2.02 6.85
C ALA A 85 -6.17 0.94 7.92
N LYS A 86 -6.42 1.29 9.19
CA LYS A 86 -6.30 0.35 10.30
C LYS A 86 -7.61 -0.36 10.65
N PRO A 87 -8.76 0.34 10.66
CA PRO A 87 -10.02 -0.23 11.12
C PRO A 87 -10.77 -1.03 10.06
N MET A 88 -10.19 -1.20 8.86
CA MET A 88 -10.94 -1.82 7.77
C MET A 88 -10.03 -2.51 6.75
N ARG A 89 -10.66 -3.25 5.83
CA ARG A 89 -10.04 -3.88 4.68
C ARG A 89 -11.08 -3.92 3.55
N ILE A 90 -10.72 -4.46 2.39
CA ILE A 90 -11.62 -4.45 1.24
C ILE A 90 -12.92 -5.19 1.58
N LYS A 91 -14.03 -4.66 1.05
CA LYS A 91 -15.38 -5.13 1.35
C LYS A 91 -15.67 -6.52 0.77
N GLU A 92 -14.81 -7.03 -0.12
CA GLU A 92 -15.03 -8.33 -0.74
C GLU A 92 -13.74 -8.98 -1.23
N GLY A 93 -12.58 -8.36 -0.96
CA GLY A 93 -11.30 -8.87 -1.41
C GLY A 93 -11.19 -8.83 -2.93
N ALA B 1 24.77 -18.14 -3.79
CA ALA B 1 24.56 -18.22 -5.24
C ALA B 1 23.10 -18.52 -5.59
N LYS B 2 22.60 -19.69 -5.19
CA LYS B 2 21.23 -20.11 -5.47
C LYS B 2 20.21 -19.39 -4.57
N GLY B 3 20.68 -18.72 -3.52
CA GLY B 3 19.82 -18.00 -2.60
C GLY B 3 19.18 -16.77 -3.25
N ASN B 4 18.27 -16.12 -2.54
CA ASN B 4 17.56 -14.95 -3.04
C ASN B 4 18.43 -13.71 -2.93
N PHE B 5 18.14 -12.68 -3.74
CA PHE B 5 18.90 -11.45 -3.76
C PHE B 5 18.12 -10.17 -4.03
N CYS B 6 18.33 -9.15 -3.19
CA CYS B 6 17.62 -7.90 -3.26
C CYS B 6 18.35 -6.87 -4.11
N PRO B 7 17.64 -6.21 -5.05
CA PRO B 7 18.20 -5.22 -5.94
C PRO B 7 18.27 -3.83 -5.31
N LEU B 8 17.70 -3.64 -4.11
CA LEU B 8 17.63 -2.32 -3.48
C LEU B 8 18.59 -2.18 -2.30
N CYS B 9 19.11 -3.29 -1.75
CA CYS B 9 20.08 -3.19 -0.66
C CYS B 9 21.12 -4.32 -0.68
N ASP B 10 21.16 -5.09 -1.77
CA ASP B 10 22.16 -6.14 -1.97
C ASP B 10 22.15 -7.32 -1.00
N LYS B 11 21.35 -7.24 0.08
CA LYS B 11 21.29 -8.30 1.07
C LYS B 11 20.70 -9.59 0.49
N CYS B 12 21.32 -10.72 0.80
CA CYS B 12 20.84 -12.04 0.40
C CYS B 12 20.00 -12.66 1.51
N TYR B 13 19.12 -13.60 1.16
CA TYR B 13 18.22 -14.23 2.12
C TYR B 13 17.78 -15.65 1.80
N ASP B 14 17.50 -16.44 2.84
CA ASP B 14 17.01 -17.81 2.70
C ASP B 14 15.49 -17.92 2.62
N ASP B 15 14.98 -19.04 2.13
CA ASP B 15 13.55 -19.27 2.01
C ASP B 15 12.81 -19.36 3.35
N ASP B 16 13.57 -19.53 4.44
CA ASP B 16 13.04 -19.61 5.80
C ASP B 16 13.07 -18.30 6.57
N ASP B 17 13.53 -17.22 5.94
CA ASP B 17 13.68 -15.91 6.55
C ASP B 17 12.38 -15.15 6.84
N TYR B 18 11.33 -15.88 7.24
CA TYR B 18 10.03 -15.30 7.56
C TYR B 18 9.99 -14.26 8.67
N GLU B 19 11.09 -14.11 9.41
CA GLU B 19 11.18 -13.14 10.50
C GLU B 19 11.42 -11.72 9.96
N SER B 20 11.79 -11.59 8.68
CA SER B 20 12.04 -10.31 8.05
C SER B 20 10.81 -9.84 7.28
N LYS B 21 10.53 -8.53 7.33
CA LYS B 21 9.40 -7.95 6.63
C LYS B 21 9.76 -7.70 5.16
N MET B 22 9.09 -8.43 4.26
CA MET B 22 9.31 -8.29 2.83
C MET B 22 8.06 -8.77 2.07
N MET B 23 7.94 -8.37 0.81
CA MET B 23 6.80 -8.71 -0.02
C MET B 23 7.28 -9.35 -1.32
N GLN B 24 6.39 -10.07 -2.00
CA GLN B 24 6.71 -10.73 -3.25
C GLN B 24 6.06 -10.01 -4.43
N CYS B 25 6.78 -9.93 -5.55
CA CYS B 25 6.29 -9.31 -6.77
C CYS B 25 5.17 -10.16 -7.38
N GLY B 26 4.12 -9.51 -7.86
CA GLY B 26 2.99 -10.19 -8.47
C GLY B 26 3.24 -10.50 -9.96
N LYS B 27 4.37 -10.06 -10.51
CA LYS B 27 4.62 -10.19 -11.94
C LYS B 27 5.92 -10.95 -12.26
N CYS B 28 6.88 -11.01 -11.33
CA CYS B 28 8.11 -11.75 -11.56
C CYS B 28 8.54 -12.56 -10.33
N ASP B 29 7.66 -12.65 -9.33
CA ASP B 29 7.86 -13.43 -8.12
C ASP B 29 9.13 -13.15 -7.32
N ARG B 30 9.74 -11.98 -7.52
CA ARG B 30 10.94 -11.58 -6.80
C ARG B 30 10.56 -10.92 -5.48
N TRP B 31 11.33 -11.16 -4.41
CA TRP B 31 11.09 -10.55 -3.12
C TRP B 31 11.83 -9.22 -2.96
N VAL B 32 11.30 -8.32 -2.12
CA VAL B 32 11.92 -7.03 -1.82
C VAL B 32 11.60 -6.69 -0.37
N HIS B 33 12.59 -6.22 0.38
CA HIS B 33 12.41 -5.89 1.79
C HIS B 33 11.65 -4.59 1.97
N SER B 34 10.97 -4.44 3.10
CA SER B 34 10.23 -3.22 3.40
C SER B 34 11.16 -2.09 3.85
N LYS B 35 12.40 -2.44 4.26
CA LYS B 35 13.35 -1.47 4.78
C LYS B 35 14.06 -0.68 3.68
N CYS B 36 14.40 -1.32 2.57
CA CYS B 36 15.10 -0.68 1.45
C CYS B 36 14.13 -0.04 0.46
N GLU B 37 12.85 -0.44 0.50
CA GLU B 37 11.81 0.20 -0.28
C GLU B 37 11.33 1.46 0.44
N ASN B 38 10.77 2.43 -0.30
CA ASN B 38 10.31 3.68 0.28
C ASN B 38 9.05 3.51 1.15
N LEU B 39 8.54 2.28 1.26
CA LEU B 39 7.32 1.97 1.99
C LEU B 39 7.49 2.17 3.48
N SER B 40 6.43 2.59 4.17
CA SER B 40 6.42 2.70 5.62
C SER B 40 6.11 1.34 6.26
N ASP B 41 6.51 1.14 7.51
CA ASP B 41 6.31 -0.12 8.20
C ASP B 41 4.84 -0.43 8.51
N GLU B 42 4.04 0.61 8.76
CA GLU B 42 2.63 0.41 9.01
C GLU B 42 1.90 0.18 7.69
N MET B 43 2.44 0.73 6.60
CA MET B 43 1.87 0.56 5.28
C MET B 43 2.18 -0.85 4.75
N TYR B 44 3.26 -1.47 5.24
CA TYR B 44 3.53 -2.87 4.96
C TYR B 44 2.51 -3.85 5.54
N GLU B 45 2.02 -3.53 6.74
CA GLU B 45 1.07 -4.39 7.44
C GLU B 45 -0.32 -4.41 6.78
N ILE B 46 -0.74 -3.31 6.14
CA ILE B 46 -2.04 -3.30 5.49
C ILE B 46 -1.98 -4.07 4.16
N LEU B 47 -0.84 -4.02 3.46
CA LEU B 47 -0.66 -4.79 2.24
C LEU B 47 -0.71 -6.27 2.55
N SER B 48 -0.32 -6.65 3.77
CA SER B 48 -0.35 -8.03 4.23
C SER B 48 -1.76 -8.48 4.62
N ASN B 49 -2.78 -7.65 4.34
CA ASN B 49 -4.17 -7.97 4.63
C ASN B 49 -5.08 -7.71 3.43
N LEU B 50 -4.53 -7.19 2.34
CA LEU B 50 -5.27 -7.04 1.09
C LEU B 50 -5.48 -8.41 0.45
N PRO B 51 -6.43 -8.53 -0.48
CA PRO B 51 -6.63 -9.76 -1.23
C PRO B 51 -5.38 -10.12 -2.03
N GLU B 52 -5.28 -11.38 -2.44
CA GLU B 52 -4.12 -11.87 -3.18
C GLU B 52 -4.20 -11.57 -4.68
N SER B 53 -5.36 -11.08 -5.15
CA SER B 53 -5.50 -10.66 -6.54
C SER B 53 -4.69 -9.38 -6.78
N VAL B 54 -4.45 -8.62 -5.71
CA VAL B 54 -3.62 -7.43 -5.75
C VAL B 54 -2.28 -7.66 -5.08
N ALA B 55 -1.18 -7.14 -5.64
CA ALA B 55 0.13 -7.37 -5.06
C ALA B 55 1.14 -6.30 -5.46
N TYR B 56 2.26 -6.28 -4.73
CA TYR B 56 3.39 -5.40 -5.00
C TYR B 56 4.13 -5.71 -6.31
N THR B 57 4.92 -4.75 -6.82
CA THR B 57 5.63 -4.94 -8.08
C THR B 57 6.94 -4.16 -7.96
N CYS B 58 7.94 -4.61 -8.72
CA CYS B 58 9.26 -3.98 -8.78
C CYS B 58 9.17 -2.58 -9.39
N VAL B 59 10.33 -1.91 -9.47
CA VAL B 59 10.45 -0.57 -10.02
C VAL B 59 9.97 -0.47 -11.47
N ASN B 60 9.97 -1.59 -12.20
CA ASN B 60 9.55 -1.61 -13.61
C ASN B 60 8.36 -2.53 -13.87
N CYS B 61 8.08 -3.49 -12.97
CA CYS B 61 6.98 -4.42 -13.16
C CYS B 61 5.64 -3.69 -13.12
N THR B 62 5.61 -2.47 -12.59
CA THR B 62 4.38 -1.67 -12.55
C THR B 62 4.00 -1.02 -13.88
N GLU B 63 4.93 -0.95 -14.84
CA GLU B 63 4.67 -0.39 -16.16
C GLU B 63 4.91 -1.41 -17.27
N ARG B 64 5.80 -2.37 -17.03
CA ARG B 64 6.20 -3.38 -18.00
C ARG B 64 6.50 -4.69 -17.27
N ALA C 1 -1.93 -8.73 -0.25
CA ALA C 1 -0.89 -9.12 -1.22
C ALA C 1 -0.12 -10.34 -0.69
N ARG C 2 0.73 -10.94 -1.54
CA ARG C 2 1.58 -12.05 -1.12
C ARG C 2 2.81 -11.52 -0.38
N THR C 3 2.96 -11.93 0.89
CA THR C 3 4.03 -11.49 1.78
C THR C 3 4.50 -12.56 2.76
N GLN C 5 4.22 -12.14 5.99
CA GLN C 5 3.15 -12.09 6.98
C GLN C 5 1.91 -12.86 6.48
N THR C 6 1.76 -13.01 5.16
CA THR C 6 0.69 -13.81 4.58
C THR C 6 1.09 -14.48 3.27
N ALA C 7 1.33 -15.79 3.32
CA ALA C 7 1.73 -16.57 2.16
C ALA C 7 0.54 -16.97 1.30
N ARG C 8 0.81 -17.41 0.07
CA ARG C 8 -0.23 -17.85 -0.86
C ARG C 8 -1.00 -19.03 -0.27
N LYS C 9 -2.34 -18.96 -0.32
CA LYS C 9 -3.21 -19.99 0.23
C LYS C 9 -3.24 -21.23 -0.68
N SER C 10 -3.67 -22.35 -0.12
CA SER C 10 -3.72 -23.65 -0.80
C SER C 10 -2.34 -24.10 -1.30
N THR C 11 -2.30 -25.33 -1.84
CA THR C 11 -1.07 -25.91 -2.37
C THR C 11 -0.58 -25.33 -3.68
N GLY C 12 -1.30 -24.35 -4.23
CA GLY C 12 -0.93 -23.71 -5.49
C GLY C 12 -1.17 -24.63 -6.68
N GLY C 13 -0.60 -24.26 -7.84
CA GLY C 13 -0.73 -25.04 -9.07
C GLY C 13 -2.16 -24.99 -9.61
N ALA A 1 -19.90 8.79 6.91
CA ALA A 1 -18.63 9.55 6.91
C ALA A 1 -17.75 9.15 8.09
N GLY A 2 -16.44 9.35 7.95
CA GLY A 2 -15.46 9.05 8.99
C GLY A 2 -15.44 10.14 10.05
N HIS A 3 -14.56 9.97 11.06
CA HIS A 3 -14.43 10.91 12.16
C HIS A 3 -12.97 11.03 12.59
N MET A 4 -12.61 12.18 13.19
CA MET A 4 -11.26 12.45 13.66
C MET A 4 -11.01 11.83 15.05
N ALA A 5 -11.81 10.83 15.44
CA ALA A 5 -11.70 10.18 16.73
C ALA A 5 -10.39 9.38 16.86
N THR A 6 -9.66 9.21 15.76
CA THR A 6 -8.38 8.53 15.76
C THR A 6 -7.45 9.03 14.64
N THR A 7 -6.14 8.91 14.85
CA THR A 7 -5.14 9.37 13.89
C THR A 7 -3.92 8.46 13.76
N LYS A 8 -3.29 8.45 12.58
CA LYS A 8 -2.06 7.70 12.36
C LYS A 8 -1.28 8.27 11.16
N ARG A 9 -0.01 7.91 11.05
CA ARG A 9 0.92 8.41 10.05
C ARG A 9 0.50 8.04 8.62
N VAL A 10 -0.36 7.03 8.46
CA VAL A 10 -0.80 6.57 7.16
C VAL A 10 -2.32 6.47 7.05
N LEU A 11 -2.83 6.55 5.82
CA LEU A 11 -4.26 6.50 5.56
C LEU A 11 -4.55 5.95 4.18
N TYR A 12 -5.72 5.33 4.06
CA TYR A 12 -6.25 4.70 2.87
C TYR A 12 -7.11 5.58 1.96
N VAL A 13 -7.17 5.25 0.67
CA VAL A 13 -8.03 5.94 -0.28
C VAL A 13 -8.65 4.92 -1.23
N GLY A 14 -9.97 4.98 -1.44
CA GLY A 14 -10.65 3.99 -2.26
C GLY A 14 -11.82 4.59 -3.01
N GLY A 15 -12.24 3.94 -4.10
CA GLY A 15 -13.34 4.42 -4.93
C GLY A 15 -12.87 5.51 -5.90
N LEU A 16 -11.56 5.78 -5.91
CA LEU A 16 -10.95 6.76 -6.81
C LEU A 16 -11.11 6.32 -8.26
N ALA A 17 -10.90 7.25 -9.21
CA ALA A 17 -11.08 6.98 -10.62
C ALA A 17 -10.02 6.02 -11.16
N GLU A 18 -10.33 5.37 -12.29
CA GLU A 18 -9.47 4.38 -12.90
C GLU A 18 -8.23 5.01 -13.54
N GLU A 19 -8.24 6.32 -13.78
CA GLU A 19 -7.13 7.01 -14.43
C GLU A 19 -6.18 7.64 -13.41
N VAL A 20 -6.41 7.38 -12.11
CA VAL A 20 -5.57 7.93 -11.07
C VAL A 20 -4.24 7.18 -11.04
N ASP A 21 -3.16 7.93 -10.79
CA ASP A 21 -1.80 7.43 -10.63
C ASP A 21 -1.25 7.95 -9.31
N ASP A 22 -0.08 7.46 -8.89
CA ASP A 22 0.52 7.84 -7.62
C ASP A 22 0.83 9.33 -7.49
N LYS A 23 0.88 10.05 -8.61
CA LYS A 23 1.15 11.49 -8.62
C LYS A 23 -0.12 12.27 -8.26
N VAL A 24 -1.30 11.68 -8.48
CA VAL A 24 -2.56 12.34 -8.19
C VAL A 24 -2.80 12.34 -6.69
N LEU A 25 -2.51 11.22 -6.01
CA LEU A 25 -2.68 11.12 -4.58
C LEU A 25 -1.81 12.17 -3.88
N HIS A 26 -0.64 12.49 -4.43
CA HIS A 26 0.22 13.50 -3.82
C HIS A 26 -0.41 14.89 -3.97
N ALA A 27 -0.81 15.25 -5.19
CA ALA A 27 -1.36 16.57 -5.46
C ALA A 27 -2.74 16.75 -4.82
N ALA A 28 -3.46 15.66 -4.56
CA ALA A 28 -4.78 15.72 -3.95
C ALA A 28 -4.71 15.81 -2.43
N PHE A 29 -3.65 15.26 -1.82
CA PHE A 29 -3.53 15.20 -0.37
C PHE A 29 -2.50 16.13 0.28
N ILE A 30 -1.75 16.89 -0.51
CA ILE A 30 -0.69 17.75 0.01
C ILE A 30 -1.18 19.00 0.77
N PRO A 31 -2.38 19.56 0.52
CA PRO A 31 -2.77 20.81 1.17
C PRO A 31 -3.12 20.61 2.65
N PHE A 32 -3.27 19.36 3.09
CA PHE A 32 -3.63 19.06 4.47
C PHE A 32 -2.35 18.90 5.30
N GLY A 33 -1.20 18.74 4.64
CA GLY A 33 0.09 18.58 5.30
C GLY A 33 1.08 17.89 4.39
N ASP A 34 2.37 17.93 4.76
CA ASP A 34 3.42 17.34 3.94
C ASP A 34 3.34 15.82 3.82
N ILE A 35 3.35 15.32 2.59
CA ILE A 35 3.37 13.89 2.29
C ILE A 35 4.80 13.41 2.20
N THR A 36 5.05 12.15 2.60
CA THR A 36 6.39 11.58 2.53
C THR A 36 6.49 10.24 1.80
N ASP A 37 5.36 9.56 1.60
CA ASP A 37 5.26 8.31 0.87
C ASP A 37 3.88 8.02 0.29
N ILE A 38 3.86 7.26 -0.82
CA ILE A 38 2.63 6.85 -1.51
C ILE A 38 2.85 5.44 -2.07
N GLN A 39 1.79 4.63 -2.09
CA GLN A 39 1.87 3.25 -2.52
C GLN A 39 0.58 2.82 -3.21
N ILE A 40 0.69 2.00 -4.26
CA ILE A 40 -0.47 1.52 -5.00
C ILE A 40 -0.22 0.08 -5.46
N PRO A 41 -1.00 -0.88 -4.96
CA PRO A 41 -0.87 -2.29 -5.33
C PRO A 41 -1.49 -2.54 -6.70
N LEU A 42 -1.14 -3.65 -7.35
CA LEU A 42 -1.58 -3.96 -8.70
C LEU A 42 -2.61 -5.10 -8.72
N ASP A 43 -3.74 -4.89 -9.38
CA ASP A 43 -4.77 -5.90 -9.60
C ASP A 43 -4.48 -6.78 -10.81
N TYR A 44 -4.47 -8.10 -10.62
CA TYR A 44 -4.10 -9.02 -11.69
C TYR A 44 -5.17 -9.40 -12.71
N GLU A 45 -6.38 -8.85 -12.58
CA GLU A 45 -7.44 -9.10 -13.54
C GLU A 45 -7.25 -8.24 -14.79
N THR A 46 -6.71 -7.02 -14.63
CA THR A 46 -6.48 -6.11 -15.75
C THR A 46 -5.18 -5.31 -15.70
N GLU A 47 -4.33 -5.60 -14.70
CA GLU A 47 -3.06 -4.94 -14.47
C GLU A 47 -3.17 -3.43 -14.29
N LYS A 48 -4.00 -3.00 -13.34
CA LYS A 48 -4.08 -1.62 -12.90
C LYS A 48 -4.39 -1.60 -11.40
N HIS A 49 -4.53 -0.42 -10.79
CA HIS A 49 -4.85 -0.37 -9.37
C HIS A 49 -6.23 -0.95 -9.12
N ARG A 50 -6.46 -1.54 -7.94
CA ARG A 50 -7.72 -2.22 -7.63
C ARG A 50 -8.80 -1.24 -7.19
N GLY A 51 -8.72 0.02 -7.63
CA GLY A 51 -9.70 1.03 -7.26
C GLY A 51 -9.36 1.68 -5.93
N PHE A 52 -8.16 1.43 -5.41
CA PHE A 52 -7.69 2.06 -4.18
C PHE A 52 -6.19 2.35 -4.17
N ALA A 53 -5.75 3.16 -3.21
CA ALA A 53 -4.37 3.60 -3.09
C ALA A 53 -4.06 3.94 -1.63
N PHE A 54 -2.79 4.21 -1.35
CA PHE A 54 -2.32 4.55 -0.01
C PHE A 54 -1.42 5.78 0.01
N VAL A 55 -1.38 6.49 1.14
CA VAL A 55 -0.56 7.68 1.31
C VAL A 55 -0.07 7.75 2.76
N GLU A 56 1.07 8.42 2.97
CA GLU A 56 1.70 8.56 4.26
C GLU A 56 2.15 10.01 4.50
N PHE A 57 1.86 10.52 5.69
CA PHE A 57 2.17 11.87 6.10
C PHE A 57 3.38 12.05 7.01
N GLU A 58 3.88 13.29 7.10
CA GLU A 58 4.98 13.62 8.00
C GLU A 58 4.51 13.58 9.45
N LEU A 59 3.20 13.74 9.69
CA LEU A 59 2.59 13.70 11.01
C LEU A 59 1.21 13.06 10.92
N ALA A 60 0.78 12.44 12.03
CA ALA A 60 -0.49 11.75 12.09
C ALA A 60 -1.66 12.73 12.17
N GLU A 61 -1.43 13.95 12.68
CA GLU A 61 -2.48 14.95 12.83
C GLU A 61 -2.88 15.50 11.46
N ASP A 62 -1.96 15.46 10.49
CA ASP A 62 -2.24 15.93 9.15
C ASP A 62 -3.11 14.96 8.36
N ALA A 63 -3.07 13.68 8.73
CA ALA A 63 -3.89 12.66 8.11
C ALA A 63 -5.35 12.80 8.54
N ALA A 64 -5.57 13.25 9.79
CA ALA A 64 -6.91 13.43 10.30
C ALA A 64 -7.59 14.61 9.62
N ALA A 65 -6.80 15.59 9.16
CA ALA A 65 -7.33 16.75 8.46
C ALA A 65 -7.63 16.40 7.00
N ALA A 66 -6.91 15.43 6.44
CA ALA A 66 -7.16 14.98 5.08
C ALA A 66 -8.46 14.16 5.04
N ILE A 67 -8.74 13.43 6.12
CA ILE A 67 -9.96 12.65 6.24
C ILE A 67 -11.15 13.58 6.49
N ASP A 68 -10.95 14.59 7.34
CA ASP A 68 -12.00 15.52 7.71
C ASP A 68 -12.44 16.41 6.54
N ASN A 69 -11.66 16.43 5.45
CA ASN A 69 -11.94 17.30 4.32
C ASN A 69 -12.13 16.57 2.98
N MET A 70 -11.83 15.27 2.89
CA MET A 70 -12.04 14.55 1.63
C MET A 70 -12.81 13.23 1.82
N ASN A 71 -13.09 12.82 3.06
CA ASN A 71 -13.82 11.57 3.27
C ASN A 71 -15.19 11.64 2.61
N GLU A 72 -15.53 10.59 1.86
CA GLU A 72 -16.82 10.48 1.17
C GLU A 72 -17.12 11.71 0.30
N SER A 73 -16.11 12.15 -0.46
CA SER A 73 -16.24 13.30 -1.36
C SER A 73 -15.74 12.94 -2.76
N GLU A 74 -16.17 13.70 -3.77
CA GLU A 74 -15.76 13.48 -5.16
C GLU A 74 -14.31 13.90 -5.39
N LEU A 75 -13.55 13.11 -6.16
CA LEU A 75 -12.15 13.45 -6.45
C LEU A 75 -11.91 13.62 -7.96
N PHE A 76 -12.16 12.54 -8.72
CA PHE A 76 -12.01 12.51 -10.18
C PHE A 76 -13.31 12.46 -10.98
N GLY A 77 -14.45 12.48 -10.28
CA GLY A 77 -15.75 12.41 -10.95
C GLY A 77 -16.76 11.63 -10.13
N ARG A 78 -16.31 10.96 -9.06
CA ARG A 78 -17.22 10.23 -8.17
C ARG A 78 -16.62 10.13 -6.78
N THR A 79 -17.46 9.74 -5.81
CA THR A 79 -17.07 9.63 -4.41
C THR A 79 -15.91 8.69 -4.11
N ILE A 80 -15.07 9.06 -3.14
CA ILE A 80 -13.96 8.22 -2.68
C ILE A 80 -13.95 8.18 -1.16
N ARG A 81 -13.36 7.12 -0.59
CA ARG A 81 -13.25 6.92 0.84
C ARG A 81 -11.88 7.38 1.32
N VAL A 82 -11.82 7.83 2.58
CA VAL A 82 -10.56 8.21 3.24
C VAL A 82 -10.61 7.87 4.73
N ASN A 83 -9.64 7.09 5.22
CA ASN A 83 -9.60 6.63 6.61
C ASN A 83 -8.20 6.11 6.98
N LEU A 84 -7.95 5.83 8.26
CA LEU A 84 -6.62 5.43 8.75
C LEU A 84 -6.20 4.02 8.32
N ALA A 85 -6.84 3.47 7.28
CA ALA A 85 -6.55 2.16 6.69
C ALA A 85 -6.78 0.95 7.60
N LYS A 86 -6.51 1.05 8.90
CA LYS A 86 -6.65 -0.07 9.82
C LYS A 86 -8.08 -0.39 10.28
N PRO A 87 -9.03 0.57 10.33
CA PRO A 87 -10.37 0.29 10.85
C PRO A 87 -11.25 -0.45 9.84
N MET A 88 -10.72 -0.88 8.69
CA MET A 88 -11.52 -1.53 7.66
C MET A 88 -10.66 -2.45 6.80
N ARG A 89 -11.32 -3.18 5.89
CA ARG A 89 -10.68 -4.01 4.89
C ARG A 89 -11.51 -3.95 3.60
N ILE A 90 -10.92 -4.33 2.46
CA ILE A 90 -11.59 -4.26 1.17
C ILE A 90 -12.92 -5.01 1.21
N LYS A 91 -13.91 -4.50 0.45
CA LYS A 91 -15.26 -5.05 0.40
C LYS A 91 -15.29 -6.41 -0.30
N GLU A 92 -14.19 -6.83 -0.93
CA GLU A 92 -14.13 -8.09 -1.65
C GLU A 92 -12.70 -8.59 -1.75
N GLY A 93 -12.54 -9.90 -1.94
CA GLY A 93 -11.24 -10.56 -1.98
C GLY A 93 -10.93 -11.21 -0.64
N ALA B 1 19.67 -18.28 -12.34
CA ALA B 1 20.28 -19.19 -11.35
C ALA B 1 19.32 -19.42 -10.17
N LYS B 2 19.69 -20.33 -9.27
CA LYS B 2 18.90 -20.66 -8.09
C LYS B 2 18.90 -19.50 -7.09
N GLY B 3 19.94 -18.64 -7.13
CA GLY B 3 20.06 -17.51 -6.23
C GLY B 3 19.13 -16.36 -6.63
N ASN B 4 19.03 -15.35 -5.76
CA ASN B 4 18.21 -14.18 -6.00
C ASN B 4 18.79 -12.99 -5.23
N PHE B 5 18.45 -11.77 -5.65
CA PHE B 5 18.99 -10.56 -5.06
C PHE B 5 18.04 -9.36 -5.05
N CYS B 6 18.14 -8.49 -4.03
CA CYS B 6 17.24 -7.34 -3.90
C CYS B 6 17.55 -6.29 -4.96
N PRO B 7 16.53 -5.78 -5.67
CA PRO B 7 16.67 -4.80 -6.74
C PRO B 7 16.83 -3.37 -6.21
N LEU B 8 16.77 -3.15 -4.89
CA LEU B 8 16.78 -1.79 -4.35
C LEU B 8 17.83 -1.57 -3.26
N CYS B 9 18.46 -2.62 -2.73
CA CYS B 9 19.53 -2.44 -1.76
C CYS B 9 20.55 -3.58 -1.77
N ASP B 10 21.76 -3.31 -1.29
CA ASP B 10 22.84 -4.29 -1.24
C ASP B 10 22.72 -5.25 -0.07
N LYS B 11 21.77 -6.20 -0.16
CA LYS B 11 21.52 -7.20 0.87
C LYS B 11 21.18 -8.54 0.21
N CYS B 12 21.21 -9.61 1.01
CA CYS B 12 20.95 -10.96 0.54
C CYS B 12 20.20 -11.73 1.63
N TYR B 13 19.54 -12.84 1.27
CA TYR B 13 18.72 -13.61 2.18
C TYR B 13 18.81 -15.13 2.06
N ASP B 14 18.53 -15.83 3.15
CA ASP B 14 18.52 -17.29 3.19
C ASP B 14 17.17 -17.90 2.85
N ASP B 15 16.18 -17.07 2.53
CA ASP B 15 14.81 -17.47 2.18
C ASP B 15 14.07 -18.35 3.19
N ASP B 16 14.59 -18.45 4.42
CA ASP B 16 13.97 -19.24 5.47
C ASP B 16 13.09 -18.46 6.45
N ASP B 17 12.04 -19.11 6.94
CA ASP B 17 11.09 -18.58 7.92
C ASP B 17 10.32 -17.31 7.54
N TYR B 18 9.21 -17.07 8.25
CA TYR B 18 8.31 -15.94 8.01
C TYR B 18 8.64 -14.65 8.76
N GLU B 19 9.70 -14.68 9.58
CA GLU B 19 10.09 -13.54 10.40
C GLU B 19 10.73 -12.42 9.57
N SER B 20 11.05 -12.68 8.31
CA SER B 20 11.67 -11.70 7.43
C SER B 20 10.68 -10.60 7.05
N LYS B 21 11.18 -9.40 6.73
CA LYS B 21 10.36 -8.25 6.39
C LYS B 21 10.49 -7.93 4.91
N MET B 22 9.80 -8.71 4.07
CA MET B 22 9.84 -8.51 2.63
C MET B 22 8.54 -8.99 1.97
N MET B 23 8.30 -8.48 0.76
CA MET B 23 7.14 -8.82 -0.06
C MET B 23 7.60 -9.54 -1.31
N GLN B 24 6.67 -10.22 -2.01
CA GLN B 24 6.99 -10.89 -3.25
C GLN B 24 6.32 -10.19 -4.43
N CYS B 25 7.05 -10.01 -5.53
CA CYS B 25 6.53 -9.40 -6.74
C CYS B 25 5.46 -10.29 -7.35
N GLY B 26 4.36 -9.70 -7.81
CA GLY B 26 3.23 -10.45 -8.33
C GLY B 26 3.38 -10.81 -9.81
N LYS B 27 4.49 -10.40 -10.45
CA LYS B 27 4.67 -10.58 -11.89
C LYS B 27 5.98 -11.29 -12.25
N CYS B 28 6.94 -11.36 -11.32
CA CYS B 28 8.19 -12.08 -11.57
C CYS B 28 8.67 -12.87 -10.36
N ASP B 29 7.82 -12.96 -9.32
CA ASP B 29 8.09 -13.70 -8.10
C ASP B 29 9.37 -13.33 -7.34
N ARG B 30 9.91 -12.13 -7.58
CA ARG B 30 11.13 -11.66 -6.93
C ARG B 30 10.80 -11.03 -5.57
N TRP B 31 11.62 -11.31 -4.56
CA TRP B 31 11.41 -10.75 -3.23
C TRP B 31 12.10 -9.40 -3.05
N VAL B 32 11.49 -8.51 -2.27
CA VAL B 32 12.01 -7.17 -1.99
C VAL B 32 11.72 -6.75 -0.55
N HIS B 33 12.71 -6.17 0.13
CA HIS B 33 12.55 -5.79 1.53
C HIS B 33 11.62 -4.58 1.64
N SER B 34 10.97 -4.45 2.80
CA SER B 34 10.07 -3.33 3.07
C SER B 34 10.82 -2.06 3.46
N LYS B 35 12.14 -2.14 3.67
CA LYS B 35 12.94 -1.00 4.10
C LYS B 35 13.48 -0.20 2.91
N CYS B 36 13.86 -0.89 1.83
CA CYS B 36 14.40 -0.27 0.63
C CYS B 36 13.27 0.17 -0.31
N GLU B 37 12.07 -0.41 -0.14
CA GLU B 37 10.88 0.01 -0.84
C GLU B 37 10.24 1.20 -0.12
N ASN B 38 9.41 1.98 -0.84
CA ASN B 38 8.69 3.11 -0.30
C ASN B 38 7.56 2.64 0.61
N LEU B 39 7.91 2.17 1.80
CA LEU B 39 6.97 1.65 2.79
C LEU B 39 7.41 2.02 4.20
N SER B 40 6.54 1.68 5.16
CA SER B 40 6.75 1.93 6.58
C SER B 40 6.03 0.85 7.39
N ASP B 41 6.43 0.66 8.65
CA ASP B 41 5.83 -0.38 9.48
C ASP B 41 4.33 -0.23 9.69
N GLU B 42 3.79 0.96 9.46
CA GLU B 42 2.35 1.20 9.53
C GLU B 42 1.67 0.88 8.19
N MET B 43 2.41 1.01 7.10
CA MET B 43 1.87 0.78 5.77
C MET B 43 1.98 -0.71 5.39
N TYR B 44 2.96 -1.41 5.94
CA TYR B 44 3.12 -2.83 5.64
C TYR B 44 2.04 -3.73 6.22
N GLU B 45 1.48 -3.34 7.37
CA GLU B 45 0.47 -4.13 8.04
C GLU B 45 -0.85 -4.14 7.27
N ILE B 46 -1.23 -3.03 6.62
CA ILE B 46 -2.44 -3.02 5.82
C ILE B 46 -2.17 -3.70 4.47
N LEU B 47 -0.95 -3.53 3.95
CA LEU B 47 -0.57 -4.05 2.64
C LEU B 47 -0.60 -5.57 2.67
N SER B 48 -0.12 -6.17 3.76
CA SER B 48 -0.10 -7.62 3.91
C SER B 48 -1.51 -8.19 4.05
N ASN B 49 -2.44 -7.43 4.63
CA ASN B 49 -3.81 -7.88 4.84
C ASN B 49 -4.69 -7.73 3.58
N LEU B 50 -4.17 -7.12 2.51
CA LEU B 50 -4.91 -7.04 1.26
C LEU B 50 -5.06 -8.45 0.67
N PRO B 51 -6.11 -8.68 -0.13
CA PRO B 51 -6.36 -9.97 -0.76
C PRO B 51 -5.25 -10.31 -1.74
N GLU B 52 -5.06 -11.60 -2.01
CA GLU B 52 -3.98 -12.05 -2.90
C GLU B 52 -4.28 -11.71 -4.36
N SER B 53 -5.49 -11.26 -4.66
CA SER B 53 -5.86 -10.79 -6.00
C SER B 53 -5.17 -9.47 -6.31
N VAL B 54 -4.60 -8.83 -5.30
CA VAL B 54 -3.80 -7.62 -5.45
C VAL B 54 -2.42 -7.79 -4.83
N ALA B 55 -1.36 -7.27 -5.47
CA ALA B 55 -0.02 -7.47 -4.95
C ALA B 55 0.96 -6.41 -5.44
N TYR B 56 2.11 -6.35 -4.74
CA TYR B 56 3.22 -5.49 -5.10
C TYR B 56 3.94 -5.87 -6.39
N THR B 57 4.66 -4.93 -7.00
CA THR B 57 5.39 -5.19 -8.23
C THR B 57 6.73 -4.47 -8.09
N CYS B 58 7.80 -5.15 -8.49
CA CYS B 58 9.15 -4.59 -8.42
C CYS B 58 9.36 -3.50 -9.48
N VAL B 59 10.61 -3.00 -9.56
CA VAL B 59 10.96 -1.82 -10.34
C VAL B 59 10.54 -1.81 -11.81
N ASN B 60 10.42 -2.98 -12.45
CA ASN B 60 10.11 -3.03 -13.87
C ASN B 60 8.71 -3.56 -14.15
N CYS B 61 8.17 -4.40 -13.26
CA CYS B 61 6.87 -5.01 -13.44
C CYS B 61 5.74 -3.97 -13.39
N THR B 62 6.03 -2.79 -12.85
CA THR B 62 5.06 -1.70 -12.79
C THR B 62 4.84 -0.99 -14.13
N GLU B 63 5.74 -1.19 -15.09
CA GLU B 63 5.63 -0.61 -16.42
C GLU B 63 5.56 -1.68 -17.51
N ARG B 64 6.14 -2.86 -17.24
CA ARG B 64 6.20 -3.97 -18.19
C ARG B 64 6.12 -5.30 -17.43
N ALA C 1 -1.40 -8.55 0.25
CA ALA C 1 -0.61 -9.06 -0.89
C ALA C 1 0.18 -10.28 -0.46
N ARG C 2 0.95 -10.89 -1.37
CA ARG C 2 1.83 -11.99 -0.98
C ARG C 2 3.05 -11.44 -0.26
N THR C 3 3.21 -11.82 1.01
CA THR C 3 4.33 -11.40 1.85
C THR C 3 4.79 -12.51 2.79
N GLN C 5 4.55 -12.55 5.90
CA GLN C 5 3.51 -12.69 6.90
C GLN C 5 2.34 -13.55 6.38
N THR C 6 2.18 -13.66 5.05
CA THR C 6 1.11 -14.44 4.44
C THR C 6 1.56 -15.75 3.80
N ALA C 7 2.86 -15.89 3.52
CA ALA C 7 3.46 -17.09 2.97
C ALA C 7 3.89 -18.04 4.09
N ARG C 8 3.29 -17.89 5.28
CA ARG C 8 3.64 -18.67 6.45
C ARG C 8 3.49 -20.17 6.18
N LYS C 9 4.39 -20.98 6.75
CA LYS C 9 4.40 -22.42 6.56
C LYS C 9 3.17 -23.07 7.19
N SER C 10 2.80 -24.25 6.71
CA SER C 10 1.65 -24.98 7.20
C SER C 10 1.97 -25.70 8.52
N THR C 11 3.26 -25.76 8.89
CA THR C 11 3.70 -26.40 10.12
C THR C 11 3.30 -25.71 11.41
N GLY C 12 2.91 -26.49 12.42
CA GLY C 12 2.52 -25.98 13.72
C GLY C 12 1.21 -25.18 13.67
N GLY C 13 0.82 -24.60 14.80
CA GLY C 13 -0.36 -23.75 14.88
C GLY C 13 -0.06 -22.36 14.33
N ALA A 1 -6.71 3.81 23.88
CA ALA A 1 -7.57 3.05 22.96
C ALA A 1 -9.04 3.24 23.31
N GLY A 2 -9.94 2.85 22.40
CA GLY A 2 -11.38 2.96 22.61
C GLY A 2 -11.90 4.38 22.40
N HIS A 3 -11.04 5.30 21.93
CA HIS A 3 -11.41 6.68 21.68
C HIS A 3 -12.34 6.79 20.48
N MET A 4 -13.06 7.92 20.38
CA MET A 4 -14.00 8.17 19.31
C MET A 4 -13.29 8.48 17.99
N ALA A 5 -11.95 8.61 18.02
CA ALA A 5 -11.17 8.93 16.84
C ALA A 5 -9.74 8.40 16.99
N THR A 6 -9.01 8.34 15.87
CA THR A 6 -7.63 7.87 15.85
C THR A 6 -6.81 8.48 14.72
N THR A 7 -5.49 8.44 14.86
CA THR A 7 -4.55 8.99 13.88
C THR A 7 -3.34 8.08 13.61
N LYS A 8 -2.76 8.19 12.40
CA LYS A 8 -1.61 7.40 12.01
C LYS A 8 -0.88 8.09 10.87
N ARG A 9 0.41 7.81 10.68
CA ARG A 9 1.21 8.44 9.63
C ARG A 9 0.74 8.03 8.23
N VAL A 10 -0.05 6.97 8.11
CA VAL A 10 -0.56 6.50 6.83
C VAL A 10 -2.08 6.36 6.82
N LEU A 11 -2.68 6.49 5.64
CA LEU A 11 -4.13 6.42 5.49
C LEU A 11 -4.51 5.84 4.13
N TYR A 12 -5.69 5.24 4.10
CA TYR A 12 -6.29 4.59 2.94
C TYR A 12 -7.17 5.47 2.05
N VAL A 13 -7.21 5.16 0.76
CA VAL A 13 -8.07 5.86 -0.18
C VAL A 13 -8.70 4.85 -1.14
N GLY A 14 -10.01 4.98 -1.41
CA GLY A 14 -10.69 4.05 -2.29
C GLY A 14 -11.78 4.72 -3.10
N GLY A 15 -12.19 4.09 -4.21
CA GLY A 15 -13.25 4.62 -5.06
C GLY A 15 -12.78 5.84 -5.87
N LEU A 16 -11.46 6.01 -6.00
CA LEU A 16 -10.86 7.17 -6.64
C LEU A 16 -11.36 7.37 -8.07
N ALA A 17 -10.78 6.64 -9.03
CA ALA A 17 -11.21 6.56 -10.41
C ALA A 17 -10.35 5.54 -11.15
N GLU A 18 -10.81 5.06 -12.31
CA GLU A 18 -10.09 4.06 -13.07
C GLU A 18 -8.95 4.65 -13.91
N GLU A 19 -8.59 5.91 -13.64
CA GLU A 19 -7.53 6.59 -14.38
C GLU A 19 -6.56 7.31 -13.44
N VAL A 20 -6.69 7.07 -12.13
CA VAL A 20 -5.83 7.70 -11.13
C VAL A 20 -4.50 6.96 -11.11
N ASP A 21 -3.43 7.73 -10.95
CA ASP A 21 -2.05 7.26 -10.81
C ASP A 21 -1.47 7.82 -9.51
N ASP A 22 -0.29 7.35 -9.10
CA ASP A 22 0.33 7.77 -7.85
C ASP A 22 0.64 9.27 -7.77
N LYS A 23 0.68 9.95 -8.91
CA LYS A 23 0.93 11.38 -8.97
C LYS A 23 -0.32 12.17 -8.59
N VAL A 24 -1.51 11.56 -8.76
CA VAL A 24 -2.75 12.22 -8.41
C VAL A 24 -2.95 12.23 -6.91
N LEU A 25 -2.62 11.13 -6.24
CA LEU A 25 -2.74 11.05 -4.79
C LEU A 25 -1.87 12.12 -4.13
N HIS A 26 -0.70 12.41 -4.70
CA HIS A 26 0.17 13.42 -4.11
C HIS A 26 -0.45 14.81 -4.25
N ALA A 27 -0.89 15.16 -5.47
CA ALA A 27 -1.43 16.49 -5.73
C ALA A 27 -2.80 16.68 -5.05
N ALA A 28 -3.49 15.59 -4.74
CA ALA A 28 -4.80 15.65 -4.10
C ALA A 28 -4.67 15.76 -2.59
N PHE A 29 -3.62 15.17 -2.00
CA PHE A 29 -3.45 15.11 -0.56
C PHE A 29 -2.41 16.03 0.07
N ILE A 30 -1.67 16.78 -0.74
CA ILE A 30 -0.60 17.65 -0.26
C ILE A 30 -1.07 18.90 0.51
N PRO A 31 -2.28 19.47 0.28
CA PRO A 31 -2.65 20.72 0.93
C PRO A 31 -2.97 20.54 2.42
N PHE A 32 -3.11 19.30 2.88
CA PHE A 32 -3.45 19.03 4.28
C PHE A 32 -2.15 18.86 5.08
N GLY A 33 -1.02 18.68 4.39
CA GLY A 33 0.28 18.50 5.02
C GLY A 33 1.24 17.79 4.08
N ASP A 34 2.54 17.85 4.37
CA ASP A 34 3.56 17.24 3.53
C ASP A 34 3.47 15.72 3.45
N ILE A 35 3.49 15.20 2.22
CA ILE A 35 3.48 13.76 1.95
C ILE A 35 4.91 13.25 1.87
N THR A 36 5.14 12.00 2.32
CA THR A 36 6.47 11.38 2.27
C THR A 36 6.55 10.06 1.51
N ASP A 37 5.42 9.40 1.25
CA ASP A 37 5.41 8.20 0.43
C ASP A 37 3.98 7.95 -0.06
N ILE A 38 3.85 7.21 -1.16
CA ILE A 38 2.58 6.82 -1.75
C ILE A 38 2.72 5.41 -2.30
N GLN A 39 1.66 4.60 -2.18
CA GLN A 39 1.70 3.22 -2.61
C GLN A 39 0.40 2.84 -3.31
N ILE A 40 0.51 1.99 -4.33
CA ILE A 40 -0.63 1.51 -5.09
C ILE A 40 -0.36 0.07 -5.52
N PRO A 41 -1.04 -0.91 -4.92
CA PRO A 41 -0.88 -2.31 -5.25
C PRO A 41 -1.57 -2.60 -6.59
N LEU A 42 -1.02 -3.53 -7.37
CA LEU A 42 -1.50 -3.84 -8.71
C LEU A 42 -2.48 -5.01 -8.70
N ASP A 43 -3.62 -4.84 -9.36
CA ASP A 43 -4.63 -5.89 -9.51
C ASP A 43 -4.27 -6.66 -10.78
N TYR A 44 -4.43 -7.99 -10.77
CA TYR A 44 -4.05 -8.81 -11.90
C TYR A 44 -5.16 -9.23 -12.86
N GLU A 45 -6.38 -8.75 -12.61
CA GLU A 45 -7.52 -9.04 -13.47
C GLU A 45 -7.53 -8.15 -14.72
N THR A 46 -7.05 -6.91 -14.58
CA THR A 46 -6.99 -5.96 -15.69
C THR A 46 -5.74 -5.07 -15.70
N GLU A 47 -4.76 -5.43 -14.86
CA GLU A 47 -3.48 -4.75 -14.75
C GLU A 47 -3.61 -3.25 -14.42
N LYS A 48 -4.36 -2.94 -13.35
CA LYS A 48 -4.48 -1.59 -12.84
C LYS A 48 -4.72 -1.67 -11.32
N HIS A 49 -4.88 -0.54 -10.64
CA HIS A 49 -5.14 -0.58 -9.20
C HIS A 49 -6.51 -1.20 -8.94
N ARG A 50 -6.68 -1.87 -7.79
CA ARG A 50 -7.92 -2.57 -7.47
C ARG A 50 -9.00 -1.62 -6.96
N GLY A 51 -8.93 -0.34 -7.36
CA GLY A 51 -9.92 0.66 -6.97
C GLY A 51 -9.54 1.38 -5.68
N PHE A 52 -8.30 1.20 -5.21
CA PHE A 52 -7.82 1.87 -4.01
C PHE A 52 -6.32 2.18 -4.03
N ALA A 53 -5.87 3.01 -3.09
CA ALA A 53 -4.48 3.45 -3.01
C ALA A 53 -4.13 3.83 -1.57
N PHE A 54 -2.86 4.13 -1.34
CA PHE A 54 -2.33 4.51 -0.04
C PHE A 54 -1.42 5.73 -0.09
N VAL A 55 -1.35 6.47 1.02
CA VAL A 55 -0.53 7.67 1.11
C VAL A 55 0.01 7.79 2.54
N GLU A 56 1.16 8.43 2.70
CA GLU A 56 1.81 8.61 3.97
C GLU A 56 2.20 10.07 4.18
N PHE A 57 1.90 10.58 5.38
CA PHE A 57 2.20 11.93 5.81
C PHE A 57 3.43 12.09 6.70
N GLU A 58 3.95 13.31 6.81
CA GLU A 58 5.09 13.59 7.68
C GLU A 58 4.69 13.45 9.15
N LEU A 59 3.40 13.59 9.45
CA LEU A 59 2.86 13.46 10.80
C LEU A 59 1.47 12.83 10.75
N ALA A 60 1.06 12.21 11.87
CA ALA A 60 -0.22 11.53 11.96
C ALA A 60 -1.38 12.52 12.05
N GLU A 61 -1.12 13.74 12.54
CA GLU A 61 -2.16 14.74 12.71
C GLU A 61 -2.59 15.30 11.35
N ASP A 62 -1.70 15.28 10.37
CA ASP A 62 -2.00 15.75 9.03
C ASP A 62 -2.90 14.77 8.26
N ALA A 63 -2.84 13.49 8.61
CA ALA A 63 -3.68 12.48 8.01
C ALA A 63 -5.13 12.62 8.47
N ALA A 64 -5.31 13.02 9.74
CA ALA A 64 -6.65 13.19 10.29
C ALA A 64 -7.33 14.41 9.66
N ALA A 65 -6.54 15.38 9.19
CA ALA A 65 -7.09 16.55 8.51
C ALA A 65 -7.37 16.25 7.05
N ALA A 66 -6.66 15.28 6.45
CA ALA A 66 -6.92 14.89 5.08
C ALA A 66 -8.22 14.09 5.00
N ILE A 67 -8.52 13.33 6.06
CA ILE A 67 -9.76 12.57 6.15
C ILE A 67 -10.94 13.50 6.41
N ASP A 68 -10.73 14.50 7.28
CA ASP A 68 -11.79 15.42 7.67
C ASP A 68 -12.19 16.36 6.53
N ASN A 69 -11.42 16.38 5.44
CA ASN A 69 -11.68 17.29 4.32
C ASN A 69 -11.90 16.60 2.96
N MET A 70 -11.66 15.29 2.83
CA MET A 70 -11.90 14.63 1.56
C MET A 70 -12.74 13.34 1.70
N ASN A 71 -13.03 12.89 2.93
CA ASN A 71 -13.81 11.68 3.12
C ASN A 71 -15.18 11.82 2.43
N GLU A 72 -15.56 10.77 1.68
CA GLU A 72 -16.84 10.70 0.99
C GLU A 72 -17.09 11.94 0.12
N SER A 73 -16.07 12.38 -0.62
CA SER A 73 -16.18 13.51 -1.52
C SER A 73 -15.71 13.15 -2.93
N GLU A 74 -16.11 13.94 -3.92
CA GLU A 74 -15.78 13.72 -5.33
C GLU A 74 -14.34 14.14 -5.63
N LEU A 75 -13.58 13.31 -6.36
CA LEU A 75 -12.19 13.61 -6.69
C LEU A 75 -11.97 13.67 -8.20
N PHE A 76 -12.25 12.55 -8.89
CA PHE A 76 -12.13 12.40 -10.34
C PHE A 76 -13.44 12.30 -11.11
N GLY A 77 -14.57 12.57 -10.44
CA GLY A 77 -15.88 12.51 -11.07
C GLY A 77 -16.86 11.65 -10.29
N ARG A 78 -16.39 10.98 -9.22
CA ARG A 78 -17.25 10.18 -8.36
C ARG A 78 -16.68 10.17 -6.94
N THR A 79 -17.51 9.77 -5.99
CA THR A 79 -17.14 9.73 -4.57
C THR A 79 -16.01 8.78 -4.21
N ILE A 80 -15.08 9.22 -3.35
CA ILE A 80 -13.98 8.41 -2.88
C ILE A 80 -14.02 8.32 -1.35
N ARG A 81 -13.44 7.27 -0.80
CA ARG A 81 -13.35 7.05 0.64
C ARG A 81 -11.98 7.45 1.15
N VAL A 82 -11.93 7.98 2.38
CA VAL A 82 -10.70 8.32 3.07
C VAL A 82 -10.78 8.00 4.55
N ASN A 83 -9.83 7.22 5.06
CA ASN A 83 -9.78 6.77 6.45
C ASN A 83 -8.38 6.23 6.74
N LEU A 84 -8.08 5.92 8.01
CA LEU A 84 -6.79 5.31 8.33
C LEU A 84 -6.77 3.91 7.73
N ALA A 85 -5.58 3.35 7.51
CA ALA A 85 -5.45 2.02 6.94
C ALA A 85 -5.54 0.92 8.01
N LYS A 86 -5.60 1.29 9.29
CA LYS A 86 -5.63 0.33 10.39
C LYS A 86 -7.02 -0.22 10.72
N PRO A 87 -8.09 0.58 10.76
CA PRO A 87 -9.39 0.15 11.24
C PRO A 87 -10.19 -0.69 10.24
N MET A 88 -9.64 -0.95 9.03
CA MET A 88 -10.40 -1.65 8.02
C MET A 88 -9.50 -2.38 7.01
N ARG A 89 -10.14 -3.15 6.13
CA ARG A 89 -9.51 -3.85 5.02
C ARG A 89 -10.55 -4.00 3.90
N ILE A 90 -10.16 -4.58 2.77
CA ILE A 90 -11.08 -4.75 1.64
C ILE A 90 -12.24 -5.65 2.02
N LYS A 91 -13.38 -5.51 1.34
CA LYS A 91 -14.60 -6.26 1.59
C LYS A 91 -14.43 -7.77 1.38
N GLU A 92 -13.24 -8.19 0.94
CA GLU A 92 -12.96 -9.59 0.62
C GLU A 92 -11.50 -9.93 0.94
N GLY A 93 -10.83 -9.08 1.73
CA GLY A 93 -9.44 -9.29 2.11
C GLY A 93 -9.32 -10.44 3.11
N ALA B 1 23.25 -16.17 -5.44
CA ALA B 1 24.08 -17.32 -5.02
C ALA B 1 23.33 -18.19 -4.01
N LYS B 2 23.15 -17.69 -2.78
CA LYS B 2 22.48 -18.43 -1.72
C LYS B 2 20.97 -18.53 -1.94
N GLY B 3 20.42 -17.69 -2.83
CA GLY B 3 18.99 -17.63 -3.08
C GLY B 3 18.61 -16.31 -3.72
N ASN B 4 17.47 -15.76 -3.33
CA ASN B 4 16.96 -14.50 -3.85
C ASN B 4 17.67 -13.31 -3.20
N PHE B 5 17.64 -12.15 -3.87
CA PHE B 5 18.24 -10.93 -3.37
C PHE B 5 17.47 -9.66 -3.73
N CYS B 6 17.50 -8.65 -2.85
CA CYS B 6 16.70 -7.44 -3.02
C CYS B 6 17.16 -6.61 -4.21
N PRO B 7 16.23 -6.21 -5.08
CA PRO B 7 16.50 -5.42 -6.27
C PRO B 7 16.67 -3.93 -5.99
N LEU B 8 16.47 -3.47 -4.76
CA LEU B 8 16.44 -2.04 -4.46
C LEU B 8 17.36 -1.63 -3.32
N CYS B 9 17.94 -2.57 -2.57
CA CYS B 9 18.91 -2.22 -1.54
C CYS B 9 19.89 -3.38 -1.29
N ASP B 10 20.98 -3.08 -0.57
CA ASP B 10 22.06 -4.04 -0.35
C ASP B 10 21.85 -5.07 0.75
N LYS B 11 20.70 -5.06 1.43
CA LYS B 11 20.42 -6.02 2.49
C LYS B 11 20.25 -7.42 1.91
N CYS B 12 20.86 -8.41 2.58
CA CYS B 12 20.85 -9.79 2.13
C CYS B 12 19.90 -10.63 2.99
N TYR B 13 19.44 -11.77 2.43
CA TYR B 13 18.58 -12.70 3.14
C TYR B 13 18.66 -14.12 2.56
N ASP B 14 18.36 -15.12 3.40
CA ASP B 14 18.31 -16.51 2.96
C ASP B 14 16.89 -16.84 2.49
N ASP B 15 16.73 -17.86 1.66
CA ASP B 15 15.41 -18.29 1.23
C ASP B 15 14.56 -18.89 2.35
N ASP B 16 15.19 -19.23 3.47
CA ASP B 16 14.52 -19.77 4.65
C ASP B 16 14.13 -18.71 5.68
N ASP B 17 14.40 -17.43 5.39
CA ASP B 17 14.14 -16.30 6.28
C ASP B 17 12.67 -15.91 6.43
N TYR B 18 11.76 -16.89 6.50
CA TYR B 18 10.34 -16.63 6.66
C TYR B 18 9.89 -15.89 7.91
N GLU B 19 10.81 -15.66 8.85
CA GLU B 19 10.55 -14.85 10.03
C GLU B 19 10.73 -13.36 9.71
N SER B 20 11.31 -13.05 8.55
CA SER B 20 11.52 -11.68 8.10
C SER B 20 10.24 -11.14 7.45
N LYS B 21 10.06 -9.82 7.51
CA LYS B 21 8.89 -9.15 6.95
C LYS B 21 9.22 -8.71 5.53
N MET B 22 8.66 -9.39 4.53
CA MET B 22 8.92 -9.10 3.12
C MET B 22 7.71 -9.46 2.26
N MET B 23 7.62 -8.84 1.08
CA MET B 23 6.55 -9.09 0.13
C MET B 23 7.12 -9.60 -1.18
N GLN B 24 6.32 -10.33 -1.95
CA GLN B 24 6.75 -10.88 -3.22
C GLN B 24 6.03 -10.19 -4.38
N CYS B 25 6.77 -9.90 -5.45
CA CYS B 25 6.26 -9.24 -6.63
C CYS B 25 5.25 -10.14 -7.34
N GLY B 26 4.19 -9.53 -7.88
CA GLY B 26 3.14 -10.26 -8.57
C GLY B 26 3.44 -10.45 -10.06
N LYS B 27 4.55 -9.88 -10.56
CA LYS B 27 4.86 -9.90 -11.98
C LYS B 27 6.25 -10.49 -12.28
N CYS B 28 7.17 -10.51 -11.33
CA CYS B 28 8.47 -11.13 -11.53
C CYS B 28 8.90 -12.01 -10.36
N ASP B 29 7.99 -12.23 -9.40
CA ASP B 29 8.18 -13.11 -8.26
C ASP B 29 9.40 -12.83 -7.38
N ARG B 30 9.93 -11.59 -7.43
CA ARG B 30 11.09 -11.20 -6.64
C ARG B 30 10.65 -10.58 -5.32
N TRP B 31 11.45 -10.74 -4.26
CA TRP B 31 11.13 -10.23 -2.93
C TRP B 31 11.64 -8.82 -2.70
N VAL B 32 10.97 -8.09 -1.80
CA VAL B 32 11.34 -6.72 -1.42
C VAL B 32 11.06 -6.55 0.06
N HIS B 33 11.85 -5.69 0.72
CA HIS B 33 11.77 -5.50 2.17
C HIS B 33 10.57 -4.65 2.58
N SER B 34 10.04 -4.90 3.77
CA SER B 34 8.96 -4.11 4.35
C SER B 34 9.49 -2.74 4.79
N LYS B 35 10.80 -2.67 5.02
CA LYS B 35 11.49 -1.47 5.45
C LYS B 35 12.50 -1.04 4.38
N CYS B 36 12.32 -1.52 3.14
CA CYS B 36 13.18 -1.19 2.03
C CYS B 36 13.15 0.32 1.78
N GLU B 37 14.07 0.83 0.96
CA GLU B 37 14.19 2.27 0.72
C GLU B 37 13.01 2.83 -0.09
N ASN B 38 11.95 2.05 -0.25
CA ASN B 38 10.80 2.39 -1.09
C ASN B 38 9.47 2.05 -0.41
N LEU B 39 9.52 1.63 0.86
CA LEU B 39 8.34 1.18 1.61
C LEU B 39 8.51 1.53 3.09
N SER B 40 7.48 1.21 3.89
CA SER B 40 7.49 1.42 5.33
C SER B 40 6.75 0.27 6.02
N ASP B 41 7.05 0.08 7.30
CA ASP B 41 6.52 -1.05 8.06
C ASP B 41 5.01 -0.90 8.23
N GLU B 42 4.49 0.33 8.23
CA GLU B 42 3.07 0.57 8.42
C GLU B 42 2.29 0.23 7.14
N MET B 43 2.92 0.42 5.98
CA MET B 43 2.33 0.03 4.71
C MET B 43 2.33 -1.48 4.55
N TYR B 44 3.36 -2.14 5.09
CA TYR B 44 3.47 -3.58 4.99
C TYR B 44 2.37 -4.37 5.69
N GLU B 45 1.88 -3.83 6.82
CA GLU B 45 0.83 -4.49 7.57
C GLU B 45 -0.52 -4.45 6.83
N ILE B 46 -0.86 -3.35 6.17
CA ILE B 46 -2.12 -3.30 5.45
C ILE B 46 -2.03 -4.06 4.14
N LEU B 47 -0.85 -4.06 3.50
CA LEU B 47 -0.66 -4.83 2.28
C LEU B 47 -0.78 -6.32 2.56
N SER B 48 -0.50 -6.75 3.80
CA SER B 48 -0.66 -8.13 4.20
C SER B 48 -2.13 -8.48 4.51
N ASN B 49 -3.00 -7.47 4.58
CA ASN B 49 -4.42 -7.66 4.82
C ASN B 49 -5.24 -7.55 3.53
N LEU B 50 -4.62 -7.16 2.41
CA LEU B 50 -5.31 -7.09 1.13
C LEU B 50 -5.52 -8.49 0.57
N PRO B 51 -6.53 -8.66 -0.30
CA PRO B 51 -6.82 -9.92 -0.97
C PRO B 51 -5.66 -10.29 -1.89
N GLU B 52 -5.50 -11.58 -2.19
CA GLU B 52 -4.40 -12.08 -2.99
C GLU B 52 -4.54 -11.69 -4.46
N SER B 53 -5.71 -11.17 -4.87
CA SER B 53 -5.92 -10.72 -6.24
C SER B 53 -5.10 -9.47 -6.54
N VAL B 54 -4.69 -8.75 -5.49
CA VAL B 54 -3.85 -7.58 -5.59
C VAL B 54 -2.47 -7.82 -4.97
N ALA B 55 -1.41 -7.25 -5.53
CA ALA B 55 -0.06 -7.49 -5.00
C ALA B 55 0.90 -6.37 -5.35
N TYR B 56 2.04 -6.35 -4.64
CA TYR B 56 3.11 -5.41 -4.88
C TYR B 56 3.83 -5.60 -6.21
N THR B 57 4.50 -4.55 -6.71
CA THR B 57 5.23 -4.63 -7.97
C THR B 57 6.45 -3.74 -7.80
N CYS B 58 7.55 -4.11 -8.47
CA CYS B 58 8.80 -3.36 -8.47
C CYS B 58 8.61 -1.98 -9.09
N VAL B 59 9.65 -1.15 -8.98
CA VAL B 59 9.66 0.19 -9.55
C VAL B 59 9.56 0.18 -11.07
N ASN B 60 9.57 -1.00 -11.70
CA ASN B 60 9.37 -1.14 -13.14
C ASN B 60 8.19 -2.05 -13.47
N CYS B 61 7.88 -3.01 -12.59
CA CYS B 61 6.77 -3.93 -12.82
C CYS B 61 5.42 -3.22 -12.78
N THR B 62 5.40 -1.97 -12.29
CA THR B 62 4.19 -1.17 -12.27
C THR B 62 3.92 -0.39 -13.56
N GLU B 63 4.93 -0.26 -14.43
CA GLU B 63 4.81 0.45 -15.69
C GLU B 63 5.10 -0.45 -16.90
N ARG B 64 5.80 -1.57 -16.67
CA ARG B 64 6.22 -2.49 -17.71
C ARG B 64 6.52 -3.86 -17.11
N ALA C 1 -2.06 -8.97 -0.12
CA ALA C 1 -1.03 -9.29 -1.13
C ALA C 1 -0.24 -10.52 -0.72
N ARG C 2 0.62 -11.03 -1.60
CA ARG C 2 1.48 -12.16 -1.29
C ARG C 2 2.66 -11.69 -0.44
N THR C 3 2.71 -12.14 0.82
CA THR C 3 3.78 -11.78 1.75
C THR C 3 4.22 -12.94 2.64
N GLN C 5 4.24 -12.91 5.85
CA GLN C 5 3.27 -12.95 6.93
C GLN C 5 1.99 -13.68 6.49
N THR C 6 1.62 -13.57 5.21
CA THR C 6 0.48 -14.31 4.68
C THR C 6 0.79 -15.74 4.25
N ALA C 7 2.08 -16.08 4.18
CA ALA C 7 2.54 -17.42 3.86
C ALA C 7 2.57 -18.33 5.10
N ARG C 8 2.29 -17.77 6.28
CA ARG C 8 2.25 -18.54 7.52
C ARG C 8 1.05 -19.45 7.55
N LYS C 9 1.09 -20.47 8.42
CA LYS C 9 0.01 -21.45 8.56
C LYS C 9 0.03 -22.03 9.98
N SER C 10 -1.16 -22.38 10.48
CA SER C 10 -1.33 -22.97 11.80
C SER C 10 -2.62 -23.78 11.85
N THR C 11 -2.76 -24.66 12.84
CA THR C 11 -3.93 -25.50 13.00
C THR C 11 -4.21 -25.90 14.44
N GLY C 12 -5.45 -26.34 14.72
CA GLY C 12 -5.86 -26.74 16.06
C GLY C 12 -7.33 -27.11 16.07
N GLY C 13 -7.85 -27.46 17.26
CA GLY C 13 -9.24 -27.84 17.44
C GLY C 13 -9.53 -29.21 16.81
N ALA A 1 -15.81 -1.75 16.84
CA ALA A 1 -14.99 -1.37 15.67
C ALA A 1 -14.31 -0.03 15.89
N GLY A 2 -13.31 0.29 15.06
CA GLY A 2 -12.58 1.54 15.14
C GLY A 2 -13.41 2.72 14.61
N HIS A 3 -12.88 3.93 14.76
CA HIS A 3 -13.54 5.16 14.35
C HIS A 3 -12.54 6.14 13.76
N MET A 4 -13.04 7.13 13.00
CA MET A 4 -12.23 8.14 12.35
C MET A 4 -11.62 9.12 13.36
N ALA A 5 -11.96 8.97 14.65
CA ALA A 5 -11.43 9.82 15.70
C ALA A 5 -9.94 9.53 15.96
N THR A 6 -9.45 8.37 15.50
CA THR A 6 -8.05 8.02 15.63
C THR A 6 -7.16 8.70 14.60
N THR A 7 -5.84 8.78 14.86
CA THR A 7 -4.89 9.40 13.94
C THR A 7 -3.58 8.65 13.76
N LYS A 8 -3.07 8.67 12.52
CA LYS A 8 -1.82 8.02 12.16
C LYS A 8 -1.35 8.58 10.81
N ARG A 9 -0.04 8.60 10.58
CA ARG A 9 0.55 9.15 9.36
C ARG A 9 0.09 8.46 8.09
N VAL A 10 -0.12 7.14 8.16
CA VAL A 10 -0.61 6.37 7.02
C VAL A 10 -2.13 6.28 6.99
N LEU A 11 -2.71 6.38 5.80
CA LEU A 11 -4.15 6.33 5.62
C LEU A 11 -4.50 5.75 4.26
N TYR A 12 -5.69 5.14 4.21
CA TYR A 12 -6.25 4.49 3.05
C TYR A 12 -7.12 5.35 2.15
N VAL A 13 -7.14 5.03 0.85
CA VAL A 13 -7.97 5.74 -0.12
C VAL A 13 -8.59 4.74 -1.09
N GLY A 14 -9.87 4.90 -1.41
CA GLY A 14 -10.56 3.97 -2.30
C GLY A 14 -11.63 4.66 -3.13
N GLY A 15 -11.99 4.05 -4.27
CA GLY A 15 -13.02 4.60 -5.15
C GLY A 15 -12.54 5.81 -5.94
N LEU A 16 -11.22 6.01 -6.01
CA LEU A 16 -10.60 7.19 -6.60
C LEU A 16 -11.09 7.46 -8.02
N ALA A 17 -10.52 6.75 -9.01
CA ALA A 17 -10.97 6.74 -10.39
C ALA A 17 -10.17 5.70 -11.17
N GLU A 18 -10.61 5.36 -12.39
CA GLU A 18 -9.95 4.37 -13.22
C GLU A 18 -8.72 4.93 -13.94
N GLU A 19 -8.30 6.15 -13.62
CA GLU A 19 -7.17 6.79 -14.28
C GLU A 19 -6.24 7.47 -13.29
N VAL A 20 -6.40 7.19 -11.98
CA VAL A 20 -5.57 7.77 -10.95
C VAL A 20 -4.25 7.00 -10.89
N ASP A 21 -3.16 7.75 -10.71
CA ASP A 21 -1.81 7.24 -10.54
C ASP A 21 -1.23 7.79 -9.23
N ASP A 22 -0.07 7.30 -8.81
CA ASP A 22 0.53 7.70 -7.55
C ASP A 22 0.88 9.19 -7.45
N LYS A 23 0.96 9.87 -8.60
CA LYS A 23 1.23 11.29 -8.64
C LYS A 23 -0.01 12.10 -8.30
N VAL A 24 -1.20 11.51 -8.50
CA VAL A 24 -2.46 12.19 -8.21
C VAL A 24 -2.70 12.20 -6.70
N LEU A 25 -2.39 11.09 -6.03
CA LEU A 25 -2.56 11.01 -4.59
C LEU A 25 -1.72 12.08 -3.91
N HIS A 26 -0.53 12.39 -4.45
CA HIS A 26 0.31 13.40 -3.84
C HIS A 26 -0.31 14.78 -4.04
N ALA A 27 -0.72 15.11 -5.26
CA ALA A 27 -1.27 16.42 -5.57
C ALA A 27 -2.65 16.63 -4.93
N ALA A 28 -3.35 15.54 -4.62
CA ALA A 28 -4.67 15.62 -4.02
C ALA A 28 -4.59 15.74 -2.50
N PHE A 29 -3.55 15.17 -1.88
CA PHE A 29 -3.43 15.12 -0.43
C PHE A 29 -2.42 16.08 0.22
N ILE A 30 -1.66 16.81 -0.59
CA ILE A 30 -0.62 17.71 -0.10
C ILE A 30 -1.12 18.97 0.62
N PRO A 31 -2.32 19.52 0.35
CA PRO A 31 -2.72 20.78 0.95
C PRO A 31 -3.08 20.63 2.44
N PHE A 32 -3.22 19.40 2.93
CA PHE A 32 -3.58 19.15 4.32
C PHE A 32 -2.31 18.99 5.15
N GLY A 33 -1.16 18.81 4.49
CA GLY A 33 0.12 18.65 5.15
C GLY A 33 1.12 17.92 4.26
N ASP A 34 2.40 17.97 4.61
CA ASP A 34 3.44 17.35 3.81
C ASP A 34 3.34 15.84 3.70
N ILE A 35 3.44 15.32 2.47
CA ILE A 35 3.46 13.89 2.21
C ILE A 35 4.90 13.41 2.11
N THR A 36 5.16 12.16 2.51
CA THR A 36 6.49 11.58 2.43
C THR A 36 6.58 10.23 1.73
N ASP A 37 5.44 9.53 1.59
CA ASP A 37 5.35 8.25 0.89
C ASP A 37 3.97 7.93 0.32
N ILE A 38 3.94 7.19 -0.79
CA ILE A 38 2.71 6.76 -1.45
C ILE A 38 2.93 5.37 -2.04
N GLN A 39 1.90 4.52 -2.01
CA GLN A 39 1.96 3.16 -2.49
C GLN A 39 0.66 2.76 -3.15
N ILE A 40 0.74 1.93 -4.19
CA ILE A 40 -0.42 1.42 -4.90
C ILE A 40 -0.11 -0.01 -5.37
N PRO A 41 -0.84 -1.02 -4.86
CA PRO A 41 -0.65 -2.40 -5.25
C PRO A 41 -1.31 -2.66 -6.61
N LEU A 42 -0.79 -3.63 -7.36
CA LEU A 42 -1.27 -3.90 -8.71
C LEU A 42 -2.27 -5.05 -8.73
N ASP A 43 -3.39 -4.85 -9.44
CA ASP A 43 -4.44 -5.85 -9.61
C ASP A 43 -4.10 -6.66 -10.86
N TYR A 44 -4.47 -7.94 -10.87
CA TYR A 44 -4.15 -8.83 -11.98
C TYR A 44 -5.27 -9.12 -12.98
N GLU A 45 -6.40 -8.43 -12.83
CA GLU A 45 -7.53 -8.60 -13.72
C GLU A 45 -7.37 -7.75 -14.99
N THR A 46 -6.83 -6.53 -14.84
CA THR A 46 -6.64 -5.60 -15.96
C THR A 46 -5.34 -4.80 -15.95
N GLU A 47 -4.37 -5.24 -15.13
CA GLU A 47 -3.07 -4.60 -15.01
C GLU A 47 -3.16 -3.13 -14.56
N LYS A 48 -3.97 -2.86 -13.53
CA LYS A 48 -4.13 -1.52 -12.96
C LYS A 48 -4.36 -1.65 -11.46
N HIS A 49 -4.61 -0.54 -10.75
CA HIS A 49 -4.88 -0.60 -9.31
C HIS A 49 -6.25 -1.24 -9.07
N ARG A 50 -6.46 -1.88 -7.91
CA ARG A 50 -7.72 -2.56 -7.60
C ARG A 50 -8.78 -1.59 -7.07
N GLY A 51 -8.68 -0.31 -7.44
CA GLY A 51 -9.66 0.70 -7.04
C GLY A 51 -9.29 1.38 -5.72
N PHE A 52 -8.08 1.18 -5.23
CA PHE A 52 -7.63 1.82 -4.00
C PHE A 52 -6.13 2.11 -3.97
N ALA A 53 -5.69 2.92 -3.00
CA ALA A 53 -4.31 3.36 -2.88
C ALA A 53 -3.97 3.70 -1.42
N PHE A 54 -2.69 3.97 -1.16
CA PHE A 54 -2.19 4.32 0.15
C PHE A 54 -1.28 5.55 0.14
N VAL A 55 -1.23 6.28 1.25
CA VAL A 55 -0.42 7.49 1.37
C VAL A 55 0.08 7.61 2.81
N GLU A 56 1.21 8.29 3.00
CA GLU A 56 1.82 8.51 4.30
C GLU A 56 2.26 9.96 4.47
N PHE A 57 1.85 10.55 5.59
CA PHE A 57 2.17 11.92 5.98
C PHE A 57 3.41 12.13 6.84
N GLU A 58 3.89 13.37 6.92
CA GLU A 58 5.01 13.74 7.77
C GLU A 58 4.61 13.77 9.24
N LEU A 59 3.30 13.86 9.52
CA LEU A 59 2.76 13.88 10.88
C LEU A 59 1.43 13.12 10.91
N ALA A 60 1.09 12.59 12.08
CA ALA A 60 -0.14 11.82 12.26
C ALA A 60 -1.36 12.73 12.26
N GLU A 61 -1.19 14.00 12.61
CA GLU A 61 -2.28 14.96 12.70
C GLU A 61 -2.71 15.44 11.32
N ASP A 62 -1.78 15.43 10.36
CA ASP A 62 -2.07 15.89 9.01
C ASP A 62 -2.95 14.91 8.22
N ALA A 63 -2.92 13.63 8.61
CA ALA A 63 -3.74 12.61 7.99
C ALA A 63 -5.19 12.76 8.43
N ALA A 64 -5.41 13.16 9.68
CA ALA A 64 -6.75 13.35 10.21
C ALA A 64 -7.42 14.54 9.53
N ALA A 65 -6.63 15.52 9.07
CA ALA A 65 -7.15 16.67 8.36
C ALA A 65 -7.46 16.32 6.90
N ALA A 66 -6.74 15.35 6.33
CA ALA A 66 -7.01 14.90 4.98
C ALA A 66 -8.30 14.08 4.94
N ILE A 67 -8.58 13.35 6.02
CA ILE A 67 -9.80 12.57 6.14
C ILE A 67 -10.99 13.49 6.41
N ASP A 68 -10.82 14.49 7.28
CA ASP A 68 -11.88 15.40 7.65
C ASP A 68 -12.29 16.33 6.51
N ASN A 69 -11.52 16.35 5.41
CA ASN A 69 -11.80 17.25 4.30
C ASN A 69 -12.00 16.55 2.95
N MET A 70 -11.72 15.25 2.83
CA MET A 70 -11.94 14.55 1.58
C MET A 70 -12.73 13.25 1.74
N ASN A 71 -13.02 12.81 2.97
CA ASN A 71 -13.80 11.59 3.16
C ASN A 71 -15.14 11.71 2.45
N GLU A 72 -15.50 10.66 1.68
CA GLU A 72 -16.77 10.60 0.97
C GLU A 72 -17.03 11.84 0.10
N SER A 73 -15.99 12.29 -0.63
CA SER A 73 -16.08 13.44 -1.51
C SER A 73 -15.58 13.10 -2.92
N GLU A 74 -15.96 13.91 -3.90
CA GLU A 74 -15.54 13.73 -5.29
C GLU A 74 -14.08 14.14 -5.49
N LEU A 75 -13.31 13.34 -6.23
CA LEU A 75 -11.91 13.63 -6.52
C LEU A 75 -11.65 13.77 -8.03
N PHE A 76 -11.93 12.68 -8.76
CA PHE A 76 -11.78 12.58 -10.21
C PHE A 76 -13.08 12.52 -11.01
N GLY A 77 -14.22 12.77 -10.36
CA GLY A 77 -15.51 12.75 -11.03
C GLY A 77 -16.52 11.87 -10.31
N ARG A 78 -16.09 11.18 -9.24
CA ARG A 78 -16.97 10.34 -8.44
C ARG A 78 -16.45 10.27 -7.01
N THR A 79 -17.29 9.83 -6.08
CA THR A 79 -16.94 9.72 -4.67
C THR A 79 -15.80 8.77 -4.34
N ILE A 80 -14.98 9.14 -3.35
CA ILE A 80 -13.89 8.31 -2.88
C ILE A 80 -13.93 8.23 -1.35
N ARG A 81 -13.34 7.16 -0.79
CA ARG A 81 -13.27 6.96 0.64
C ARG A 81 -11.90 7.39 1.15
N VAL A 82 -11.86 7.93 2.37
CA VAL A 82 -10.64 8.31 3.05
C VAL A 82 -10.73 8.01 4.54
N ASN A 83 -9.80 7.21 5.07
CA ASN A 83 -9.76 6.79 6.46
C ASN A 83 -8.40 6.20 6.79
N LEU A 84 -8.13 5.92 8.07
CA LEU A 84 -6.89 5.26 8.43
C LEU A 84 -6.93 3.83 7.88
N ALA A 85 -5.77 3.20 7.72
CA ALA A 85 -5.70 1.87 7.13
C ALA A 85 -5.91 0.75 8.17
N LYS A 86 -5.94 1.10 9.47
CA LYS A 86 -6.09 0.12 10.54
C LYS A 86 -7.54 -0.37 10.76
N PRO A 87 -8.55 0.51 10.79
CA PRO A 87 -9.91 0.16 11.20
C PRO A 87 -10.71 -0.60 10.12
N MET A 88 -10.13 -0.89 8.96
CA MET A 88 -10.87 -1.52 7.88
C MET A 88 -9.98 -2.33 6.95
N ARG A 89 -10.61 -3.07 6.02
CA ARG A 89 -9.95 -3.82 4.97
C ARG A 89 -10.90 -3.94 3.77
N ILE A 90 -10.45 -4.54 2.68
CA ILE A 90 -11.26 -4.70 1.48
C ILE A 90 -12.48 -5.58 1.78
N LYS A 91 -13.52 -5.47 0.94
CA LYS A 91 -14.75 -6.24 1.08
C LYS A 91 -14.53 -7.74 0.85
N GLU A 92 -13.30 -8.15 0.58
CA GLU A 92 -12.94 -9.53 0.26
C GLU A 92 -11.48 -9.80 0.63
N GLY A 93 -11.09 -11.07 0.60
CA GLY A 93 -9.75 -11.50 0.98
C GLY A 93 -9.72 -11.98 2.42
N ALA B 1 25.23 -15.75 -7.39
CA ALA B 1 25.55 -16.51 -6.16
C ALA B 1 24.39 -17.41 -5.75
N LYS B 2 24.63 -18.27 -4.76
CA LYS B 2 23.63 -19.19 -4.25
C LYS B 2 22.52 -18.45 -3.49
N GLY B 3 22.86 -17.31 -2.88
CA GLY B 3 21.91 -16.50 -2.13
C GLY B 3 21.05 -15.64 -3.05
N ASN B 4 19.89 -15.22 -2.56
CA ASN B 4 18.96 -14.38 -3.31
C ASN B 4 19.43 -12.93 -3.26
N PHE B 5 18.95 -12.10 -4.21
CA PHE B 5 19.33 -10.70 -4.27
C PHE B 5 18.22 -9.71 -4.60
N CYS B 6 18.18 -8.59 -3.89
CA CYS B 6 17.13 -7.59 -4.00
C CYS B 6 17.34 -6.66 -5.19
N PRO B 7 16.25 -6.31 -5.91
CA PRO B 7 16.28 -5.46 -7.08
C PRO B 7 16.39 -3.96 -6.74
N LEU B 8 16.32 -3.57 -5.48
CA LEU B 8 16.28 -2.15 -5.11
C LEU B 8 17.29 -1.76 -4.03
N CYS B 9 17.97 -2.72 -3.40
CA CYS B 9 19.04 -2.38 -2.47
C CYS B 9 20.10 -3.48 -2.42
N ASP B 10 21.27 -3.15 -1.87
CA ASP B 10 22.42 -4.04 -1.84
C ASP B 10 22.32 -5.22 -0.86
N LYS B 11 21.22 -5.32 -0.13
CA LYS B 11 21.01 -6.39 0.83
C LYS B 11 20.61 -7.68 0.12
N CYS B 12 20.60 -8.79 0.87
CA CYS B 12 20.27 -10.11 0.35
C CYS B 12 19.40 -10.87 1.36
N TYR B 13 18.90 -12.03 0.96
CA TYR B 13 18.01 -12.81 1.83
C TYR B 13 18.11 -14.32 1.69
N ASP B 14 17.84 -15.04 2.78
CA ASP B 14 17.79 -16.50 2.79
C ASP B 14 16.39 -17.03 2.47
N ASP B 15 16.28 -18.33 2.17
CA ASP B 15 15.00 -18.96 1.92
C ASP B 15 14.18 -19.15 3.22
N ASP B 16 14.79 -18.82 4.36
CA ASP B 16 14.20 -18.93 5.68
C ASP B 16 14.02 -17.57 6.35
N ASP B 17 13.74 -17.56 7.67
CA ASP B 17 13.58 -16.34 8.45
C ASP B 17 12.45 -15.42 8.00
N TYR B 18 11.23 -15.98 7.90
CA TYR B 18 10.03 -15.25 7.53
C TYR B 18 9.60 -14.11 8.46
N GLU B 19 10.39 -13.85 9.50
CA GLU B 19 10.10 -12.81 10.48
C GLU B 19 10.36 -11.42 9.91
N SER B 20 11.15 -11.33 8.83
CA SER B 20 11.49 -10.06 8.20
C SER B 20 10.34 -9.53 7.35
N LYS B 21 10.21 -8.21 7.26
CA LYS B 21 9.19 -7.58 6.44
C LYS B 21 9.60 -7.61 4.98
N MET B 22 8.94 -8.45 4.18
CA MET B 22 9.20 -8.55 2.75
C MET B 22 7.92 -8.95 2.02
N MET B 23 7.85 -8.62 0.73
CA MET B 23 6.72 -8.98 -0.12
C MET B 23 7.23 -9.59 -1.40
N GLN B 24 6.38 -10.35 -2.10
CA GLN B 24 6.75 -10.99 -3.35
C GLN B 24 6.07 -10.30 -4.52
N CYS B 25 6.80 -10.14 -5.62
CA CYS B 25 6.29 -9.55 -6.84
C CYS B 25 5.26 -10.49 -7.46
N GLY B 26 4.15 -9.95 -7.96
CA GLY B 26 3.10 -10.75 -8.57
C GLY B 26 3.33 -11.00 -10.06
N LYS B 27 4.41 -10.46 -10.64
CA LYS B 27 4.65 -10.55 -12.07
C LYS B 27 6.00 -11.19 -12.42
N CYS B 28 6.96 -11.21 -11.49
CA CYS B 28 8.22 -11.88 -11.73
C CYS B 28 8.67 -12.73 -10.53
N ASP B 29 7.77 -12.92 -9.56
CA ASP B 29 7.97 -13.76 -8.39
C ASP B 29 9.22 -13.46 -7.54
N ARG B 30 9.78 -12.25 -7.68
CA ARG B 30 10.98 -11.85 -6.95
C ARG B 30 10.60 -11.20 -5.62
N TRP B 31 11.38 -11.46 -4.57
CA TRP B 31 11.14 -10.88 -3.25
C TRP B 31 11.85 -9.53 -3.08
N VAL B 32 11.29 -8.67 -2.24
CA VAL B 32 11.83 -7.34 -1.96
C VAL B 32 11.62 -6.95 -0.50
N HIS B 33 12.58 -6.22 0.09
CA HIS B 33 12.47 -5.79 1.47
C HIS B 33 11.53 -4.60 1.61
N SER B 34 11.14 -4.29 2.85
CA SER B 34 10.34 -3.12 3.15
C SER B 34 11.19 -1.86 3.24
N LYS B 35 12.50 -2.01 3.51
CA LYS B 35 13.40 -0.87 3.71
C LYS B 35 13.70 -0.14 2.41
N CYS B 36 13.77 -0.87 1.29
CA CYS B 36 14.00 -0.31 -0.03
C CYS B 36 12.72 0.35 -0.56
N GLU B 37 11.63 0.30 0.23
CA GLU B 37 10.38 0.99 -0.05
C GLU B 37 10.04 1.97 1.08
N ASN B 38 10.92 2.09 2.08
CA ASN B 38 10.72 2.92 3.26
C ASN B 38 9.36 2.64 3.91
N LEU B 39 8.86 1.40 3.74
CA LEU B 39 7.52 1.03 4.16
C LEU B 39 7.37 1.05 5.68
N SER B 40 6.24 1.59 6.15
CA SER B 40 5.92 1.64 7.57
C SER B 40 5.37 0.29 8.03
N ASP B 41 5.41 0.04 9.33
CA ASP B 41 4.94 -1.23 9.89
C ASP B 41 3.45 -1.47 9.62
N GLU B 42 2.65 -0.41 9.64
CA GLU B 42 1.22 -0.52 9.37
C GLU B 42 0.96 -0.60 7.87
N MET B 43 1.77 0.11 7.08
CA MET B 43 1.65 0.07 5.62
C MET B 43 2.11 -1.28 5.09
N TYR B 44 2.91 -2.02 5.87
CA TYR B 44 3.27 -3.39 5.53
C TYR B 44 2.22 -4.43 5.88
N GLU B 45 1.60 -4.27 7.06
CA GLU B 45 0.59 -5.21 7.52
C GLU B 45 -0.73 -5.06 6.77
N ILE B 46 -1.04 -3.88 6.23
CA ILE B 46 -2.27 -3.73 5.46
C ILE B 46 -2.13 -4.46 4.13
N LEU B 47 -0.95 -4.43 3.51
CA LEU B 47 -0.70 -5.17 2.28
C LEU B 47 -0.78 -6.67 2.57
N SER B 48 -0.42 -7.07 3.80
CA SER B 48 -0.50 -8.46 4.23
C SER B 48 -1.92 -8.87 4.60
N ASN B 49 -2.89 -7.96 4.39
CA ASN B 49 -4.30 -8.22 4.64
C ASN B 49 -5.18 -7.90 3.44
N LEU B 50 -4.58 -7.42 2.35
CA LEU B 50 -5.31 -7.24 1.10
C LEU B 50 -5.56 -8.62 0.46
N PRO B 51 -6.59 -8.73 -0.38
CA PRO B 51 -6.86 -9.94 -1.13
C PRO B 51 -5.68 -10.26 -2.04
N GLU B 52 -5.42 -11.55 -2.29
CA GLU B 52 -4.27 -11.98 -3.09
C GLU B 52 -4.44 -11.60 -4.57
N SER B 53 -5.63 -11.12 -4.96
CA SER B 53 -5.87 -10.66 -6.32
C SER B 53 -5.08 -9.38 -6.61
N VAL B 54 -4.66 -8.68 -5.56
CA VAL B 54 -3.81 -7.51 -5.64
C VAL B 54 -2.47 -7.75 -4.96
N ALA B 55 -1.36 -7.28 -5.55
CA ALA B 55 -0.05 -7.55 -4.97
C ALA B 55 1.00 -6.52 -5.40
N TYR B 56 2.12 -6.52 -4.67
CA TYR B 56 3.26 -5.70 -5.00
C TYR B 56 3.94 -6.04 -6.33
N THR B 57 4.67 -5.08 -6.90
CA THR B 57 5.37 -5.28 -8.17
C THR B 57 6.60 -4.39 -8.11
N CYS B 58 7.64 -4.79 -8.85
CA CYS B 58 8.87 -4.03 -8.96
C CYS B 58 8.59 -2.68 -9.60
N VAL B 59 9.58 -1.78 -9.56
CA VAL B 59 9.45 -0.44 -10.12
C VAL B 59 9.24 -0.48 -11.63
N ASN B 60 9.43 -1.63 -12.29
CA ASN B 60 9.15 -1.78 -13.71
C ASN B 60 7.97 -2.72 -13.96
N CYS B 61 7.76 -3.71 -13.07
CA CYS B 61 6.67 -4.67 -13.23
C CYS B 61 5.31 -3.98 -13.15
N THR B 62 5.26 -2.75 -12.62
CA THR B 62 4.02 -1.99 -12.53
C THR B 62 3.58 -1.32 -13.83
N GLU B 63 4.50 -1.18 -14.79
CA GLU B 63 4.19 -0.61 -16.10
C GLU B 63 4.50 -1.60 -17.23
N ARG B 64 5.45 -2.53 -16.99
CA ARG B 64 5.93 -3.51 -17.95
C ARG B 64 6.28 -4.79 -17.19
N ALA C 1 -1.99 -9.02 -0.33
CA ALA C 1 -0.92 -9.35 -1.29
C ALA C 1 -0.14 -10.58 -0.81
N ARG C 2 0.75 -11.12 -1.65
CA ARG C 2 1.63 -12.19 -1.21
C ARG C 2 2.81 -11.61 -0.43
N THR C 3 2.96 -12.02 0.83
CA THR C 3 4.02 -11.55 1.71
C THR C 3 4.58 -12.63 2.62
N GLN C 5 4.21 -12.70 5.67
CA GLN C 5 3.11 -12.89 6.61
C GLN C 5 1.96 -13.68 5.99
N THR C 6 1.97 -13.85 4.66
CA THR C 6 0.90 -14.53 3.91
C THR C 6 1.32 -15.72 3.06
N ALA C 7 2.60 -16.11 3.12
CA ALA C 7 3.15 -17.22 2.38
C ALA C 7 4.25 -17.89 3.20
N ARG C 8 4.52 -19.17 2.95
CA ARG C 8 5.53 -19.89 3.72
C ARG C 8 6.04 -21.10 2.94
N LYS C 9 7.33 -21.43 3.09
CA LYS C 9 7.93 -22.59 2.43
C LYS C 9 7.60 -23.89 3.17
N SER C 10 7.24 -23.78 4.46
CA SER C 10 6.90 -24.93 5.28
C SER C 10 5.57 -25.54 4.83
N THR C 11 5.34 -26.80 5.22
CA THR C 11 4.12 -27.52 4.90
C THR C 11 3.76 -28.57 5.93
N GLY C 12 2.50 -29.02 5.94
CA GLY C 12 2.01 -30.00 6.89
C GLY C 12 1.87 -29.41 8.29
N GLY C 13 1.60 -30.27 9.28
CA GLY C 13 1.44 -29.86 10.67
C GLY C 13 2.79 -29.51 11.29
N ALA A 1 -3.18 18.31 18.64
CA ALA A 1 -4.59 18.68 18.87
C ALA A 1 -5.50 17.46 18.76
N GLY A 2 -6.68 17.53 19.37
CA GLY A 2 -7.67 16.46 19.34
C GLY A 2 -8.40 16.40 18.01
N HIS A 3 -9.11 15.29 17.77
CA HIS A 3 -9.86 15.06 16.54
C HIS A 3 -11.13 14.24 16.81
N MET A 4 -12.04 14.24 15.83
CA MET A 4 -13.32 13.54 15.94
C MET A 4 -13.15 12.03 15.82
N ALA A 5 -11.94 11.56 15.52
CA ALA A 5 -11.66 10.15 15.33
C ALA A 5 -10.19 9.85 15.62
N THR A 6 -9.83 8.56 15.62
CA THR A 6 -8.45 8.14 15.82
C THR A 6 -7.52 8.64 14.72
N THR A 7 -6.20 8.62 14.98
CA THR A 7 -5.21 9.14 14.04
C THR A 7 -3.98 8.25 13.81
N LYS A 8 -3.42 8.32 12.61
CA LYS A 8 -2.20 7.62 12.22
C LYS A 8 -1.66 8.29 10.97
N ARG A 9 -0.34 8.16 10.73
CA ARG A 9 0.29 8.78 9.57
C ARG A 9 -0.11 8.14 8.25
N VAL A 10 -0.46 6.85 8.26
CA VAL A 10 -0.86 6.14 7.05
C VAL A 10 -2.38 6.17 6.86
N LEU A 11 -2.82 6.41 5.62
CA LEU A 11 -4.23 6.47 5.29
C LEU A 11 -4.55 5.61 4.09
N TYR A 12 -5.83 5.22 4.01
CA TYR A 12 -6.40 4.50 2.89
C TYR A 12 -7.32 5.33 2.01
N VAL A 13 -7.30 5.08 0.70
CA VAL A 13 -8.15 5.79 -0.24
C VAL A 13 -8.73 4.80 -1.24
N GLY A 14 -10.05 4.85 -1.45
CA GLY A 14 -10.72 3.88 -2.31
C GLY A 14 -11.86 4.51 -3.09
N GLY A 15 -12.26 3.87 -4.18
CA GLY A 15 -13.33 4.36 -5.04
C GLY A 15 -12.83 5.42 -6.01
N LEU A 16 -11.52 5.68 -6.00
CA LEU A 16 -10.88 6.65 -6.88
C LEU A 16 -11.03 6.21 -8.34
N ALA A 17 -10.84 7.15 -9.27
CA ALA A 17 -11.01 6.88 -10.70
C ALA A 17 -9.92 5.95 -11.23
N GLU A 18 -10.19 5.33 -12.37
CA GLU A 18 -9.29 4.35 -12.98
C GLU A 18 -8.04 5.01 -13.57
N GLU A 19 -8.08 6.33 -13.81
CA GLU A 19 -6.98 7.05 -14.43
C GLU A 19 -6.08 7.72 -13.39
N VAL A 20 -6.34 7.46 -12.10
CA VAL A 20 -5.54 8.05 -11.03
C VAL A 20 -4.20 7.33 -10.99
N ASP A 21 -3.14 8.11 -10.75
CA ASP A 21 -1.77 7.65 -10.57
C ASP A 21 -1.24 8.17 -9.23
N ASP A 22 -0.07 7.69 -8.80
CA ASP A 22 0.49 8.09 -7.52
C ASP A 22 0.76 9.58 -7.37
N LYS A 23 0.82 10.30 -8.49
CA LYS A 23 1.06 11.74 -8.49
C LYS A 23 -0.23 12.50 -8.15
N VAL A 24 -1.39 11.88 -8.40
CA VAL A 24 -2.67 12.51 -8.12
C VAL A 24 -2.94 12.52 -6.62
N LEU A 25 -2.64 11.40 -5.94
CA LEU A 25 -2.83 11.31 -4.50
C LEU A 25 -2.00 12.38 -3.79
N HIS A 26 -0.82 12.72 -4.32
CA HIS A 26 0.01 13.74 -3.68
C HIS A 26 -0.64 15.11 -3.82
N ALA A 27 -1.04 15.48 -5.04
CA ALA A 27 -1.60 16.79 -5.30
C ALA A 27 -2.99 16.95 -4.66
N ALA A 28 -3.69 15.85 -4.40
CA ALA A 28 -5.01 15.89 -3.81
C ALA A 28 -4.94 15.98 -2.29
N PHE A 29 -3.89 15.43 -1.67
CA PHE A 29 -3.77 15.36 -0.22
C PHE A 29 -2.77 16.29 0.45
N ILE A 30 -2.00 17.05 -0.34
CA ILE A 30 -0.96 17.92 0.19
C ILE A 30 -1.47 19.17 0.95
N PRO A 31 -2.68 19.72 0.69
CA PRO A 31 -3.07 20.97 1.32
C PRO A 31 -3.42 20.78 2.80
N PHE A 32 -3.59 19.53 3.25
CA PHE A 32 -3.97 19.26 4.64
C PHE A 32 -2.71 19.08 5.47
N GLY A 33 -1.55 18.92 4.83
CA GLY A 33 -0.27 18.74 5.50
C GLY A 33 0.72 18.06 4.59
N ASP A 34 2.01 18.12 4.93
CA ASP A 34 3.06 17.53 4.11
C ASP A 34 2.96 16.01 3.98
N ILE A 35 3.10 15.52 2.75
CA ILE A 35 3.12 14.09 2.46
C ILE A 35 4.56 13.62 2.37
N THR A 36 4.82 12.36 2.74
CA THR A 36 6.16 11.79 2.69
C THR A 36 6.27 10.46 1.96
N ASP A 37 5.14 9.77 1.78
CA ASP A 37 5.07 8.51 1.05
C ASP A 37 3.71 8.22 0.41
N ILE A 38 3.74 7.53 -0.74
CA ILE A 38 2.55 7.11 -1.46
C ILE A 38 2.85 5.79 -2.15
N GLN A 39 1.84 4.92 -2.27
CA GLN A 39 2.01 3.59 -2.84
C GLN A 39 0.70 3.09 -3.40
N ILE A 40 0.76 2.27 -4.46
CA ILE A 40 -0.41 1.69 -5.09
C ILE A 40 -0.08 0.27 -5.57
N PRO A 41 -0.79 -0.76 -5.08
CA PRO A 41 -0.57 -2.14 -5.46
C PRO A 41 -1.22 -2.43 -6.82
N LEU A 42 -0.83 -3.54 -7.44
CA LEU A 42 -1.31 -3.89 -8.77
C LEU A 42 -2.30 -5.06 -8.71
N ASP A 43 -3.43 -4.93 -9.40
CA ASP A 43 -4.44 -5.98 -9.49
C ASP A 43 -4.13 -6.77 -10.76
N TYR A 44 -4.30 -8.10 -10.71
CA TYR A 44 -3.95 -8.96 -11.82
C TYR A 44 -5.08 -9.37 -12.75
N GLU A 45 -6.30 -8.87 -12.49
CA GLU A 45 -7.46 -9.16 -13.31
C GLU A 45 -7.45 -8.31 -14.58
N THR A 46 -6.98 -7.07 -14.49
CA THR A 46 -6.91 -6.14 -15.61
C THR A 46 -5.63 -5.31 -15.69
N GLU A 47 -4.62 -5.69 -14.89
CA GLU A 47 -3.31 -5.04 -14.86
C GLU A 47 -3.36 -3.54 -14.53
N LYS A 48 -4.14 -3.17 -13.50
CA LYS A 48 -4.20 -1.79 -13.00
C LYS A 48 -4.47 -1.82 -11.50
N HIS A 49 -4.57 -0.66 -10.85
CA HIS A 49 -4.85 -0.60 -9.42
C HIS A 49 -6.24 -1.16 -9.14
N ARG A 50 -6.44 -1.73 -7.94
CA ARG A 50 -7.70 -2.38 -7.58
C ARG A 50 -8.77 -1.38 -7.16
N GLY A 51 -8.65 -0.12 -7.59
CA GLY A 51 -9.62 0.91 -7.25
C GLY A 51 -9.32 1.58 -5.92
N PHE A 52 -8.12 1.35 -5.38
CA PHE A 52 -7.67 2.00 -4.15
C PHE A 52 -6.18 2.31 -4.14
N ALA A 53 -5.75 3.14 -3.19
CA ALA A 53 -4.36 3.58 -3.08
C ALA A 53 -4.01 3.92 -1.64
N PHE A 54 -2.73 4.19 -1.39
CA PHE A 54 -2.21 4.50 -0.07
C PHE A 54 -1.36 5.77 0.00
N VAL A 55 -1.39 6.46 1.15
CA VAL A 55 -0.67 7.70 1.35
C VAL A 55 -0.19 7.77 2.79
N GLU A 56 0.88 8.53 3.04
CA GLU A 56 1.44 8.71 4.37
C GLU A 56 1.88 10.15 4.61
N PHE A 57 1.43 10.71 5.73
CA PHE A 57 1.73 12.06 6.16
C PHE A 57 2.96 12.24 7.04
N GLU A 58 3.45 13.49 7.13
CA GLU A 58 4.57 13.86 7.98
C GLU A 58 4.18 13.84 9.45
N LEU A 59 2.87 13.86 9.75
CA LEU A 59 2.35 13.82 11.11
C LEU A 59 1.06 13.01 11.13
N ALA A 60 0.77 12.38 12.27
CA ALA A 60 -0.44 11.57 12.42
C ALA A 60 -1.68 12.46 12.49
N GLU A 61 -1.53 13.70 12.95
CA GLU A 61 -2.66 14.62 13.11
C GLU A 61 -3.06 15.23 11.78
N ASP A 62 -2.11 15.35 10.84
CA ASP A 62 -2.40 15.90 9.52
C ASP A 62 -3.26 14.96 8.68
N ALA A 63 -3.20 13.66 9.00
CA ALA A 63 -3.99 12.66 8.32
C ALA A 63 -5.47 12.78 8.71
N ALA A 64 -5.73 13.13 9.98
CA ALA A 64 -7.09 13.27 10.46
C ALA A 64 -7.78 14.46 9.81
N ALA A 65 -7.01 15.48 9.40
CA ALA A 65 -7.57 16.65 8.75
C ALA A 65 -7.83 16.38 7.26
N ALA A 66 -7.06 15.46 6.66
CA ALA A 66 -7.27 15.09 5.28
C ALA A 66 -8.55 14.25 5.14
N ILE A 67 -8.86 13.47 6.18
CA ILE A 67 -10.06 12.66 6.23
C ILE A 67 -11.29 13.53 6.49
N ASP A 68 -11.15 14.51 7.40
CA ASP A 68 -12.25 15.39 7.77
C ASP A 68 -12.67 16.30 6.62
N ASN A 69 -11.86 16.37 5.56
CA ASN A 69 -12.14 17.27 4.44
C ASN A 69 -12.32 16.59 3.08
N MET A 70 -12.03 15.30 2.95
CA MET A 70 -12.24 14.61 1.67
C MET A 70 -13.03 13.31 1.79
N ASN A 71 -13.34 12.85 3.01
CA ASN A 71 -14.06 11.61 3.19
C ASN A 71 -15.41 11.67 2.46
N GLU A 72 -15.71 10.62 1.68
CA GLU A 72 -16.95 10.51 0.93
C GLU A 72 -17.22 11.74 0.07
N SER A 73 -16.19 12.22 -0.64
CA SER A 73 -16.30 13.37 -1.53
C SER A 73 -15.80 13.02 -2.94
N GLU A 74 -16.20 13.82 -3.93
CA GLU A 74 -15.82 13.62 -5.33
C GLU A 74 -14.37 14.06 -5.57
N LEU A 75 -13.58 13.26 -6.31
CA LEU A 75 -12.19 13.58 -6.60
C LEU A 75 -11.94 13.70 -8.11
N PHE A 76 -12.18 12.59 -8.83
CA PHE A 76 -12.03 12.49 -10.29
C PHE A 76 -13.32 12.38 -11.09
N GLY A 77 -14.47 12.59 -10.44
CA GLY A 77 -15.76 12.50 -11.11
C GLY A 77 -16.72 11.57 -10.36
N ARG A 78 -16.24 10.94 -9.29
CA ARG A 78 -17.07 10.07 -8.46
C ARG A 78 -16.56 10.10 -7.02
N THR A 79 -17.41 9.66 -6.10
CA THR A 79 -17.07 9.61 -4.68
C THR A 79 -15.91 8.67 -4.33
N ILE A 80 -15.10 9.05 -3.34
CA ILE A 80 -14.01 8.22 -2.86
C ILE A 80 -14.05 8.16 -1.33
N ARG A 81 -13.50 7.09 -0.76
CA ARG A 81 -13.42 6.89 0.68
C ARG A 81 -12.07 7.37 1.18
N VAL A 82 -12.05 7.90 2.41
CA VAL A 82 -10.82 8.32 3.07
C VAL A 82 -10.86 8.00 4.55
N ASN A 83 -9.88 7.24 5.04
CA ASN A 83 -9.80 6.83 6.43
C ASN A 83 -8.38 6.36 6.74
N LEU A 84 -8.09 6.04 8.01
CA LEU A 84 -6.79 5.50 8.37
C LEU A 84 -6.67 4.08 7.80
N ALA A 85 -5.44 3.62 7.60
CA ALA A 85 -5.19 2.29 7.07
C ALA A 85 -5.08 1.25 8.20
N LYS A 86 -5.87 1.43 9.28
CA LYS A 86 -5.85 0.53 10.43
C LYS A 86 -7.19 -0.15 10.72
N PRO A 87 -8.33 0.56 10.72
CA PRO A 87 -9.63 -0.01 11.06
C PRO A 87 -10.24 -0.84 9.91
N MET A 88 -9.50 -1.05 8.82
CA MET A 88 -10.01 -1.75 7.65
C MET A 88 -8.90 -2.41 6.85
N ARG A 89 -9.29 -3.10 5.77
CA ARG A 89 -8.36 -3.71 4.81
C ARG A 89 -8.89 -3.58 3.39
N ILE A 90 -10.19 -3.79 3.19
CA ILE A 90 -10.90 -3.58 1.92
C ILE A 90 -12.33 -3.19 2.27
N LYS A 91 -13.03 -2.48 1.37
CA LYS A 91 -14.41 -2.07 1.60
C LYS A 91 -15.37 -3.26 1.65
N GLU A 92 -14.92 -4.43 1.18
CA GLU A 92 -15.72 -5.66 1.18
C GLU A 92 -14.79 -6.87 1.00
N GLY A 93 -15.31 -8.08 1.20
CA GLY A 93 -14.55 -9.30 1.03
C GLY A 93 -13.43 -9.41 2.06
N ALA B 1 25.48 -16.25 -4.66
CA ALA B 1 26.64 -16.53 -3.80
C ALA B 1 26.28 -17.47 -2.66
N LYS B 2 25.52 -16.99 -1.67
CA LYS B 2 25.12 -17.78 -0.51
C LYS B 2 23.61 -17.71 -0.26
N GLY B 3 22.86 -17.08 -1.18
CA GLY B 3 21.43 -16.94 -1.07
C GLY B 3 20.86 -16.12 -2.22
N ASN B 4 19.54 -15.89 -2.19
CA ASN B 4 18.87 -15.10 -3.21
C ASN B 4 19.08 -13.61 -2.90
N PHE B 5 18.90 -12.76 -3.91
CA PHE B 5 19.22 -11.34 -3.81
C PHE B 5 18.12 -10.35 -4.19
N CYS B 6 17.96 -9.28 -3.39
CA CYS B 6 16.93 -8.27 -3.56
C CYS B 6 17.32 -7.28 -4.65
N PRO B 7 16.38 -6.92 -5.55
CA PRO B 7 16.61 -6.04 -6.68
C PRO B 7 16.65 -4.56 -6.28
N LEU B 8 16.50 -4.23 -4.99
CA LEU B 8 16.41 -2.83 -4.58
C LEU B 8 17.32 -2.50 -3.38
N CYS B 9 17.91 -3.49 -2.71
CA CYS B 9 18.90 -3.23 -1.68
C CYS B 9 19.89 -4.38 -1.55
N ASP B 10 20.98 -4.15 -0.83
CA ASP B 10 22.08 -5.11 -0.69
C ASP B 10 21.81 -6.31 0.21
N LYS B 11 20.64 -6.40 0.83
CA LYS B 11 20.31 -7.51 1.70
C LYS B 11 20.01 -8.77 0.88
N CYS B 12 20.26 -9.94 1.48
CA CYS B 12 20.01 -11.23 0.85
C CYS B 12 19.12 -12.10 1.74
N TYR B 13 18.62 -13.21 1.19
CA TYR B 13 17.72 -14.10 1.90
C TYR B 13 17.85 -15.56 1.47
N ASP B 14 17.19 -16.47 2.20
CA ASP B 14 17.24 -17.90 1.91
C ASP B 14 15.89 -18.49 2.33
N ASP B 15 15.66 -19.76 1.98
CA ASP B 15 14.41 -20.44 2.30
C ASP B 15 14.15 -20.62 3.78
N ASP B 16 12.88 -20.83 4.15
CA ASP B 16 12.43 -21.02 5.53
C ASP B 16 12.63 -19.83 6.47
N ASP B 17 13.21 -18.74 5.97
CA ASP B 17 13.38 -17.51 6.74
C ASP B 17 12.08 -16.73 6.95
N TYR B 18 11.99 -16.02 8.07
CA TYR B 18 10.82 -15.23 8.44
C TYR B 18 11.10 -13.86 9.07
N GLU B 19 12.36 -13.44 9.05
CA GLU B 19 12.80 -12.19 9.65
C GLU B 19 12.31 -10.99 8.84
N SER B 20 12.34 -9.81 9.47
CA SER B 20 11.98 -8.53 8.86
C SER B 20 10.58 -8.57 8.24
N LYS B 21 10.29 -7.60 7.37
CA LYS B 21 9.05 -7.50 6.63
C LYS B 21 9.39 -7.39 5.15
N MET B 22 8.77 -8.21 4.32
CA MET B 22 9.06 -8.24 2.88
C MET B 22 7.92 -8.88 2.11
N MET B 23 7.86 -8.62 0.80
CA MET B 23 6.77 -9.06 -0.06
C MET B 23 7.35 -9.75 -1.30
N GLN B 24 6.48 -10.42 -2.07
CA GLN B 24 6.88 -11.05 -3.31
C GLN B 24 6.16 -10.40 -4.49
N CYS B 25 6.88 -10.19 -5.59
CA CYS B 25 6.36 -9.60 -6.80
C CYS B 25 5.39 -10.55 -7.47
N GLY B 26 4.30 -10.02 -8.03
CA GLY B 26 3.28 -10.82 -8.70
C GLY B 26 3.58 -10.98 -10.20
N LYS B 27 4.65 -10.37 -10.70
CA LYS B 27 4.93 -10.37 -12.12
C LYS B 27 6.29 -10.98 -12.48
N CYS B 28 7.23 -11.06 -11.53
CA CYS B 28 8.52 -11.71 -11.79
C CYS B 28 8.99 -12.57 -10.60
N ASP B 29 8.11 -12.74 -9.61
CA ASP B 29 8.35 -13.57 -8.43
C ASP B 29 9.60 -13.24 -7.60
N ARG B 30 10.15 -12.04 -7.74
CA ARG B 30 11.27 -11.59 -6.92
C ARG B 30 10.76 -11.06 -5.59
N TRP B 31 11.54 -11.25 -4.53
CA TRP B 31 11.20 -10.69 -3.22
C TRP B 31 11.79 -9.31 -3.05
N VAL B 32 11.12 -8.47 -2.25
CA VAL B 32 11.55 -7.11 -1.98
C VAL B 32 11.18 -6.82 -0.54
N HIS B 33 12.06 -6.12 0.18
CA HIS B 33 11.86 -5.85 1.60
C HIS B 33 11.06 -4.56 1.81
N SER B 34 10.54 -4.38 3.02
CA SER B 34 9.91 -3.13 3.42
C SER B 34 10.99 -2.11 3.80
N LYS B 35 12.25 -2.57 3.91
CA LYS B 35 13.38 -1.72 4.23
C LYS B 35 13.90 -0.96 3.01
N CYS B 36 13.81 -1.55 1.81
CA CYS B 36 14.14 -0.87 0.57
C CYS B 36 13.00 0.09 0.22
N GLU B 37 13.31 1.13 -0.57
CA GLU B 37 12.37 2.20 -0.87
C GLU B 37 11.17 1.69 -1.66
N ASN B 38 10.08 1.37 -0.94
CA ASN B 38 8.84 0.89 -1.54
C ASN B 38 7.63 1.27 -0.67
N LEU B 39 7.76 1.06 0.65
CA LEU B 39 6.72 1.36 1.62
C LEU B 39 7.31 1.40 3.02
N SER B 40 6.61 2.03 3.96
CA SER B 40 7.02 2.06 5.36
C SER B 40 6.56 0.79 6.08
N ASP B 41 7.19 0.48 7.21
CA ASP B 41 6.85 -0.71 7.98
C ASP B 41 5.46 -0.68 8.62
N GLU B 42 4.81 0.50 8.60
CA GLU B 42 3.42 0.62 9.03
C GLU B 42 2.48 0.43 7.84
N MET B 43 2.91 0.88 6.66
CA MET B 43 2.16 0.68 5.43
C MET B 43 2.26 -0.77 4.98
N TYR B 44 3.27 -1.50 5.45
CA TYR B 44 3.39 -2.92 5.16
C TYR B 44 2.33 -3.78 5.83
N GLU B 45 1.86 -3.33 7.00
CA GLU B 45 0.84 -4.04 7.76
C GLU B 45 -0.49 -4.06 7.02
N ILE B 46 -0.89 -2.95 6.40
CA ILE B 46 -2.14 -2.91 5.67
C ILE B 46 -1.98 -3.62 4.32
N LEU B 47 -0.77 -3.53 3.75
CA LEU B 47 -0.46 -4.12 2.46
C LEU B 47 -0.54 -5.64 2.54
N SER B 48 -0.14 -6.23 3.67
CA SER B 48 -0.19 -7.67 3.87
C SER B 48 -1.63 -8.17 4.06
N ASN B 49 -2.53 -7.31 4.53
CA ASN B 49 -3.92 -7.67 4.75
C ASN B 49 -4.79 -7.58 3.50
N LEU B 50 -4.22 -7.09 2.39
CA LEU B 50 -4.94 -7.05 1.13
C LEU B 50 -5.09 -8.47 0.58
N PRO B 51 -6.14 -8.72 -0.22
CA PRO B 51 -6.40 -10.02 -0.82
C PRO B 51 -5.30 -10.37 -1.82
N GLU B 52 -5.12 -11.67 -2.08
CA GLU B 52 -4.06 -12.15 -2.96
C GLU B 52 -4.29 -11.77 -4.43
N SER B 53 -5.47 -11.24 -4.76
CA SER B 53 -5.76 -10.77 -6.10
C SER B 53 -4.96 -9.51 -6.41
N VAL B 54 -4.57 -8.77 -5.37
CA VAL B 54 -3.72 -7.60 -5.48
C VAL B 54 -2.35 -7.84 -4.88
N ALA B 55 -1.28 -7.33 -5.49
CA ALA B 55 0.05 -7.59 -4.99
C ALA B 55 1.06 -6.53 -5.42
N TYR B 56 2.23 -6.56 -4.78
CA TYR B 56 3.35 -5.67 -5.10
C TYR B 56 4.02 -5.94 -6.44
N THR B 57 4.74 -4.95 -6.96
CA THR B 57 5.46 -5.08 -8.23
C THR B 57 6.71 -4.21 -8.10
N CYS B 58 7.79 -4.64 -8.74
CA CYS B 58 9.06 -3.94 -8.76
C CYS B 58 8.91 -2.57 -9.42
N VAL B 59 9.96 -1.75 -9.32
CA VAL B 59 9.99 -0.41 -9.90
C VAL B 59 9.87 -0.44 -11.43
N ASN B 60 9.96 -1.63 -12.05
CA ASN B 60 9.76 -1.79 -13.49
C ASN B 60 8.54 -2.65 -13.78
N CYS B 61 8.19 -3.58 -12.89
CA CYS B 61 7.04 -4.45 -13.08
C CYS B 61 5.74 -3.64 -13.01
N THR B 62 5.77 -2.46 -12.40
CA THR B 62 4.61 -1.58 -12.34
C THR B 62 4.32 -0.82 -13.63
N GLU B 63 5.27 -0.84 -14.58
CA GLU B 63 5.11 -0.18 -15.87
C GLU B 63 5.20 -1.16 -17.03
N ARG B 64 5.86 -2.30 -16.82
CA ARG B 64 6.10 -3.30 -17.85
C ARG B 64 6.00 -4.70 -17.24
N ALA C 1 -1.57 -8.64 0.22
CA ALA C 1 -0.81 -9.16 -0.93
C ALA C 1 -0.10 -10.46 -0.51
N ARG C 2 0.66 -11.06 -1.44
CA ARG C 2 1.51 -12.20 -1.11
C ARG C 2 2.77 -11.67 -0.43
N THR C 3 2.89 -11.90 0.88
CA THR C 3 4.03 -11.42 1.67
C THR C 3 4.63 -12.47 2.59
N GLN C 5 5.02 -12.50 5.85
CA GLN C 5 4.19 -12.71 7.03
C GLN C 5 2.80 -13.28 6.67
N THR C 6 2.58 -13.60 5.38
CA THR C 6 1.34 -14.20 4.89
C THR C 6 1.54 -15.42 3.99
N ALA C 7 2.79 -15.86 3.83
CA ALA C 7 3.12 -17.00 2.99
C ALA C 7 2.51 -18.28 3.54
N ARG C 8 2.33 -19.29 2.68
CA ARG C 8 1.68 -20.53 3.05
C ARG C 8 2.09 -21.65 2.10
N LYS C 9 2.03 -22.90 2.58
CA LYS C 9 2.36 -24.08 1.77
C LYS C 9 1.21 -24.46 0.85
N SER C 10 -0.02 -24.08 1.20
CA SER C 10 -1.21 -24.38 0.42
C SER C 10 -2.33 -23.39 0.74
N THR C 11 -3.36 -23.38 -0.10
CA THR C 11 -4.51 -22.50 0.07
C THR C 11 -5.44 -22.85 1.22
N GLY C 12 -5.21 -23.98 1.87
CA GLY C 12 -6.01 -24.43 3.00
C GLY C 12 -5.74 -25.90 3.35
N GLY C 13 -6.30 -26.35 4.46
CA GLY C 13 -6.14 -27.72 4.94
C GLY C 13 -4.74 -27.96 5.48
N ALA A 1 -1.88 19.82 12.17
CA ALA A 1 -2.77 19.47 13.27
C ALA A 1 -4.13 19.01 12.75
N GLY A 2 -4.94 18.39 13.61
CA GLY A 2 -6.25 17.90 13.24
C GLY A 2 -6.94 17.23 14.42
N HIS A 3 -8.00 16.46 14.14
CA HIS A 3 -8.76 15.76 15.17
C HIS A 3 -7.94 14.64 15.81
N MET A 4 -8.50 14.03 16.85
CA MET A 4 -7.81 13.02 17.65
C MET A 4 -8.69 11.81 17.97
N ALA A 5 -9.90 11.74 17.40
CA ALA A 5 -10.81 10.64 17.67
C ALA A 5 -10.23 9.31 17.18
N THR A 6 -9.42 9.37 16.11
CA THR A 6 -8.69 8.22 15.60
C THR A 6 -7.63 8.79 14.67
N THR A 7 -6.38 8.31 14.80
CA THR A 7 -5.27 8.81 14.01
C THR A 7 -4.20 7.76 13.65
N LYS A 8 -3.56 7.97 12.50
CA LYS A 8 -2.45 7.17 12.01
C LYS A 8 -1.76 7.95 10.88
N ARG A 9 -0.44 7.79 10.71
CA ARG A 9 0.28 8.53 9.68
C ARG A 9 -0.21 8.18 8.28
N VAL A 10 -0.52 6.90 8.05
CA VAL A 10 -1.05 6.44 6.78
C VAL A 10 -2.57 6.38 6.77
N LEU A 11 -3.18 6.63 5.61
CA LEU A 11 -4.62 6.59 5.45
C LEU A 11 -4.99 6.07 4.07
N TYR A 12 -6.19 5.49 3.99
CA TYR A 12 -6.72 4.83 2.81
C TYR A 12 -7.61 5.68 1.92
N VAL A 13 -7.61 5.39 0.61
CA VAL A 13 -8.45 6.08 -0.35
C VAL A 13 -9.01 5.10 -1.38
N GLY A 14 -10.33 5.06 -1.55
CA GLY A 14 -10.97 4.11 -2.44
C GLY A 14 -12.08 4.75 -3.26
N GLY A 15 -12.47 4.10 -4.37
CA GLY A 15 -13.52 4.59 -5.24
C GLY A 15 -13.02 5.64 -6.22
N LEU A 16 -11.70 5.85 -6.24
CA LEU A 16 -11.07 6.83 -7.13
C LEU A 16 -11.28 6.45 -8.61
N ALA A 17 -11.07 7.43 -9.50
CA ALA A 17 -11.30 7.26 -10.93
C ALA A 17 -10.26 6.33 -11.56
N GLU A 18 -10.57 5.87 -12.77
CA GLU A 18 -9.73 4.92 -13.51
C GLU A 18 -8.50 5.58 -14.12
N GLU A 19 -8.36 6.91 -13.97
CA GLU A 19 -7.25 7.66 -14.56
C GLU A 19 -6.40 8.33 -13.49
N VAL A 20 -6.64 8.01 -12.21
CA VAL A 20 -5.87 8.57 -11.11
C VAL A 20 -4.51 7.88 -11.10
N ASP A 21 -3.47 8.69 -10.91
CA ASP A 21 -2.08 8.25 -10.76
C ASP A 21 -1.53 8.68 -9.41
N ASP A 22 -0.32 8.24 -9.06
CA ASP A 22 0.27 8.56 -7.77
C ASP A 22 0.52 10.06 -7.55
N LYS A 23 0.55 10.84 -8.63
CA LYS A 23 0.74 12.28 -8.56
C LYS A 23 -0.57 12.98 -8.16
N VAL A 24 -1.71 12.34 -8.43
CA VAL A 24 -3.01 12.92 -8.10
C VAL A 24 -3.25 12.83 -6.60
N LEU A 25 -2.93 11.69 -5.99
CA LEU A 25 -3.10 11.54 -4.54
C LEU A 25 -2.25 12.57 -3.80
N HIS A 26 -1.08 12.93 -4.34
CA HIS A 26 -0.25 13.92 -3.67
C HIS A 26 -0.88 15.31 -3.76
N ALA A 27 -1.28 15.71 -4.97
CA ALA A 27 -1.84 17.03 -5.19
C ALA A 27 -3.21 17.19 -4.54
N ALA A 28 -3.92 16.08 -4.32
CA ALA A 28 -5.24 16.11 -3.72
C ALA A 28 -5.18 16.16 -2.19
N PHE A 29 -4.12 15.60 -1.59
CA PHE A 29 -4.01 15.48 -0.15
C PHE A 29 -2.98 16.38 0.55
N ILE A 30 -2.19 17.14 -0.22
CA ILE A 30 -1.14 17.98 0.34
C ILE A 30 -1.63 19.20 1.13
N PRO A 31 -2.82 19.79 0.88
CA PRO A 31 -3.20 21.01 1.57
C PRO A 31 -3.57 20.78 3.03
N PHE A 32 -3.72 19.52 3.46
CA PHE A 32 -4.09 19.20 4.82
C PHE A 32 -2.82 18.98 5.65
N GLY A 33 -1.67 18.81 4.99
CA GLY A 33 -0.40 18.60 5.65
C GLY A 33 0.60 17.92 4.72
N ASP A 34 1.88 17.92 5.09
CA ASP A 34 2.92 17.33 4.26
C ASP A 34 2.82 15.82 4.08
N ILE A 35 2.87 15.37 2.83
CA ILE A 35 2.85 13.95 2.49
C ILE A 35 4.27 13.41 2.41
N THR A 36 4.46 12.13 2.76
CA THR A 36 5.77 11.49 2.74
C THR A 36 5.87 10.16 1.98
N ASP A 37 4.73 9.54 1.64
CA ASP A 37 4.75 8.32 0.84
C ASP A 37 3.37 8.11 0.21
N ILE A 38 3.34 7.47 -0.97
CA ILE A 38 2.12 7.17 -1.71
C ILE A 38 2.31 5.85 -2.45
N GLN A 39 1.26 5.01 -2.50
CA GLN A 39 1.33 3.71 -3.16
C GLN A 39 0.00 3.40 -3.84
N ILE A 40 0.06 2.55 -4.88
CA ILE A 40 -1.12 2.11 -5.61
C ILE A 40 -0.94 0.63 -5.97
N PRO A 41 -1.44 -0.29 -5.13
CA PRO A 41 -1.31 -1.72 -5.33
C PRO A 41 -1.91 -2.18 -6.66
N LEU A 42 -1.32 -3.22 -7.26
CA LEU A 42 -1.72 -3.70 -8.57
C LEU A 42 -2.64 -4.92 -8.47
N ASP A 43 -3.81 -4.82 -9.12
CA ASP A 43 -4.79 -5.90 -9.20
C ASP A 43 -4.51 -6.86 -10.35
N TYR A 44 -4.39 -8.15 -10.07
CA TYR A 44 -4.01 -9.15 -11.05
C TYR A 44 -5.11 -9.69 -11.97
N GLU A 45 -6.35 -9.23 -11.80
CA GLU A 45 -7.44 -9.67 -12.64
C GLU A 45 -7.39 -9.00 -14.02
N THR A 46 -6.89 -7.76 -14.08
CA THR A 46 -6.75 -7.02 -15.34
C THR A 46 -5.49 -6.19 -15.48
N GLU A 47 -4.55 -6.36 -14.54
CA GLU A 47 -3.29 -5.62 -14.49
C GLU A 47 -3.49 -4.10 -14.43
N LYS A 48 -4.32 -3.67 -13.47
CA LYS A 48 -4.62 -2.25 -13.22
C LYS A 48 -4.76 -2.04 -11.72
N HIS A 49 -5.04 -0.82 -11.27
CA HIS A 49 -5.21 -0.58 -9.84
C HIS A 49 -6.46 -1.33 -9.33
N ARG A 50 -6.48 -1.64 -8.03
CA ARG A 50 -7.58 -2.39 -7.43
C ARG A 50 -8.82 -1.51 -7.20
N GLY A 51 -8.72 -0.22 -7.51
CA GLY A 51 -9.80 0.74 -7.28
C GLY A 51 -9.57 1.51 -5.99
N PHE A 52 -8.35 1.44 -5.45
CA PHE A 52 -7.93 2.21 -4.29
C PHE A 52 -6.45 2.55 -4.32
N ALA A 53 -6.03 3.44 -3.40
CA ALA A 53 -4.66 3.88 -3.29
C ALA A 53 -4.34 4.24 -1.85
N PHE A 54 -3.05 4.50 -1.57
CA PHE A 54 -2.58 4.84 -0.25
C PHE A 54 -1.78 6.14 -0.20
N VAL A 55 -1.89 6.86 0.91
CA VAL A 55 -1.14 8.08 1.12
C VAL A 55 -0.70 8.12 2.57
N GLU A 56 0.44 8.75 2.85
CA GLU A 56 1.00 8.81 4.19
C GLU A 56 1.51 10.20 4.51
N PHE A 57 1.22 10.63 5.74
CA PHE A 57 1.52 11.95 6.24
C PHE A 57 2.73 12.05 7.16
N GLU A 58 3.28 13.25 7.29
CA GLU A 58 4.40 13.52 8.18
C GLU A 58 3.98 13.39 9.65
N LEU A 59 2.67 13.49 9.92
CA LEU A 59 2.09 13.36 11.25
C LEU A 59 0.71 12.72 11.14
N ALA A 60 0.29 12.05 12.21
CA ALA A 60 -1.00 11.36 12.24
C ALA A 60 -2.17 12.33 12.37
N GLU A 61 -1.93 13.52 12.93
CA GLU A 61 -2.99 14.50 13.12
C GLU A 61 -3.41 15.10 11.79
N ASP A 62 -2.49 15.19 10.84
CA ASP A 62 -2.78 15.74 9.52
C ASP A 62 -3.66 14.80 8.69
N ALA A 63 -3.60 13.50 8.98
CA ALA A 63 -4.42 12.52 8.29
C ALA A 63 -5.87 12.63 8.74
N ALA A 64 -6.10 12.98 10.01
CA ALA A 64 -7.44 13.10 10.55
C ALA A 64 -8.15 14.31 9.94
N ALA A 65 -7.38 15.32 9.52
CA ALA A 65 -7.94 16.51 8.87
C ALA A 65 -8.15 16.27 7.38
N ALA A 66 -7.35 15.38 6.78
CA ALA A 66 -7.49 15.05 5.37
C ALA A 66 -8.76 14.23 5.15
N ILE A 67 -9.15 13.44 6.15
CA ILE A 67 -10.36 12.64 6.12
C ILE A 67 -11.58 13.52 6.32
N ASP A 68 -11.50 14.46 7.27
CA ASP A 68 -12.62 15.32 7.61
C ASP A 68 -13.01 16.26 6.46
N ASN A 69 -12.13 16.42 5.47
CA ASN A 69 -12.34 17.34 4.36
C ASN A 69 -12.56 16.68 3.01
N MET A 70 -12.29 15.36 2.86
CA MET A 70 -12.49 14.70 1.58
C MET A 70 -13.30 13.41 1.68
N ASN A 71 -13.62 12.93 2.88
CA ASN A 71 -14.38 11.70 3.03
C ASN A 71 -15.73 11.80 2.30
N GLU A 72 -16.04 10.77 1.51
CA GLU A 72 -17.29 10.67 0.76
C GLU A 72 -17.57 11.92 -0.08
N SER A 73 -16.53 12.43 -0.77
CA SER A 73 -16.65 13.59 -1.63
C SER A 73 -16.15 13.28 -3.04
N GLU A 74 -16.54 14.09 -4.02
CA GLU A 74 -16.16 13.94 -5.42
C GLU A 74 -14.71 14.40 -5.65
N LEU A 75 -13.93 13.61 -6.40
CA LEU A 75 -12.53 13.95 -6.67
C LEU A 75 -12.27 14.10 -8.17
N PHE A 76 -12.51 13.02 -8.93
CA PHE A 76 -12.35 12.95 -10.39
C PHE A 76 -13.64 12.87 -11.20
N GLY A 77 -14.79 13.07 -10.55
CA GLY A 77 -16.08 12.99 -11.21
C GLY A 77 -17.03 12.02 -10.51
N ARG A 78 -16.55 11.36 -9.46
CA ARG A 78 -17.35 10.44 -8.67
C ARG A 78 -16.84 10.42 -7.23
N THR A 79 -17.67 9.94 -6.31
CA THR A 79 -17.33 9.85 -4.91
C THR A 79 -16.18 8.91 -4.57
N ILE A 80 -15.38 9.27 -3.55
CA ILE A 80 -14.29 8.44 -3.07
C ILE A 80 -14.37 8.34 -1.55
N ARG A 81 -13.84 7.26 -0.99
CA ARG A 81 -13.82 7.02 0.44
C ARG A 81 -12.47 7.45 0.99
N VAL A 82 -12.47 7.98 2.22
CA VAL A 82 -11.25 8.37 2.92
C VAL A 82 -11.35 8.04 4.40
N ASN A 83 -10.39 7.27 4.91
CA ASN A 83 -10.35 6.83 6.30
C ASN A 83 -8.94 6.34 6.65
N LEU A 84 -8.68 6.06 7.93
CA LEU A 84 -7.40 5.49 8.31
C LEU A 84 -7.30 4.10 7.71
N ALA A 85 -6.08 3.59 7.53
CA ALA A 85 -5.89 2.27 6.95
C ALA A 85 -5.90 1.18 8.03
N LYS A 86 -6.18 1.55 9.29
CA LYS A 86 -6.19 0.60 10.40
C LYS A 86 -7.56 -0.07 10.66
N PRO A 87 -8.70 0.66 10.62
CA PRO A 87 -9.99 0.11 10.99
C PRO A 87 -10.61 -0.76 9.90
N MET A 88 -9.97 -0.88 8.73
CA MET A 88 -10.48 -1.65 7.62
C MET A 88 -9.33 -2.09 6.72
N ARG A 89 -9.64 -2.82 5.64
CA ARG A 89 -8.62 -3.23 4.67
C ARG A 89 -9.07 -3.01 3.24
N ILE A 90 -10.38 -3.10 2.97
CA ILE A 90 -10.95 -2.90 1.64
C ILE A 90 -12.33 -2.26 1.79
N LYS A 91 -12.74 -1.45 0.81
CA LYS A 91 -14.02 -0.77 0.78
C LYS A 91 -15.20 -1.72 0.52
N GLU A 92 -14.91 -3.00 0.26
CA GLU A 92 -15.94 -3.98 -0.11
C GLU A 92 -15.57 -5.40 0.35
N GLY A 93 -14.47 -5.54 1.10
CA GLY A 93 -14.00 -6.83 1.59
C GLY A 93 -13.63 -7.77 0.45
N ALA B 1 16.95 -17.37 -2.76
CA ALA B 1 17.92 -18.26 -3.43
C ALA B 1 18.72 -17.51 -4.48
N LYS B 2 19.79 -18.14 -4.98
CA LYS B 2 20.69 -17.55 -5.98
C LYS B 2 19.97 -17.25 -7.31
N GLY B 3 18.80 -17.84 -7.53
CA GLY B 3 18.04 -17.65 -8.75
C GLY B 3 17.39 -16.27 -8.84
N ASN B 4 17.44 -15.49 -7.75
CA ASN B 4 16.88 -14.14 -7.69
C ASN B 4 17.72 -13.24 -6.80
N PHE B 5 17.60 -11.92 -6.96
CA PHE B 5 18.35 -10.96 -6.18
C PHE B 5 17.66 -9.63 -5.92
N CYS B 6 17.87 -9.04 -4.75
CA CYS B 6 17.25 -7.78 -4.36
C CYS B 6 17.87 -6.61 -5.14
N PRO B 7 17.05 -5.84 -5.85
CA PRO B 7 17.48 -4.71 -6.66
C PRO B 7 17.70 -3.46 -5.82
N LEU B 8 17.52 -3.53 -4.49
CA LEU B 8 17.63 -2.35 -3.64
C LEU B 8 18.74 -2.47 -2.60
N CYS B 9 19.25 -3.68 -2.34
CA CYS B 9 20.40 -3.85 -1.47
C CYS B 9 21.21 -5.10 -1.84
N ASP B 10 22.49 -5.11 -1.47
CA ASP B 10 23.41 -6.18 -1.82
C ASP B 10 23.27 -7.47 -1.02
N LYS B 11 22.32 -7.52 -0.07
CA LYS B 11 22.14 -8.69 0.78
C LYS B 11 21.25 -9.74 0.12
N CYS B 12 21.70 -11.00 0.15
CA CYS B 12 20.95 -12.12 -0.39
C CYS B 12 19.89 -12.59 0.61
N TYR B 13 19.10 -13.60 0.23
CA TYR B 13 18.04 -14.11 1.08
C TYR B 13 17.77 -15.55 0.63
N ASP B 14 17.08 -16.30 1.48
CA ASP B 14 16.66 -17.67 1.21
C ASP B 14 15.34 -18.05 1.87
N ASP B 15 14.69 -19.10 1.37
CA ASP B 15 13.41 -19.56 1.88
C ASP B 15 13.46 -20.44 3.13
N ASP B 16 14.67 -20.68 3.66
CA ASP B 16 14.87 -21.53 4.81
C ASP B 16 14.43 -20.94 6.16
N ASP B 17 14.22 -19.62 6.21
CA ASP B 17 13.80 -18.95 7.42
C ASP B 17 13.06 -17.62 7.20
N TYR B 18 12.44 -17.11 8.26
CA TYR B 18 11.72 -15.83 8.22
C TYR B 18 11.71 -15.07 9.55
N GLU B 19 12.41 -13.94 9.60
CA GLU B 19 12.55 -13.15 10.83
C GLU B 19 12.60 -11.64 10.53
N SER B 20 12.31 -11.24 9.29
CA SER B 20 12.32 -9.83 8.89
C SER B 20 11.26 -9.60 7.84
N LYS B 21 10.72 -8.38 7.78
CA LYS B 21 9.60 -8.08 6.90
C LYS B 21 10.02 -8.10 5.44
N MET B 22 9.22 -8.79 4.61
CA MET B 22 9.50 -8.98 3.19
C MET B 22 8.20 -9.14 2.41
N MET B 23 8.27 -8.89 1.09
CA MET B 23 7.15 -9.06 0.18
C MET B 23 7.63 -9.70 -1.12
N GLN B 24 6.71 -10.32 -1.86
CA GLN B 24 7.05 -10.99 -3.10
C GLN B 24 6.37 -10.30 -4.28
N CYS B 25 7.11 -10.13 -5.37
CA CYS B 25 6.59 -9.55 -6.59
C CYS B 25 5.54 -10.47 -7.21
N GLY B 26 4.38 -9.92 -7.54
CA GLY B 26 3.27 -10.71 -8.06
C GLY B 26 3.42 -11.02 -9.54
N LYS B 27 4.51 -10.57 -10.17
CA LYS B 27 4.68 -10.72 -11.61
C LYS B 27 5.97 -11.45 -12.01
N CYS B 28 6.93 -11.60 -11.07
CA CYS B 28 8.14 -12.37 -11.35
C CYS B 28 8.63 -13.13 -10.12
N ASP B 29 7.86 -13.13 -9.04
CA ASP B 29 8.19 -13.84 -7.81
C ASP B 29 9.48 -13.46 -7.10
N ARG B 30 10.04 -12.28 -7.40
CA ARG B 30 11.20 -11.76 -6.71
C ARG B 30 10.82 -11.32 -5.30
N TRP B 31 11.64 -11.67 -4.30
CA TRP B 31 11.45 -11.17 -2.94
C TRP B 31 12.19 -9.85 -2.72
N VAL B 32 11.64 -9.01 -1.83
CA VAL B 32 12.23 -7.72 -1.50
C VAL B 32 12.14 -7.46 -0.01
N HIS B 33 13.14 -6.78 0.55
CA HIS B 33 13.21 -6.54 1.98
C HIS B 33 12.62 -5.16 2.33
N SER B 34 12.19 -4.99 3.58
CA SER B 34 11.69 -3.71 4.05
C SER B 34 12.83 -2.78 4.46
N LYS B 35 14.03 -3.33 4.66
CA LYS B 35 15.21 -2.59 5.10
C LYS B 35 15.93 -1.90 3.94
N CYS B 36 15.34 -1.95 2.74
CA CYS B 36 15.90 -1.34 1.54
C CYS B 36 14.82 -0.70 0.67
N GLU B 37 13.56 -1.01 0.92
CA GLU B 37 12.44 -0.36 0.27
C GLU B 37 12.21 1.05 0.83
N ASN B 38 11.58 1.91 0.04
CA ASN B 38 11.22 3.26 0.45
C ASN B 38 9.90 3.24 1.24
N LEU B 39 9.28 2.07 1.36
CA LEU B 39 8.01 1.90 2.05
C LEU B 39 8.16 2.18 3.55
N SER B 40 7.14 2.81 4.13
CA SER B 40 7.07 3.04 5.56
C SER B 40 6.55 1.80 6.28
N ASP B 41 6.82 1.69 7.58
CA ASP B 41 6.35 0.56 8.37
C ASP B 41 4.83 0.51 8.47
N GLU B 42 4.17 1.67 8.32
CA GLU B 42 2.72 1.72 8.36
C GLU B 42 2.15 1.27 7.00
N MET B 43 2.90 1.52 5.93
CA MET B 43 2.46 1.18 4.58
C MET B 43 2.59 -0.33 4.33
N TYR B 44 3.58 -0.96 4.97
CA TYR B 44 3.77 -2.40 4.86
C TYR B 44 2.72 -3.24 5.58
N GLU B 45 2.19 -2.71 6.69
CA GLU B 45 1.20 -3.42 7.48
C GLU B 45 -0.14 -3.51 6.77
N ILE B 46 -0.52 -2.51 5.96
CA ILE B 46 -1.79 -2.59 5.27
C ILE B 46 -1.66 -3.45 4.01
N LEU B 47 -0.49 -3.44 3.35
CA LEU B 47 -0.23 -4.33 2.23
C LEU B 47 -0.26 -5.78 2.71
N SER B 48 0.04 -6.01 3.99
CA SER B 48 -0.01 -7.33 4.60
C SER B 48 -1.45 -7.71 5.00
N ASN B 49 -2.43 -6.87 4.64
CA ASN B 49 -3.83 -7.12 4.95
C ASN B 49 -4.74 -7.03 3.72
N LEU B 50 -4.19 -6.68 2.55
CA LEU B 50 -4.95 -6.68 1.31
C LEU B 50 -5.18 -8.13 0.86
N PRO B 51 -6.23 -8.39 0.07
CA PRO B 51 -6.53 -9.71 -0.47
C PRO B 51 -5.43 -10.14 -1.44
N GLU B 52 -5.35 -11.44 -1.72
CA GLU B 52 -4.30 -11.97 -2.59
C GLU B 52 -4.51 -11.59 -4.05
N SER B 53 -5.67 -11.01 -4.37
CA SER B 53 -5.97 -10.55 -5.73
C SER B 53 -5.20 -9.27 -6.06
N VAL B 54 -4.60 -8.64 -5.04
CA VAL B 54 -3.80 -7.44 -5.20
C VAL B 54 -2.45 -7.60 -4.48
N ALA B 55 -1.35 -7.21 -5.13
CA ALA B 55 -0.03 -7.42 -4.54
C ALA B 55 1.02 -6.46 -5.09
N TYR B 56 2.15 -6.44 -4.40
CA TYR B 56 3.33 -5.66 -4.76
C TYR B 56 4.05 -6.09 -6.04
N THR B 57 4.85 -5.20 -6.62
CA THR B 57 5.59 -5.50 -7.84
C THR B 57 6.99 -4.91 -7.62
N CYS B 58 8.02 -5.65 -8.05
CA CYS B 58 9.38 -5.21 -7.91
C CYS B 58 9.69 -4.02 -8.83
N VAL B 59 10.89 -3.44 -8.65
CA VAL B 59 11.32 -2.25 -9.35
C VAL B 59 11.39 -2.41 -10.87
N ASN B 60 11.50 -3.64 -11.37
CA ASN B 60 11.67 -3.88 -12.79
C ASN B 60 10.33 -4.11 -13.50
N CYS B 61 9.38 -4.76 -12.81
CA CYS B 61 8.11 -5.11 -13.43
C CYS B 61 7.27 -3.88 -13.78
N THR B 62 7.67 -2.70 -13.31
CA THR B 62 6.98 -1.47 -13.71
C THR B 62 7.27 -1.04 -15.14
N GLU B 63 8.38 -1.54 -15.71
CA GLU B 63 8.74 -1.27 -17.09
C GLU B 63 8.83 -2.56 -17.92
N ARG B 64 9.25 -3.67 -17.29
CA ARG B 64 9.45 -4.96 -17.94
C ARG B 64 9.18 -6.09 -16.96
N ALA C 1 -1.62 -8.57 0.31
CA ALA C 1 -0.62 -9.10 -0.65
C ALA C 1 -0.01 -10.38 -0.11
N ARG C 2 0.84 -11.03 -0.90
CA ARG C 2 1.47 -12.31 -0.54
C ARG C 2 2.67 -12.15 0.40
N THR C 3 2.64 -11.17 1.31
CA THR C 3 3.70 -10.99 2.30
C THR C 3 3.86 -12.15 3.26
N GLN C 5 4.28 -12.06 6.43
CA GLN C 5 3.54 -11.74 7.63
C GLN C 5 2.06 -12.13 7.51
N THR C 6 1.58 -12.43 6.30
CA THR C 6 0.21 -12.85 6.09
C THR C 6 0.05 -14.18 5.35
N ALA C 7 1.08 -14.61 4.63
CA ALA C 7 1.10 -15.94 4.00
C ALA C 7 1.22 -17.02 5.07
N ARG C 8 1.72 -16.65 6.25
CA ARG C 8 1.84 -17.52 7.41
C ARG C 8 0.79 -17.18 8.47
N LYS C 9 -0.14 -16.27 8.12
CA LYS C 9 -1.18 -15.75 9.01
C LYS C 9 -0.65 -15.10 10.30
N SER C 10 0.68 -14.94 10.41
CA SER C 10 1.31 -14.32 11.56
C SER C 10 2.74 -13.93 11.21
N THR C 11 3.31 -12.97 11.95
CA THR C 11 4.68 -12.55 11.74
C THR C 11 5.73 -13.47 12.34
N GLY C 12 6.94 -13.47 11.78
CA GLY C 12 8.02 -14.33 12.23
C GLY C 12 7.76 -15.81 11.91
N GLY C 13 8.68 -16.67 12.33
CA GLY C 13 8.58 -18.11 12.11
C GLY C 13 7.42 -18.71 12.90
N ALA A 1 -18.61 12.16 5.64
CA ALA A 1 -18.75 11.97 7.10
C ALA A 1 -17.45 12.30 7.82
N GLY A 2 -16.40 11.51 7.59
CA GLY A 2 -15.10 11.69 8.22
C GLY A 2 -15.11 11.17 9.67
N HIS A 3 -13.92 11.01 10.24
CA HIS A 3 -13.73 10.50 11.59
C HIS A 3 -12.50 11.13 12.24
N MET A 4 -12.49 11.17 13.57
CA MET A 4 -11.39 11.74 14.34
C MET A 4 -11.19 11.00 15.67
N ALA A 5 -11.82 9.84 15.84
CA ALA A 5 -11.69 9.06 17.06
C ALA A 5 -10.30 8.45 17.21
N THR A 6 -9.52 8.48 16.12
CA THR A 6 -8.15 7.98 16.11
C THR A 6 -7.35 8.63 14.98
N THR A 7 -6.01 8.66 15.12
CA THR A 7 -5.11 9.23 14.14
C THR A 7 -3.85 8.41 13.87
N LYS A 8 -3.37 8.46 12.62
CA LYS A 8 -2.16 7.77 12.20
C LYS A 8 -1.65 8.42 10.92
N ARG A 9 -0.33 8.42 10.71
CA ARG A 9 0.28 9.06 9.55
C ARG A 9 -0.18 8.45 8.23
N VAL A 10 -0.37 7.12 8.20
CA VAL A 10 -0.88 6.46 7.01
C VAL A 10 -2.40 6.38 7.01
N LEU A 11 -3.00 6.53 5.82
CA LEU A 11 -4.44 6.47 5.66
C LEU A 11 -4.80 5.90 4.29
N TYR A 12 -5.99 5.29 4.24
CA TYR A 12 -6.53 4.62 3.08
C TYR A 12 -7.44 5.46 2.18
N VAL A 13 -7.47 5.15 0.89
CA VAL A 13 -8.33 5.81 -0.07
C VAL A 13 -8.97 4.77 -1.00
N GLY A 14 -10.26 4.92 -1.30
CA GLY A 14 -10.96 3.96 -2.15
C GLY A 14 -12.07 4.62 -2.95
N GLY A 15 -12.48 3.97 -4.04
CA GLY A 15 -13.55 4.47 -4.90
C GLY A 15 -13.05 5.51 -5.89
N LEU A 16 -11.74 5.77 -5.86
CA LEU A 16 -11.11 6.74 -6.77
C LEU A 16 -11.22 6.26 -8.22
N ALA A 17 -11.03 7.18 -9.17
CA ALA A 17 -11.19 6.88 -10.59
C ALA A 17 -10.10 5.95 -11.10
N GLU A 18 -10.36 5.32 -12.25
CA GLU A 18 -9.47 4.34 -12.84
C GLU A 18 -8.22 4.97 -13.44
N GLU A 19 -8.27 6.27 -13.75
CA GLU A 19 -7.16 6.97 -14.40
C GLU A 19 -6.24 7.63 -13.37
N VAL A 20 -6.50 7.41 -12.07
CA VAL A 20 -5.70 7.98 -11.00
C VAL A 20 -4.37 7.25 -10.95
N ASP A 21 -3.28 8.01 -10.76
CA ASP A 21 -1.93 7.53 -10.57
C ASP A 21 -1.38 8.03 -9.24
N ASP A 22 -0.21 7.54 -8.83
CA ASP A 22 0.38 7.93 -7.55
C ASP A 22 0.70 9.41 -7.42
N LYS A 23 0.75 10.12 -8.55
CA LYS A 23 1.00 11.55 -8.57
C LYS A 23 -0.26 12.33 -8.24
N VAL A 24 -1.43 11.73 -8.47
CA VAL A 24 -2.71 12.39 -8.20
C VAL A 24 -2.97 12.37 -6.71
N LEU A 25 -2.68 11.25 -6.03
CA LEU A 25 -2.86 11.16 -4.60
C LEU A 25 -2.01 12.22 -3.90
N HIS A 26 -0.83 12.54 -4.44
CA HIS A 26 0.02 13.55 -3.81
C HIS A 26 -0.60 14.93 -3.97
N ALA A 27 -1.02 15.28 -5.19
CA ALA A 27 -1.57 16.60 -5.47
C ALA A 27 -2.94 16.79 -4.84
N ALA A 28 -3.66 15.69 -4.56
CA ALA A 28 -4.98 15.75 -3.96
C ALA A 28 -4.89 15.85 -2.44
N PHE A 29 -3.84 15.27 -1.83
CA PHE A 29 -3.72 15.21 -0.39
C PHE A 29 -2.70 16.16 0.27
N ILE A 30 -1.96 16.92 -0.53
CA ILE A 30 -0.92 17.80 -0.02
C ILE A 30 -1.43 19.04 0.73
N PRO A 31 -2.64 19.59 0.48
CA PRO A 31 -3.03 20.84 1.10
C PRO A 31 -3.39 20.68 2.57
N PHE A 32 -3.51 19.45 3.07
CA PHE A 32 -3.87 19.19 4.46
C PHE A 32 -2.60 19.02 5.28
N GLY A 33 -1.45 18.86 4.62
CA GLY A 33 -0.17 18.67 5.28
C GLY A 33 0.82 17.98 4.35
N ASP A 34 2.11 18.05 4.67
CA ASP A 34 3.14 17.43 3.83
C ASP A 34 3.07 15.91 3.78
N ILE A 35 3.14 15.36 2.56
CA ILE A 35 3.13 13.93 2.32
C ILE A 35 4.56 13.39 2.29
N THR A 36 4.75 12.14 2.71
CA THR A 36 6.06 11.50 2.71
C THR A 36 6.16 10.15 2.01
N ASP A 37 5.01 9.50 1.76
CA ASP A 37 4.99 8.25 1.01
C ASP A 37 3.61 7.98 0.40
N ILE A 38 3.57 7.29 -0.72
CA ILE A 38 2.34 6.92 -1.42
C ILE A 38 2.54 5.53 -2.03
N GLN A 39 1.48 4.72 -2.05
CA GLN A 39 1.56 3.35 -2.53
C GLN A 39 0.26 2.93 -3.20
N ILE A 40 0.37 2.17 -4.31
CA ILE A 40 -0.78 1.66 -5.02
C ILE A 40 -0.44 0.26 -5.54
N PRO A 41 -1.06 -0.79 -4.97
CA PRO A 41 -0.81 -2.17 -5.36
C PRO A 41 -1.46 -2.46 -6.70
N LEU A 42 -0.96 -3.48 -7.41
CA LEU A 42 -1.40 -3.79 -8.76
C LEU A 42 -2.33 -5.02 -8.80
N ASP A 43 -3.46 -4.91 -9.50
CA ASP A 43 -4.40 -6.00 -9.67
C ASP A 43 -3.93 -6.86 -10.84
N TYR A 44 -4.34 -8.13 -10.86
CA TYR A 44 -3.95 -9.05 -11.91
C TYR A 44 -5.02 -9.49 -12.91
N GLU A 45 -6.21 -8.89 -12.80
CA GLU A 45 -7.30 -9.16 -13.72
C GLU A 45 -7.21 -8.27 -14.97
N THR A 46 -6.79 -7.01 -14.78
CA THR A 46 -6.69 -6.05 -15.86
C THR A 46 -5.47 -5.12 -15.82
N GLU A 47 -4.46 -5.48 -15.01
CA GLU A 47 -3.19 -4.77 -14.92
C GLU A 47 -3.34 -3.29 -14.51
N LYS A 48 -4.17 -3.02 -13.50
CA LYS A 48 -4.31 -1.67 -12.93
C LYS A 48 -4.66 -1.78 -11.44
N HIS A 49 -4.85 -0.66 -10.75
CA HIS A 49 -5.20 -0.69 -9.34
C HIS A 49 -6.65 -1.18 -9.15
N ARG A 50 -6.95 -1.76 -7.98
CA ARG A 50 -8.29 -2.26 -7.68
C ARG A 50 -9.28 -1.17 -7.26
N GLY A 51 -8.99 0.09 -7.59
CA GLY A 51 -9.86 1.20 -7.23
C GLY A 51 -9.56 1.75 -5.84
N PHE A 52 -8.40 1.42 -5.29
CA PHE A 52 -7.96 1.97 -4.01
C PHE A 52 -6.47 2.26 -3.97
N ALA A 53 -6.05 3.09 -3.00
CA ALA A 53 -4.67 3.51 -2.88
C ALA A 53 -4.33 3.89 -1.44
N PHE A 54 -3.06 4.22 -1.19
CA PHE A 54 -2.57 4.60 0.12
C PHE A 54 -1.71 5.85 0.09
N VAL A 55 -1.63 6.57 1.22
CA VAL A 55 -0.83 7.77 1.36
C VAL A 55 -0.34 7.87 2.81
N GLU A 56 0.75 8.59 3.02
CA GLU A 56 1.33 8.81 4.34
C GLU A 56 1.72 10.27 4.54
N PHE A 57 1.42 10.79 5.73
CA PHE A 57 1.72 12.15 6.15
C PHE A 57 2.94 12.33 7.05
N GLU A 58 3.46 13.55 7.13
CA GLU A 58 4.60 13.87 7.99
C GLU A 58 4.20 13.81 9.47
N LEU A 59 2.90 13.94 9.75
CA LEU A 59 2.36 13.91 11.11
C LEU A 59 1.07 13.10 11.12
N ALA A 60 0.76 12.49 12.27
CA ALA A 60 -0.45 11.69 12.41
C ALA A 60 -1.69 12.57 12.45
N GLU A 61 -1.53 13.84 12.86
CA GLU A 61 -2.65 14.76 12.99
C GLU A 61 -3.07 15.32 11.63
N ASP A 62 -2.14 15.36 10.66
CA ASP A 62 -2.44 15.87 9.33
C ASP A 62 -3.30 14.92 8.51
N ALA A 63 -3.25 13.62 8.84
CA ALA A 63 -4.08 12.62 8.19
C ALA A 63 -5.53 12.76 8.64
N ALA A 64 -5.74 13.13 9.90
CA ALA A 64 -7.08 13.30 10.44
C ALA A 64 -7.77 14.49 9.75
N ALA A 65 -7.00 15.47 9.30
CA ALA A 65 -7.55 16.62 8.59
C ALA A 65 -7.78 16.28 7.11
N ALA A 66 -7.00 15.35 6.56
CA ALA A 66 -7.19 14.93 5.18
C ALA A 66 -8.46 14.11 5.06
N ILE A 67 -8.79 13.36 6.11
CA ILE A 67 -10.03 12.58 6.17
C ILE A 67 -11.21 13.51 6.33
N ASP A 68 -11.12 14.45 7.27
CA ASP A 68 -12.19 15.39 7.58
C ASP A 68 -12.49 16.43 6.51
N ASN A 69 -11.73 16.43 5.41
CA ASN A 69 -11.95 17.35 4.31
C ASN A 69 -12.14 16.67 2.94
N MET A 70 -11.90 15.37 2.81
CA MET A 70 -12.12 14.69 1.53
C MET A 70 -12.96 13.42 1.67
N ASN A 71 -13.22 12.94 2.88
CA ASN A 71 -14.00 11.73 3.06
C ASN A 71 -15.37 11.86 2.40
N GLU A 72 -15.75 10.83 1.64
CA GLU A 72 -17.05 10.77 0.97
C GLU A 72 -17.29 12.00 0.08
N SER A 73 -16.27 12.44 -0.66
CA SER A 73 -16.37 13.58 -1.56
C SER A 73 -15.86 13.20 -2.96
N GLU A 74 -16.24 13.99 -3.97
CA GLU A 74 -15.83 13.76 -5.35
C GLU A 74 -14.37 14.15 -5.57
N LEU A 75 -13.61 13.32 -6.31
CA LEU A 75 -12.21 13.61 -6.61
C LEU A 75 -11.96 13.72 -8.11
N PHE A 76 -12.24 12.64 -8.84
CA PHE A 76 -12.09 12.52 -10.30
C PHE A 76 -13.38 12.43 -11.09
N GLY A 77 -14.53 12.65 -10.44
CA GLY A 77 -15.83 12.58 -11.09
C GLY A 77 -16.80 11.68 -10.35
N ARG A 78 -16.34 11.04 -9.25
CA ARG A 78 -17.18 10.20 -8.43
C ARG A 78 -16.67 10.23 -6.99
N THR A 79 -17.52 9.82 -6.05
CA THR A 79 -17.19 9.79 -4.64
C THR A 79 -16.07 8.82 -4.26
N ILE A 80 -15.24 9.20 -3.28
CA ILE A 80 -14.17 8.36 -2.79
C ILE A 80 -14.21 8.31 -1.26
N ARG A 81 -13.69 7.22 -0.69
CA ARG A 81 -13.63 7.03 0.75
C ARG A 81 -12.25 7.45 1.26
N VAL A 82 -12.21 7.98 2.47
CA VAL A 82 -10.95 8.34 3.14
C VAL A 82 -11.04 8.04 4.63
N ASN A 83 -10.10 7.24 5.15
CA ASN A 83 -10.06 6.83 6.54
C ASN A 83 -8.67 6.28 6.88
N LEU A 84 -8.39 6.01 8.16
CA LEU A 84 -7.12 5.42 8.53
C LEU A 84 -7.03 4.01 7.93
N ALA A 85 -5.82 3.49 7.78
CA ALA A 85 -5.60 2.18 7.18
C ALA A 85 -5.62 1.06 8.22
N LYS A 86 -6.35 1.22 9.32
CA LYS A 86 -6.43 0.24 10.39
C LYS A 86 -7.83 -0.32 10.67
N PRO A 87 -8.89 0.51 10.69
CA PRO A 87 -10.24 0.08 11.06
C PRO A 87 -10.96 -0.65 9.93
N MET A 88 -10.31 -0.90 8.80
CA MET A 88 -10.95 -1.53 7.65
C MET A 88 -9.94 -2.43 6.92
N ARG A 89 -10.40 -3.09 5.86
CA ARG A 89 -9.55 -3.91 5.01
C ARG A 89 -9.62 -3.45 3.56
N ILE A 90 -10.76 -3.68 2.89
CA ILE A 90 -11.01 -3.25 1.52
C ILE A 90 -12.51 -2.99 1.34
N LYS A 91 -12.84 -2.09 0.40
CA LYS A 91 -14.20 -1.64 0.10
C LYS A 91 -15.12 -2.74 -0.43
N GLU A 92 -14.62 -3.98 -0.56
CA GLU A 92 -15.38 -5.09 -1.11
C GLU A 92 -14.94 -6.42 -0.48
N GLY A 93 -14.27 -6.34 0.68
CA GLY A 93 -13.80 -7.52 1.39
C GLY A 93 -13.18 -7.12 2.73
N ALA B 1 19.60 -22.38 -5.24
CA ALA B 1 21.02 -22.60 -4.92
C ALA B 1 21.57 -21.48 -4.05
N LYS B 2 21.75 -20.29 -4.63
CA LYS B 2 22.33 -19.14 -3.95
C LYS B 2 21.31 -18.34 -3.13
N GLY B 3 20.06 -18.80 -3.09
CA GLY B 3 19.00 -18.14 -2.35
C GLY B 3 18.45 -16.93 -3.12
N ASN B 4 17.38 -16.33 -2.60
CA ASN B 4 16.73 -15.18 -3.21
C ASN B 4 17.51 -13.89 -2.91
N PHE B 5 17.31 -12.87 -3.74
CA PHE B 5 17.99 -11.59 -3.59
C PHE B 5 17.17 -10.34 -3.94
N CYS B 6 17.20 -9.34 -3.06
CA CYS B 6 16.41 -8.12 -3.18
C CYS B 6 17.20 -7.04 -3.93
N PRO B 7 16.53 -6.23 -4.76
CA PRO B 7 17.15 -5.15 -5.50
C PRO B 7 17.38 -3.92 -4.63
N LEU B 8 18.17 -2.97 -5.12
CA LEU B 8 18.47 -1.72 -4.42
C LEU B 8 19.18 -1.90 -3.07
N CYS B 9 19.54 -3.13 -2.68
CA CYS B 9 20.31 -3.37 -1.47
C CYS B 9 21.20 -4.61 -1.62
N ASP B 10 22.23 -4.71 -0.78
CA ASP B 10 23.20 -5.79 -0.85
C ASP B 10 22.86 -7.05 -0.06
N LYS B 11 21.73 -7.04 0.67
CA LYS B 11 21.35 -8.15 1.53
C LYS B 11 20.82 -9.33 0.71
N CYS B 12 21.17 -10.55 1.14
CA CYS B 12 20.73 -11.79 0.52
C CYS B 12 20.08 -12.66 1.60
N TYR B 13 19.20 -13.58 1.19
CA TYR B 13 18.39 -14.36 2.12
C TYR B 13 18.11 -15.82 1.75
N ASP B 14 17.96 -16.66 2.78
CA ASP B 14 17.65 -18.08 2.62
C ASP B 14 16.16 -18.37 2.67
N ASP B 15 15.75 -19.57 2.27
CA ASP B 15 14.35 -19.98 2.31
C ASP B 15 13.78 -20.08 3.73
N ASP B 16 14.67 -20.17 4.73
CA ASP B 16 14.28 -20.25 6.13
C ASP B 16 14.18 -18.89 6.83
N ASP B 17 14.50 -17.82 6.10
CA ASP B 17 14.48 -16.45 6.62
C ASP B 17 13.08 -15.85 6.76
N TYR B 18 12.05 -16.68 6.88
CA TYR B 18 10.67 -16.23 6.95
C TYR B 18 10.28 -15.30 8.10
N GLU B 19 11.18 -15.10 9.07
CA GLU B 19 10.94 -14.19 10.17
C GLU B 19 11.19 -12.74 9.75
N SER B 20 11.83 -12.55 8.59
CA SER B 20 12.11 -11.22 8.06
C SER B 20 10.89 -10.65 7.34
N LYS B 21 10.73 -9.32 7.38
CA LYS B 21 9.62 -8.65 6.74
C LYS B 21 9.98 -8.34 5.29
N MET B 22 9.23 -8.91 4.34
CA MET B 22 9.46 -8.72 2.91
C MET B 22 8.22 -9.09 2.11
N MET B 23 8.12 -8.58 0.87
CA MET B 23 7.01 -8.84 -0.03
C MET B 23 7.51 -9.54 -1.29
N GLN B 24 6.61 -10.16 -2.04
CA GLN B 24 6.96 -10.84 -3.29
C GLN B 24 6.25 -10.15 -4.45
N CYS B 25 6.97 -9.99 -5.58
CA CYS B 25 6.44 -9.41 -6.79
C CYS B 25 5.35 -10.31 -7.37
N GLY B 26 4.26 -9.71 -7.84
CA GLY B 26 3.16 -10.45 -8.42
C GLY B 26 3.39 -10.74 -9.91
N LYS B 27 4.49 -10.24 -10.48
CA LYS B 27 4.72 -10.32 -11.92
C LYS B 27 6.03 -11.00 -12.30
N CYS B 28 7.01 -11.08 -11.39
CA CYS B 28 8.25 -11.79 -11.67
C CYS B 28 8.73 -12.61 -10.47
N ASP B 29 7.87 -12.77 -9.47
CA ASP B 29 8.10 -13.58 -8.28
C ASP B 29 9.36 -13.26 -7.47
N ARG B 30 9.91 -12.05 -7.63
CA ARG B 30 11.11 -11.65 -6.89
C ARG B 30 10.74 -11.06 -5.54
N TRP B 31 11.53 -11.35 -4.51
CA TRP B 31 11.32 -10.83 -3.17
C TRP B 31 12.01 -9.47 -2.95
N VAL B 32 11.46 -8.66 -2.05
CA VAL B 32 12.01 -7.36 -1.68
C VAL B 32 11.76 -7.05 -0.22
N HIS B 33 12.76 -6.57 0.52
CA HIS B 33 12.57 -6.25 1.93
C HIS B 33 11.59 -5.08 2.06
N SER B 34 10.91 -4.99 3.21
CA SER B 34 9.86 -4.00 3.42
C SER B 34 10.38 -2.56 3.53
N LYS B 35 11.71 -2.35 3.47
CA LYS B 35 12.30 -1.02 3.68
C LYS B 35 13.29 -0.58 2.60
N CYS B 36 13.51 -1.39 1.55
CA CYS B 36 14.42 -1.00 0.47
C CYS B 36 13.70 -0.10 -0.54
N GLU B 37 12.44 0.22 -0.27
CA GLU B 37 11.63 1.13 -1.07
C GLU B 37 11.19 2.30 -0.20
N ASN B 38 10.48 3.27 -0.79
CA ASN B 38 9.95 4.40 -0.04
C ASN B 38 8.84 3.97 0.93
N LEU B 39 8.46 2.69 0.90
CA LEU B 39 7.42 2.13 1.74
C LEU B 39 7.80 2.22 3.21
N SER B 40 6.87 2.68 4.06
CA SER B 40 7.09 2.72 5.49
C SER B 40 6.75 1.38 6.12
N ASP B 41 7.30 1.11 7.30
CA ASP B 41 7.02 -0.13 8.03
C ASP B 41 5.57 -0.16 8.51
N GLU B 42 4.93 1.01 8.58
CA GLU B 42 3.53 1.12 8.95
C GLU B 42 2.65 0.80 7.74
N MET B 43 3.16 1.09 6.54
CA MET B 43 2.42 0.86 5.30
C MET B 43 2.54 -0.61 4.87
N TYR B 44 3.67 -1.26 5.17
CA TYR B 44 3.82 -2.69 4.92
C TYR B 44 2.81 -3.59 5.65
N GLU B 45 2.34 -3.14 6.82
CA GLU B 45 1.41 -3.90 7.63
C GLU B 45 0.01 -4.01 7.02
N ILE B 46 -0.43 -3.03 6.22
CA ILE B 46 -1.75 -3.13 5.60
C ILE B 46 -1.66 -3.97 4.32
N LEU B 47 -0.51 -3.93 3.64
CA LEU B 47 -0.29 -4.70 2.43
C LEU B 47 -0.25 -6.21 2.73
N SER B 48 0.08 -6.60 3.96
CA SER B 48 0.19 -8.01 4.31
C SER B 48 -1.16 -8.63 4.67
N ASN B 49 -2.27 -7.91 4.42
CA ASN B 49 -3.59 -8.46 4.67
C ASN B 49 -4.58 -8.14 3.55
N LEU B 50 -4.13 -7.44 2.50
CA LEU B 50 -4.96 -7.22 1.32
C LEU B 50 -5.22 -8.55 0.61
N PRO B 51 -6.29 -8.63 -0.19
CA PRO B 51 -6.59 -9.82 -0.97
C PRO B 51 -5.45 -10.13 -1.93
N GLU B 52 -5.21 -11.41 -2.19
CA GLU B 52 -4.11 -11.86 -3.02
C GLU B 52 -4.32 -11.52 -4.50
N SER B 53 -5.52 -11.03 -4.87
CA SER B 53 -5.78 -10.59 -6.23
C SER B 53 -4.95 -9.35 -6.55
N VAL B 54 -4.59 -8.59 -5.51
CA VAL B 54 -3.71 -7.44 -5.63
C VAL B 54 -2.32 -7.74 -5.05
N ALA B 55 -1.25 -7.22 -5.66
CA ALA B 55 0.09 -7.48 -5.16
C ALA B 55 1.08 -6.40 -5.54
N TYR B 56 2.20 -6.37 -4.82
CA TYR B 56 3.32 -5.47 -5.06
C TYR B 56 4.14 -5.78 -6.30
N THR B 57 4.83 -4.78 -6.86
CA THR B 57 5.68 -4.95 -8.04
C THR B 57 6.99 -4.16 -8.02
N CYS B 58 7.94 -4.60 -8.84
CA CYS B 58 9.22 -3.93 -9.01
C CYS B 58 9.07 -2.57 -9.68
N VAL B 59 10.17 -1.84 -9.79
CA VAL B 59 10.19 -0.51 -10.40
C VAL B 59 9.74 -0.52 -11.85
N ASN B 60 9.88 -1.65 -12.55
CA ASN B 60 9.49 -1.76 -13.94
C ASN B 60 8.27 -2.68 -14.14
N CYS B 61 8.02 -3.59 -13.20
CA CYS B 61 6.88 -4.49 -13.27
C CYS B 61 5.57 -3.70 -13.18
N THR B 62 5.63 -2.45 -12.72
CA THR B 62 4.46 -1.58 -12.61
C THR B 62 4.02 -0.93 -13.91
N GLU B 63 4.88 -0.94 -14.93
CA GLU B 63 4.56 -0.37 -16.23
C GLU B 63 4.64 -1.42 -17.35
N ARG B 64 5.40 -2.49 -17.13
CA ARG B 64 5.60 -3.57 -18.08
C ARG B 64 5.68 -4.88 -17.30
N ALA C 1 -1.60 -8.62 -0.06
CA ALA C 1 -0.73 -9.07 -1.15
C ALA C 1 0.07 -10.28 -0.70
N ARG C 2 0.89 -10.86 -1.59
CA ARG C 2 1.76 -11.96 -1.20
C ARG C 2 2.97 -11.41 -0.42
N THR C 3 3.07 -11.76 0.87
CA THR C 3 4.16 -11.35 1.74
C THR C 3 4.66 -12.44 2.67
N GLN C 5 5.14 -12.30 5.87
CA GLN C 5 4.34 -12.25 7.09
C GLN C 5 2.94 -12.85 6.89
N THR C 6 2.55 -13.14 5.65
CA THR C 6 1.22 -13.66 5.35
C THR C 6 1.16 -14.88 4.45
N ALA C 7 2.32 -15.42 4.06
CA ALA C 7 2.39 -16.62 3.25
C ALA C 7 1.87 -17.82 4.05
N ARG C 8 1.23 -18.77 3.35
CA ARG C 8 0.64 -19.95 3.98
C ARG C 8 0.43 -21.06 2.96
N LYS C 9 0.22 -22.28 3.44
CA LYS C 9 -0.04 -23.43 2.58
C LYS C 9 -1.38 -23.28 1.86
N SER C 10 -1.49 -23.87 0.67
CA SER C 10 -2.71 -23.81 -0.14
C SER C 10 -2.81 -25.05 -1.03
N THR C 11 -4.00 -25.31 -1.58
CA THR C 11 -4.24 -26.45 -2.45
C THR C 11 -3.48 -26.40 -3.77
N GLY C 12 -3.33 -27.57 -4.42
CA GLY C 12 -2.62 -27.67 -5.68
C GLY C 12 -2.63 -29.11 -6.20
N GLY C 13 -1.98 -29.34 -7.34
CA GLY C 13 -1.90 -30.66 -7.95
C GLY C 13 -1.04 -30.63 -9.21
N ALA A 1 -19.73 9.32 6.93
CA ALA A 1 -18.46 10.06 6.84
C ALA A 1 -17.53 9.65 7.98
N GLY A 2 -16.22 9.81 7.77
CA GLY A 2 -15.21 9.51 8.76
C GLY A 2 -15.11 10.64 9.79
N HIS A 3 -14.28 10.43 10.82
CA HIS A 3 -14.10 11.40 11.89
C HIS A 3 -12.66 11.43 12.37
N MET A 4 -12.23 12.56 12.94
CA MET A 4 -10.89 12.74 13.47
C MET A 4 -10.72 12.12 14.86
N ALA A 5 -11.61 11.18 15.23
CA ALA A 5 -11.59 10.54 16.54
C ALA A 5 -10.34 9.68 16.74
N THR A 6 -9.55 9.47 15.68
CA THR A 6 -8.29 8.74 15.75
C THR A 6 -7.32 9.19 14.67
N THR A 7 -6.01 8.99 14.91
CA THR A 7 -4.97 9.44 13.99
C THR A 7 -3.80 8.48 13.85
N LYS A 8 -3.15 8.49 12.68
CA LYS A 8 -1.98 7.65 12.41
C LYS A 8 -1.18 8.22 11.24
N ARG A 9 0.06 7.72 11.06
CA ARG A 9 0.97 8.21 10.04
C ARG A 9 0.52 7.85 8.63
N VAL A 10 -0.41 6.89 8.50
CA VAL A 10 -0.88 6.41 7.20
C VAL A 10 -2.39 6.36 7.10
N LEU A 11 -2.91 6.42 5.87
CA LEU A 11 -4.34 6.41 5.62
C LEU A 11 -4.65 5.81 4.25
N TYR A 12 -5.82 5.19 4.16
CA TYR A 12 -6.36 4.55 2.97
C TYR A 12 -7.20 5.45 2.07
N VAL A 13 -7.27 5.11 0.77
CA VAL A 13 -8.11 5.83 -0.17
C VAL A 13 -8.78 4.82 -1.10
N GLY A 14 -10.09 4.95 -1.32
CA GLY A 14 -10.82 4.00 -2.15
C GLY A 14 -11.95 4.67 -2.93
N GLY A 15 -12.39 4.02 -4.01
CA GLY A 15 -13.47 4.54 -4.85
C GLY A 15 -12.95 5.57 -5.85
N LEU A 16 -11.63 5.78 -5.86
CA LEU A 16 -10.99 6.72 -6.78
C LEU A 16 -11.16 6.26 -8.24
N ALA A 17 -10.95 7.19 -9.18
CA ALA A 17 -11.15 6.91 -10.58
C ALA A 17 -10.12 5.94 -11.14
N GLU A 18 -10.44 5.33 -12.27
CA GLU A 18 -9.60 4.32 -12.89
C GLU A 18 -8.35 4.91 -13.54
N GLU A 19 -8.35 6.23 -13.78
CA GLU A 19 -7.24 6.91 -14.45
C GLU A 19 -6.26 7.53 -13.45
N VAL A 20 -6.47 7.27 -12.15
CA VAL A 20 -5.62 7.82 -11.10
C VAL A 20 -4.30 7.04 -11.10
N ASP A 21 -3.20 7.78 -10.90
CA ASP A 21 -1.85 7.26 -10.75
C ASP A 21 -1.26 7.73 -9.42
N ASP A 22 -0.10 7.22 -9.05
CA ASP A 22 0.53 7.56 -7.77
C ASP A 22 0.87 9.04 -7.61
N LYS A 23 0.94 9.77 -8.72
CA LYS A 23 1.22 11.21 -8.70
C LYS A 23 -0.03 12.00 -8.32
N VAL A 24 -1.22 11.43 -8.56
CA VAL A 24 -2.47 12.10 -8.25
C VAL A 24 -2.72 12.06 -6.75
N LEU A 25 -2.44 10.93 -6.09
CA LEU A 25 -2.62 10.83 -4.65
C LEU A 25 -1.74 11.86 -3.94
N HIS A 26 -0.57 12.20 -4.50
CA HIS A 26 0.27 13.21 -3.87
C HIS A 26 -0.36 14.59 -4.02
N ALA A 27 -0.74 14.96 -5.24
CA ALA A 27 -1.29 16.28 -5.51
C ALA A 27 -2.68 16.47 -4.89
N ALA A 28 -3.39 15.36 -4.62
CA ALA A 28 -4.72 15.41 -4.05
C ALA A 28 -4.69 15.49 -2.52
N PHE A 29 -3.60 15.03 -1.91
CA PHE A 29 -3.47 14.98 -0.46
C PHE A 29 -2.44 15.91 0.20
N ILE A 30 -1.66 16.63 -0.63
CA ILE A 30 -0.62 17.51 -0.11
C ILE A 30 -1.13 18.77 0.60
N PRO A 31 -2.33 19.32 0.32
CA PRO A 31 -2.75 20.56 0.95
C PRO A 31 -3.11 20.40 2.43
N PHE A 32 -3.25 19.15 2.90
CA PHE A 32 -3.61 18.88 4.27
C PHE A 32 -2.34 18.72 5.12
N GLY A 33 -1.19 18.54 4.47
CA GLY A 33 0.09 18.40 5.15
C GLY A 33 1.11 17.69 4.26
N ASP A 34 2.37 17.69 4.67
CA ASP A 34 3.44 17.07 3.89
C ASP A 34 3.35 15.55 3.80
N ILE A 35 3.36 15.04 2.55
CA ILE A 35 3.37 13.61 2.28
C ILE A 35 4.81 13.11 2.20
N THR A 36 5.04 11.85 2.57
CA THR A 36 6.36 11.25 2.51
C THR A 36 6.44 9.91 1.77
N ASP A 37 5.30 9.24 1.57
CA ASP A 37 5.20 7.97 0.85
C ASP A 37 3.81 7.67 0.28
N ILE A 38 3.77 6.92 -0.81
CA ILE A 38 2.52 6.53 -1.49
C ILE A 38 2.68 5.13 -2.07
N GLN A 39 1.59 4.35 -2.07
CA GLN A 39 1.59 2.98 -2.56
C GLN A 39 0.28 2.67 -3.28
N ILE A 40 0.35 1.81 -4.30
CA ILE A 40 -0.81 1.37 -5.06
C ILE A 40 -0.58 -0.07 -5.51
N PRO A 41 -1.34 -1.04 -4.97
CA PRO A 41 -1.21 -2.44 -5.30
C PRO A 41 -1.85 -2.73 -6.66
N LEU A 42 -1.42 -3.81 -7.34
CA LEU A 42 -1.87 -4.13 -8.69
C LEU A 42 -2.88 -5.27 -8.71
N ASP A 43 -4.03 -5.06 -9.36
CA ASP A 43 -5.05 -6.07 -9.58
C ASP A 43 -4.77 -6.93 -10.81
N TYR A 44 -4.72 -8.25 -10.65
CA TYR A 44 -4.33 -9.15 -11.72
C TYR A 44 -5.40 -9.53 -12.74
N GLU A 45 -6.62 -9.02 -12.56
CA GLU A 45 -7.70 -9.28 -13.51
C GLU A 45 -7.56 -8.42 -14.75
N THR A 46 -7.06 -7.20 -14.60
CA THR A 46 -6.84 -6.26 -15.71
C THR A 46 -5.54 -5.47 -15.66
N GLU A 47 -4.66 -5.79 -14.69
CA GLU A 47 -3.36 -5.16 -14.50
C GLU A 47 -3.46 -3.64 -14.29
N LYS A 48 -4.29 -3.22 -13.32
CA LYS A 48 -4.37 -1.83 -12.89
C LYS A 48 -4.70 -1.82 -11.39
N HIS A 49 -4.85 -0.65 -10.77
CA HIS A 49 -5.17 -0.61 -9.34
C HIS A 49 -6.57 -1.16 -9.09
N ARG A 50 -6.80 -1.74 -7.91
CA ARG A 50 -8.07 -2.38 -7.57
C ARG A 50 -9.12 -1.36 -7.13
N GLY A 51 -8.98 -0.10 -7.53
CA GLY A 51 -9.93 0.95 -7.16
C GLY A 51 -9.59 1.57 -5.81
N PHE A 52 -8.38 1.33 -5.31
CA PHE A 52 -7.90 1.94 -4.08
C PHE A 52 -6.40 2.22 -4.07
N ALA A 53 -5.94 3.01 -3.09
CA ALA A 53 -4.55 3.42 -2.98
C ALA A 53 -4.20 3.74 -1.53
N PHE A 54 -2.91 3.99 -1.29
CA PHE A 54 -2.38 4.28 0.04
C PHE A 54 -1.47 5.51 0.07
N VAL A 55 -1.42 6.21 1.21
CA VAL A 55 -0.58 7.39 1.36
C VAL A 55 -0.10 7.47 2.80
N GLU A 56 1.04 8.14 3.00
CA GLU A 56 1.67 8.31 4.30
C GLU A 56 2.13 9.75 4.51
N PHE A 57 1.88 10.27 5.71
CA PHE A 57 2.19 11.63 6.11
C PHE A 57 3.39 11.81 7.04
N GLU A 58 3.92 13.02 7.09
CA GLU A 58 5.04 13.36 7.96
C GLU A 58 4.60 13.38 9.44
N LEU A 59 3.29 13.54 9.67
CA LEU A 59 2.71 13.56 11.01
C LEU A 59 1.32 12.93 10.99
N ALA A 60 0.87 12.42 12.14
CA ALA A 60 -0.42 11.78 12.25
C ALA A 60 -1.57 12.79 12.21
N GLU A 61 -1.31 14.03 12.65
CA GLU A 61 -2.35 15.05 12.70
C GLU A 61 -2.73 15.51 11.30
N ASP A 62 -1.80 15.39 10.34
CA ASP A 62 -2.06 15.79 8.96
C ASP A 62 -2.96 14.81 8.23
N ALA A 63 -2.95 13.55 8.66
CA ALA A 63 -3.81 12.52 8.06
C ALA A 63 -5.25 12.71 8.51
N ALA A 64 -5.46 13.14 9.75
CA ALA A 64 -6.80 13.36 10.28
C ALA A 64 -7.45 14.57 9.61
N ALA A 65 -6.63 15.51 9.14
CA ALA A 65 -7.14 16.70 8.47
C ALA A 65 -7.52 16.38 7.03
N ALA A 66 -6.86 15.39 6.41
CA ALA A 66 -7.20 14.97 5.07
C ALA A 66 -8.51 14.20 5.06
N ILE A 67 -8.74 13.43 6.12
CA ILE A 67 -9.97 12.67 6.29
C ILE A 67 -11.12 13.61 6.62
N ASP A 68 -10.86 14.60 7.49
CA ASP A 68 -11.87 15.56 7.91
C ASP A 68 -12.31 16.50 6.79
N ASN A 69 -11.59 16.54 5.67
CA ASN A 69 -11.88 17.47 4.59
C ASN A 69 -12.12 16.82 3.22
N MET A 70 -11.73 15.57 2.99
CA MET A 70 -11.96 14.94 1.69
C MET A 70 -12.62 13.57 1.77
N ASN A 71 -12.91 13.07 2.97
CA ASN A 71 -13.64 11.81 3.12
C ASN A 71 -15.02 11.92 2.46
N GLU A 72 -15.41 10.86 1.74
CA GLU A 72 -16.69 10.79 1.06
C GLU A 72 -16.97 12.02 0.19
N SER A 73 -15.94 12.47 -0.55
CA SER A 73 -16.05 13.62 -1.43
C SER A 73 -15.55 13.28 -2.84
N GLU A 74 -15.93 14.09 -3.83
CA GLU A 74 -15.56 13.89 -5.23
C GLU A 74 -14.09 14.27 -5.47
N LEU A 75 -13.35 13.42 -6.20
CA LEU A 75 -11.94 13.69 -6.50
C LEU A 75 -11.70 13.78 -8.01
N PHE A 76 -11.99 12.68 -8.72
CA PHE A 76 -11.87 12.55 -10.18
C PHE A 76 -13.19 12.50 -10.96
N GLY A 77 -14.31 12.78 -10.29
CA GLY A 77 -15.62 12.76 -10.93
C GLY A 77 -16.61 11.86 -10.18
N ARG A 78 -16.14 11.20 -9.11
CA ARG A 78 -16.98 10.35 -8.29
C ARG A 78 -16.44 10.36 -6.86
N THR A 79 -17.30 9.97 -5.91
CA THR A 79 -16.95 9.91 -4.49
C THR A 79 -15.83 8.94 -4.14
N ILE A 80 -15.01 9.30 -3.15
CA ILE A 80 -13.92 8.44 -2.68
C ILE A 80 -13.94 8.39 -1.14
N ARG A 81 -13.39 7.30 -0.60
CA ARG A 81 -13.30 7.05 0.84
C ARG A 81 -11.91 7.41 1.35
N VAL A 82 -11.84 7.83 2.62
CA VAL A 82 -10.60 8.14 3.31
C VAL A 82 -10.66 7.79 4.78
N ASN A 83 -9.69 7.02 5.28
CA ASN A 83 -9.65 6.59 6.69
C ASN A 83 -8.24 6.11 7.07
N LEU A 84 -7.98 5.87 8.36
CA LEU A 84 -6.64 5.55 8.86
C LEU A 84 -6.15 4.15 8.48
N ALA A 85 -6.82 3.49 7.52
CA ALA A 85 -6.46 2.14 7.07
C ALA A 85 -6.40 1.11 8.20
N LYS A 86 -6.89 1.46 9.40
CA LYS A 86 -6.85 0.59 10.55
C LYS A 86 -8.19 -0.11 10.83
N PRO A 87 -9.35 0.52 10.65
CA PRO A 87 -10.64 -0.05 11.01
C PRO A 87 -11.16 -1.08 10.00
N MET A 88 -10.48 -1.24 8.86
CA MET A 88 -10.90 -2.17 7.83
C MET A 88 -9.71 -2.61 6.99
N ARG A 89 -9.90 -3.62 6.13
CA ARG A 89 -8.84 -4.10 5.24
C ARG A 89 -9.19 -3.90 3.77
N ILE A 90 -10.48 -3.99 3.42
CA ILE A 90 -10.97 -3.74 2.06
C ILE A 90 -12.38 -3.16 2.16
N LYS A 91 -12.77 -2.34 1.18
CA LYS A 91 -14.07 -1.66 1.14
C LYS A 91 -15.23 -2.63 0.92
N GLU A 92 -14.94 -3.91 0.67
CA GLU A 92 -15.95 -4.90 0.34
C GLU A 92 -15.52 -6.32 0.74
N GLY A 93 -14.37 -6.47 1.41
CA GLY A 93 -13.82 -7.77 1.77
C GLY A 93 -13.03 -8.38 0.61
N ALA B 1 22.77 -16.15 -9.29
CA ALA B 1 22.17 -16.43 -10.61
C ALA B 1 20.72 -16.90 -10.49
N LYS B 2 20.51 -18.12 -9.97
CA LYS B 2 19.17 -18.70 -9.82
C LYS B 2 18.42 -18.07 -8.64
N GLY B 3 19.15 -17.63 -7.61
CA GLY B 3 18.55 -17.01 -6.43
C GLY B 3 18.14 -15.57 -6.70
N ASN B 4 17.12 -15.09 -6.00
CA ASN B 4 16.63 -13.72 -6.14
C ASN B 4 17.48 -12.76 -5.31
N PHE B 5 17.46 -11.48 -5.69
CA PHE B 5 18.20 -10.43 -4.99
C PHE B 5 17.52 -9.07 -5.02
N CYS B 6 17.69 -8.26 -3.97
CA CYS B 6 17.02 -6.98 -3.85
C CYS B 6 17.63 -5.94 -4.78
N PRO B 7 16.82 -5.30 -5.64
CA PRO B 7 17.28 -4.26 -6.54
C PRO B 7 17.37 -2.89 -5.87
N LEU B 8 16.98 -2.77 -4.59
CA LEU B 8 16.94 -1.47 -3.92
C LEU B 8 18.00 -1.34 -2.82
N CYS B 9 18.53 -2.45 -2.30
CA CYS B 9 19.58 -2.40 -1.29
C CYS B 9 20.48 -3.63 -1.36
N ASP B 10 21.67 -3.53 -0.79
CA ASP B 10 22.67 -4.59 -0.85
C ASP B 10 22.46 -5.76 0.12
N LYS B 11 21.36 -5.74 0.88
CA LYS B 11 21.08 -6.79 1.85
C LYS B 11 20.69 -8.08 1.15
N CYS B 12 21.49 -9.14 1.37
CA CYS B 12 21.19 -10.47 0.86
C CYS B 12 20.22 -11.19 1.81
N TYR B 13 19.61 -12.28 1.34
CA TYR B 13 18.69 -13.06 2.17
C TYR B 13 18.77 -14.57 2.02
N ASP B 14 18.55 -15.28 3.13
CA ASP B 14 18.66 -16.74 3.19
C ASP B 14 17.35 -17.50 2.97
N ASP B 15 16.30 -16.81 2.51
CA ASP B 15 14.99 -17.42 2.32
C ASP B 15 14.36 -18.01 3.59
N ASP B 16 14.53 -17.30 4.71
CA ASP B 16 14.06 -17.70 6.03
C ASP B 16 12.54 -17.75 6.22
N ASP B 17 11.77 -17.85 5.13
CA ASP B 17 10.32 -17.93 5.12
C ASP B 17 9.53 -16.74 5.65
N TYR B 18 9.77 -16.33 6.91
CA TYR B 18 9.05 -15.23 7.53
C TYR B 18 9.82 -14.47 8.63
N GLU B 19 11.09 -14.79 8.82
CA GLU B 19 11.92 -14.19 9.86
C GLU B 19 12.29 -12.73 9.55
N SER B 20 11.78 -12.19 8.44
CA SER B 20 12.01 -10.80 8.06
C SER B 20 10.86 -10.33 7.16
N LYS B 21 10.53 -9.04 7.20
CA LYS B 21 9.42 -8.50 6.42
C LYS B 21 9.87 -8.17 5.00
N MET B 22 9.11 -8.67 4.01
CA MET B 22 9.32 -8.43 2.60
C MET B 22 8.01 -8.60 1.85
N MET B 23 7.97 -8.12 0.60
CA MET B 23 6.85 -8.33 -0.31
C MET B 23 7.34 -9.05 -1.55
N GLN B 24 6.46 -9.80 -2.21
CA GLN B 24 6.82 -10.53 -3.42
C GLN B 24 6.14 -9.92 -4.63
N CYS B 25 6.89 -9.79 -5.73
CA CYS B 25 6.37 -9.29 -6.99
C CYS B 25 5.39 -10.30 -7.56
N GLY B 26 4.18 -9.85 -7.91
CA GLY B 26 3.13 -10.73 -8.41
C GLY B 26 3.32 -11.06 -9.90
N LYS B 27 4.39 -10.56 -10.52
CA LYS B 27 4.61 -10.71 -11.95
C LYS B 27 5.94 -11.38 -12.29
N CYS B 28 6.88 -11.44 -11.35
CA CYS B 28 8.13 -12.17 -11.56
C CYS B 28 8.62 -12.90 -10.30
N ASP B 29 7.78 -12.95 -9.27
CA ASP B 29 8.06 -13.63 -8.01
C ASP B 29 9.33 -13.20 -7.25
N ARG B 30 9.84 -12.00 -7.55
CA ARG B 30 11.04 -11.47 -6.91
C ARG B 30 10.68 -10.81 -5.57
N TRP B 31 11.53 -10.96 -4.57
CA TRP B 31 11.30 -10.37 -3.25
C TRP B 31 11.95 -8.99 -3.09
N VAL B 32 11.34 -8.14 -2.24
CA VAL B 32 11.85 -6.82 -1.92
C VAL B 32 11.57 -6.52 -0.45
N HIS B 33 12.55 -5.94 0.25
CA HIS B 33 12.43 -5.68 1.67
C HIS B 33 11.61 -4.40 1.93
N SER B 34 11.16 -4.25 3.17
CA SER B 34 10.45 -3.04 3.60
C SER B 34 11.42 -1.96 4.06
N LYS B 35 12.71 -2.28 4.18
CA LYS B 35 13.74 -1.34 4.60
C LYS B 35 14.33 -0.54 3.42
N CYS B 36 13.82 -0.77 2.22
CA CYS B 36 14.33 -0.15 1.01
C CYS B 36 13.21 0.24 0.04
N GLU B 37 12.04 -0.39 0.17
CA GLU B 37 10.85 0.02 -0.56
C GLU B 37 10.15 1.16 0.19
N ASN B 38 9.33 1.94 -0.52
CA ASN B 38 8.58 3.04 0.06
C ASN B 38 7.49 2.50 0.99
N LEU B 39 7.82 2.31 2.27
CA LEU B 39 6.91 1.68 3.22
C LEU B 39 7.17 2.16 4.64
N SER B 40 6.26 1.74 5.54
CA SER B 40 6.32 1.94 6.98
C SER B 40 5.68 0.74 7.64
N ASP B 41 5.98 0.51 8.93
CA ASP B 41 5.50 -0.68 9.62
C ASP B 41 3.97 -0.63 9.71
N GLU B 42 3.36 0.54 9.49
CA GLU B 42 1.90 0.68 9.48
C GLU B 42 1.34 0.46 8.07
N MET B 43 2.08 0.89 7.04
CA MET B 43 1.65 0.73 5.67
C MET B 43 1.90 -0.69 5.16
N TYR B 44 2.87 -1.39 5.75
CA TYR B 44 3.17 -2.75 5.34
C TYR B 44 2.16 -3.80 5.78
N GLU B 45 1.58 -3.61 6.97
CA GLU B 45 0.63 -4.57 7.51
C GLU B 45 -0.71 -4.48 6.80
N ILE B 46 -1.16 -3.29 6.39
CA ILE B 46 -2.41 -3.19 5.67
C ILE B 46 -2.23 -3.75 4.25
N LEU B 47 -1.01 -3.59 3.70
CA LEU B 47 -0.67 -4.07 2.38
C LEU B 47 -0.68 -5.60 2.39
N SER B 48 -0.18 -6.20 3.48
CA SER B 48 -0.15 -7.65 3.62
C SER B 48 -1.54 -8.22 3.83
N ASN B 49 -2.45 -7.47 4.46
CA ASN B 49 -3.81 -7.93 4.70
C ASN B 49 -4.71 -7.85 3.47
N LEU B 50 -4.22 -7.26 2.37
CA LEU B 50 -4.98 -7.22 1.13
C LEU B 50 -5.14 -8.63 0.58
N PRO B 51 -6.21 -8.90 -0.17
CA PRO B 51 -6.47 -10.20 -0.77
C PRO B 51 -5.43 -10.47 -1.85
N GLU B 52 -5.12 -11.75 -2.11
CA GLU B 52 -4.09 -12.12 -3.07
C GLU B 52 -4.48 -11.79 -4.51
N SER B 53 -5.74 -11.37 -4.73
CA SER B 53 -6.17 -10.89 -6.03
C SER B 53 -5.46 -9.57 -6.36
N VAL B 54 -4.87 -8.93 -5.35
CA VAL B 54 -4.07 -7.73 -5.50
C VAL B 54 -2.68 -7.91 -4.89
N ALA B 55 -1.63 -7.40 -5.55
CA ALA B 55 -0.29 -7.59 -5.02
C ALA B 55 0.69 -6.55 -5.54
N TYR B 56 1.86 -6.48 -4.88
CA TYR B 56 2.95 -5.61 -5.26
C TYR B 56 3.68 -6.03 -6.54
N THR B 57 4.43 -5.11 -7.15
CA THR B 57 5.21 -5.42 -8.35
C THR B 57 6.55 -4.72 -8.15
N CYS B 58 7.63 -5.40 -8.51
CA CYS B 58 8.98 -4.87 -8.37
C CYS B 58 9.20 -3.70 -9.35
N VAL B 59 10.27 -2.94 -9.12
CA VAL B 59 10.61 -1.80 -9.96
C VAL B 59 11.05 -2.21 -11.36
N ASN B 60 11.20 -3.50 -11.64
CA ASN B 60 11.63 -3.97 -12.95
C ASN B 60 10.41 -4.24 -13.83
N CYS B 61 9.32 -4.75 -13.24
CA CYS B 61 8.12 -5.10 -13.99
C CYS B 61 7.38 -3.86 -14.49
N THR B 62 7.72 -2.68 -13.97
CA THR B 62 7.10 -1.44 -14.43
C THR B 62 7.75 -0.83 -15.67
N GLU B 63 8.99 -1.26 -15.99
CA GLU B 63 9.71 -0.78 -17.16
C GLU B 63 10.06 -1.91 -18.13
N ARG B 64 10.10 -3.16 -17.64
CA ARG B 64 10.52 -4.32 -18.41
C ARG B 64 9.73 -5.55 -17.97
N ALA C 1 -1.54 -8.88 0.37
CA ALA C 1 -0.87 -9.13 -0.90
C ALA C 1 0.02 -10.37 -0.73
N ARG C 2 0.81 -10.73 -1.74
CA ARG C 2 1.81 -11.78 -1.59
C ARG C 2 2.99 -11.22 -0.79
N THR C 3 3.06 -11.55 0.49
CA THR C 3 4.11 -11.07 1.40
C THR C 3 4.59 -12.11 2.40
N GLN C 5 4.36 -11.88 5.57
CA GLN C 5 3.30 -11.96 6.57
C GLN C 5 2.18 -12.90 6.11
N THR C 6 2.09 -13.17 4.80
CA THR C 6 1.12 -14.09 4.23
C THR C 6 1.68 -15.44 3.78
N ALA C 7 3.00 -15.64 3.95
CA ALA C 7 3.66 -16.88 3.62
C ALA C 7 3.43 -17.96 4.69
N ARG C 8 2.63 -17.64 5.71
CA ARG C 8 2.35 -18.54 6.82
C ARG C 8 0.98 -18.22 7.41
N LYS C 9 0.31 -19.24 7.98
CA LYS C 9 -0.95 -19.05 8.68
C LYS C 9 -0.70 -18.47 10.07
N SER C 10 -1.74 -17.90 10.68
CA SER C 10 -1.66 -17.30 12.01
C SER C 10 -2.93 -17.54 12.82
N THR C 11 -3.78 -18.46 12.36
CA THR C 11 -5.04 -18.79 13.03
C THR C 11 -4.90 -19.56 14.35
N GLY C 12 -3.69 -20.00 14.68
CA GLY C 12 -3.43 -20.75 15.90
C GLY C 12 -3.89 -22.21 15.79
N GLY C 13 -4.43 -22.60 14.63
CA GLY C 13 -4.90 -23.96 14.41
C GLY C 13 -3.75 -24.95 14.34
N ALA A 1 -14.53 -0.66 21.98
CA ALA A 1 -13.43 -0.33 22.90
C ALA A 1 -12.56 0.80 22.35
N GLY A 2 -11.73 1.40 23.20
CA GLY A 2 -10.86 2.51 22.82
C GLY A 2 -11.64 3.80 22.63
N HIS A 3 -10.96 4.85 22.18
CA HIS A 3 -11.58 6.15 21.93
C HIS A 3 -12.51 6.10 20.72
N MET A 4 -13.38 7.10 20.60
CA MET A 4 -14.34 7.19 19.50
C MET A 4 -13.65 7.58 18.19
N ALA A 5 -12.35 7.93 18.26
CA ALA A 5 -11.58 8.36 17.10
C ALA A 5 -10.10 8.04 17.29
N THR A 6 -9.35 8.01 16.18
CA THR A 6 -7.93 7.73 16.21
C THR A 6 -7.18 8.36 15.04
N THR A 7 -5.85 8.49 15.17
CA THR A 7 -5.00 9.07 14.13
C THR A 7 -3.70 8.31 13.88
N LYS A 8 -3.26 8.30 12.63
CA LYS A 8 -2.05 7.60 12.18
C LYS A 8 -1.40 8.34 11.01
N ARG A 9 -0.10 8.13 10.80
CA ARG A 9 0.61 8.80 9.71
C ARG A 9 0.13 8.30 8.35
N VAL A 10 -0.33 7.04 8.29
CA VAL A 10 -0.84 6.45 7.05
C VAL A 10 -2.36 6.52 6.96
N LEU A 11 -2.88 6.59 5.73
CA LEU A 11 -4.32 6.56 5.50
C LEU A 11 -4.62 5.97 4.12
N TYR A 12 -5.75 5.28 4.06
CA TYR A 12 -6.29 4.62 2.87
C TYR A 12 -7.16 5.50 1.98
N VAL A 13 -7.19 5.20 0.68
CA VAL A 13 -8.07 5.89 -0.25
C VAL A 13 -8.68 4.88 -1.22
N GLY A 14 -9.99 4.91 -1.43
CA GLY A 14 -10.65 3.92 -2.28
C GLY A 14 -11.83 4.53 -3.03
N GLY A 15 -12.24 3.89 -4.12
CA GLY A 15 -13.34 4.37 -4.95
C GLY A 15 -12.86 5.42 -5.95
N LEU A 16 -11.56 5.72 -5.94
CA LEU A 16 -10.95 6.69 -6.83
C LEU A 16 -11.09 6.24 -8.29
N ALA A 17 -10.93 7.19 -9.23
CA ALA A 17 -11.10 6.92 -10.64
C ALA A 17 -10.01 6.03 -11.20
N GLU A 18 -10.29 5.41 -12.36
CA GLU A 18 -9.37 4.46 -12.97
C GLU A 18 -8.15 5.14 -13.60
N GLU A 19 -8.23 6.46 -13.84
CA GLU A 19 -7.16 7.21 -14.48
C GLU A 19 -6.23 7.84 -13.45
N VAL A 20 -6.43 7.54 -12.16
CA VAL A 20 -5.62 8.09 -11.09
C VAL A 20 -4.27 7.37 -11.08
N ASP A 21 -3.21 8.15 -10.86
CA ASP A 21 -1.84 7.67 -10.71
C ASP A 21 -1.29 8.16 -9.37
N ASP A 22 -0.10 7.69 -8.98
CA ASP A 22 0.49 8.06 -7.71
C ASP A 22 0.77 9.56 -7.54
N LYS A 23 0.80 10.31 -8.65
CA LYS A 23 1.01 11.75 -8.62
C LYS A 23 -0.27 12.48 -8.25
N VAL A 24 -1.43 11.87 -8.49
CA VAL A 24 -2.71 12.49 -8.20
C VAL A 24 -2.96 12.45 -6.69
N LEU A 25 -2.66 11.32 -6.05
CA LEU A 25 -2.82 11.21 -4.60
C LEU A 25 -1.98 12.25 -3.89
N HIS A 26 -0.85 12.68 -4.46
CA HIS A 26 -0.04 13.70 -3.83
C HIS A 26 -0.74 15.06 -3.93
N ALA A 27 -1.18 15.42 -5.14
CA ALA A 27 -1.80 16.72 -5.36
C ALA A 27 -3.18 16.81 -4.72
N ALA A 28 -3.84 15.67 -4.49
CA ALA A 28 -5.17 15.64 -3.89
C ALA A 28 -5.10 15.68 -2.36
N PHE A 29 -3.97 15.29 -1.77
CA PHE A 29 -3.82 15.20 -0.33
C PHE A 29 -2.84 16.16 0.34
N ILE A 30 -2.08 16.93 -0.46
CA ILE A 30 -1.07 17.84 0.06
C ILE A 30 -1.64 19.06 0.82
N PRO A 31 -2.85 19.56 0.55
CA PRO A 31 -3.31 20.78 1.20
C PRO A 31 -3.66 20.56 2.68
N PHE A 32 -3.77 19.29 3.12
CA PHE A 32 -4.12 18.97 4.50
C PHE A 32 -2.83 18.85 5.32
N GLY A 33 -1.67 18.71 4.66
CA GLY A 33 -0.39 18.58 5.32
C GLY A 33 0.64 17.93 4.40
N ASP A 34 1.92 18.01 4.77
CA ASP A 34 2.99 17.48 3.95
C ASP A 34 3.00 15.95 3.84
N ILE A 35 3.05 15.46 2.60
CA ILE A 35 3.11 14.04 2.30
C ILE A 35 4.56 13.59 2.21
N THR A 36 4.85 12.35 2.60
CA THR A 36 6.20 11.79 2.55
C THR A 36 6.39 10.55 1.69
N ASP A 37 5.29 9.85 1.38
CA ASP A 37 5.36 8.68 0.50
C ASP A 37 3.95 8.35 0.02
N ILE A 38 3.85 7.59 -1.08
CA ILE A 38 2.61 7.15 -1.68
C ILE A 38 2.82 5.75 -2.26
N GLN A 39 1.79 4.91 -2.22
CA GLN A 39 1.90 3.53 -2.66
C GLN A 39 0.61 3.07 -3.33
N ILE A 40 0.73 2.29 -4.41
CA ILE A 40 -0.42 1.76 -5.13
C ILE A 40 -0.09 0.34 -5.60
N PRO A 41 -0.78 -0.68 -5.08
CA PRO A 41 -0.57 -2.06 -5.45
C PRO A 41 -1.23 -2.37 -6.80
N LEU A 42 -0.72 -3.38 -7.52
CA LEU A 42 -1.19 -3.71 -8.85
C LEU A 42 -2.18 -4.87 -8.84
N ASP A 43 -3.32 -4.71 -9.51
CA ASP A 43 -4.35 -5.74 -9.63
C ASP A 43 -3.99 -6.61 -10.83
N TYR A 44 -4.44 -7.86 -10.83
CA TYR A 44 -4.13 -8.80 -11.90
C TYR A 44 -5.28 -9.22 -12.81
N GLU A 45 -6.46 -8.65 -12.58
CA GLU A 45 -7.62 -8.91 -13.43
C GLU A 45 -7.58 -8.06 -14.71
N THR A 46 -7.03 -6.85 -14.60
CA THR A 46 -6.90 -5.92 -15.74
C THR A 46 -5.60 -5.13 -15.78
N GLU A 47 -4.65 -5.48 -14.90
CA GLU A 47 -3.33 -4.88 -14.83
C GLU A 47 -3.38 -3.37 -14.58
N LYS A 48 -4.08 -2.95 -13.51
CA LYS A 48 -4.10 -1.57 -13.06
C LYS A 48 -4.34 -1.57 -11.55
N HIS A 49 -4.46 -0.41 -10.90
CA HIS A 49 -4.75 -0.37 -9.48
C HIS A 49 -6.14 -0.95 -9.21
N ARG A 50 -6.34 -1.59 -8.05
CA ARG A 50 -7.61 -2.26 -7.75
C ARG A 50 -8.68 -1.28 -7.26
N GLY A 51 -8.60 -0.01 -7.69
CA GLY A 51 -9.59 1.00 -7.32
C GLY A 51 -9.27 1.65 -5.97
N PHE A 52 -8.07 1.42 -5.44
CA PHE A 52 -7.63 2.05 -4.21
C PHE A 52 -6.14 2.39 -4.18
N ALA A 53 -5.73 3.20 -3.21
CA ALA A 53 -4.35 3.67 -3.08
C ALA A 53 -4.03 4.01 -1.62
N PHE A 54 -2.74 4.28 -1.37
CA PHE A 54 -2.25 4.64 -0.04
C PHE A 54 -1.37 5.89 -0.05
N VAL A 55 -1.35 6.62 1.06
CA VAL A 55 -0.59 7.85 1.19
C VAL A 55 -0.05 7.95 2.62
N GLU A 56 1.11 8.61 2.77
CA GLU A 56 1.80 8.73 4.04
C GLU A 56 2.05 10.20 4.37
N PHE A 57 1.74 10.59 5.61
CA PHE A 57 1.95 11.94 6.12
C PHE A 57 3.14 12.13 7.06
N GLU A 58 3.61 13.37 7.19
CA GLU A 58 4.71 13.68 8.09
C GLU A 58 4.28 13.55 9.56
N LEU A 59 2.97 13.65 9.83
CA LEU A 59 2.39 13.55 11.16
C LEU A 59 1.02 12.90 11.09
N ALA A 60 0.60 12.29 12.20
CA ALA A 60 -0.67 11.59 12.29
C ALA A 60 -1.86 12.55 12.33
N GLU A 61 -1.64 13.78 12.82
CA GLU A 61 -2.71 14.76 12.96
C GLU A 61 -3.12 15.30 11.59
N ASP A 62 -2.19 15.32 10.63
CA ASP A 62 -2.47 15.80 9.29
C ASP A 62 -3.34 14.84 8.47
N ALA A 63 -3.30 13.55 8.82
CA ALA A 63 -4.11 12.55 8.16
C ALA A 63 -5.56 12.64 8.63
N ALA A 64 -5.78 13.00 9.89
CA ALA A 64 -7.12 13.16 10.43
C ALA A 64 -7.80 14.38 9.82
N ALA A 65 -7.01 15.36 9.37
CA ALA A 65 -7.53 16.55 8.73
C ALA A 65 -7.87 16.26 7.27
N ALA A 66 -7.17 15.31 6.64
CA ALA A 66 -7.46 14.92 5.28
C ALA A 66 -8.75 14.10 5.22
N ILE A 67 -9.00 13.31 6.27
CA ILE A 67 -10.20 12.51 6.39
C ILE A 67 -11.39 13.41 6.73
N ASP A 68 -11.17 14.39 7.62
CA ASP A 68 -12.22 15.30 8.05
C ASP A 68 -12.68 16.24 6.93
N ASN A 69 -11.94 16.31 5.83
CA ASN A 69 -12.26 17.23 4.74
C ASN A 69 -12.50 16.59 3.37
N MET A 70 -12.07 15.35 3.14
CA MET A 70 -12.30 14.72 1.84
C MET A 70 -12.92 13.32 1.92
N ASN A 71 -13.20 12.81 3.14
CA ASN A 71 -13.88 11.53 3.27
C ASN A 71 -15.25 11.59 2.59
N GLU A 72 -15.58 10.54 1.83
CA GLU A 72 -16.85 10.44 1.13
C GLU A 72 -17.15 11.67 0.27
N SER A 73 -16.14 12.16 -0.46
CA SER A 73 -16.29 13.31 -1.34
C SER A 73 -15.79 12.99 -2.75
N GLU A 74 -16.22 13.79 -3.74
CA GLU A 74 -15.85 13.61 -5.13
C GLU A 74 -14.40 14.07 -5.38
N LEU A 75 -13.62 13.27 -6.12
CA LEU A 75 -12.24 13.60 -6.43
C LEU A 75 -12.00 13.72 -7.94
N PHE A 76 -12.24 12.63 -8.67
CA PHE A 76 -12.12 12.53 -10.11
C PHE A 76 -13.42 12.40 -10.91
N GLY A 77 -14.56 12.60 -10.24
CA GLY A 77 -15.87 12.52 -10.88
C GLY A 77 -16.80 11.58 -10.13
N ARG A 78 -16.31 10.93 -9.07
CA ARG A 78 -17.11 10.05 -8.25
C ARG A 78 -16.58 10.06 -6.82
N THR A 79 -17.40 9.60 -5.86
CA THR A 79 -17.04 9.55 -4.46
C THR A 79 -15.88 8.62 -4.11
N ILE A 80 -15.08 9.00 -3.10
CA ILE A 80 -13.96 8.19 -2.65
C ILE A 80 -13.97 8.11 -1.12
N ARG A 81 -13.39 7.03 -0.57
CA ARG A 81 -13.31 6.80 0.87
C ARG A 81 -11.95 7.24 1.38
N VAL A 82 -11.89 7.66 2.64
CA VAL A 82 -10.66 8.04 3.32
C VAL A 82 -10.69 7.66 4.81
N ASN A 83 -9.68 6.92 5.28
CA ASN A 83 -9.59 6.49 6.67
C ASN A 83 -8.17 6.03 7.01
N LEU A 84 -7.88 5.76 8.29
CA LEU A 84 -6.52 5.45 8.75
C LEU A 84 -6.02 4.06 8.31
N ALA A 85 -6.68 3.43 7.34
CA ALA A 85 -6.36 2.11 6.81
C ALA A 85 -6.40 0.96 7.83
N LYS A 86 -6.25 1.22 9.12
CA LYS A 86 -6.25 0.17 10.14
C LYS A 86 -7.64 -0.36 10.51
N PRO A 87 -8.71 0.46 10.54
CA PRO A 87 -10.00 0.03 11.02
C PRO A 87 -10.80 -0.79 10.00
N MET A 88 -10.23 -1.06 8.82
CA MET A 88 -10.96 -1.77 7.77
C MET A 88 -10.00 -2.49 6.81
N ARG A 89 -10.58 -3.28 5.90
CA ARG A 89 -9.85 -3.93 4.81
C ARG A 89 -10.79 -4.04 3.62
N ILE A 90 -10.26 -4.49 2.47
CA ILE A 90 -11.04 -4.60 1.24
C ILE A 90 -12.23 -5.53 1.44
N LYS A 91 -13.29 -5.32 0.65
CA LYS A 91 -14.53 -6.08 0.70
C LYS A 91 -14.38 -7.56 0.34
N GLU A 92 -13.15 -8.04 0.24
CA GLU A 92 -12.85 -9.42 -0.15
C GLU A 92 -11.57 -9.92 0.52
N GLY A 93 -11.06 -9.17 1.50
CA GLY A 93 -9.85 -9.53 2.24
C GLY A 93 -10.11 -10.70 3.18
N ALA B 1 21.10 -19.82 -6.62
CA ALA B 1 21.40 -21.19 -6.15
C ALA B 1 21.72 -21.21 -4.65
N LYS B 2 22.85 -20.61 -4.27
CA LYS B 2 23.30 -20.60 -2.87
C LYS B 2 22.39 -19.71 -2.00
N GLY B 3 21.71 -18.75 -2.62
CA GLY B 3 20.79 -17.86 -1.91
C GLY B 3 20.13 -16.88 -2.87
N ASN B 4 19.07 -16.21 -2.40
CA ASN B 4 18.34 -15.23 -3.17
C ASN B 4 19.00 -13.85 -3.05
N PHE B 5 18.71 -12.95 -4.00
CA PHE B 5 19.33 -11.64 -4.03
C PHE B 5 18.42 -10.46 -4.39
N CYS B 6 18.51 -9.37 -3.61
CA CYS B 6 17.67 -8.20 -3.77
C CYS B 6 18.33 -7.19 -4.72
N PRO B 7 17.63 -6.82 -5.80
CA PRO B 7 18.11 -5.85 -6.76
C PRO B 7 17.87 -4.41 -6.29
N LEU B 8 17.16 -4.23 -5.18
CA LEU B 8 16.84 -2.90 -4.68
C LEU B 8 17.86 -2.42 -3.64
N CYS B 9 18.57 -3.33 -2.96
CA CYS B 9 19.56 -2.94 -1.97
C CYS B 9 20.75 -3.91 -1.85
N ASP B 10 20.88 -4.84 -2.79
CA ASP B 10 22.03 -5.74 -2.87
C ASP B 10 22.19 -6.79 -1.76
N LYS B 11 21.34 -6.75 -0.72
CA LYS B 11 21.40 -7.75 0.35
C LYS B 11 20.92 -9.11 -0.11
N CYS B 12 21.54 -10.17 0.41
CA CYS B 12 21.19 -11.55 0.14
C CYS B 12 20.20 -12.06 1.20
N TYR B 13 19.38 -13.07 0.86
CA TYR B 13 18.44 -13.66 1.79
C TYR B 13 18.23 -15.17 1.64
N ASP B 14 17.64 -15.78 2.67
CA ASP B 14 17.36 -17.21 2.70
C ASP B 14 15.95 -17.57 3.13
N ASP B 15 15.49 -18.76 2.73
CA ASP B 15 14.11 -19.20 2.96
C ASP B 15 13.82 -19.84 4.32
N ASP B 16 14.80 -19.89 5.22
CA ASP B 16 14.63 -20.52 6.52
C ASP B 16 13.85 -19.72 7.58
N ASP B 17 13.45 -18.50 7.26
CA ASP B 17 12.65 -17.67 8.16
C ASP B 17 11.60 -16.79 7.46
N TYR B 18 10.59 -16.36 8.22
CA TYR B 18 9.49 -15.55 7.71
C TYR B 18 9.12 -14.30 8.51
N GLU B 19 9.86 -14.00 9.57
CA GLU B 19 9.60 -12.85 10.42
C GLU B 19 10.14 -11.56 9.79
N SER B 20 10.98 -11.66 8.77
CA SER B 20 11.53 -10.50 8.10
C SER B 20 10.43 -9.76 7.32
N LYS B 21 10.57 -8.43 7.19
CA LYS B 21 9.58 -7.63 6.49
C LYS B 21 9.92 -7.58 5.00
N MET B 22 9.16 -8.32 4.18
CA MET B 22 9.39 -8.42 2.75
C MET B 22 8.07 -8.69 2.03
N MET B 23 8.06 -8.50 0.71
CA MET B 23 6.92 -8.81 -0.14
C MET B 23 7.39 -9.53 -1.39
N GLN B 24 6.47 -10.22 -2.06
CA GLN B 24 6.78 -10.94 -3.29
C GLN B 24 6.10 -10.28 -4.48
N CYS B 25 6.81 -10.20 -5.61
CA CYS B 25 6.32 -9.61 -6.83
C CYS B 25 5.17 -10.45 -7.40
N GLY B 26 4.15 -9.78 -7.93
CA GLY B 26 2.99 -10.46 -8.52
C GLY B 26 3.20 -10.78 -9.99
N LYS B 27 4.35 -10.39 -10.58
CA LYS B 27 4.58 -10.53 -12.00
C LYS B 27 5.86 -11.31 -12.34
N CYS B 28 6.82 -11.39 -11.42
CA CYS B 28 8.02 -12.18 -11.65
C CYS B 28 8.43 -13.01 -10.43
N ASP B 29 7.54 -13.08 -9.43
CA ASP B 29 7.72 -13.88 -8.22
C ASP B 29 8.99 -13.62 -7.41
N ARG B 30 9.63 -12.47 -7.61
CA ARG B 30 10.86 -12.11 -6.91
C ARG B 30 10.54 -11.39 -5.59
N TRP B 31 11.36 -11.60 -4.56
CA TRP B 31 11.17 -10.97 -3.27
C TRP B 31 11.91 -9.64 -3.16
N VAL B 32 11.38 -8.73 -2.33
CA VAL B 32 11.99 -7.43 -2.05
C VAL B 32 11.75 -7.06 -0.59
N HIS B 33 12.72 -6.40 0.05
CA HIS B 33 12.59 -6.04 1.46
C HIS B 33 11.72 -4.80 1.61
N SER B 34 11.11 -4.63 2.79
CA SER B 34 10.35 -3.43 3.08
C SER B 34 11.27 -2.24 3.36
N LYS B 35 12.54 -2.51 3.70
CA LYS B 35 13.50 -1.48 4.02
C LYS B 35 13.98 -0.73 2.78
N CYS B 36 14.02 -1.42 1.63
CA CYS B 36 14.46 -0.83 0.37
C CYS B 36 13.29 -0.39 -0.50
N GLU B 37 12.06 -0.75 -0.13
CA GLU B 37 10.87 -0.21 -0.77
C GLU B 37 10.51 1.15 -0.17
N ASN B 38 11.18 1.51 0.94
CA ASN B 38 11.08 2.79 1.62
C ASN B 38 9.70 3.09 2.21
N LEU B 39 8.78 2.13 2.18
CA LEU B 39 7.46 2.33 2.77
C LEU B 39 7.52 2.28 4.30
N SER B 40 6.55 2.88 4.97
CA SER B 40 6.52 2.92 6.43
C SER B 40 6.00 1.60 6.97
N ASP B 41 6.34 1.30 8.23
CA ASP B 41 5.90 0.06 8.86
C ASP B 41 4.40 -0.02 9.07
N GLU B 42 3.73 1.12 9.20
CA GLU B 42 2.28 1.18 9.36
C GLU B 42 1.60 0.94 8.00
N MET B 43 2.30 1.29 6.91
CA MET B 43 1.80 1.11 5.55
C MET B 43 1.99 -0.33 5.09
N TYR B 44 2.98 -1.02 5.65
CA TYR B 44 3.23 -2.42 5.32
C TYR B 44 2.27 -3.43 5.93
N GLU B 45 1.71 -3.09 7.10
CA GLU B 45 0.78 -3.96 7.79
C GLU B 45 -0.54 -4.09 7.02
N ILE B 46 -1.02 -3.00 6.42
CA ILE B 46 -2.26 -3.05 5.66
C ILE B 46 -2.01 -3.76 4.33
N LEU B 47 -0.81 -3.57 3.77
CA LEU B 47 -0.42 -4.14 2.49
C LEU B 47 -0.39 -5.67 2.61
N SER B 48 0.04 -6.18 3.76
CA SER B 48 0.10 -7.61 4.03
C SER B 48 -1.28 -8.20 4.34
N ASN B 49 -2.33 -7.38 4.32
CA ASN B 49 -3.70 -7.82 4.58
C ASN B 49 -4.65 -7.55 3.42
N LEU B 50 -4.14 -6.96 2.32
CA LEU B 50 -4.92 -6.82 1.10
C LEU B 50 -5.12 -8.21 0.49
N PRO B 51 -6.17 -8.41 -0.31
CA PRO B 51 -6.44 -9.68 -0.97
C PRO B 51 -5.31 -10.02 -1.93
N GLU B 52 -5.12 -11.32 -2.20
CA GLU B 52 -4.03 -11.78 -3.06
C GLU B 52 -4.26 -11.42 -4.53
N SER B 53 -5.45 -10.90 -4.86
CA SER B 53 -5.77 -10.45 -6.21
C SER B 53 -4.97 -9.19 -6.54
N VAL B 54 -4.49 -8.48 -5.51
CA VAL B 54 -3.65 -7.31 -5.66
C VAL B 54 -2.27 -7.54 -5.03
N ALA B 55 -1.20 -7.06 -5.66
CA ALA B 55 0.13 -7.32 -5.13
C ALA B 55 1.17 -6.29 -5.59
N TYR B 56 2.28 -6.25 -4.87
CA TYR B 56 3.43 -5.41 -5.17
C TYR B 56 4.25 -5.84 -6.40
N THR B 57 4.96 -4.90 -7.04
CA THR B 57 5.81 -5.18 -8.18
C THR B 57 7.12 -4.41 -8.22
N CYS B 58 8.10 -4.94 -8.98
CA CYS B 58 9.40 -4.33 -9.15
C CYS B 58 9.31 -2.98 -9.87
N VAL B 59 10.43 -2.25 -9.91
CA VAL B 59 10.48 -0.95 -10.56
C VAL B 59 10.13 -1.01 -12.05
N ASN B 60 10.33 -2.18 -12.68
CA ASN B 60 10.02 -2.35 -14.09
C ASN B 60 8.74 -3.19 -14.30
N CYS B 61 8.40 -4.04 -13.32
CA CYS B 61 7.20 -4.87 -13.42
C CYS B 61 5.94 -3.99 -13.38
N THR B 62 6.06 -2.75 -12.92
CA THR B 62 4.94 -1.82 -12.89
C THR B 62 4.61 -1.17 -14.24
N GLU B 63 5.52 -1.28 -15.22
CA GLU B 63 5.31 -0.72 -16.54
C GLU B 63 5.35 -1.80 -17.63
N ARG B 64 6.09 -2.88 -17.39
CA ARG B 64 6.33 -3.93 -18.37
C ARG B 64 6.46 -5.28 -17.65
N ALA C 1 -1.64 -8.39 -0.10
CA ALA C 1 -0.73 -8.87 -1.14
C ALA C 1 -0.01 -10.13 -0.66
N ARG C 2 0.81 -10.74 -1.52
CA ARG C 2 1.66 -11.84 -1.08
C ARG C 2 2.86 -11.26 -0.36
N THR C 3 2.96 -11.52 0.95
CA THR C 3 4.04 -11.00 1.79
C THR C 3 4.63 -12.03 2.75
N GLN C 5 5.17 -11.87 6.07
CA GLN C 5 4.40 -11.97 7.30
C GLN C 5 3.02 -12.60 7.06
N THR C 6 2.66 -12.88 5.81
CA THR C 6 1.38 -13.48 5.46
C THR C 6 1.46 -14.76 4.62
N ALA C 7 2.68 -15.25 4.37
CA ALA C 7 2.90 -16.47 3.61
C ALA C 7 2.36 -17.68 4.37
N ARG C 8 2.12 -18.79 3.66
CA ARG C 8 1.55 -19.99 4.26
C ARG C 8 2.46 -20.57 5.34
N LYS C 9 3.77 -20.34 5.25
CA LYS C 9 4.73 -20.85 6.22
C LYS C 9 4.64 -20.07 7.53
N SER C 10 4.13 -18.83 7.48
CA SER C 10 3.99 -17.98 8.66
C SER C 10 2.76 -18.35 9.47
N THR C 11 1.88 -19.20 8.91
CA THR C 11 0.65 -19.63 9.55
C THR C 11 0.41 -21.14 9.59
N GLY C 12 1.37 -21.92 9.07
CA GLY C 12 1.28 -23.37 9.05
C GLY C 12 1.52 -23.97 10.45
N GLY C 13 1.33 -25.29 10.56
CA GLY C 13 1.50 -26.02 11.80
C GLY C 13 0.38 -25.72 12.78
N ALA A 1 -16.76 -1.08 15.53
CA ALA A 1 -15.79 -0.59 14.52
C ALA A 1 -15.17 0.72 14.97
N GLY A 2 -14.04 1.10 14.34
CA GLY A 2 -13.35 2.34 14.64
C GLY A 2 -14.10 3.55 14.08
N HIS A 3 -13.54 4.74 14.32
CA HIS A 3 -14.14 6.01 13.90
C HIS A 3 -13.06 6.97 13.44
N MET A 4 -13.46 7.99 12.66
CA MET A 4 -12.54 8.98 12.10
C MET A 4 -11.92 9.87 13.17
N ALA A 5 -12.32 9.72 14.44
CA ALA A 5 -11.78 10.48 15.54
C ALA A 5 -10.35 10.03 15.87
N THR A 6 -9.96 8.84 15.41
CA THR A 6 -8.61 8.32 15.61
C THR A 6 -7.57 8.89 14.64
N THR A 7 -6.29 8.70 14.94
CA THR A 7 -5.19 9.21 14.11
C THR A 7 -4.02 8.25 13.93
N LYS A 8 -3.35 8.34 12.78
CA LYS A 8 -2.17 7.55 12.46
C LYS A 8 -1.43 8.18 11.27
N ARG A 9 -0.14 7.88 11.10
CA ARG A 9 0.66 8.41 10.00
C ARG A 9 0.17 7.92 8.63
N VAL A 10 -0.52 6.79 8.60
CA VAL A 10 -0.99 6.17 7.35
C VAL A 10 -2.51 6.17 7.27
N LEU A 11 -3.04 6.38 6.06
CA LEU A 11 -4.48 6.38 5.83
C LEU A 11 -4.81 5.80 4.46
N TYR A 12 -5.99 5.17 4.39
CA TYR A 12 -6.52 4.51 3.22
C TYR A 12 -7.33 5.40 2.27
N VAL A 13 -7.32 5.06 0.98
CA VAL A 13 -8.11 5.77 -0.03
C VAL A 13 -8.71 4.78 -1.01
N GLY A 14 -9.98 4.98 -1.40
CA GLY A 14 -10.66 4.07 -2.29
C GLY A 14 -11.69 4.78 -3.16
N GLY A 15 -12.06 4.16 -4.28
CA GLY A 15 -13.08 4.71 -5.18
C GLY A 15 -12.54 5.90 -5.98
N LEU A 16 -11.22 6.06 -6.05
CA LEU A 16 -10.55 7.19 -6.66
C LEU A 16 -11.02 7.45 -8.09
N ALA A 17 -10.46 6.72 -9.06
CA ALA A 17 -10.92 6.67 -10.45
C ALA A 17 -10.10 5.62 -11.20
N GLU A 18 -10.56 5.24 -12.38
CA GLU A 18 -9.90 4.22 -13.19
C GLU A 18 -8.66 4.74 -13.91
N GLU A 19 -8.25 5.98 -13.63
CA GLU A 19 -7.10 6.58 -14.31
C GLU A 19 -6.17 7.29 -13.31
N VAL A 20 -6.36 7.04 -12.02
CA VAL A 20 -5.53 7.65 -10.98
C VAL A 20 -4.21 6.89 -10.92
N ASP A 21 -3.13 7.65 -10.70
CA ASP A 21 -1.77 7.15 -10.52
C ASP A 21 -1.22 7.68 -9.20
N ASP A 22 -0.05 7.19 -8.78
CA ASP A 22 0.54 7.59 -7.51
C ASP A 22 0.86 9.07 -7.38
N LYS A 23 0.96 9.78 -8.52
CA LYS A 23 1.21 11.21 -8.54
C LYS A 23 -0.06 11.99 -8.18
N VAL A 24 -1.24 11.40 -8.41
CA VAL A 24 -2.50 12.06 -8.11
C VAL A 24 -2.75 12.06 -6.61
N LEU A 25 -2.42 10.95 -5.93
CA LEU A 25 -2.60 10.87 -4.49
C LEU A 25 -1.75 11.94 -3.80
N HIS A 26 -0.57 12.25 -4.32
CA HIS A 26 0.26 13.27 -3.70
C HIS A 26 -0.37 14.65 -3.87
N ALA A 27 -0.77 14.99 -5.10
CA ALA A 27 -1.34 16.30 -5.40
C ALA A 27 -2.71 16.47 -4.76
N ALA A 28 -3.41 15.38 -4.47
CA ALA A 28 -4.74 15.42 -3.88
C ALA A 28 -4.68 15.52 -2.36
N PHE A 29 -3.58 15.03 -1.75
CA PHE A 29 -3.45 14.99 -0.30
C PHE A 29 -2.45 15.95 0.34
N ILE A 30 -1.66 16.67 -0.47
CA ILE A 30 -0.64 17.56 0.03
C ILE A 30 -1.16 18.83 0.73
N PRO A 31 -2.36 19.37 0.43
CA PRO A 31 -2.78 20.63 1.03
C PRO A 31 -3.16 20.48 2.50
N PHE A 32 -3.31 19.25 3.00
CA PHE A 32 -3.70 19.00 4.38
C PHE A 32 -2.43 18.87 5.24
N GLY A 33 -1.27 18.66 4.61
CA GLY A 33 0.00 18.51 5.30
C GLY A 33 1.01 17.79 4.43
N ASP A 34 2.28 17.84 4.82
CA ASP A 34 3.35 17.21 4.05
C ASP A 34 3.27 15.69 3.98
N ILE A 35 3.32 15.15 2.76
CA ILE A 35 3.33 13.72 2.52
C ILE A 35 4.76 13.22 2.48
N THR A 36 4.98 11.97 2.89
CA THR A 36 6.30 11.35 2.88
C THR A 36 6.40 10.01 2.16
N ASP A 37 5.26 9.36 1.93
CA ASP A 37 5.15 8.10 1.21
C ASP A 37 3.79 7.84 0.58
N ILE A 38 3.77 7.09 -0.52
CA ILE A 38 2.57 6.68 -1.23
C ILE A 38 2.79 5.28 -1.78
N GLN A 39 1.72 4.48 -1.88
CA GLN A 39 1.81 3.10 -2.32
C GLN A 39 0.52 2.67 -2.99
N ILE A 40 0.61 1.90 -4.07
CA ILE A 40 -0.54 1.43 -4.82
C ILE A 40 -0.29 0.00 -5.32
N PRO A 41 -0.82 -1.01 -4.61
CA PRO A 41 -0.75 -2.41 -5.00
C PRO A 41 -1.37 -2.64 -6.38
N LEU A 42 -0.87 -3.64 -7.10
CA LEU A 42 -1.31 -3.92 -8.47
C LEU A 42 -2.26 -5.11 -8.54
N ASP A 43 -3.37 -4.94 -9.25
CA ASP A 43 -4.36 -5.99 -9.48
C ASP A 43 -3.99 -6.79 -10.74
N TYR A 44 -4.15 -8.11 -10.68
CA TYR A 44 -3.77 -8.98 -11.78
C TYR A 44 -4.86 -9.34 -12.79
N GLU A 45 -6.05 -8.75 -12.61
CA GLU A 45 -7.17 -8.94 -13.51
C GLU A 45 -7.02 -8.09 -14.77
N THR A 46 -6.57 -6.83 -14.60
CA THR A 46 -6.42 -5.88 -15.69
C THR A 46 -5.18 -4.98 -15.63
N GLU A 47 -4.21 -5.37 -14.80
CA GLU A 47 -2.94 -4.66 -14.64
C GLU A 47 -3.10 -3.20 -14.22
N LYS A 48 -3.95 -2.94 -13.21
CA LYS A 48 -4.14 -1.60 -12.67
C LYS A 48 -4.40 -1.71 -11.16
N HIS A 49 -4.70 -0.61 -10.47
CA HIS A 49 -5.00 -0.67 -9.05
C HIS A 49 -6.36 -1.34 -8.83
N ARG A 50 -6.56 -1.99 -7.66
CA ARG A 50 -7.81 -2.67 -7.34
C ARG A 50 -8.89 -1.69 -6.87
N GLY A 51 -8.78 -0.42 -7.26
CA GLY A 51 -9.76 0.60 -6.89
C GLY A 51 -9.42 1.31 -5.59
N PHE A 52 -8.20 1.12 -5.07
CA PHE A 52 -7.76 1.77 -3.85
C PHE A 52 -6.27 2.08 -3.84
N ALA A 53 -5.84 2.92 -2.90
CA ALA A 53 -4.45 3.35 -2.78
C ALA A 53 -4.13 3.70 -1.33
N PHE A 54 -2.84 3.98 -1.07
CA PHE A 54 -2.36 4.33 0.25
C PHE A 54 -1.47 5.59 0.25
N VAL A 55 -1.49 6.34 1.35
CA VAL A 55 -0.71 7.55 1.50
C VAL A 55 -0.22 7.65 2.94
N GLU A 56 0.89 8.36 3.16
CA GLU A 56 1.48 8.50 4.48
C GLU A 56 1.97 9.93 4.71
N PHE A 57 1.62 10.46 5.88
CA PHE A 57 1.94 11.81 6.30
C PHE A 57 3.12 11.95 7.25
N GLU A 58 3.66 13.17 7.39
CA GLU A 58 4.73 13.44 8.33
C GLU A 58 4.20 13.42 9.77
N LEU A 59 2.90 13.70 9.95
CA LEU A 59 2.24 13.76 11.25
C LEU A 59 0.92 13.00 11.17
N ALA A 60 0.49 12.43 12.30
CA ALA A 60 -0.78 11.73 12.39
C ALA A 60 -1.94 12.72 12.39
N GLU A 61 -1.67 13.97 12.80
CA GLU A 61 -2.70 14.99 12.88
C GLU A 61 -3.06 15.49 11.48
N ASP A 62 -2.12 15.41 10.54
CA ASP A 62 -2.35 15.83 9.17
C ASP A 62 -3.21 14.83 8.41
N ALA A 63 -3.18 13.56 8.82
CA ALA A 63 -4.01 12.52 8.22
C ALA A 63 -5.46 12.70 8.64
N ALA A 64 -5.69 13.13 9.89
CA ALA A 64 -7.02 13.36 10.39
C ALA A 64 -7.64 14.59 9.71
N ALA A 65 -6.80 15.54 9.28
CA ALA A 65 -7.28 16.73 8.58
C ALA A 65 -7.58 16.41 7.13
N ALA A 66 -6.91 15.41 6.56
CA ALA A 66 -7.17 14.99 5.19
C ALA A 66 -8.49 14.22 5.12
N ILE A 67 -8.81 13.47 6.18
CA ILE A 67 -10.05 12.73 6.28
C ILE A 67 -11.20 13.69 6.55
N ASP A 68 -10.98 14.69 7.41
CA ASP A 68 -12.00 15.66 7.79
C ASP A 68 -12.39 16.61 6.65
N ASN A 69 -11.60 16.63 5.57
CA ASN A 69 -11.83 17.56 4.47
C ASN A 69 -12.04 16.91 3.10
N MET A 70 -11.70 15.63 2.90
CA MET A 70 -11.91 15.00 1.59
C MET A 70 -12.63 13.66 1.68
N ASN A 71 -13.02 13.20 2.88
CA ASN A 71 -13.79 11.99 3.01
C ASN A 71 -15.10 12.09 2.23
N GLU A 72 -15.44 11.04 1.49
CA GLU A 72 -16.67 10.97 0.72
C GLU A 72 -16.88 12.20 -0.17
N SER A 73 -15.81 12.64 -0.85
CA SER A 73 -15.84 13.77 -1.75
C SER A 73 -15.37 13.37 -3.16
N GLU A 74 -15.73 14.17 -4.17
CA GLU A 74 -15.37 13.93 -5.56
C GLU A 74 -13.92 14.33 -5.84
N LEU A 75 -13.17 13.49 -6.56
CA LEU A 75 -11.79 13.79 -6.90
C LEU A 75 -11.56 13.84 -8.42
N PHE A 76 -11.83 12.71 -9.08
CA PHE A 76 -11.66 12.54 -10.51
C PHE A 76 -12.96 12.47 -11.32
N GLY A 77 -14.08 12.79 -10.68
CA GLY A 77 -15.39 12.75 -11.32
C GLY A 77 -16.39 11.89 -10.55
N ARG A 78 -15.95 11.27 -9.44
CA ARG A 78 -16.82 10.46 -8.62
C ARG A 78 -16.29 10.43 -7.19
N THR A 79 -17.15 10.04 -6.25
CA THR A 79 -16.82 9.97 -4.84
C THR A 79 -15.69 9.01 -4.46
N ILE A 80 -14.85 9.40 -3.50
CA ILE A 80 -13.78 8.55 -3.00
C ILE A 80 -13.86 8.48 -1.47
N ARG A 81 -13.36 7.38 -0.89
CA ARG A 81 -13.36 7.17 0.54
C ARG A 81 -12.01 7.57 1.13
N VAL A 82 -12.03 8.08 2.37
CA VAL A 82 -10.83 8.44 3.11
C VAL A 82 -10.97 8.13 4.60
N ASN A 83 -10.06 7.34 5.14
CA ASN A 83 -10.07 6.92 6.54
C ASN A 83 -8.70 6.34 6.90
N LEU A 84 -8.46 6.06 8.19
CA LEU A 84 -7.21 5.43 8.58
C LEU A 84 -7.19 4.01 8.01
N ALA A 85 -6.01 3.41 7.92
CA ALA A 85 -5.87 2.07 7.35
C ALA A 85 -5.99 0.96 8.40
N LYS A 86 -6.24 1.31 9.67
CA LYS A 86 -6.34 0.30 10.73
C LYS A 86 -7.76 -0.17 11.04
N PRO A 87 -8.83 0.63 10.85
CA PRO A 87 -10.18 0.23 11.21
C PRO A 87 -10.88 -0.56 10.11
N MET A 88 -10.18 -0.90 9.02
CA MET A 88 -10.81 -1.52 7.86
C MET A 88 -9.88 -2.48 7.12
N ARG A 89 -10.49 -3.22 6.17
CA ARG A 89 -9.82 -4.15 5.26
C ARG A 89 -10.71 -4.33 4.04
N ILE A 90 -10.15 -4.81 2.92
CA ILE A 90 -10.93 -5.02 1.70
C ILE A 90 -12.03 -6.05 1.94
N LYS A 91 -13.12 -5.96 1.16
CA LYS A 91 -14.24 -6.89 1.20
C LYS A 91 -13.88 -8.23 0.58
N GLU A 92 -12.58 -8.49 0.35
CA GLU A 92 -12.09 -9.66 -0.34
C GLU A 92 -10.91 -10.29 0.39
N GLY A 93 -10.62 -11.56 0.07
CA GLY A 93 -9.49 -12.28 0.63
C GLY A 93 -9.86 -13.02 1.92
N ALA B 1 20.59 -19.02 -10.44
CA ALA B 1 20.70 -19.99 -9.34
C ALA B 1 19.41 -20.09 -8.54
N LYS B 2 19.35 -21.02 -7.59
CA LYS B 2 18.19 -21.23 -6.75
C LYS B 2 17.98 -20.07 -5.77
N GLY B 3 19.04 -19.31 -5.48
CA GLY B 3 18.97 -18.17 -4.57
C GLY B 3 18.27 -16.97 -5.20
N ASN B 4 18.14 -15.89 -4.44
CA ASN B 4 17.48 -14.67 -4.88
C ASN B 4 18.22 -13.44 -4.36
N PHE B 5 18.02 -12.29 -5.00
CA PHE B 5 18.68 -11.05 -4.66
C PHE B 5 17.86 -9.78 -4.88
N CYS B 6 17.98 -8.81 -3.96
CA CYS B 6 17.19 -7.60 -4.01
C CYS B 6 17.69 -6.67 -5.12
N PRO B 7 16.79 -6.07 -5.91
CA PRO B 7 17.14 -5.22 -7.02
C PRO B 7 17.66 -3.85 -6.58
N LEU B 8 17.68 -3.57 -5.26
CA LEU B 8 18.07 -2.25 -4.78
C LEU B 8 19.06 -2.30 -3.61
N CYS B 9 19.09 -3.39 -2.84
CA CYS B 9 20.04 -3.53 -1.75
C CYS B 9 21.33 -4.21 -2.24
N ASP B 10 22.38 -4.12 -1.42
CA ASP B 10 23.69 -4.68 -1.73
C ASP B 10 23.93 -6.12 -1.29
N LYS B 11 22.89 -6.78 -0.73
CA LYS B 11 23.00 -8.13 -0.19
C LYS B 11 21.77 -8.98 -0.52
N CYS B 12 21.98 -10.29 -0.55
CA CYS B 12 20.92 -11.28 -0.78
C CYS B 12 20.11 -11.52 0.50
N TYR B 13 19.14 -12.45 0.42
CA TYR B 13 18.28 -12.80 1.55
C TYR B 13 18.01 -14.28 1.75
N ASP B 14 17.75 -14.68 3.00
CA ASP B 14 17.43 -16.06 3.32
C ASP B 14 16.00 -16.46 2.94
N ASP B 15 15.82 -17.72 2.54
CA ASP B 15 14.51 -18.24 2.15
C ASP B 15 13.68 -18.82 3.29
N ASP B 16 14.31 -19.02 4.45
CA ASP B 16 13.65 -19.59 5.63
C ASP B 16 13.06 -18.57 6.61
N ASP B 17 13.31 -17.28 6.37
CA ASP B 17 12.82 -16.23 7.24
C ASP B 17 11.32 -15.97 7.10
N TYR B 18 10.71 -15.40 8.14
CA TYR B 18 9.29 -15.07 8.15
C TYR B 18 8.94 -13.82 8.95
N GLU B 19 9.79 -13.47 9.92
CA GLU B 19 9.65 -12.30 10.76
C GLU B 19 10.03 -11.02 10.02
N SER B 20 10.73 -11.14 8.88
CA SER B 20 11.19 -10.00 8.10
C SER B 20 10.05 -9.41 7.27
N LYS B 21 10.09 -8.09 7.06
CA LYS B 21 9.12 -7.40 6.22
C LYS B 21 9.58 -7.39 4.77
N MET B 22 8.97 -8.24 3.94
CA MET B 22 9.29 -8.35 2.54
C MET B 22 8.03 -8.76 1.77
N MET B 23 7.99 -8.46 0.47
CA MET B 23 6.86 -8.81 -0.37
C MET B 23 7.35 -9.50 -1.65
N GLN B 24 6.54 -10.40 -2.21
CA GLN B 24 6.89 -11.06 -3.45
C GLN B 24 6.18 -10.39 -4.62
N CYS B 25 6.91 -10.17 -5.70
CA CYS B 25 6.39 -9.59 -6.93
C CYS B 25 5.38 -10.54 -7.55
N GLY B 26 4.22 -10.01 -7.95
CA GLY B 26 3.17 -10.82 -8.55
C GLY B 26 3.39 -11.03 -10.04
N LYS B 27 4.47 -10.45 -10.61
CA LYS B 27 4.68 -10.48 -12.05
C LYS B 27 5.98 -11.18 -12.44
N CYS B 28 6.94 -11.30 -11.52
CA CYS B 28 8.16 -12.04 -11.80
C CYS B 28 8.65 -12.86 -10.60
N ASP B 29 7.80 -12.99 -9.56
CA ASP B 29 8.07 -13.78 -8.37
C ASP B 29 9.32 -13.44 -7.58
N ARG B 30 9.85 -12.23 -7.77
CA ARG B 30 11.05 -11.77 -7.07
C ARG B 30 10.68 -11.12 -5.74
N TRP B 31 11.45 -11.36 -4.69
CA TRP B 31 11.22 -10.75 -3.39
C TRP B 31 11.94 -9.40 -3.24
N VAL B 32 11.35 -8.49 -2.46
CA VAL B 32 11.93 -7.19 -2.17
C VAL B 32 11.61 -6.78 -0.73
N HIS B 33 12.52 -6.04 -0.10
CA HIS B 33 12.32 -5.62 1.28
C HIS B 33 11.38 -4.43 1.39
N SER B 34 10.89 -4.15 2.59
CA SER B 34 10.03 -3.02 2.86
C SER B 34 10.84 -1.72 3.03
N LYS B 35 12.16 -1.83 3.18
CA LYS B 35 13.04 -0.68 3.38
C LYS B 35 13.36 0.01 2.06
N CYS B 36 13.59 -0.78 1.00
CA CYS B 36 13.95 -0.28 -0.31
C CYS B 36 12.72 0.10 -1.15
N GLU B 37 11.52 0.00 -0.56
CA GLU B 37 10.29 0.38 -1.20
C GLU B 37 9.60 1.48 -0.38
N ASN B 38 8.69 2.24 -1.00
CA ASN B 38 7.93 3.28 -0.34
C ASN B 38 6.90 2.64 0.59
N LEU B 39 7.35 2.28 1.80
CA LEU B 39 6.54 1.60 2.79
C LEU B 39 6.97 2.00 4.20
N SER B 40 6.18 1.57 5.18
CA SER B 40 6.39 1.82 6.60
C SER B 40 5.75 0.70 7.40
N ASP B 41 6.17 0.52 8.64
CA ASP B 41 5.67 -0.56 9.49
C ASP B 41 4.14 -0.57 9.61
N GLU B 42 3.52 0.61 9.60
CA GLU B 42 2.07 0.72 9.66
C GLU B 42 1.44 0.40 8.31
N MET B 43 2.10 0.81 7.22
CA MET B 43 1.60 0.62 5.87
C MET B 43 1.81 -0.83 5.40
N TYR B 44 2.81 -1.52 5.95
CA TYR B 44 3.09 -2.89 5.59
C TYR B 44 2.06 -3.90 6.08
N GLU B 45 1.48 -3.63 7.25
CA GLU B 45 0.48 -4.51 7.83
C GLU B 45 -0.82 -4.48 7.03
N ILE B 46 -1.25 -3.30 6.56
CA ILE B 46 -2.49 -3.23 5.80
C ILE B 46 -2.30 -3.84 4.42
N LEU B 47 -1.10 -3.69 3.84
CA LEU B 47 -0.78 -4.24 2.53
C LEU B 47 -0.62 -5.75 2.62
N SER B 48 -0.19 -6.25 3.77
CA SER B 48 0.04 -7.67 3.96
C SER B 48 -1.28 -8.43 3.93
N ASN B 49 -2.30 -7.89 4.59
CA ASN B 49 -3.58 -8.56 4.72
C ASN B 49 -4.50 -8.36 3.50
N LEU B 50 -4.05 -7.61 2.50
CA LEU B 50 -4.82 -7.45 1.27
C LEU B 50 -5.02 -8.82 0.61
N PRO B 51 -6.08 -8.96 -0.20
CA PRO B 51 -6.36 -10.19 -0.92
C PRO B 51 -5.21 -10.52 -1.87
N GLU B 52 -4.96 -11.81 -2.12
CA GLU B 52 -3.87 -12.24 -2.99
C GLU B 52 -4.10 -11.84 -4.45
N SER B 53 -5.30 -11.35 -4.77
CA SER B 53 -5.62 -10.85 -6.10
C SER B 53 -4.92 -9.52 -6.36
N VAL B 54 -4.38 -8.89 -5.32
CA VAL B 54 -3.59 -7.68 -5.42
C VAL B 54 -2.24 -7.84 -4.74
N ALA B 55 -1.15 -7.37 -5.36
CA ALA B 55 0.17 -7.60 -4.82
C ALA B 55 1.20 -6.58 -5.32
N TYR B 56 2.39 -6.63 -4.74
CA TYR B 56 3.52 -5.79 -5.09
C TYR B 56 4.16 -6.09 -6.46
N THR B 57 4.95 -5.15 -6.99
CA THR B 57 5.63 -5.32 -8.26
C THR B 57 6.94 -4.54 -8.15
N CYS B 58 7.98 -5.01 -8.84
CA CYS B 58 9.26 -4.34 -8.89
C CYS B 58 9.13 -2.93 -9.46
N VAL B 59 10.18 -2.13 -9.33
CA VAL B 59 10.23 -0.78 -9.85
C VAL B 59 10.10 -0.73 -11.38
N ASN B 60 10.11 -1.88 -12.05
CA ASN B 60 9.92 -1.97 -13.50
C ASN B 60 8.71 -2.82 -13.87
N CYS B 61 8.33 -3.78 -13.02
CA CYS B 61 7.20 -4.65 -13.28
C CYS B 61 5.88 -3.87 -13.28
N THR B 62 5.89 -2.65 -12.73
CA THR B 62 4.72 -1.78 -12.75
C THR B 62 4.45 -1.15 -14.11
N GLU B 63 5.44 -1.19 -15.02
CA GLU B 63 5.30 -0.64 -16.35
C GLU B 63 5.50 -1.71 -17.44
N ARG B 64 6.33 -2.72 -17.15
CA ARG B 64 6.73 -3.75 -18.11
C ARG B 64 6.94 -5.08 -17.40
N ALA C 1 -1.41 -8.92 0.31
CA ALA C 1 -0.45 -9.31 -0.74
C ALA C 1 0.27 -10.60 -0.33
N ARG C 2 1.07 -11.17 -1.23
CA ARG C 2 1.82 -12.40 -0.96
C ARG C 2 3.07 -12.14 -0.11
N THR C 3 2.97 -11.26 0.89
CA THR C 3 4.08 -10.95 1.77
C THR C 3 4.52 -12.10 2.66
N GLN C 5 4.44 -12.28 5.89
CA GLN C 5 3.36 -12.44 6.85
C GLN C 5 2.04 -12.77 6.16
N THR C 6 1.14 -13.43 6.89
CA THR C 6 -0.23 -13.73 6.47
C THR C 6 -0.43 -14.47 5.15
N ALA C 7 0.63 -15.04 4.58
CA ALA C 7 0.54 -15.79 3.34
C ALA C 7 -0.40 -17.00 3.49
N ARG C 8 -0.98 -17.44 2.37
CA ARG C 8 -1.90 -18.58 2.35
C ARG C 8 -1.61 -19.48 1.14
N LYS C 9 -2.01 -20.75 1.26
CA LYS C 9 -1.79 -21.75 0.22
C LYS C 9 -2.74 -21.53 -0.96
N SER C 10 -2.40 -22.12 -2.11
CA SER C 10 -3.21 -22.03 -3.31
C SER C 10 -4.47 -22.89 -3.17
N THR C 11 -5.39 -22.76 -4.13
CA THR C 11 -6.62 -23.53 -4.15
C THR C 11 -6.45 -25.03 -4.41
N GLY C 12 -5.22 -25.48 -4.65
CA GLY C 12 -4.93 -26.87 -4.95
C GLY C 12 -5.29 -27.24 -6.38
N GLY C 13 -5.78 -26.27 -7.18
CA GLY C 13 -6.15 -26.48 -8.56
C GLY C 13 -4.92 -26.71 -9.44
#